data_9MGZ
#
_entry.id   9MGZ
#
_cell.length_a   1.00
_cell.length_b   1.00
_cell.length_c   1.00
_cell.angle_alpha   90.00
_cell.angle_beta   90.00
_cell.angle_gamma   90.00
#
_symmetry.space_group_name_H-M   'P 1'
#
loop_
_entity.id
_entity.type
_entity.pdbx_description
1 polymer 'Chlorophyll a-b binding protein, chloroplastic'
2 polymer LHCA3
3 polymer 'Chlorophyll a-b binding protein, chloroplastic'
4 polymer 'Chlorophyll a-b binding protein, chloroplastic'
5 polymer 'Photosystem I P700 chlorophyll a apoprotein A1'
6 polymer 'Photosystem I P700 chlorophyll a apoprotein A2'
7 polymer 'Photosystem I iron-sulfur center'
8 polymer 'Photosystem I reaction center subunit II, chloroplastic'
9 polymer 'Photosystem I reaction center subunit IV'
10 polymer PSAF1
11 polymer 'Photosystem I reaction center subunit IX'
12 polymer PSI-K
13 polymer TIDI1
14 polymer PSAL1
15 polymer 'Photosystem I reaction center subunit VIII'
16 non-polymer 'CHLOROPHYLL B'
17 non-polymer 'CHLOROPHYLL A'
18 non-polymer "(3R,3'R,6S)-4,5-DIDEHYDRO-5,6-DIHYDRO-BETA,BETA-CAROTENE-3,3'-DIOL"
19 non-polymer "(3S,5R,6S,3'S,5'R,6'S)-5,6,5',6'-DIEPOXY-5,6,5',6'- TETRAHYDRO-BETA,BETA-CAROTENE-3,3'-DIOL"
20 non-polymer BETA-CAROTENE
21 non-polymer 1,2-DIPALMITOYL-PHOSPHATIDYL-GLYCEROLE
22 non-polymer 1,2-DI-O-ACYL-3-O-[6-DEOXY-6-SULFO-ALPHA-D-GLUCOPYRANOSYL]-SN-GLYCEROL
23 non-polymer 'DIGALACTOSYL DIACYL GLYCEROL (DGDG)'
24 non-polymer 1,2-DISTEAROYL-MONOGALACTOSYL-DIGLYCERIDE
25 non-polymer DODECYL-ALPHA-D-MALTOSIDE
26 non-polymer PHOSPHATIDYLETHANOLAMINE
27 non-polymer 'CHLOROPHYLL A ISOMER'
28 non-polymer PHYLLOQUINONE
29 non-polymer 'IRON/SULFUR CLUSTER'
30 non-polymer trimethyl-[(2~{R})-1-oxidanyl-1-oxidanylidene-4-[(2~{S})-2-[(1~{S})-1-oxidanyloctadecoxy]-3-[(1~{R})-1-oxidanyloctadecoxy]propoxy]butan-2-yl]azanium
#
loop_
_entity_poly.entity_id
_entity_poly.type
_entity_poly.pdbx_seq_one_letter_code
_entity_poly.pdbx_strand_id
1 'polypeptide(L)'
;MQVMQRTFGASPVAKQAVNRSVVRPSIRVQAQRAGNFAPGSEPKEYLNDLPGNFNFDPLELGKEKGTLQRYREAELIHCR
WAMLGAAGCLAVEVLGLGNWYDAPLWAVTGDKPTWFGIEVPFDIATILGVEVVAMAVAEGLRNDNQDMEKRLYPGGAFDP
LGFSKDPKSFEDKKLKELKNGRLAMVACLGFAGQHAATGKPILEALGDHLSSPFFNNFATNGVSVPGV
;
1,a
2 'polypeptide(L)'
;MASLFAKTQALQGLTTKAPKSLRRQVVVRAEGEQQPPAPAAEAKQTSVAKVDRSKDVLYVGSDAAALKYLDGTLPGDYGF
DPLGLLDPTVSNGQGAGGFVNPRWLQYSEVIHARWAMLGAAGCIAPEILGKAGVIPAETAVDWFRTGVIPPAGVYKDFWA
DPFTLFFIEVVAIQFAELKRLQDYKNPGSQSRQYFLGLEGLFKGSDNPAYPGGPFFNFANFGKTEAEMKKLKLNEIKNGR
LAMLAMFGYGAQAVITGDGPFDNLLAHLADPTGANLITNLGGKFGQ
;
3
3 'polypeptide(L)'
;MSMLLNKSVSLQTSAKASQAARSVAPRSVASRRNVAARAGADRPLWSPGSQPPAWLDGSLAGDYGFDPLHLSEEPEMRKW
MVQAELVHARWAMLGVAGILFTSIAAKNGAPFPDWYDAGKEAIKTSPAPLGSLIFTELLLFGWVETKRLYDLRNPGSQGD
GSFLGITDGLKGKENGYPGGLFDPMGMSKNEASFKEAKVKEIKNGRLAMLAFVGFIAQHHATHKSPIDNLVDHVADPFHV
TFATNGVSVPHFTEF
;
7,c
4 'polypeptide(L)'
;MQVMQKQCMRASGVKAPLSRRSVTVKANMNGNWLPGSQTPAHLKDLKMAGNFGFDPLNLGAEPEALRWYQQAELVHSRTA
MMAVAGILIPGLFTKLGALNVPQWYEAGKVYIEGEGAIPFGTLLMSTLFSYAFVEGKRWQDFRNPGSQAEPGTFFGLEGM
FKGTDNGYPGGIFDPLGYSKTSPEKLDELKLKEIKNGRLAMVAFLGFAGQYSATGKGPIDNLADHLADPWHNTFAENGVS
VPGLSAVEQAAASL
;
8,b
5 'polypeptide(L)'
;MTISSPEREAKKVKIAVDRNPVETNFEKWAKPGHFSRALAKGPNTTTWIWNLHADAHDFDNHTSDLEEISRKVFSAHFGQ
LGIILIWLSGMYFHGARFSNYEGWLSDPTHIKPSAQVVWPIVGQEILNGDVGGGFQGIQITSGFFQLWRASGITSELQLY
STAIGGLVLAAACFFAGWFHYHKAAPKLEWFQNVESMLNHHLAGLLGLGSLAWAGHQIHVSLPVNKLLDAGVDPKEIPLP
HEFLLNQSIIADLYPSFSKGLAPFFTLNWAEYSDFLTFKGGLNPVTGGLWLSDTAHHHLAIAVLFLVAGHQYRTNWGIGH
SIKDILESHKGPFTGNGHAGLYEILTTSWHAQLAINLALFGSLSIIVAHHMYAMPPYPYLATDYGTQLSLFTHHMWIGGF
CVVGAGAHAAIFMVRDYDPTNNYNNLLDRVIRHRDAIISHLNWVSIFLGFHSFGLYIHNDTMSALGRPQDMFSDTAIQLQ
PVFAQWIQNTHFTAPQLTAPNALAATSLTWGGDVVAVGGKVAMMPIALGTSDFLVHHIHAFTIHVTVLILLKGVLFARSS
RLIPDKANLGFRFPCDGPGRGGTCQVSAWDHVFLGLFWMYNSLSIVIFHFSWKMQSDVWGTVTDSGVSHITGGNFAQSAN
TINGWLRDFLWAQSSQVIQSYGSALSAYGLMFLGAHFVWAFSLMFLFSGRGYWQELIESIVWAHNKLRVAPSIQPRALSI
TQGRAVGVAHYLLGGIATTWSFFLARIIAVG
;
A
6 'polypeptide(L)'
;MATKLFPKFSQGLAQDPSTRRIWYGLATAHDFESHDGMTEENLYQKIFASHFGQLAIIFLWTSGNLFHVAWQGNFEQWVT
DPIHVRPIAHAIWDPHFGQPAVEAFTRGGASGPVNIATSGVYQWWYTIGLRSNQELYVSSVFLALVSAVFLFAGWLHLQP
NFQPSLSWFKDAESRLNHHLSGLFGVSSLAWTGHLVHVAIPESRGQHVGWDNFLSVLPHPQGLTPFWSGNWAAYAQNPDT
ASHAFGTADGSGTAILTFLGGFHPQTQSLWLSDMAHHHLAIAVLFIVAGHMYRTNFGIGHRLEAILEAHTPPAGGLGAGH
KGLFHTVNNSLHFQLGLALASVGTITSLVAQHMYSLPPYAYLAVDFTTQASLYTHHQYIAGFIMCGAFAHGAIFFIRDYD
PEQNKGNVLARVLDHKEAIISHLSWVSLFLGFHTLGLYVHNDVVQAFGTPEKQILIEPVFAQWIQAAQGKSLYGFDLLLA
SSSSSAYSAGQSLWLPGWLEAINNNQNSLFLTIGPGDFLVHHAIALGLHTTTLILVKGALDARGSKLMPDKKDFGYSFPC
DGPGRGGTCDISAYDAFYLAVFWMLNTIGWVTFYWHWKHLTLWQGNVSQFDESSTYLMGWLRDYLWLNSSQLINGYNPFG
MNSLSVWAWTFLFGHLVYATGFMFLISWRGYWQELIETLVWAHEKTPLANLVYWKDKPVALSIVQARLVGLAHFSVGYIF
TYAAFLIASTSGRFG
;
B
7 'polypeptide(L)'
;MAHVVKIYDTCIGCTQCVRACPLDVLEMVPWDGCKAAQMASSPRTEDCVGCKRCETACPTDFLSVRVYLGNESTRSLGLA
Y
;
C
8 'polypeptide(L)'
;MQALRSTSAASRASCRPSYEGRRAAFVVRAEAAPAAGAPPAAPKKKAPPPPWKQPELDPDTPSPIFGGSTGGLLRKAQVE
EFYVTTWESPKEQIFEMPTGGAAIMRKGPNLLKFARKEQCLALTTQLRTKFKMTPCFYRVYADGKVEYLHPKDGVYPEKV
NAGRVGVNQNMRSIGENVDPIKVKFTGSQPFTI
;
D
9 'polypeptide(L)'
;MATLSASRVSCRPSFAAKPQRTCRLMVRAQDAAPPAEPKAAPKKKEVGPKRGSLVKVLRPESYWYNQVGKVVSVDQSGIR
YPVVVRFENQNYAGVSTNNYALDEVTDPPAK
;
E
10 'polypeptide(L)'
;MASLAQMNLRSAPLARAPAARPVARRSAIVAKAQEQNMGAVACATALALTMGLTADVQPASADVAGLTPCSESKAYNKLE
RKELKTLEKRLKKYEPGSAPYLALQATKERTQNRFKNYAKAGLLCGNDGLPHLISDPGLALRFNHAGEVFIPTFGFLYVA
GYIGHVGRQYIIKSKEDAKPTDKEIILDVPLALQLAFQGWAWPLAAIQELRNGSLLEKDENITVSPR
;
F
11 'polypeptide(L)' MKDFTTYLSTAPVVGLGWAIFTSGLLIEINRFFPDPLVFSF J
12 'polypeptide(L)'
;MALSSRVSAAPKALQASRVSAAPKVQQPRSRKAMVCKADAGFIGSPTNLIMVASTGACLFASRFGLAPSVRKVAQPLKLA
DREVIQTTGDPAGFTATDVLAMGAAGHAIGVGIVLGLKGIGQL
;
K
13 'polypeptide(L)'
;MPPLRPSPKETALVAKPRTSILIKPFKITRLHAHEGASADSSPGPAPPKEQQEQPPKEQVAPPPAAAQAAAEPTQPQAAS
QAPPAPEPKKGSAFKGYVQQNFVQPGRTLQQQAGRKIYPGSDERALSYLTGSLPGDFGWDPLHLADTNDQDRLNNAMSME
WLSYAEVIHGRWAMLGAAGALSPEVLGKAGVIPKETGLTWFQAGGLDSSSNLIAVPFTGPIPFQYWTDQYTLLFTMLVAM
GFAETRRWQEYKEPGSVQKQFFLGLEKLTPPSQQPAYPGGGFFNFAGLGAKDEKQMFELKVKEIRNGRLAMLAFLGFMVQ
AEVTHVGPFQNLLDHINSPGAQNLLSRLTN
;
T
14 'polypeptide(L)'
;MMMLQKNAALQKSAVRSASKPAAFSRVPRGLTIRAANEDKRAQVIQPLNGDPFVGMLETPVTSAPIVANYLSNLPAYRTG
VAPNLRGVEIGLAHGFLLAGPFIKLGPLRNVPGAAEVVGCMSAAGLVLILALCLSLYGNAAFQSTPSMGKKTLSGRPLAQ
DPLMSSEGWAKFAGGFTVGGLSGVAWAYVLTQVLPYYS
;
L
15 'polypeptide(L)'
;MLAQKNVVAKPCVKAAKPVARPVKPVAMQKKQQAAAKVASAGIVGIASAAIAAAPVEAANIVANVASATEGYPFVPPAWA
PSLFVPLTGLVLPAIGMAWAFTYIQKEK
;
I
#
# COMPACT_ATOMS: atom_id res chain seq x y z
N GLN A 32 64.89 -11.87 38.43
CA GLN A 32 64.44 -13.19 38.87
C GLN A 32 63.70 -13.91 37.76
N ARG A 33 63.24 -13.15 36.76
CA ARG A 33 62.53 -13.74 35.64
C ARG A 33 63.47 -14.55 34.78
N ALA A 34 63.08 -15.79 34.47
CA ALA A 34 63.93 -16.71 33.74
C ALA A 34 63.73 -16.67 32.23
N GLY A 35 62.81 -15.85 31.75
CA GLY A 35 62.56 -15.75 30.32
C GLY A 35 61.15 -15.28 30.07
N ASN A 36 60.74 -15.36 28.81
CA ASN A 36 59.41 -14.92 28.41
C ASN A 36 58.84 -15.85 27.35
N PHE A 37 57.56 -16.20 27.51
CA PHE A 37 56.87 -17.00 26.51
C PHE A 37 56.60 -16.21 25.23
N ALA A 38 56.64 -14.89 25.31
CA ALA A 38 56.49 -13.99 24.18
C ALA A 38 57.25 -12.71 24.47
N PRO A 39 58.37 -12.45 23.79
CA PRO A 39 59.20 -11.28 24.11
C PRO A 39 58.46 -9.98 23.83
N GLY A 40 58.21 -9.21 24.89
CA GLY A 40 57.44 -8.00 24.80
C GLY A 40 56.00 -8.11 25.27
N SER A 41 55.62 -9.23 25.88
CA SER A 41 54.27 -9.38 26.39
C SER A 41 54.08 -8.56 27.66
N GLU A 42 52.83 -8.48 28.10
CA GLU A 42 52.49 -7.70 29.29
C GLU A 42 53.00 -8.42 30.53
N PRO A 43 53.85 -7.80 31.35
CA PRO A 43 54.30 -8.44 32.59
C PRO A 43 53.19 -8.49 33.62
N LYS A 44 53.18 -9.57 34.40
CA LYS A 44 52.19 -9.75 35.45
C LYS A 44 52.73 -9.20 36.77
N GLU A 45 51.93 -8.33 37.40
CA GLU A 45 52.38 -7.70 38.65
C GLU A 45 52.36 -8.67 39.83
N TYR A 46 51.57 -9.74 39.76
CA TYR A 46 51.55 -10.73 40.82
C TYR A 46 52.49 -11.90 40.55
N LEU A 47 52.79 -12.17 39.29
CA LEU A 47 53.68 -13.27 38.91
C LEU A 47 55.09 -12.73 38.71
N ASN A 48 55.70 -12.32 39.83
CA ASN A 48 57.06 -11.81 39.83
C ASN A 48 57.99 -12.70 40.64
N ASP A 49 57.67 -12.97 41.91
CA ASP A 49 58.50 -13.83 42.76
C ASP A 49 58.06 -15.28 42.62
N LEU A 50 58.22 -15.81 41.41
CA LEU A 50 57.76 -17.13 41.06
C LEU A 50 58.92 -17.97 40.54
N PRO A 51 59.13 -19.18 41.06
CA PRO A 51 60.10 -20.10 40.43
C PRO A 51 59.64 -20.48 39.03
N GLY A 52 60.61 -20.56 38.12
CA GLY A 52 60.26 -20.77 36.72
C GLY A 52 59.51 -19.61 36.12
N ASN A 53 59.93 -18.39 36.40
CA ASN A 53 59.23 -17.19 35.95
C ASN A 53 59.45 -17.01 34.45
N PHE A 54 58.45 -17.38 33.66
CA PHE A 54 58.45 -17.18 32.22
C PHE A 54 57.21 -16.41 31.79
N ASN A 55 56.77 -15.49 32.66
CA ASN A 55 55.57 -14.68 32.47
C ASN A 55 54.34 -15.56 32.28
N PHE A 56 53.99 -15.82 31.02
CA PHE A 56 52.89 -16.69 30.60
C PHE A 56 51.57 -16.12 31.14
N ASP A 57 50.60 -17.01 31.40
CA ASP A 57 49.25 -16.71 31.87
C ASP A 57 48.55 -15.66 31.00
N PRO A 58 48.22 -15.95 29.73
CA PRO A 58 47.42 -14.98 28.96
C PRO A 58 45.97 -14.91 29.41
N LEU A 59 45.46 -15.93 30.10
CA LEU A 59 44.07 -15.94 30.55
C LEU A 59 43.89 -15.32 31.92
N GLU A 60 44.97 -14.80 32.53
CA GLU A 60 44.95 -14.12 33.83
C GLU A 60 44.38 -15.03 34.93
N LEU A 61 44.73 -16.31 34.88
CA LEU A 61 44.27 -17.26 35.88
C LEU A 61 45.20 -17.24 37.10
N GLY A 62 44.62 -17.47 38.26
CA GLY A 62 45.39 -17.44 39.50
C GLY A 62 45.87 -16.07 39.90
N LYS A 63 45.04 -15.04 39.70
CA LYS A 63 45.39 -13.70 40.19
C LYS A 63 45.37 -13.66 41.71
N GLU A 64 44.43 -14.37 42.33
CA GLU A 64 44.40 -14.48 43.78
C GLU A 64 45.59 -15.30 44.27
N LYS A 65 46.20 -14.85 45.37
CA LYS A 65 47.43 -15.46 45.86
C LYS A 65 47.20 -16.89 46.34
N GLY A 66 46.06 -17.15 46.99
CA GLY A 66 45.75 -18.50 47.41
C GLY A 66 45.56 -19.45 46.24
N THR A 67 44.81 -19.01 45.22
CA THR A 67 44.71 -19.78 43.99
C THR A 67 46.06 -19.91 43.30
N LEU A 68 46.91 -18.89 43.42
CA LEU A 68 48.24 -18.95 42.81
C LEU A 68 49.09 -20.05 43.45
N GLN A 69 49.11 -20.12 44.79
CA GLN A 69 49.92 -21.15 45.43
C GLN A 69 49.29 -22.53 45.28
N ARG A 70 47.95 -22.61 45.22
CA ARG A 70 47.31 -23.88 44.91
C ARG A 70 47.69 -24.38 43.51
N TYR A 71 47.71 -23.46 42.53
CA TYR A 71 48.18 -23.82 41.20
C TYR A 71 49.65 -24.20 41.21
N ARG A 72 50.45 -23.55 42.06
CA ARG A 72 51.87 -23.88 42.16
C ARG A 72 52.06 -25.32 42.63
N GLU A 73 51.42 -25.69 43.75
CA GLU A 73 51.60 -27.04 44.27
C GLU A 73 50.98 -28.08 43.34
N ALA A 74 49.83 -27.76 42.72
CA ALA A 74 49.23 -28.68 41.77
C ALA A 74 50.11 -28.89 40.55
N GLU A 75 50.72 -27.81 40.04
CA GLU A 75 51.65 -27.92 38.92
C GLU A 75 52.87 -28.73 39.28
N LEU A 76 53.39 -28.56 40.50
CA LEU A 76 54.55 -29.35 40.93
C LEU A 76 54.21 -30.84 41.03
N ILE A 77 53.02 -31.15 41.56
CA ILE A 77 52.60 -32.55 41.66
C ILE A 77 52.39 -33.16 40.27
N HIS A 78 51.74 -32.41 39.37
CA HIS A 78 51.58 -32.87 37.99
C HIS A 78 52.93 -33.00 37.29
N CYS A 79 53.87 -32.12 37.61
CA CYS A 79 55.23 -32.20 37.06
C CYS A 79 55.89 -33.50 37.47
N ARG A 80 55.85 -33.83 38.76
CA ARG A 80 56.50 -35.06 39.23
C ARG A 80 55.82 -36.30 38.68
N TRP A 81 54.49 -36.29 38.58
CA TRP A 81 53.79 -37.46 38.06
C TRP A 81 54.04 -37.63 36.56
N ALA A 82 54.08 -36.53 35.80
CA ALA A 82 54.43 -36.62 34.39
C ALA A 82 55.89 -37.01 34.18
N MET A 83 56.76 -36.57 35.09
CA MET A 83 58.15 -37.02 35.13
C MET A 83 58.22 -38.54 35.20
N LEU A 84 57.52 -39.11 36.19
CA LEU A 84 57.54 -40.56 36.38
C LEU A 84 56.87 -41.29 35.21
N GLY A 85 55.78 -40.73 34.69
CA GLY A 85 55.10 -41.36 33.56
C GLY A 85 55.94 -41.38 32.29
N ALA A 86 56.63 -40.26 32.00
CA ALA A 86 57.52 -40.23 30.85
C ALA A 86 58.70 -41.18 31.05
N ALA A 87 59.19 -41.28 32.29
CA ALA A 87 60.24 -42.26 32.59
C ALA A 87 59.79 -43.68 32.29
N GLY A 88 58.59 -44.04 32.76
CA GLY A 88 58.08 -45.37 32.51
C GLY A 88 57.84 -45.64 31.04
N CYS A 89 57.28 -44.67 30.32
CA CYS A 89 57.00 -44.83 28.90
C CYS A 89 58.30 -44.98 28.10
N LEU A 90 59.34 -44.24 28.47
CA LEU A 90 60.60 -44.37 27.76
C LEU A 90 61.33 -45.66 28.13
N ALA A 91 61.29 -46.06 29.40
CA ALA A 91 62.04 -47.23 29.85
C ALA A 91 61.38 -48.52 29.39
N VAL A 92 60.06 -48.52 29.19
CA VAL A 92 59.38 -49.70 28.66
C VAL A 92 59.69 -49.92 27.19
N GLU A 93 60.24 -48.92 26.50
CA GLU A 93 60.50 -48.99 25.06
C GLU A 93 61.97 -49.08 24.71
N VAL A 94 62.85 -48.42 25.47
CA VAL A 94 64.28 -48.48 25.14
C VAL A 94 64.88 -49.83 25.49
N LEU A 95 64.25 -50.61 26.35
CA LEU A 95 64.74 -51.93 26.71
C LEU A 95 64.09 -53.04 25.89
N GLY A 96 63.20 -52.70 24.97
CA GLY A 96 62.55 -53.71 24.14
C GLY A 96 61.64 -54.65 24.88
N LEU A 97 60.83 -54.13 25.80
CA LEU A 97 59.95 -54.95 26.62
C LEU A 97 58.47 -54.85 26.22
N GLY A 98 58.13 -53.97 25.29
CA GLY A 98 56.77 -53.85 24.81
C GLY A 98 56.23 -52.44 24.91
N ASN A 99 55.06 -52.26 24.33
CA ASN A 99 54.39 -50.96 24.32
C ASN A 99 53.87 -50.62 25.71
N TRP A 100 53.85 -49.32 26.01
CA TRP A 100 53.27 -48.86 27.27
C TRP A 100 51.75 -49.04 27.27
N TYR A 101 51.11 -48.86 26.11
CA TYR A 101 49.67 -49.08 26.03
C TYR A 101 49.33 -50.56 26.12
N ASP A 102 50.21 -51.43 25.62
CA ASP A 102 50.02 -52.86 25.71
C ASP A 102 50.54 -53.46 27.02
N ALA A 103 51.13 -52.63 27.88
CA ALA A 103 51.56 -53.12 29.19
C ALA A 103 50.41 -53.57 30.10
N PRO A 104 49.29 -52.81 30.27
CA PRO A 104 48.22 -53.33 31.15
C PRO A 104 47.30 -54.35 30.45
N LEU A 105 47.65 -54.74 29.23
CA LEU A 105 46.84 -55.67 28.45
C LEU A 105 46.83 -57.08 29.04
N TRP A 106 47.67 -57.37 30.02
CA TRP A 106 47.58 -58.61 30.76
C TRP A 106 46.39 -58.66 31.72
N ALA A 107 45.75 -57.52 31.98
CA ALA A 107 44.71 -57.43 33.00
C ALA A 107 43.30 -57.42 32.43
N VAL A 108 43.13 -57.67 31.13
CA VAL A 108 41.79 -57.71 30.57
C VAL A 108 41.03 -58.94 31.05
N THR A 109 41.72 -60.08 31.13
CA THR A 109 41.12 -61.33 31.59
C THR A 109 41.92 -62.04 32.66
N GLY A 110 43.16 -61.65 32.90
CA GLY A 110 43.99 -62.31 33.89
C GLY A 110 45.17 -63.05 33.29
N ASP A 111 46.36 -62.44 33.35
CA ASP A 111 47.56 -63.06 32.82
C ASP A 111 48.72 -62.91 33.80
N LYS A 112 49.94 -63.17 33.35
CA LYS A 112 51.10 -63.10 34.21
C LYS A 112 51.82 -61.77 34.00
N PRO A 113 51.84 -60.88 34.98
CA PRO A 113 52.61 -59.64 34.84
C PRO A 113 54.09 -59.88 35.08
N THR A 114 54.89 -58.91 34.65
CA THR A 114 56.34 -59.02 34.79
C THR A 114 56.95 -57.62 34.88
N TRP A 115 58.16 -57.57 35.41
CA TRP A 115 58.94 -56.33 35.53
C TRP A 115 60.41 -56.71 35.32
N PHE A 116 60.90 -56.47 34.09
CA PHE A 116 62.26 -56.86 33.68
C PHE A 116 62.50 -58.34 33.91
N GLY A 117 61.53 -59.16 33.53
CA GLY A 117 61.62 -60.60 33.71
C GLY A 117 61.60 -61.06 35.16
N ILE A 118 60.70 -60.51 35.97
CA ILE A 118 60.58 -60.92 37.37
C ILE A 118 59.38 -61.83 37.61
N GLU A 119 58.41 -61.86 36.68
CA GLU A 119 57.16 -62.65 36.72
C GLU A 119 56.53 -62.69 38.11
N VAL A 120 56.18 -61.50 38.61
CA VAL A 120 55.60 -61.39 39.94
C VAL A 120 54.19 -62.01 39.94
N PRO A 121 53.86 -62.86 40.93
CA PRO A 121 52.50 -63.46 41.00
C PRO A 121 51.53 -62.65 41.86
N PHE A 122 51.09 -61.52 41.32
CA PHE A 122 50.17 -60.64 42.03
C PHE A 122 48.84 -60.55 41.28
N ASP A 123 47.75 -60.80 41.99
CA ASP A 123 46.42 -60.66 41.42
C ASP A 123 46.06 -59.19 41.26
N ILE A 124 45.08 -58.93 40.39
CA ILE A 124 44.68 -57.55 40.11
C ILE A 124 43.99 -56.91 41.32
N ALA A 125 43.26 -57.69 42.10
CA ALA A 125 42.58 -57.13 43.27
C ALA A 125 43.58 -56.73 44.34
N THR A 126 44.62 -57.54 44.56
CA THR A 126 45.61 -57.24 45.59
C THR A 126 46.40 -55.98 45.23
N ILE A 127 46.85 -55.87 43.98
CA ILE A 127 47.62 -54.69 43.59
C ILE A 127 46.74 -53.46 43.56
N LEU A 128 45.47 -53.60 43.15
CA LEU A 128 44.55 -52.46 43.17
C LEU A 128 44.32 -51.97 44.59
N GLY A 129 44.09 -52.90 45.53
CA GLY A 129 43.87 -52.52 46.91
C GLY A 129 45.09 -51.89 47.56
N VAL A 130 46.27 -52.47 47.34
CA VAL A 130 47.47 -51.93 47.98
C VAL A 130 47.86 -50.59 47.36
N GLU A 131 47.64 -50.41 46.05
CA GLU A 131 47.89 -49.12 45.43
C GLU A 131 46.93 -48.06 45.94
N VAL A 132 45.65 -48.40 46.08
CA VAL A 132 44.66 -47.46 46.60
C VAL A 132 45.01 -47.06 48.03
N VAL A 133 45.37 -48.04 48.87
CA VAL A 133 45.68 -47.75 50.26
C VAL A 133 46.93 -46.89 50.38
N ALA A 134 47.99 -47.25 49.65
CA ALA A 134 49.24 -46.50 49.71
C ALA A 134 49.07 -45.07 49.20
N MET A 135 48.38 -44.91 48.07
CA MET A 135 48.15 -43.57 47.54
C MET A 135 47.24 -42.76 48.45
N ALA A 136 46.25 -43.39 49.09
CA ALA A 136 45.36 -42.69 49.99
C ALA A 136 46.11 -42.17 51.22
N VAL A 137 46.95 -43.01 51.82
CA VAL A 137 47.68 -42.55 53.00
C VAL A 137 48.75 -41.54 52.63
N ALA A 138 49.38 -41.68 51.44
CA ALA A 138 50.35 -40.68 51.00
C ALA A 138 49.69 -39.34 50.75
N GLU A 139 48.52 -39.33 50.11
CA GLU A 139 47.80 -38.07 49.89
C GLU A 139 47.28 -37.49 51.19
N GLY A 140 46.89 -38.34 52.15
CA GLY A 140 46.49 -37.84 53.45
C GLY A 140 47.64 -37.18 54.19
N LEU A 141 48.83 -37.77 54.14
CA LEU A 141 50.00 -37.14 54.74
C LEU A 141 50.36 -35.83 54.04
N ARG A 142 50.27 -35.81 52.70
CA ARG A 142 50.59 -34.60 51.96
C ARG A 142 49.58 -33.49 52.24
N ASN A 143 48.31 -33.85 52.44
CA ASN A 143 47.30 -32.85 52.80
C ASN A 143 47.43 -32.40 54.24
N ASP A 144 47.88 -33.29 55.14
CA ASP A 144 48.10 -32.96 56.54
C ASP A 144 49.49 -32.41 56.81
N ASN A 145 50.25 -32.13 55.75
CA ASN A 145 51.52 -31.43 55.89
C ASN A 145 51.33 -30.08 56.59
N GLN A 146 50.33 -29.30 56.14
CA GLN A 146 49.93 -28.03 56.76
C GLN A 146 51.07 -27.03 56.85
N ASP A 147 51.95 -27.02 55.85
CA ASP A 147 53.04 -26.05 55.77
C ASP A 147 53.16 -25.61 54.32
N MET A 148 52.81 -24.35 54.06
CA MET A 148 52.65 -23.86 52.68
C MET A 148 53.95 -23.93 51.90
N GLU A 149 55.07 -23.62 52.55
CA GLU A 149 56.37 -23.76 51.89
C GLU A 149 56.70 -25.23 51.65
N LYS A 150 56.32 -26.11 52.58
CA LYS A 150 56.63 -27.53 52.46
C LYS A 150 55.69 -28.25 51.52
N ARG A 151 54.49 -27.73 51.26
CA ARG A 151 53.62 -28.34 50.26
C ARG A 151 54.23 -28.23 48.87
N LEU A 152 54.83 -27.09 48.55
CA LEU A 152 55.52 -26.95 47.27
C LEU A 152 56.84 -27.70 47.27
N TYR A 153 57.60 -27.63 48.36
CA TYR A 153 58.91 -28.26 48.45
C TYR A 153 59.15 -28.69 49.89
N PRO A 154 58.93 -29.98 50.21
CA PRO A 154 59.05 -30.42 51.60
C PRO A 154 60.47 -30.47 52.15
N GLY A 155 61.39 -31.05 51.39
CA GLY A 155 62.74 -31.22 51.92
C GLY A 155 62.78 -32.27 53.01
N GLY A 156 63.87 -32.24 53.78
CA GLY A 156 64.01 -33.13 54.92
C GLY A 156 64.26 -34.57 54.56
N ALA A 157 63.30 -35.44 54.90
CA ALA A 157 63.46 -36.87 54.65
C ALA A 157 63.37 -37.20 53.16
N PHE A 158 62.72 -36.33 52.38
CA PHE A 158 62.60 -36.55 50.95
C PHE A 158 63.85 -36.12 50.17
N ASP A 159 64.83 -35.53 50.84
CA ASP A 159 66.09 -35.08 50.23
C ASP A 159 67.24 -35.75 50.96
N PRO A 160 67.62 -36.97 50.58
CA PRO A 160 68.70 -37.67 51.30
C PRO A 160 70.08 -37.13 50.96
N LEU A 161 70.30 -36.73 49.72
CA LEU A 161 71.62 -36.24 49.33
C LEU A 161 71.89 -34.84 49.87
N GLY A 162 70.85 -34.04 50.05
CA GLY A 162 70.99 -32.72 50.63
C GLY A 162 71.77 -31.71 49.79
N PHE A 163 71.49 -31.64 48.49
CA PHE A 163 72.11 -30.65 47.63
C PHE A 163 71.33 -29.33 47.60
N SER A 164 70.24 -29.23 48.36
CA SER A 164 69.39 -28.04 48.37
C SER A 164 69.81 -27.02 49.42
N LYS A 165 70.91 -27.27 50.13
CA LYS A 165 71.35 -26.33 51.17
C LYS A 165 71.82 -25.00 50.57
N ASP A 166 72.46 -25.05 49.42
CA ASP A 166 72.86 -23.82 48.72
C ASP A 166 71.62 -23.16 48.13
N PRO A 167 71.35 -21.90 48.44
CA PRO A 167 70.10 -21.28 47.93
C PRO A 167 70.11 -21.06 46.43
N LYS A 168 71.24 -20.64 45.85
CA LYS A 168 71.31 -20.44 44.41
C LYS A 168 71.19 -21.77 43.67
N SER A 169 71.86 -22.80 44.17
CA SER A 169 71.73 -24.14 43.58
C SER A 169 70.30 -24.66 43.72
N PHE A 170 69.67 -24.38 44.86
CA PHE A 170 68.27 -24.76 45.05
C PHE A 170 67.38 -24.06 44.04
N GLU A 171 67.63 -22.77 43.78
CA GLU A 171 66.81 -22.02 42.84
C GLU A 171 66.98 -22.53 41.41
N ASP A 172 68.23 -22.74 40.98
CA ASP A 172 68.42 -23.20 39.61
C ASP A 172 67.96 -24.65 39.42
N LYS A 173 68.06 -25.48 40.46
CA LYS A 173 67.55 -26.83 40.35
C LYS A 173 66.03 -26.86 40.37
N LYS A 174 65.39 -25.91 41.07
CA LYS A 174 63.94 -25.75 40.98
C LYS A 174 63.53 -25.37 39.56
N LEU A 175 64.27 -24.44 38.94
CA LEU A 175 63.98 -24.05 37.56
C LEU A 175 64.17 -25.22 36.60
N LYS A 176 65.24 -25.99 36.78
CA LYS A 176 65.49 -27.14 35.93
C LYS A 176 64.42 -28.21 36.10
N GLU A 177 63.99 -28.45 37.34
CA GLU A 177 62.92 -29.41 37.60
C GLU A 177 61.62 -28.96 36.94
N LEU A 178 61.29 -27.67 37.04
CA LEU A 178 60.08 -27.17 36.42
C LEU A 178 60.13 -27.30 34.90
N LYS A 179 61.28 -26.98 34.29
CA LYS A 179 61.41 -27.07 32.85
C LYS A 179 61.30 -28.52 32.36
N ASN A 180 62.04 -29.43 33.01
CA ASN A 180 61.98 -30.83 32.62
C ASN A 180 60.61 -31.43 32.89
N GLY A 181 59.92 -30.98 33.94
CA GLY A 181 58.57 -31.45 34.18
C GLY A 181 57.57 -30.95 33.16
N ARG A 182 57.70 -29.71 32.71
CA ARG A 182 56.85 -29.20 31.64
C ARG A 182 57.07 -29.98 30.35
N LEU A 183 58.35 -30.25 30.04
CA LEU A 183 58.66 -31.12 28.90
C LEU A 183 58.07 -32.51 29.09
N ALA A 184 58.06 -33.01 30.33
CA ALA A 184 57.49 -34.32 30.62
C ALA A 184 55.99 -34.34 30.35
N MET A 185 55.26 -33.30 30.77
CA MET A 185 53.81 -33.35 30.56
C MET A 185 53.47 -33.16 29.08
N VAL A 186 54.21 -32.30 28.38
CA VAL A 186 53.90 -32.17 26.95
C VAL A 186 54.28 -33.44 26.19
N ALA A 187 55.33 -34.15 26.65
CA ALA A 187 55.68 -35.43 26.04
C ALA A 187 54.62 -36.49 26.33
N CYS A 188 54.07 -36.49 27.54
CA CYS A 188 53.01 -37.46 27.88
C CYS A 188 51.74 -37.18 27.08
N LEU A 189 51.40 -35.90 26.91
CA LEU A 189 50.26 -35.54 26.06
C LEU A 189 50.52 -35.95 24.62
N GLY A 190 51.76 -35.79 24.15
CA GLY A 190 52.11 -36.25 22.82
C GLY A 190 51.98 -37.75 22.66
N PHE A 191 52.40 -38.51 23.68
CA PHE A 191 52.25 -39.96 23.64
C PHE A 191 50.79 -40.36 23.60
N ALA A 192 49.95 -39.72 24.43
CA ALA A 192 48.53 -40.03 24.46
C ALA A 192 47.87 -39.71 23.13
N GLY A 193 48.17 -38.54 22.57
CA GLY A 193 47.59 -38.18 21.27
C GLY A 193 48.07 -39.06 20.14
N GLN A 194 49.36 -39.42 20.16
CA GLN A 194 49.92 -40.28 19.11
C GLN A 194 49.30 -41.67 19.16
N HIS A 195 49.14 -42.23 20.36
CA HIS A 195 48.51 -43.54 20.46
C HIS A 195 47.01 -43.50 20.23
N ALA A 196 46.37 -42.35 20.46
CA ALA A 196 44.97 -42.21 20.08
C ALA A 196 44.81 -42.10 18.57
N ALA A 197 45.77 -41.49 17.89
CA ALA A 197 45.70 -41.35 16.44
C ALA A 197 46.16 -42.62 15.72
N THR A 198 47.41 -43.01 15.94
CA THR A 198 48.00 -44.17 15.28
C THR A 198 48.34 -45.25 16.30
N GLY A 199 48.39 -46.49 15.81
CA GLY A 199 48.76 -47.61 16.66
C GLY A 199 50.25 -47.83 16.83
N LYS A 200 51.08 -47.00 16.19
CA LYS A 200 52.52 -47.19 16.26
C LYS A 200 53.05 -46.74 17.63
N PRO A 201 54.08 -47.41 18.14
CA PRO A 201 54.68 -46.99 19.42
C PRO A 201 55.54 -45.74 19.30
N ILE A 202 56.20 -45.37 20.39
CA ILE A 202 56.97 -44.12 20.44
C ILE A 202 58.21 -44.22 19.56
N LEU A 203 58.95 -45.32 19.68
CA LEU A 203 60.20 -45.45 18.93
C LEU A 203 59.94 -45.61 17.44
N GLU A 204 58.86 -46.32 17.08
CA GLU A 204 58.49 -46.42 15.68
C GLU A 204 58.10 -45.07 15.10
N ALA A 205 57.38 -44.25 15.88
CA ALA A 205 57.04 -42.90 15.43
C ALA A 205 58.29 -42.04 15.27
N LEU A 206 59.24 -42.16 16.19
CA LEU A 206 60.49 -41.41 16.08
C LEU A 206 61.28 -41.83 14.86
N GLY A 207 61.35 -43.14 14.59
CA GLY A 207 62.01 -43.61 13.39
C GLY A 207 61.32 -43.20 12.11
N ASP A 208 59.97 -43.14 12.14
CA ASP A 208 59.23 -42.68 10.98
C ASP A 208 59.46 -41.20 10.71
N HIS A 209 59.53 -40.39 11.76
CA HIS A 209 59.84 -38.98 11.56
C HIS A 209 61.28 -38.77 11.13
N LEU A 210 62.20 -39.64 11.59
CA LEU A 210 63.60 -39.50 11.20
C LEU A 210 63.81 -39.91 9.74
N SER A 211 63.17 -40.99 9.31
CA SER A 211 63.38 -41.49 7.96
C SER A 211 62.65 -40.63 6.93
N SER A 212 61.36 -40.41 7.13
CA SER A 212 60.54 -39.66 6.19
C SER A 212 59.78 -38.58 6.95
N PRO A 213 60.43 -37.43 7.19
CA PRO A 213 59.73 -36.37 7.94
C PRO A 213 58.67 -35.65 7.14
N PHE A 214 58.95 -35.31 5.88
CA PHE A 214 57.98 -34.59 5.08
C PHE A 214 56.85 -35.51 4.62
N PHE A 215 57.19 -36.73 4.20
CA PHE A 215 56.19 -37.67 3.71
C PHE A 215 55.38 -38.33 4.82
N ASN A 216 55.81 -38.20 6.08
CA ASN A 216 55.10 -38.82 7.19
C ASN A 216 55.28 -37.94 8.42
N ASN A 217 54.18 -37.37 8.90
CA ASN A 217 54.19 -36.53 10.10
C ASN A 217 52.79 -36.56 10.70
N PHE A 218 52.52 -35.64 11.62
CA PHE A 218 51.21 -35.57 12.25
C PHE A 218 50.12 -35.13 11.27
N ALA A 219 50.49 -34.45 10.18
CA ALA A 219 49.51 -34.04 9.18
C ALA A 219 49.07 -35.19 8.28
N THR A 220 49.81 -36.30 8.28
CA THR A 220 49.46 -37.46 7.46
C THR A 220 48.62 -38.48 8.22
N ASN A 221 48.24 -38.19 9.46
CA ASN A 221 47.41 -39.12 10.23
C ASN A 221 46.01 -39.21 9.65
N GLY A 222 45.43 -38.08 9.26
CA GLY A 222 44.08 -38.04 8.76
C GLY A 222 43.01 -37.90 9.82
N VAL A 223 43.38 -37.88 11.09
CA VAL A 223 42.41 -37.79 12.18
C VAL A 223 42.75 -36.59 13.06
N SER A 224 44.03 -36.19 13.07
CA SER A 224 44.44 -35.06 13.88
C SER A 224 43.89 -33.75 13.33
N VAL A 225 44.00 -33.55 12.02
CA VAL A 225 43.46 -32.39 11.33
C VAL A 225 42.33 -32.87 10.44
N PRO A 226 41.09 -32.44 10.68
CA PRO A 226 39.96 -32.92 9.86
C PRO A 226 39.95 -32.31 8.47
N GLY A 227 40.74 -32.86 7.56
CA GLY A 227 40.77 -32.38 6.19
C GLY A 227 42.16 -32.39 5.57
N VAL A 228 43.18 -32.48 6.43
CA VAL A 228 44.62 -32.48 6.09
C VAL A 228 45.01 -31.55 4.95
N LEU B 58 -41.96 45.35 -18.79
CA LEU B 58 -42.64 44.32 -18.02
C LEU B 58 -41.66 43.24 -17.57
N TYR B 59 -41.91 42.67 -16.39
CA TYR B 59 -41.11 41.58 -15.86
C TYR B 59 -41.76 40.26 -16.25
N VAL B 60 -41.04 39.47 -17.05
CA VAL B 60 -41.60 38.23 -17.60
C VAL B 60 -41.52 37.13 -16.55
N GLY B 61 -42.62 36.94 -15.81
CA GLY B 61 -42.69 35.88 -14.82
C GLY B 61 -41.70 36.03 -13.68
N SER B 62 -41.56 37.24 -13.15
CA SER B 62 -40.57 37.49 -12.10
C SER B 62 -41.01 36.83 -10.80
N ASP B 63 -40.21 35.88 -10.32
CA ASP B 63 -40.50 35.23 -9.05
C ASP B 63 -40.26 36.19 -7.90
N ALA B 64 -41.15 36.15 -6.91
CA ALA B 64 -41.00 37.00 -5.74
C ALA B 64 -39.84 36.51 -4.88
N ALA B 65 -39.33 37.43 -4.04
CA ALA B 65 -38.19 37.24 -3.15
C ALA B 65 -36.90 36.96 -3.91
N ALA B 66 -36.90 37.20 -5.23
CA ALA B 66 -35.69 37.15 -6.04
C ALA B 66 -35.18 38.55 -6.36
N LEU B 67 -36.07 39.55 -6.35
CA LEU B 67 -35.69 40.94 -6.53
C LEU B 67 -34.97 41.53 -5.33
N LYS B 68 -34.95 40.80 -4.21
CA LYS B 68 -34.31 41.31 -2.99
C LYS B 68 -32.81 41.46 -3.14
N TYR B 69 -32.18 40.71 -4.04
CA TYR B 69 -30.73 40.78 -4.23
C TYR B 69 -30.31 41.32 -5.59
N LEU B 70 -31.20 41.39 -6.57
CA LEU B 70 -30.87 41.95 -7.87
C LEU B 70 -31.70 43.20 -8.12
N ASP B 71 -31.04 44.27 -8.54
CA ASP B 71 -31.68 45.47 -9.03
C ASP B 71 -31.56 45.48 -10.55
N GLY B 72 -32.00 46.57 -11.18
CA GLY B 72 -31.86 46.65 -12.62
C GLY B 72 -30.52 47.22 -13.04
N THR B 73 -29.55 46.33 -13.27
CA THR B 73 -28.25 46.71 -13.80
C THR B 73 -27.94 45.81 -15.00
N LEU B 74 -28.45 44.59 -14.95
CA LEU B 74 -28.23 43.63 -16.02
C LEU B 74 -29.04 44.04 -17.25
N PRO B 75 -28.59 43.62 -18.46
CA PRO B 75 -29.32 43.98 -19.68
C PRO B 75 -30.76 43.50 -19.72
N GLY B 76 -30.98 42.19 -19.64
CA GLY B 76 -32.34 41.69 -19.60
C GLY B 76 -33.01 41.96 -18.28
N ASP B 77 -32.58 41.24 -17.24
CA ASP B 77 -33.02 41.39 -15.85
C ASP B 77 -34.55 41.46 -15.72
N TYR B 78 -35.20 40.37 -16.10
CA TYR B 78 -36.65 40.27 -16.00
C TYR B 78 -37.11 39.76 -14.64
N GLY B 79 -36.19 39.54 -13.71
CA GLY B 79 -36.54 39.08 -12.38
C GLY B 79 -36.84 37.61 -12.26
N PHE B 80 -36.57 36.82 -13.30
CA PHE B 80 -36.87 35.39 -13.30
C PHE B 80 -35.69 34.66 -12.68
N ASP B 81 -35.84 34.24 -11.42
CA ASP B 81 -34.82 33.45 -10.72
C ASP B 81 -35.52 32.61 -9.67
N PRO B 82 -36.17 31.51 -10.07
CA PRO B 82 -36.93 30.71 -9.12
C PRO B 82 -36.05 29.96 -8.13
N LEU B 83 -35.02 29.27 -8.65
CA LEU B 83 -34.14 28.51 -7.77
C LEU B 83 -33.20 29.44 -7.00
N GLY B 84 -32.65 30.45 -7.66
CA GLY B 84 -31.81 31.42 -7.00
C GLY B 84 -30.34 31.17 -7.19
N LEU B 85 -29.70 31.91 -8.09
CA LEU B 85 -28.28 31.77 -8.35
C LEU B 85 -27.54 33.10 -8.43
N LEU B 86 -28.23 34.23 -8.53
CA LEU B 86 -27.61 35.54 -8.57
C LEU B 86 -27.42 36.15 -7.19
N ASP B 87 -27.75 35.41 -6.13
CA ASP B 87 -27.63 35.93 -4.78
C ASP B 87 -26.16 36.12 -4.42
N PRO B 88 -25.75 37.29 -3.93
CA PRO B 88 -24.37 37.44 -3.44
C PRO B 88 -24.05 36.58 -2.24
N THR B 89 -25.06 36.12 -1.50
CA THR B 89 -24.81 35.18 -0.41
C THR B 89 -24.31 33.84 -0.91
N VAL B 90 -24.67 33.48 -2.15
CA VAL B 90 -24.16 32.26 -2.77
C VAL B 90 -22.71 32.50 -3.18
N SER B 91 -21.80 31.65 -2.67
CA SER B 91 -20.36 31.71 -2.95
C SER B 91 -19.77 33.08 -2.59
N ASN B 92 -19.84 33.40 -1.29
CA ASN B 92 -19.32 34.64 -0.76
C ASN B 92 -17.99 34.39 -0.06
N GLY B 93 -17.00 35.22 -0.36
CA GLY B 93 -15.68 35.09 0.23
C GLY B 93 -14.62 35.81 -0.57
N GLN B 94 -13.46 35.16 -0.73
CA GLN B 94 -12.36 35.74 -1.49
C GLN B 94 -11.70 34.64 -2.32
N GLY B 95 -11.03 35.07 -3.38
CA GLY B 95 -10.33 34.13 -4.25
C GLY B 95 -11.20 33.64 -5.40
N ALA B 96 -10.85 32.45 -5.89
CA ALA B 96 -11.55 31.88 -7.03
C ALA B 96 -12.97 31.45 -6.65
N GLY B 97 -13.11 30.72 -5.54
CA GLY B 97 -14.43 30.29 -5.11
C GLY B 97 -15.02 29.22 -6.01
N GLY B 98 -16.34 29.17 -6.07
CA GLY B 98 -17.06 28.24 -6.92
C GLY B 98 -17.40 28.83 -8.27
N PHE B 99 -18.08 28.03 -9.09
CA PHE B 99 -18.50 28.55 -10.39
C PHE B 99 -19.79 29.37 -10.34
N VAL B 100 -20.55 29.29 -9.26
CA VAL B 100 -21.83 30.02 -9.17
C VAL B 100 -21.52 31.36 -8.51
N ASN B 101 -21.09 32.31 -9.34
CA ASN B 101 -20.96 33.70 -8.93
C ASN B 101 -21.55 34.58 -10.03
N PRO B 102 -22.08 35.75 -9.68
CA PRO B 102 -22.79 36.58 -10.69
C PRO B 102 -21.93 37.00 -11.86
N ARG B 103 -20.63 37.27 -11.65
CA ARG B 103 -19.77 37.66 -12.75
C ARG B 103 -19.62 36.55 -13.77
N TRP B 104 -19.27 35.34 -13.30
CA TRP B 104 -19.15 34.20 -14.19
C TRP B 104 -20.50 33.80 -14.78
N LEU B 105 -21.59 33.98 -14.03
CA LEU B 105 -22.91 33.66 -14.55
C LEU B 105 -23.28 34.56 -15.71
N GLN B 106 -23.06 35.87 -15.57
CA GLN B 106 -23.32 36.79 -16.68
C GLN B 106 -22.40 36.53 -17.85
N TYR B 107 -21.11 36.23 -17.58
CA TYR B 107 -20.16 35.96 -18.65
C TYR B 107 -20.56 34.72 -19.45
N SER B 108 -20.91 33.64 -18.74
CA SER B 108 -21.31 32.42 -19.42
C SER B 108 -22.65 32.59 -20.13
N GLU B 109 -23.54 33.42 -19.57
CA GLU B 109 -24.81 33.68 -20.24
C GLU B 109 -24.61 34.41 -21.57
N VAL B 110 -23.77 35.45 -21.57
CA VAL B 110 -23.58 36.18 -22.82
C VAL B 110 -22.77 35.35 -23.83
N ILE B 111 -21.84 34.51 -23.35
CA ILE B 111 -21.07 33.68 -24.27
C ILE B 111 -21.95 32.58 -24.87
N HIS B 112 -22.81 31.97 -24.05
CA HIS B 112 -23.80 31.02 -24.56
C HIS B 112 -24.74 31.69 -25.55
N ALA B 113 -25.11 32.95 -25.27
CA ALA B 113 -25.99 33.68 -26.16
C ALA B 113 -25.35 33.91 -27.52
N ARG B 114 -24.10 34.37 -27.53
CA ARG B 114 -23.41 34.62 -28.80
C ARG B 114 -23.18 33.32 -29.57
N TRP B 115 -22.78 32.24 -28.87
CA TRP B 115 -22.55 30.98 -29.55
C TRP B 115 -23.85 30.39 -30.09
N ALA B 116 -24.94 30.52 -29.35
CA ALA B 116 -26.23 30.01 -29.82
C ALA B 116 -26.74 30.83 -31.00
N MET B 117 -26.49 32.14 -30.99
CA MET B 117 -26.89 32.98 -32.12
C MET B 117 -26.11 32.61 -33.38
N LEU B 118 -24.79 32.39 -33.24
CA LEU B 118 -24.00 31.93 -34.36
C LEU B 118 -24.45 30.54 -34.84
N GLY B 119 -24.80 29.66 -33.90
CA GLY B 119 -25.26 28.34 -34.28
C GLY B 119 -26.60 28.35 -34.99
N ALA B 120 -27.53 29.18 -34.53
CA ALA B 120 -28.82 29.31 -35.20
C ALA B 120 -28.66 29.88 -36.59
N ALA B 121 -27.78 30.87 -36.76
CA ALA B 121 -27.50 31.41 -38.08
C ALA B 121 -26.89 30.36 -38.99
N GLY B 122 -25.94 29.57 -38.47
CA GLY B 122 -25.31 28.52 -39.25
C GLY B 122 -26.15 27.28 -39.45
N CYS B 123 -27.26 27.17 -38.74
CA CYS B 123 -28.23 26.11 -39.01
C CYS B 123 -29.30 26.55 -39.99
N ILE B 124 -29.66 27.84 -40.02
CA ILE B 124 -30.66 28.31 -40.94
C ILE B 124 -30.08 28.59 -42.32
N ALA B 125 -28.94 29.29 -42.38
CA ALA B 125 -28.43 29.80 -43.65
C ALA B 125 -28.15 28.72 -44.71
N PRO B 126 -27.50 27.58 -44.42
CA PRO B 126 -27.29 26.59 -45.50
C PRO B 126 -28.58 26.00 -46.05
N GLU B 127 -29.50 25.58 -45.17
CA GLU B 127 -30.74 24.98 -45.64
C GLU B 127 -31.61 25.99 -46.39
N ILE B 128 -31.70 27.21 -45.88
CA ILE B 128 -32.52 28.24 -46.52
C ILE B 128 -31.93 28.61 -47.88
N LEU B 129 -30.62 28.79 -47.95
CA LEU B 129 -30.00 29.16 -49.22
C LEU B 129 -29.93 27.98 -50.19
N GLY B 130 -30.02 26.75 -49.71
CA GLY B 130 -30.05 25.60 -50.58
C GLY B 130 -31.43 25.25 -51.06
N LYS B 131 -32.46 25.73 -50.35
CA LYS B 131 -33.82 25.61 -50.86
C LYS B 131 -33.99 26.42 -52.14
N ALA B 132 -33.36 27.59 -52.19
CA ALA B 132 -33.27 28.37 -53.41
C ALA B 132 -32.00 27.96 -54.16
N GLY B 133 -31.63 28.72 -55.18
CA GLY B 133 -30.44 28.47 -55.96
C GLY B 133 -29.19 29.13 -55.44
N VAL B 134 -29.23 29.72 -54.24
CA VAL B 134 -28.06 30.41 -53.71
C VAL B 134 -26.95 29.42 -53.36
N ILE B 135 -27.30 28.34 -52.69
CA ILE B 135 -26.34 27.30 -52.29
C ILE B 135 -26.67 26.04 -53.07
N PRO B 136 -25.69 25.41 -53.71
CA PRO B 136 -25.96 24.18 -54.47
C PRO B 136 -26.38 23.04 -53.56
N ALA B 137 -27.05 22.06 -54.17
CA ALA B 137 -27.75 21.03 -53.41
C ALA B 137 -26.81 20.13 -52.63
N GLU B 138 -25.63 19.83 -53.16
CA GLU B 138 -24.71 18.94 -52.47
C GLU B 138 -24.15 19.57 -51.21
N THR B 139 -23.95 20.88 -51.20
CA THR B 139 -23.50 21.59 -50.00
C THR B 139 -24.66 22.01 -49.11
N ALA B 140 -25.90 21.77 -49.52
CA ALA B 140 -27.07 22.13 -48.73
C ALA B 140 -27.52 20.95 -47.87
N VAL B 141 -26.61 20.47 -47.04
CA VAL B 141 -26.88 19.36 -46.14
C VAL B 141 -27.46 19.90 -44.84
N ASP B 142 -28.07 19.00 -44.07
CA ASP B 142 -28.55 19.36 -42.75
C ASP B 142 -27.38 19.68 -41.83
N TRP B 143 -27.67 20.47 -40.80
CA TRP B 143 -26.60 20.98 -39.92
C TRP B 143 -25.93 19.85 -39.13
N PHE B 144 -26.66 18.79 -38.84
CA PHE B 144 -26.08 17.65 -38.14
C PHE B 144 -25.50 16.60 -39.07
N ARG B 145 -25.72 16.75 -40.38
CA ARG B 145 -25.16 15.83 -41.37
C ARG B 145 -23.89 16.35 -42.03
N THR B 146 -23.37 17.49 -41.55
CA THR B 146 -22.13 18.02 -42.12
C THR B 146 -20.93 17.17 -41.74
N GLY B 147 -20.97 16.52 -40.58
CA GLY B 147 -19.84 15.77 -40.09
C GLY B 147 -19.66 15.95 -38.60
N VAL B 148 -20.53 16.76 -38.00
CA VAL B 148 -20.49 16.98 -36.56
C VAL B 148 -20.89 15.71 -35.82
N ILE B 149 -21.73 14.89 -36.44
CA ILE B 149 -22.07 13.56 -35.96
C ILE B 149 -22.02 12.61 -37.15
N PRO B 150 -20.95 11.83 -37.27
CA PRO B 150 -20.82 10.89 -38.42
C PRO B 150 -21.91 9.84 -38.46
N PRO B 151 -22.49 9.38 -37.33
CA PRO B 151 -23.75 8.62 -37.46
C PRO B 151 -24.88 9.39 -38.13
N ALA B 152 -24.99 10.69 -37.86
CA ALA B 152 -26.02 11.48 -38.52
C ALA B 152 -25.68 11.73 -39.99
N GLY B 153 -24.40 11.86 -40.30
CA GLY B 153 -23.97 12.12 -41.66
C GLY B 153 -22.68 12.90 -41.70
N VAL B 154 -21.81 12.59 -42.66
CA VAL B 154 -20.53 13.25 -42.82
C VAL B 154 -20.36 13.67 -44.28
N TYR B 155 -19.97 14.91 -44.49
CA TYR B 155 -19.75 15.43 -45.84
C TYR B 155 -18.33 15.06 -46.27
N LYS B 156 -18.23 14.05 -47.14
CA LYS B 156 -16.91 13.56 -47.56
C LYS B 156 -16.22 14.54 -48.50
N ASP B 157 -16.97 15.28 -49.30
CA ASP B 157 -16.39 16.19 -50.29
C ASP B 157 -16.03 17.50 -49.61
N PHE B 158 -14.92 17.47 -48.86
CA PHE B 158 -14.40 18.65 -48.19
C PHE B 158 -12.94 18.82 -48.55
N TRP B 159 -12.42 20.03 -48.35
CA TRP B 159 -11.03 20.29 -48.71
C TRP B 159 -10.05 19.63 -47.75
N ALA B 160 -10.49 19.19 -46.58
CA ALA B 160 -9.63 18.54 -45.62
C ALA B 160 -10.42 17.50 -44.84
N ASP B 161 -9.69 16.61 -44.19
CA ASP B 161 -10.31 15.62 -43.32
C ASP B 161 -10.98 16.31 -42.14
N PRO B 162 -12.14 15.83 -41.68
CA PRO B 162 -12.81 16.48 -40.54
C PRO B 162 -11.99 16.51 -39.26
N PHE B 163 -11.12 15.53 -39.03
CA PHE B 163 -10.27 15.59 -37.86
C PHE B 163 -9.15 16.62 -38.01
N THR B 164 -8.66 16.82 -39.25
CA THR B 164 -7.71 17.89 -39.50
C THR B 164 -8.34 19.25 -39.26
N LEU B 165 -9.58 19.43 -39.72
CA LEU B 165 -10.32 20.65 -39.44
C LEU B 165 -10.57 20.81 -37.95
N PHE B 166 -10.82 19.70 -37.26
CA PHE B 166 -10.99 19.75 -35.81
C PHE B 166 -9.73 20.19 -35.11
N PHE B 167 -8.56 19.70 -35.56
CA PHE B 167 -7.30 20.10 -34.93
C PHE B 167 -7.01 21.57 -35.18
N ILE B 168 -7.22 22.05 -36.41
CA ILE B 168 -7.03 23.47 -36.70
C ILE B 168 -7.98 24.31 -35.87
N GLU B 169 -9.24 23.89 -35.78
CA GLU B 169 -10.24 24.61 -35.00
C GLU B 169 -9.89 24.63 -33.52
N VAL B 170 -9.43 23.50 -32.98
CA VAL B 170 -9.18 23.45 -31.54
C VAL B 170 -7.94 24.27 -31.20
N VAL B 171 -6.96 24.32 -32.10
CA VAL B 171 -5.80 25.19 -31.88
C VAL B 171 -6.22 26.65 -31.88
N ALA B 172 -7.00 27.06 -32.90
CA ALA B 172 -7.40 28.46 -33.02
C ALA B 172 -8.31 28.88 -31.87
N ILE B 173 -9.34 28.09 -31.58
CA ILE B 173 -10.28 28.43 -30.52
C ILE B 173 -9.65 28.24 -29.15
N GLN B 174 -8.62 27.40 -29.02
CA GLN B 174 -7.92 27.31 -27.75
C GLN B 174 -7.11 28.57 -27.49
N PHE B 175 -6.44 29.08 -28.53
CA PHE B 175 -5.76 30.37 -28.41
C PHE B 175 -6.76 31.48 -28.03
N ALA B 176 -7.89 31.53 -28.73
CA ALA B 176 -8.88 32.58 -28.49
C ALA B 176 -9.46 32.49 -27.09
N GLU B 177 -9.93 31.30 -26.69
CA GLU B 177 -10.60 31.17 -25.40
C GLU B 177 -9.61 31.21 -24.24
N LEU B 178 -8.36 30.80 -24.45
CA LEU B 178 -7.38 30.93 -23.37
C LEU B 178 -6.97 32.38 -23.17
N LYS B 179 -6.82 33.15 -24.25
CA LYS B 179 -6.61 34.58 -24.09
C LYS B 179 -7.80 35.24 -23.43
N ARG B 180 -9.01 34.81 -23.80
CA ARG B 180 -10.23 35.33 -23.17
C ARG B 180 -10.27 35.02 -21.68
N LEU B 181 -9.90 33.80 -21.29
CA LEU B 181 -9.90 33.40 -19.89
C LEU B 181 -8.84 34.16 -19.10
N GLN B 182 -7.65 34.33 -19.68
CA GLN B 182 -6.60 35.07 -19.00
C GLN B 182 -6.95 36.53 -18.84
N ASP B 183 -7.68 37.10 -19.81
CA ASP B 183 -8.17 38.47 -19.64
C ASP B 183 -9.29 38.53 -18.61
N TYR B 184 -10.11 37.48 -18.53
CA TYR B 184 -11.16 37.44 -17.51
C TYR B 184 -10.57 37.38 -16.11
N LYS B 185 -9.52 36.59 -15.91
CA LYS B 185 -8.88 36.53 -14.60
C LYS B 185 -8.08 37.79 -14.32
N ASN B 186 -7.31 38.26 -15.30
CA ASN B 186 -6.52 39.48 -15.17
C ASN B 186 -6.95 40.47 -16.25
N PRO B 187 -7.73 41.49 -15.92
CA PRO B 187 -8.24 42.42 -16.94
C PRO B 187 -7.12 43.22 -17.59
N GLY B 188 -7.17 43.30 -18.92
CA GLY B 188 -6.18 44.04 -19.68
C GLY B 188 -4.82 43.38 -19.78
N SER B 189 -4.70 42.12 -19.37
CA SER B 189 -3.40 41.45 -19.36
C SER B 189 -2.94 41.06 -20.76
N GLN B 190 -3.88 40.78 -21.67
CA GLN B 190 -3.51 40.39 -23.02
C GLN B 190 -2.99 41.56 -23.86
N SER B 191 -3.15 42.79 -23.38
CA SER B 191 -2.62 43.96 -24.08
C SER B 191 -1.18 44.27 -23.69
N ARG B 192 -0.62 43.58 -22.69
CA ARG B 192 0.73 43.85 -22.23
C ARG B 192 1.77 42.96 -22.91
N GLN B 193 1.59 41.65 -22.81
CA GLN B 193 2.52 40.72 -23.44
C GLN B 193 2.34 40.75 -24.95
N TYR B 194 3.47 40.85 -25.67
CA TYR B 194 3.44 40.94 -27.14
C TYR B 194 2.93 39.64 -27.73
N PHE B 195 1.85 39.73 -28.51
CA PHE B 195 1.27 38.55 -29.15
C PHE B 195 1.58 38.51 -30.64
N LEU B 196 1.15 39.52 -31.40
CA LEU B 196 1.53 39.64 -32.80
C LEU B 196 1.72 41.09 -33.21
N GLY B 197 1.53 42.04 -32.29
CA GLY B 197 1.36 43.44 -32.62
C GLY B 197 -0.07 43.91 -32.52
N LEU B 198 -1.02 43.00 -32.34
CA LEU B 198 -2.42 43.32 -32.13
C LEU B 198 -2.79 43.40 -30.65
N GLU B 199 -1.81 43.73 -29.79
CA GLU B 199 -2.06 43.79 -28.36
C GLU B 199 -2.97 44.95 -27.99
N GLY B 200 -2.87 46.08 -28.70
CA GLY B 200 -3.78 47.19 -28.47
C GLY B 200 -5.22 46.89 -28.83
N LEU B 201 -5.45 45.90 -29.69
CA LEU B 201 -6.80 45.45 -29.98
C LEU B 201 -7.40 44.64 -28.85
N PHE B 202 -6.59 44.18 -27.90
CA PHE B 202 -7.03 43.36 -26.78
C PHE B 202 -7.00 44.16 -25.47
N LYS B 203 -7.36 45.44 -25.54
CA LYS B 203 -7.36 46.28 -24.35
C LYS B 203 -8.41 45.83 -23.33
N GLY B 204 -9.60 45.47 -23.82
CA GLY B 204 -10.67 45.07 -22.94
C GLY B 204 -11.33 46.24 -22.23
N SER B 205 -12.15 45.91 -21.24
CA SER B 205 -12.86 46.91 -20.47
C SER B 205 -13.03 46.39 -19.05
N ASP B 206 -13.73 47.17 -18.22
CA ASP B 206 -14.01 46.75 -16.85
C ASP B 206 -14.92 45.53 -16.84
N ASN B 207 -15.94 45.52 -17.70
CA ASN B 207 -16.81 44.36 -17.83
C ASN B 207 -16.20 43.37 -18.81
N PRO B 208 -15.87 42.14 -18.39
CA PRO B 208 -15.32 41.17 -19.33
C PRO B 208 -16.29 40.75 -20.43
N ALA B 209 -17.59 40.89 -20.20
CA ALA B 209 -18.58 40.52 -21.21
C ALA B 209 -18.55 41.47 -22.41
N TYR B 210 -18.12 42.71 -22.19
CA TYR B 210 -18.12 43.74 -23.22
C TYR B 210 -16.74 44.38 -23.27
N PRO B 211 -15.78 43.73 -23.94
CA PRO B 211 -14.42 44.29 -23.97
C PRO B 211 -14.30 45.53 -24.83
N GLY B 212 -14.96 45.57 -25.98
CA GLY B 212 -14.82 46.70 -26.87
C GLY B 212 -13.43 46.74 -27.51
N GLY B 213 -12.98 47.95 -27.82
CA GLY B 213 -11.66 48.14 -28.38
C GLY B 213 -11.70 48.41 -29.87
N PRO B 214 -10.53 48.49 -30.49
CA PRO B 214 -10.46 48.82 -31.92
C PRO B 214 -10.92 47.70 -32.85
N PHE B 215 -11.15 46.48 -32.34
CA PHE B 215 -11.56 45.36 -33.18
C PHE B 215 -12.90 44.79 -32.79
N PHE B 216 -13.13 44.53 -31.50
CA PHE B 216 -14.39 43.92 -31.09
C PHE B 216 -15.58 44.85 -31.32
N ASN B 217 -15.39 46.13 -31.07
CA ASN B 217 -16.39 47.15 -31.45
C ASN B 217 -15.64 48.25 -32.20
N PHE B 218 -15.43 48.02 -33.50
CA PHE B 218 -14.82 49.02 -34.36
C PHE B 218 -15.85 49.97 -34.98
N ALA B 219 -17.13 49.66 -34.83
CA ALA B 219 -18.19 50.58 -35.21
C ALA B 219 -18.54 51.57 -34.11
N ASN B 220 -17.98 51.37 -32.90
CA ASN B 220 -18.19 52.14 -31.68
C ASN B 220 -19.64 52.57 -31.48
N PHE B 221 -20.56 51.64 -31.72
CA PHE B 221 -21.97 51.91 -31.55
C PHE B 221 -22.28 52.15 -30.08
N GLY B 222 -23.32 52.94 -29.82
CA GLY B 222 -23.72 53.24 -28.46
C GLY B 222 -22.81 54.23 -27.77
N LYS B 223 -22.72 55.44 -28.32
CA LYS B 223 -21.95 56.49 -27.68
C LYS B 223 -22.57 56.92 -26.35
N THR B 224 -23.90 56.95 -26.29
CA THR B 224 -24.60 57.27 -25.06
C THR B 224 -24.92 56.00 -24.26
N GLU B 225 -25.21 56.20 -22.98
CA GLU B 225 -25.48 55.06 -22.11
C GLU B 225 -26.82 54.40 -22.43
N ALA B 226 -27.80 55.18 -22.89
CA ALA B 226 -29.09 54.61 -23.26
C ALA B 226 -28.96 53.66 -24.43
N GLU B 227 -28.14 54.02 -25.43
CA GLU B 227 -27.94 53.13 -26.57
C GLU B 227 -27.16 51.89 -26.17
N MET B 228 -26.21 52.02 -25.24
CA MET B 228 -25.53 50.86 -24.69
C MET B 228 -26.51 49.91 -23.99
N LYS B 229 -27.41 50.47 -23.18
CA LYS B 229 -28.37 49.63 -22.47
C LYS B 229 -29.33 48.94 -23.43
N LYS B 230 -29.81 49.68 -24.44
CA LYS B 230 -30.71 49.09 -25.43
C LYS B 230 -30.00 48.00 -26.24
N LEU B 231 -28.75 48.25 -26.64
CA LEU B 231 -28.01 47.26 -27.41
C LEU B 231 -27.73 46.01 -26.58
N LYS B 232 -27.35 46.18 -25.30
CA LYS B 232 -27.11 45.03 -24.44
C LYS B 232 -28.38 44.23 -24.21
N LEU B 233 -29.49 44.92 -23.97
CA LEU B 233 -30.77 44.23 -23.77
C LEU B 233 -31.19 43.46 -25.03
N ASN B 234 -31.04 44.08 -26.20
CA ASN B 234 -31.40 43.39 -27.44
C ASN B 234 -30.47 42.23 -27.74
N GLU B 235 -29.18 42.37 -27.41
CA GLU B 235 -28.24 41.27 -27.60
C GLU B 235 -28.60 40.09 -26.72
N ILE B 236 -28.88 40.34 -25.43
CA ILE B 236 -29.22 39.24 -24.54
C ILE B 236 -30.57 38.63 -24.89
N LYS B 237 -31.51 39.45 -25.40
CA LYS B 237 -32.80 38.94 -25.82
C LYS B 237 -32.69 38.04 -27.05
N ASN B 238 -31.99 38.51 -28.08
CA ASN B 238 -31.79 37.69 -29.28
C ASN B 238 -30.98 36.44 -28.95
N GLY B 239 -30.03 36.54 -28.02
CA GLY B 239 -29.28 35.37 -27.61
C GLY B 239 -30.11 34.34 -26.88
N ARG B 240 -31.00 34.78 -25.98
CA ARG B 240 -31.90 33.85 -25.30
C ARG B 240 -32.87 33.21 -26.30
N LEU B 241 -33.37 34.01 -27.25
CA LEU B 241 -34.24 33.47 -28.29
C LEU B 241 -33.51 32.42 -29.13
N ALA B 242 -32.24 32.67 -29.46
CA ALA B 242 -31.49 31.68 -30.22
C ALA B 242 -31.10 30.47 -29.36
N MET B 243 -30.97 30.65 -28.05
CA MET B 243 -30.74 29.50 -27.18
C MET B 243 -31.94 28.56 -27.19
N LEU B 244 -33.15 29.12 -27.02
CA LEU B 244 -34.36 28.33 -27.15
C LEU B 244 -34.49 27.75 -28.56
N ALA B 245 -34.04 28.51 -29.56
CA ALA B 245 -34.06 28.02 -30.94
C ALA B 245 -33.20 26.79 -31.10
N MET B 246 -31.94 26.85 -30.64
CA MET B 246 -31.04 25.71 -30.77
C MET B 246 -31.52 24.51 -29.95
N PHE B 247 -32.18 24.78 -28.82
CA PHE B 247 -32.87 23.73 -28.08
C PHE B 247 -33.89 23.02 -28.96
N GLY B 248 -34.75 23.81 -29.63
CA GLY B 248 -35.74 23.22 -30.52
C GLY B 248 -35.13 22.52 -31.71
N TYR B 249 -34.01 23.06 -32.22
CA TYR B 249 -33.32 22.46 -33.36
C TYR B 249 -32.77 21.09 -33.00
N GLY B 250 -32.15 20.97 -31.82
CA GLY B 250 -31.69 19.67 -31.36
C GLY B 250 -32.82 18.69 -31.13
N ALA B 251 -33.93 19.17 -30.55
CA ALA B 251 -35.08 18.30 -30.32
C ALA B 251 -35.68 17.80 -31.63
N GLN B 252 -35.81 18.69 -32.62
CA GLN B 252 -36.36 18.29 -33.92
C GLN B 252 -35.40 17.38 -34.66
N ALA B 253 -34.09 17.62 -34.55
CA ALA B 253 -33.12 16.76 -35.19
C ALA B 253 -33.14 15.36 -34.60
N VAL B 254 -33.35 15.25 -33.28
CA VAL B 254 -33.48 13.93 -32.66
C VAL B 254 -34.77 13.26 -33.11
N ILE B 255 -35.88 13.99 -33.07
CA ILE B 255 -37.18 13.37 -33.33
C ILE B 255 -37.43 13.21 -34.83
N THR B 256 -37.48 14.34 -35.55
CA THR B 256 -37.86 14.29 -36.96
C THR B 256 -36.75 13.77 -37.86
N GLY B 257 -35.50 13.99 -37.48
CA GLY B 257 -34.38 13.62 -38.34
C GLY B 257 -34.30 14.45 -39.61
N ASP B 258 -34.63 15.74 -39.53
CA ASP B 258 -34.59 16.62 -40.68
C ASP B 258 -34.19 18.01 -40.22
N GLY B 259 -33.98 18.90 -41.18
CA GLY B 259 -33.61 20.26 -40.90
C GLY B 259 -34.74 21.04 -40.26
N PRO B 260 -34.40 22.09 -39.50
CA PRO B 260 -35.44 22.91 -38.87
C PRO B 260 -36.37 23.60 -39.86
N PHE B 261 -35.85 24.00 -41.03
CA PHE B 261 -36.71 24.61 -42.03
C PHE B 261 -37.67 23.60 -42.63
N ASP B 262 -37.26 22.34 -42.76
CA ASP B 262 -38.16 21.29 -43.20
C ASP B 262 -39.30 21.09 -42.21
N ASN B 263 -39.00 21.12 -40.91
CA ASN B 263 -40.03 21.02 -39.90
C ASN B 263 -40.95 22.23 -39.92
N LEU B 264 -40.39 23.42 -40.15
CA LEU B 264 -41.22 24.62 -40.27
C LEU B 264 -42.16 24.53 -41.46
N LEU B 265 -41.66 24.04 -42.60
CA LEU B 265 -42.50 23.88 -43.78
C LEU B 265 -43.57 22.81 -43.56
N ALA B 266 -43.23 21.76 -42.82
CA ALA B 266 -44.22 20.73 -42.50
C ALA B 266 -45.32 21.28 -41.60
N HIS B 267 -44.95 22.09 -40.61
CA HIS B 267 -45.96 22.72 -39.75
C HIS B 267 -46.80 23.74 -40.52
N LEU B 268 -46.18 24.43 -41.49
CA LEU B 268 -46.92 25.40 -42.30
C LEU B 268 -47.92 24.70 -43.23
N ALA B 269 -47.51 23.61 -43.86
CA ALA B 269 -48.39 22.91 -44.79
C ALA B 269 -49.54 22.23 -44.07
N ASP B 270 -49.24 21.51 -43.00
CA ASP B 270 -50.26 20.83 -42.20
C ASP B 270 -49.99 21.12 -40.73
N PRO B 271 -50.75 22.00 -40.10
CA PRO B 271 -50.53 22.31 -38.68
C PRO B 271 -50.80 21.13 -37.77
N THR B 272 -51.99 20.54 -37.84
CA THR B 272 -52.33 19.41 -37.00
C THR B 272 -51.68 18.12 -37.51
N GLY B 273 -51.50 17.98 -38.82
CA GLY B 273 -50.90 16.78 -39.38
C GLY B 273 -49.40 16.70 -39.21
N ALA B 274 -48.75 17.83 -38.86
CA ALA B 274 -47.31 17.86 -38.63
C ALA B 274 -47.05 18.83 -37.48
N ASN B 275 -46.97 18.28 -36.26
CA ASN B 275 -46.69 19.07 -35.08
C ASN B 275 -46.00 18.17 -34.07
N LEU B 276 -45.87 18.66 -32.82
CA LEU B 276 -45.24 17.87 -31.77
C LEU B 276 -46.07 16.62 -31.44
N ILE B 277 -47.40 16.75 -31.44
CA ILE B 277 -48.26 15.61 -31.13
C ILE B 277 -48.13 14.54 -32.21
N THR B 278 -48.14 14.93 -33.48
CA THR B 278 -48.00 13.97 -34.56
C THR B 278 -46.56 13.48 -34.72
N ASN B 279 -45.58 14.21 -34.18
CA ASN B 279 -44.18 13.81 -34.31
C ASN B 279 -43.90 12.49 -33.58
N LEU B 280 -44.46 12.33 -32.39
CA LEU B 280 -44.18 11.15 -31.57
C LEU B 280 -45.29 10.10 -31.66
N GLY B 281 -46.17 10.21 -32.65
CA GLY B 281 -47.16 9.19 -32.92
C GLY B 281 -48.56 9.50 -32.44
N GLY B 282 -48.75 10.56 -31.68
CA GLY B 282 -50.07 10.90 -31.19
C GLY B 282 -50.96 11.50 -32.27
N LYS B 283 -52.23 11.64 -31.93
CA LYS B 283 -53.21 12.19 -32.85
C LYS B 283 -53.78 13.50 -32.32
N ALA C 39 15.28 41.28 -19.01
CA ALA C 39 15.83 40.09 -18.35
C ALA C 39 15.09 39.80 -17.05
N GLY C 40 13.81 40.10 -17.02
CA GLY C 40 13.00 39.86 -15.85
C GLY C 40 11.82 40.81 -15.80
N ALA C 41 11.05 40.67 -14.72
CA ALA C 41 9.86 41.47 -14.43
C ALA C 41 8.85 41.45 -15.58
N ASP C 42 8.86 42.49 -16.41
CA ASP C 42 7.94 42.59 -17.54
C ASP C 42 8.54 41.85 -18.75
N ARG C 43 8.55 40.53 -18.63
CA ARG C 43 9.07 39.64 -19.67
C ARG C 43 7.93 38.83 -20.27
N PRO C 44 8.05 38.40 -21.53
CA PRO C 44 7.04 37.50 -22.10
C PRO C 44 7.05 36.16 -21.38
N LEU C 45 5.85 35.68 -21.03
CA LEU C 45 5.69 34.48 -20.24
C LEU C 45 5.12 33.36 -21.10
N TRP C 46 4.97 32.17 -20.49
CA TRP C 46 4.36 31.05 -21.18
C TRP C 46 2.90 31.28 -21.47
N SER C 47 2.21 32.01 -20.59
CA SER C 47 0.82 32.40 -20.79
C SER C 47 0.67 33.87 -20.42
N PRO C 48 0.16 34.70 -21.33
CA PRO C 48 0.01 36.14 -21.03
C PRO C 48 -1.03 36.36 -19.94
N GLY C 49 -0.61 37.01 -18.86
CA GLY C 49 -1.46 37.28 -17.73
C GLY C 49 -1.26 36.36 -16.55
N SER C 50 -0.61 35.22 -16.74
CA SER C 50 -0.34 34.32 -15.63
C SER C 50 0.73 34.92 -14.72
N GLN C 51 0.58 34.67 -13.42
CA GLN C 51 1.56 35.18 -12.47
C GLN C 51 2.83 34.34 -12.52
N PRO C 52 3.99 34.95 -12.73
CA PRO C 52 5.23 34.17 -12.74
C PRO C 52 5.55 33.67 -11.35
N PRO C 53 6.23 32.52 -11.24
CA PRO C 53 6.64 32.04 -9.93
C PRO C 53 7.67 32.94 -9.27
N ALA C 54 7.68 32.91 -7.93
CA ALA C 54 8.62 33.74 -7.18
C ALA C 54 10.06 33.31 -7.42
N TRP C 55 10.31 32.00 -7.51
CA TRP C 55 11.66 31.51 -7.74
C TRP C 55 12.11 31.71 -9.18
N LEU C 56 11.18 31.95 -10.11
CA LEU C 56 11.52 32.21 -11.51
C LEU C 56 11.47 33.72 -11.74
N ASP C 57 12.58 34.37 -11.41
CA ASP C 57 12.68 35.82 -11.55
C ASP C 57 13.07 36.27 -12.95
N GLY C 58 13.40 35.34 -13.85
CA GLY C 58 13.79 35.69 -15.19
C GLY C 58 15.29 35.80 -15.42
N SER C 59 16.10 35.50 -14.41
CA SER C 59 17.56 35.59 -14.57
C SER C 59 18.08 34.47 -15.47
N LEU C 60 17.49 33.28 -15.37
CA LEU C 60 17.92 32.16 -16.18
C LEU C 60 17.51 32.34 -17.63
N ALA C 61 18.25 31.69 -18.53
CA ALA C 61 17.96 31.77 -19.95
C ALA C 61 16.71 30.96 -20.28
N GLY C 62 15.84 31.55 -21.08
CA GLY C 62 14.58 30.89 -21.43
C GLY C 62 13.59 30.81 -20.28
N ASP C 63 13.67 31.75 -19.34
CA ASP C 63 12.78 31.76 -18.18
C ASP C 63 11.47 32.43 -18.59
N TYR C 64 10.49 31.61 -18.95
CA TYR C 64 9.16 32.08 -19.30
C TYR C 64 8.16 31.92 -18.16
N GLY C 65 8.62 31.60 -16.96
CA GLY C 65 7.75 31.41 -15.82
C GLY C 65 6.81 30.23 -15.95
N PHE C 66 7.26 29.16 -16.60
CA PHE C 66 6.44 27.98 -16.86
C PHE C 66 6.72 26.93 -15.79
N ASP C 67 5.80 26.78 -14.84
CA ASP C 67 5.97 25.80 -13.78
C ASP C 67 4.65 25.41 -13.14
N PRO C 68 3.83 24.57 -13.78
CA PRO C 68 2.60 24.09 -13.12
C PRO C 68 2.85 23.26 -11.87
N LEU C 69 3.94 22.50 -11.83
CA LEU C 69 4.21 21.60 -10.71
C LEU C 69 5.08 22.24 -9.63
N HIS C 70 5.49 23.49 -9.81
CA HIS C 70 6.26 24.27 -8.82
C HIS C 70 7.57 23.56 -8.45
N LEU C 71 8.28 23.07 -9.46
CA LEU C 71 9.57 22.47 -9.25
C LEU C 71 10.66 23.53 -9.18
N SER C 72 11.87 23.09 -8.83
CA SER C 72 13.08 23.95 -8.81
C SER C 72 12.92 25.15 -7.88
N GLU C 73 12.16 24.96 -6.79
CA GLU C 73 11.94 26.04 -5.85
C GLU C 73 13.21 26.32 -5.04
N GLU C 74 13.90 25.28 -4.62
CA GLU C 74 15.15 25.43 -3.89
C GLU C 74 16.27 25.79 -4.85
N PRO C 75 17.25 26.59 -4.40
CA PRO C 75 18.39 26.93 -5.27
C PRO C 75 19.18 25.73 -5.73
N GLU C 76 19.37 24.72 -4.88
CA GLU C 76 20.09 23.53 -5.29
C GLU C 76 19.27 22.70 -6.28
N MET C 77 17.96 22.60 -6.05
CA MET C 77 17.09 21.92 -7.00
C MET C 77 17.03 22.69 -8.32
N ARG C 78 17.04 24.02 -8.25
CA ARG C 78 17.07 24.83 -9.47
C ARG C 78 18.37 24.62 -10.24
N LYS C 79 19.50 24.54 -9.54
CA LYS C 79 20.77 24.28 -10.21
C LYS C 79 20.79 22.90 -10.86
N TRP C 80 20.29 21.89 -10.14
CA TRP C 80 20.21 20.54 -10.70
C TRP C 80 19.32 20.50 -11.94
N MET C 81 18.16 21.18 -11.87
CA MET C 81 17.25 21.20 -13.01
C MET C 81 17.85 21.96 -14.19
N VAL C 82 18.58 23.05 -13.93
CA VAL C 82 19.22 23.79 -15.01
C VAL C 82 20.29 22.96 -15.69
N GLN C 83 21.11 22.26 -14.90
CA GLN C 83 22.16 21.41 -15.48
C GLN C 83 21.54 20.25 -16.27
N ALA C 84 20.49 19.64 -15.73
CA ALA C 84 19.82 18.54 -16.43
C ALA C 84 19.18 19.02 -17.73
N GLU C 85 18.53 20.19 -17.70
CA GLU C 85 17.93 20.73 -18.91
C GLU C 85 18.99 21.06 -19.95
N LEU C 86 20.14 21.59 -19.52
CA LEU C 86 21.20 21.92 -20.46
C LEU C 86 21.79 20.68 -21.12
N VAL C 87 22.06 19.62 -20.34
CA VAL C 87 22.65 18.43 -20.93
C VAL C 87 21.63 17.69 -21.80
N HIS C 88 20.36 17.64 -21.36
CA HIS C 88 19.31 17.06 -22.18
C HIS C 88 19.13 17.85 -23.48
N ALA C 89 19.26 19.18 -23.41
CA ALA C 89 19.17 20.03 -24.60
C ALA C 89 20.30 19.74 -25.57
N ARG C 90 21.53 19.68 -25.07
CA ARG C 90 22.67 19.46 -25.94
C ARG C 90 22.60 18.09 -26.61
N TRP C 91 22.23 17.05 -25.83
CA TRP C 91 22.12 15.73 -26.41
C TRP C 91 20.95 15.62 -27.37
N ALA C 92 19.83 16.31 -27.07
CA ALA C 92 18.69 16.30 -27.97
C ALA C 92 19.01 16.99 -29.29
N MET C 93 19.68 18.14 -29.25
CA MET C 93 20.05 18.83 -30.47
C MET C 93 21.05 18.01 -31.28
N LEU C 94 22.02 17.37 -30.62
CA LEU C 94 22.97 16.52 -31.34
C LEU C 94 22.28 15.33 -32.00
N GLY C 95 21.40 14.66 -31.25
CA GLY C 95 20.71 13.50 -31.81
C GLY C 95 19.76 13.86 -32.94
N VAL C 96 19.02 14.96 -32.78
CA VAL C 96 18.07 15.37 -33.82
C VAL C 96 18.82 15.82 -35.07
N ALA C 97 19.95 16.53 -34.90
CA ALA C 97 20.76 16.92 -36.05
C ALA C 97 21.33 15.71 -36.77
N GLY C 98 21.82 14.72 -36.02
CA GLY C 98 22.32 13.51 -36.66
C GLY C 98 21.24 12.73 -37.37
N ILE C 99 20.05 12.63 -36.76
CA ILE C 99 18.93 11.94 -37.37
C ILE C 99 18.50 12.65 -38.66
N LEU C 100 18.40 13.98 -38.62
CA LEU C 100 18.00 14.74 -39.79
C LEU C 100 19.03 14.62 -40.91
N PHE C 101 20.32 14.68 -40.56
CA PHE C 101 21.36 14.54 -41.59
C PHE C 101 21.33 13.16 -42.23
N THR C 102 21.20 12.11 -41.42
CA THR C 102 21.17 10.75 -41.95
C THR C 102 19.93 10.53 -42.83
N SER C 103 18.77 11.04 -42.39
CA SER C 103 17.55 10.86 -43.16
C SER C 103 17.57 11.67 -44.45
N ILE C 104 18.14 12.87 -44.42
CA ILE C 104 18.27 13.68 -45.63
C ILE C 104 19.21 13.01 -46.62
N ALA C 105 20.33 12.48 -46.14
CA ALA C 105 21.25 11.76 -47.02
C ALA C 105 20.61 10.50 -47.58
N ALA C 106 19.81 9.80 -46.77
CA ALA C 106 19.11 8.60 -47.25
C ALA C 106 18.09 8.95 -48.33
N LYS C 107 17.37 10.06 -48.15
CA LYS C 107 16.41 10.48 -49.18
C LYS C 107 17.12 10.98 -50.44
N ASN C 108 18.31 11.56 -50.29
CA ASN C 108 19.06 12.01 -51.46
C ASN C 108 19.60 10.82 -52.27
N GLY C 109 19.93 9.72 -51.60
CA GLY C 109 20.40 8.55 -52.31
C GLY C 109 21.50 7.79 -51.59
N ALA C 110 22.05 8.37 -50.53
CA ALA C 110 23.11 7.71 -49.78
C ALA C 110 22.55 6.51 -49.03
N PRO C 111 23.30 5.41 -48.93
CA PRO C 111 22.80 4.22 -48.23
C PRO C 111 22.81 4.38 -46.72
N PHE C 112 21.86 5.15 -46.18
CA PHE C 112 21.74 5.32 -44.75
C PHE C 112 20.44 4.73 -44.24
N PRO C 113 20.47 4.00 -43.12
CA PRO C 113 19.24 3.41 -42.59
C PRO C 113 18.38 4.47 -41.91
N ASP C 114 17.17 4.05 -41.56
CA ASP C 114 16.25 4.91 -40.83
C ASP C 114 16.76 5.14 -39.41
N TRP C 115 16.27 6.22 -38.79
CA TRP C 115 16.68 6.54 -37.43
C TRP C 115 16.19 5.49 -36.43
N TYR C 116 15.01 4.92 -36.66
CA TYR C 116 14.61 3.75 -35.90
C TYR C 116 15.36 2.53 -36.39
N ASP C 117 15.57 1.58 -35.46
CA ASP C 117 16.30 0.32 -35.64
C ASP C 117 17.61 0.46 -36.41
N ALA C 118 18.29 1.59 -36.26
CA ALA C 118 19.60 1.76 -36.88
C ALA C 118 20.68 0.97 -36.14
N GLY C 119 20.45 0.68 -34.85
CA GLY C 119 21.43 -0.08 -34.09
C GLY C 119 21.62 -1.49 -34.59
N LYS C 120 20.57 -2.10 -35.15
CA LYS C 120 20.65 -3.46 -35.65
C LYS C 120 21.68 -3.59 -36.77
N GLU C 121 21.49 -2.83 -37.86
CA GLU C 121 22.48 -2.82 -38.92
C GLU C 121 23.80 -2.21 -38.46
N ALA C 122 23.75 -1.33 -37.46
CA ALA C 122 24.96 -0.68 -36.96
C ALA C 122 25.92 -1.71 -36.36
N ILE C 123 25.44 -2.54 -35.42
CA ILE C 123 26.34 -3.57 -34.89
C ILE C 123 26.38 -4.80 -35.76
N LYS C 124 25.53 -4.89 -36.80
CA LYS C 124 25.75 -5.89 -37.83
C LYS C 124 26.99 -5.55 -38.66
N THR C 125 27.27 -4.27 -38.87
CA THR C 125 28.44 -3.86 -39.63
C THR C 125 29.57 -3.31 -38.76
N SER C 126 29.36 -3.18 -37.44
CA SER C 126 30.40 -2.58 -36.60
C SER C 126 31.53 -3.59 -36.36
N PRO C 127 32.79 -3.13 -36.42
CA PRO C 127 33.89 -3.97 -35.92
C PRO C 127 33.79 -4.24 -34.43
N ALA C 128 33.20 -3.32 -33.67
CA ALA C 128 33.01 -3.50 -32.23
C ALA C 128 31.63 -4.08 -31.97
N PRO C 129 31.53 -5.28 -31.40
CA PRO C 129 30.21 -5.86 -31.14
C PRO C 129 29.55 -5.19 -29.95
N LEU C 130 28.29 -5.57 -29.72
CA LEU C 130 27.56 -5.09 -28.56
C LEU C 130 28.15 -5.68 -27.28
N GLY C 131 27.89 -5.01 -26.17
CA GLY C 131 28.52 -5.36 -24.91
C GLY C 131 29.82 -4.61 -24.73
N SER C 132 30.80 -4.89 -25.60
CA SER C 132 32.06 -4.16 -25.55
C SER C 132 31.89 -2.69 -25.92
N LEU C 133 31.05 -2.42 -26.92
CA LEU C 133 30.88 -1.05 -27.39
C LEU C 133 30.17 -0.18 -26.36
N ILE C 134 29.07 -0.68 -25.79
CA ILE C 134 28.30 0.10 -24.83
C ILE C 134 29.10 0.32 -23.55
N PHE C 135 29.84 -0.71 -23.11
CA PHE C 135 30.63 -0.56 -21.89
C PHE C 135 31.86 0.32 -22.12
N THR C 136 32.42 0.28 -23.32
CA THR C 136 33.48 1.24 -23.67
C THR C 136 32.94 2.67 -23.66
N GLU C 137 31.73 2.86 -24.19
CA GLU C 137 31.10 4.17 -24.15
C GLU C 137 30.85 4.62 -22.71
N LEU C 138 30.42 3.69 -21.85
CA LEU C 138 30.19 4.02 -20.44
C LEU C 138 31.48 4.39 -19.74
N LEU C 139 32.57 3.67 -20.02
CA LEU C 139 33.86 4.00 -19.43
C LEU C 139 34.37 5.36 -19.92
N LEU C 140 34.16 5.65 -21.20
CA LEU C 140 34.57 6.96 -21.73
C LEU C 140 33.70 8.08 -21.19
N PHE C 141 32.44 7.79 -20.89
CA PHE C 141 31.50 8.80 -20.42
C PHE C 141 31.57 9.05 -18.93
N GLY C 142 32.05 8.06 -18.16
CA GLY C 142 32.03 8.19 -16.71
C GLY C 142 32.89 9.34 -16.20
N TRP C 143 34.07 9.52 -16.80
CA TRP C 143 34.95 10.62 -16.41
C TRP C 143 34.28 11.97 -16.61
N VAL C 144 33.73 12.20 -17.80
CA VAL C 144 33.09 13.48 -18.11
C VAL C 144 31.87 13.69 -17.23
N GLU C 145 31.07 12.65 -17.01
CA GLU C 145 29.86 12.80 -16.22
C GLU C 145 30.16 13.08 -14.76
N THR C 146 31.17 12.40 -14.19
CA THR C 146 31.48 12.66 -12.79
C THR C 146 32.20 14.00 -12.60
N LYS C 147 32.97 14.44 -13.61
CA LYS C 147 33.55 15.78 -13.54
C LYS C 147 32.48 16.84 -13.62
N ARG C 148 31.47 16.63 -14.47
CA ARG C 148 30.33 17.55 -14.53
C ARG C 148 29.57 17.57 -13.22
N LEU C 149 29.35 16.39 -12.62
CA LEU C 149 28.61 16.31 -11.37
C LEU C 149 29.34 17.01 -10.24
N TYR C 150 30.65 16.80 -10.11
CA TYR C 150 31.38 17.42 -9.02
C TYR C 150 31.76 18.87 -9.32
N ASP C 151 31.66 19.32 -10.57
CA ASP C 151 31.70 20.74 -10.84
C ASP C 151 30.37 21.42 -10.49
N LEU C 152 29.26 20.72 -10.72
CA LEU C 152 27.95 21.24 -10.31
C LEU C 152 27.85 21.33 -8.80
N ARG C 153 28.33 20.30 -8.09
CA ARG C 153 28.29 20.32 -6.63
C ARG C 153 29.29 21.32 -6.07
N ASN C 154 30.52 21.30 -6.58
CA ASN C 154 31.57 22.23 -6.17
C ASN C 154 32.02 23.04 -7.36
N PRO C 155 31.58 24.29 -7.49
CA PRO C 155 31.96 25.11 -8.67
C PRO C 155 33.43 25.48 -8.63
N GLY C 156 34.11 25.30 -9.76
CA GLY C 156 35.50 25.67 -9.90
C GLY C 156 36.48 24.69 -9.29
N SER C 157 36.01 23.57 -8.74
CA SER C 157 36.90 22.61 -8.10
C SER C 157 37.70 21.79 -9.12
N GLN C 158 37.16 21.61 -10.33
CA GLN C 158 37.85 20.80 -11.33
C GLN C 158 39.09 21.49 -11.84
N GLY C 159 39.04 22.81 -12.04
CA GLY C 159 40.17 23.55 -12.54
C GLY C 159 41.19 23.88 -11.47
N ASP C 160 41.87 22.86 -10.96
CA ASP C 160 42.89 23.06 -9.93
C ASP C 160 44.15 22.27 -10.21
N GLY C 161 44.36 21.86 -11.47
CA GLY C 161 45.52 21.09 -11.83
C GLY C 161 45.41 19.60 -11.56
N SER C 162 44.25 19.12 -11.12
CA SER C 162 44.10 17.70 -10.85
C SER C 162 44.09 16.88 -12.14
N PHE C 163 43.47 17.40 -13.19
CA PHE C 163 43.39 16.71 -14.47
C PHE C 163 44.46 17.27 -15.41
N LEU C 164 45.60 16.59 -15.47
CA LEU C 164 46.69 16.90 -16.40
C LEU C 164 47.24 18.32 -16.21
N GLY C 165 47.18 18.83 -14.98
CA GLY C 165 47.72 20.14 -14.67
C GLY C 165 47.00 21.31 -15.33
N ILE C 166 45.67 21.29 -15.34
CA ILE C 166 44.87 22.36 -15.91
C ILE C 166 44.25 23.15 -14.77
N THR C 167 44.60 24.44 -14.69
CA THR C 167 44.12 25.32 -13.62
C THR C 167 43.16 26.38 -14.13
N ASP C 168 43.57 27.17 -15.13
CA ASP C 168 42.69 28.19 -15.67
C ASP C 168 41.50 27.59 -16.38
N GLY C 169 41.71 26.52 -17.14
CA GLY C 169 40.63 25.81 -17.78
C GLY C 169 39.92 24.88 -16.83
N LEU C 170 38.90 24.21 -17.37
CA LEU C 170 38.05 23.25 -16.64
C LEU C 170 37.40 23.89 -15.41
N LYS C 171 37.10 25.18 -15.50
CA LYS C 171 36.38 25.90 -14.45
C LYS C 171 35.06 26.38 -15.01
N GLY C 172 33.97 26.10 -14.29
CA GLY C 172 32.65 26.46 -14.75
C GLY C 172 32.44 27.96 -14.66
N LYS C 173 32.20 28.60 -15.82
CA LYS C 173 31.87 30.02 -15.81
C LYS C 173 30.52 30.26 -15.13
N GLU C 174 29.53 29.42 -15.42
CA GLU C 174 28.23 29.52 -14.80
C GLU C 174 27.79 28.17 -14.25
N ASN C 175 26.52 28.05 -13.86
CA ASN C 175 25.98 26.83 -13.30
C ASN C 175 26.05 25.68 -14.30
N GLY C 176 25.33 25.80 -15.41
CA GLY C 176 25.35 24.81 -16.47
C GLY C 176 26.18 25.19 -17.68
N TYR C 177 27.04 26.19 -17.56
CA TYR C 177 27.81 26.72 -18.69
C TYR C 177 29.28 26.72 -18.31
N PRO C 178 30.00 25.63 -18.59
CA PRO C 178 31.40 25.52 -18.15
C PRO C 178 32.35 26.50 -18.84
N GLY C 179 32.33 26.54 -20.17
CA GLY C 179 33.32 27.35 -20.85
C GLY C 179 34.70 26.73 -20.81
N GLY C 180 35.71 27.59 -20.94
CA GLY C 180 37.08 27.11 -20.90
C GLY C 180 37.46 26.45 -22.22
N LEU C 181 37.96 25.22 -22.13
CA LEU C 181 38.36 24.49 -23.34
C LEU C 181 37.16 24.03 -24.16
N PHE C 182 35.98 23.97 -23.55
CA PHE C 182 34.75 23.68 -24.28
C PHE C 182 34.25 24.89 -25.06
N ASP C 183 34.87 26.05 -24.87
CA ASP C 183 34.59 27.25 -25.65
C ASP C 183 35.91 27.73 -26.22
N PRO C 184 36.39 27.10 -27.30
CA PRO C 184 37.71 27.48 -27.84
C PRO C 184 37.76 28.89 -28.39
N MET C 185 36.82 29.24 -29.27
CA MET C 185 36.69 30.62 -29.73
C MET C 185 35.88 31.39 -28.70
N GLY C 186 36.36 32.58 -28.35
CA GLY C 186 35.76 33.35 -27.27
C GLY C 186 34.76 34.41 -27.65
N MET C 187 33.60 34.01 -28.17
CA MET C 187 32.49 34.95 -28.33
C MET C 187 31.56 34.98 -27.13
N SER C 188 31.82 34.15 -26.12
CA SER C 188 31.08 34.19 -24.86
C SER C 188 31.71 35.11 -23.84
N LYS C 189 32.80 35.80 -24.20
CA LYS C 189 33.44 36.75 -23.30
C LYS C 189 32.53 37.96 -23.03
N ASN C 190 31.86 38.44 -24.07
CA ASN C 190 30.90 39.54 -23.90
C ASN C 190 29.68 39.04 -23.14
N GLU C 191 29.25 39.80 -22.13
CA GLU C 191 28.15 39.37 -21.28
C GLU C 191 26.83 39.36 -22.03
N ALA C 192 26.54 40.40 -22.80
CA ALA C 192 25.30 40.44 -23.58
C ALA C 192 25.29 39.36 -24.65
N SER C 193 26.43 39.16 -25.32
CA SER C 193 26.53 38.09 -26.32
C SER C 193 26.37 36.72 -25.67
N PHE C 194 26.94 36.54 -24.47
CA PHE C 194 26.77 35.28 -23.76
C PHE C 194 25.32 35.04 -23.37
N LYS C 195 24.62 36.09 -22.92
CA LYS C 195 23.21 35.95 -22.58
C LYS C 195 22.36 35.61 -23.81
N GLU C 196 22.62 36.28 -24.93
CA GLU C 196 21.89 35.98 -26.16
C GLU C 196 22.17 34.56 -26.64
N ALA C 197 23.43 34.12 -26.53
CA ALA C 197 23.78 32.75 -26.91
C ALA C 197 23.09 31.74 -26.01
N LYS C 198 23.00 32.03 -24.70
CA LYS C 198 22.30 31.14 -23.78
C LYS C 198 20.82 31.04 -24.14
N VAL C 199 20.18 32.17 -24.45
CA VAL C 199 18.77 32.18 -24.80
C VAL C 199 18.54 31.40 -26.10
N LYS C 200 19.40 31.64 -27.10
CA LYS C 200 19.28 30.91 -28.37
C LYS C 200 19.49 29.43 -28.18
N GLU C 201 20.47 29.04 -27.35
CA GLU C 201 20.76 27.63 -27.11
C GLU C 201 19.60 26.94 -26.41
N ILE C 202 19.02 27.58 -25.38
CA ILE C 202 17.93 26.92 -24.67
C ILE C 202 16.67 26.85 -25.53
N LYS C 203 16.43 27.85 -26.39
CA LYS C 203 15.26 27.81 -27.25
C LYS C 203 15.40 26.73 -28.32
N ASN C 204 16.57 26.65 -28.96
CA ASN C 204 16.80 25.58 -29.93
C ASN C 204 16.83 24.22 -29.25
N GLY C 205 17.24 24.14 -27.98
CA GLY C 205 17.19 22.89 -27.26
C GLY C 205 15.78 22.41 -26.99
N ARG C 206 14.89 23.32 -26.55
CA ARG C 206 13.50 22.94 -26.35
C ARG C 206 12.84 22.56 -27.67
N LEU C 207 13.18 23.27 -28.74
CA LEU C 207 12.66 22.92 -30.07
C LEU C 207 13.14 21.53 -30.49
N ALA C 208 14.40 21.20 -30.20
CA ALA C 208 14.91 19.87 -30.54
C ALA C 208 14.31 18.79 -29.64
N MET C 209 13.97 19.12 -28.39
CA MET C 209 13.28 18.17 -27.54
C MET C 209 11.93 17.80 -28.15
N LEU C 210 11.15 18.81 -28.54
CA LEU C 210 9.87 18.54 -29.18
C LEU C 210 10.05 17.87 -30.53
N ALA C 211 11.15 18.16 -31.23
CA ALA C 211 11.44 17.49 -32.49
C ALA C 211 11.71 16.01 -32.29
N PHE C 212 12.45 15.65 -31.25
CA PHE C 212 12.72 14.24 -30.97
C PHE C 212 11.45 13.51 -30.53
N VAL C 213 10.61 14.16 -29.72
CA VAL C 213 9.33 13.57 -29.34
C VAL C 213 8.45 13.36 -30.57
N GLY C 214 8.43 14.34 -31.48
CA GLY C 214 7.71 14.18 -32.72
C GLY C 214 8.26 13.07 -33.58
N PHE C 215 9.59 12.93 -33.62
CA PHE C 215 10.23 11.83 -34.34
C PHE C 215 9.72 10.49 -33.84
N ILE C 216 9.74 10.29 -32.51
CA ILE C 216 9.27 9.05 -31.91
C ILE C 216 7.81 8.82 -32.24
N ALA C 217 6.98 9.86 -32.08
CA ALA C 217 5.54 9.71 -32.23
C ALA C 217 5.15 9.38 -33.67
N GLN C 218 5.63 10.16 -34.63
CA GLN C 218 5.19 9.89 -36.00
C GLN C 218 6.00 8.79 -36.67
N HIS C 219 7.10 8.32 -36.08
CA HIS C 219 7.66 7.05 -36.56
C HIS C 219 6.89 5.86 -35.99
N HIS C 220 6.36 5.97 -34.77
CA HIS C 220 5.49 4.91 -34.28
C HIS C 220 4.15 4.91 -35.01
N ALA C 221 3.73 6.08 -35.51
CA ALA C 221 2.46 6.19 -36.22
C ALA C 221 2.57 5.84 -37.70
N THR C 222 3.62 6.26 -38.39
CA THR C 222 3.71 6.09 -39.83
C THR C 222 4.74 5.06 -40.28
N HIS C 223 5.67 4.67 -39.40
CA HIS C 223 6.76 3.73 -39.73
C HIS C 223 7.57 4.19 -40.93
N LYS C 224 7.84 5.51 -40.99
CA LYS C 224 8.62 6.09 -42.07
C LYS C 224 9.58 7.12 -41.47
N SER C 225 10.52 7.57 -42.31
CA SER C 225 11.49 8.54 -41.87
C SER C 225 10.83 9.90 -41.64
N PRO C 226 11.39 10.73 -40.75
CA PRO C 226 10.85 12.09 -40.58
C PRO C 226 10.90 12.92 -41.84
N ILE C 227 11.94 12.75 -42.66
CA ILE C 227 11.99 13.43 -43.95
C ILE C 227 10.90 12.89 -44.88
N ASP C 228 10.61 11.59 -44.81
CA ASP C 228 9.50 11.04 -45.58
C ASP C 228 8.18 11.65 -45.15
N ASN C 229 7.98 11.83 -43.83
CA ASN C 229 6.79 12.51 -43.34
C ASN C 229 6.74 13.96 -43.81
N LEU C 230 7.89 14.63 -43.86
CA LEU C 230 7.93 16.01 -44.32
C LEU C 230 7.55 16.13 -45.80
N VAL C 231 8.09 15.24 -46.64
CA VAL C 231 7.73 15.26 -48.06
C VAL C 231 6.27 14.88 -48.25
N ASP C 232 5.76 13.95 -47.44
CA ASP C 232 4.34 13.60 -47.54
C ASP C 232 3.44 14.76 -47.10
N HIS C 233 3.89 15.55 -46.12
CA HIS C 233 3.09 16.70 -45.68
C HIS C 233 3.15 17.83 -46.71
N VAL C 234 4.31 18.05 -47.33
CA VAL C 234 4.40 19.13 -48.32
C VAL C 234 3.96 18.68 -49.72
N ALA C 235 3.64 17.41 -49.90
CA ALA C 235 3.11 16.93 -51.18
C ALA C 235 1.59 17.11 -51.25
N ASP C 236 0.88 16.58 -50.26
CA ASP C 236 -0.57 16.74 -50.15
C ASP C 236 -0.89 17.22 -48.73
N PRO C 237 -0.73 18.52 -48.46
CA PRO C 237 -1.03 19.03 -47.12
C PRO C 237 -2.49 18.90 -46.73
N PHE C 238 -3.40 18.97 -47.70
CA PHE C 238 -4.82 18.94 -47.39
C PHE C 238 -5.29 17.56 -46.97
N HIS C 239 -4.55 16.51 -47.30
CA HIS C 239 -4.93 15.14 -46.99
C HIS C 239 -3.97 14.46 -46.03
N VAL C 240 -2.67 14.49 -46.31
CA VAL C 240 -1.70 13.81 -45.48
C VAL C 240 -1.45 14.64 -44.22
N THR C 241 -1.75 14.05 -43.07
CA THR C 241 -1.64 14.73 -41.77
C THR C 241 -1.58 13.66 -40.69
N PHE C 242 -1.75 14.08 -39.44
CA PHE C 242 -1.76 13.15 -38.31
C PHE C 242 -3.08 12.41 -38.19
N ALA C 243 -4.10 12.79 -38.96
CA ALA C 243 -5.41 12.16 -38.87
C ALA C 243 -5.63 11.07 -39.90
N THR C 244 -4.73 10.90 -40.87
CA THR C 244 -4.91 9.93 -41.94
C THR C 244 -3.88 8.79 -41.88
N ASN C 245 -3.16 8.65 -40.78
CA ASN C 245 -2.17 7.60 -40.64
C ASN C 245 -2.75 6.29 -40.11
N GLY C 246 -4.00 6.29 -39.66
CA GLY C 246 -4.59 5.13 -39.04
C GLY C 246 -4.25 4.95 -37.58
N VAL C 247 -3.41 5.82 -37.02
CA VAL C 247 -2.99 5.77 -35.62
C VAL C 247 -3.44 7.12 -35.06
N SER C 248 -3.12 7.42 -33.80
CA SER C 248 -3.44 8.67 -33.09
C SER C 248 -4.94 8.81 -32.90
N VAL C 249 -5.68 9.01 -33.99
CA VAL C 249 -7.13 9.03 -33.96
C VAL C 249 -7.62 7.62 -34.26
N PRO C 250 -8.42 7.00 -33.40
CA PRO C 250 -8.90 5.64 -33.67
C PRO C 250 -10.14 5.64 -34.55
N HIS C 251 -10.23 4.60 -35.38
CA HIS C 251 -11.36 4.40 -36.28
C HIS C 251 -12.06 3.11 -35.89
N PHE C 252 -13.30 3.22 -35.43
CA PHE C 252 -14.06 2.07 -34.98
C PHE C 252 -15.24 1.76 -35.89
N THR C 253 -16.14 2.73 -36.11
CA THR C 253 -17.29 2.48 -36.97
C THR C 253 -16.98 2.61 -38.45
N GLU C 254 -15.92 3.35 -38.79
CA GLU C 254 -15.51 3.60 -40.18
C GLU C 254 -16.64 4.23 -41.00
N PHE C 255 -17.43 5.09 -40.35
CA PHE C 255 -18.57 5.73 -40.99
C PHE C 255 -18.98 6.97 -40.21
N ASN D 28 51.10 17.36 3.77
CA ASN D 28 49.80 17.50 3.14
C ASN D 28 49.33 16.18 2.54
N MET D 29 48.63 16.26 1.41
CA MET D 29 48.10 15.10 0.73
C MET D 29 48.77 14.94 -0.63
N ASN D 30 49.06 13.70 -1.01
CA ASN D 30 49.72 13.43 -2.28
C ASN D 30 48.81 13.78 -3.46
N GLY D 31 47.51 13.55 -3.30
CA GLY D 31 46.57 13.87 -4.36
C GLY D 31 45.16 13.68 -3.88
N ASN D 32 44.23 13.73 -4.84
CA ASN D 32 42.81 13.54 -4.55
C ASN D 32 42.29 12.40 -5.41
N TRP D 33 41.70 11.39 -4.76
CA TRP D 33 41.07 10.30 -5.49
C TRP D 33 39.78 10.77 -6.18
N LEU D 34 39.14 11.79 -5.62
CA LEU D 34 37.86 12.28 -6.12
C LEU D 34 37.90 13.80 -6.08
N PRO D 35 38.31 14.46 -7.17
CA PRO D 35 38.34 15.92 -7.19
C PRO D 35 36.93 16.50 -7.04
N GLY D 36 36.84 17.62 -6.33
CA GLY D 36 35.57 18.23 -6.03
C GLY D 36 34.85 17.67 -4.84
N SER D 37 35.43 16.69 -4.15
CA SER D 37 34.82 16.07 -2.98
C SER D 37 35.57 16.47 -1.72
N GLN D 38 34.83 16.58 -0.62
CA GLN D 38 35.44 16.96 0.65
C GLN D 38 36.25 15.80 1.21
N THR D 39 37.50 16.07 1.56
CA THR D 39 38.34 15.06 2.17
C THR D 39 37.88 14.78 3.61
N PRO D 40 38.06 13.55 4.09
CA PRO D 40 37.74 13.27 5.49
C PRO D 40 38.62 14.07 6.45
N ALA D 41 38.07 14.36 7.62
CA ALA D 41 38.77 15.19 8.60
C ALA D 41 40.03 14.51 9.10
N HIS D 42 39.98 13.19 9.31
CA HIS D 42 41.15 12.46 9.77
C HIS D 42 42.20 12.30 8.68
N LEU D 43 41.84 12.51 7.41
CA LEU D 43 42.76 12.37 6.30
C LEU D 43 43.21 13.71 5.73
N LYS D 44 42.76 14.83 6.28
CA LYS D 44 43.08 16.13 5.73
C LYS D 44 44.50 16.55 6.10
N ASP D 45 44.80 16.61 7.39
CA ASP D 45 46.12 17.02 7.87
C ASP D 45 47.09 15.85 7.99
N LEU D 46 46.67 14.64 7.63
CA LEU D 46 47.52 13.47 7.77
C LEU D 46 48.63 13.49 6.73
N LYS D 47 49.83 13.06 7.13
CA LYS D 47 51.00 13.08 6.27
C LYS D 47 51.57 11.68 6.01
N MET D 48 50.75 10.65 6.21
CA MET D 48 51.19 9.29 5.91
C MET D 48 51.23 9.09 4.39
N ALA D 49 52.26 8.38 3.93
CA ALA D 49 52.46 8.18 2.50
C ALA D 49 51.32 7.36 1.90
N GLY D 50 51.04 7.61 0.62
CA GLY D 50 49.96 6.95 -0.08
C GLY D 50 48.57 7.35 0.38
N ASN D 51 48.38 8.63 0.70
CA ASN D 51 47.08 9.14 1.11
C ASN D 51 46.46 10.00 0.00
N PHE D 52 45.17 9.78 -0.24
CA PHE D 52 44.45 10.53 -1.25
C PHE D 52 43.06 10.95 -0.80
N GLY D 53 42.76 10.84 0.49
CA GLY D 53 41.41 11.13 0.97
C GLY D 53 40.40 10.05 0.65
N PHE D 54 40.85 8.84 0.35
CA PHE D 54 39.94 7.75 -0.03
C PHE D 54 39.50 6.99 1.22
N ASP D 55 38.64 7.65 2.00
CA ASP D 55 37.93 7.01 3.10
C ASP D 55 36.46 7.43 3.05
N PRO D 56 35.70 6.93 2.07
CA PRO D 56 34.27 7.28 2.01
C PRO D 56 33.45 6.64 3.12
N LEU D 57 33.92 5.54 3.70
CA LEU D 57 33.20 4.85 4.76
C LEU D 57 33.63 5.30 6.15
N ASN D 58 34.65 6.16 6.25
CA ASN D 58 35.15 6.72 7.50
C ASN D 58 35.58 5.63 8.48
N LEU D 59 36.52 4.80 8.01
CA LEU D 59 37.05 3.72 8.84
C LEU D 59 38.37 4.07 9.51
N GLY D 60 39.06 5.10 9.05
CA GLY D 60 40.36 5.47 9.61
C GLY D 60 40.30 6.57 10.63
N ALA D 61 39.11 6.78 11.23
CA ALA D 61 38.95 7.85 12.21
C ALA D 61 39.78 7.59 13.47
N GLU D 62 39.78 6.36 13.96
CA GLU D 62 40.56 6.05 15.15
C GLU D 62 42.03 5.92 14.79
N PRO D 63 42.94 6.40 15.65
CA PRO D 63 44.37 6.34 15.30
C PRO D 63 44.94 4.93 15.34
N GLU D 64 44.62 4.16 16.38
CA GLU D 64 45.12 2.79 16.44
C GLU D 64 44.50 1.92 15.35
N ALA D 65 43.21 2.14 15.05
CA ALA D 65 42.58 1.44 13.94
C ALA D 65 43.23 1.82 12.61
N LEU D 66 43.60 3.09 12.45
CA LEU D 66 44.31 3.52 11.25
C LEU D 66 45.68 2.87 11.15
N ARG D 67 46.37 2.74 12.28
CA ARG D 67 47.68 2.07 12.28
C ARG D 67 47.56 0.61 11.90
N TRP D 68 46.56 -0.09 12.46
CA TRP D 68 46.34 -1.49 12.10
C TRP D 68 45.95 -1.63 10.65
N TYR D 69 45.12 -0.71 10.13
CA TYR D 69 44.74 -0.74 8.73
C TYR D 69 45.93 -0.51 7.82
N GLN D 70 46.82 0.41 8.19
CA GLN D 70 48.02 0.66 7.41
C GLN D 70 48.94 -0.56 7.40
N GLN D 71 49.11 -1.20 8.57
CA GLN D 71 49.95 -2.40 8.63
C GLN D 71 49.36 -3.55 7.83
N ALA D 72 48.03 -3.74 7.91
CA ALA D 72 47.37 -4.78 7.14
C ALA D 72 47.44 -4.52 5.65
N GLU D 73 47.30 -3.25 5.26
CA GLU D 73 47.45 -2.88 3.86
C GLU D 73 48.87 -3.15 3.36
N LEU D 74 49.87 -2.85 4.20
CA LEU D 74 51.25 -3.13 3.83
C LEU D 74 51.49 -4.63 3.65
N VAL D 75 50.94 -5.45 4.57
CA VAL D 75 51.15 -6.90 4.48
C VAL D 75 50.45 -7.46 3.25
N HIS D 76 49.18 -7.09 3.04
CA HIS D 76 48.43 -7.54 1.88
C HIS D 76 49.10 -7.11 0.59
N SER D 77 49.58 -5.86 0.54
CA SER D 77 50.25 -5.36 -0.66
C SER D 77 51.54 -6.09 -0.93
N ARG D 78 52.36 -6.33 0.11
CA ARG D 78 53.65 -6.99 -0.09
C ARG D 78 53.47 -8.42 -0.57
N THR D 79 52.56 -9.17 0.07
CA THR D 79 52.33 -10.54 -0.41
C THR D 79 51.66 -10.54 -1.78
N ALA D 80 50.89 -9.49 -2.10
CA ALA D 80 50.32 -9.38 -3.43
C ALA D 80 51.40 -9.13 -4.48
N MET D 81 52.39 -8.28 -4.17
CA MET D 81 53.47 -8.03 -5.12
C MET D 81 54.29 -9.30 -5.34
N MET D 82 54.56 -10.03 -4.26
CA MET D 82 55.30 -11.29 -4.38
C MET D 82 54.53 -12.30 -5.23
N ALA D 83 53.22 -12.42 -4.99
CA ALA D 83 52.40 -13.35 -5.76
C ALA D 83 52.28 -12.94 -7.22
N VAL D 84 52.11 -11.64 -7.48
CA VAL D 84 51.95 -11.17 -8.86
C VAL D 84 53.26 -11.34 -9.63
N ALA D 85 54.40 -11.10 -8.98
CA ALA D 85 55.69 -11.37 -9.62
C ALA D 85 55.84 -12.86 -9.92
N GLY D 86 55.52 -13.72 -8.96
CA GLY D 86 55.62 -15.15 -9.17
C GLY D 86 54.62 -15.72 -10.14
N ILE D 87 53.56 -14.99 -10.43
CA ILE D 87 52.62 -15.38 -11.47
C ILE D 87 53.07 -14.89 -12.84
N LEU D 88 53.51 -13.63 -12.91
CA LEU D 88 53.81 -13.00 -14.19
C LEU D 88 55.15 -13.45 -14.75
N ILE D 89 56.23 -13.27 -13.99
CA ILE D 89 57.58 -13.52 -14.53
C ILE D 89 57.79 -14.98 -14.90
N PRO D 90 57.46 -15.98 -14.07
CA PRO D 90 57.47 -17.35 -14.59
C PRO D 90 56.44 -17.58 -15.69
N GLY D 91 55.28 -16.94 -15.61
CA GLY D 91 54.30 -17.05 -16.67
C GLY D 91 54.78 -16.43 -17.98
N LEU D 92 55.42 -15.25 -17.88
CA LEU D 92 56.00 -14.63 -19.06
C LEU D 92 57.10 -15.50 -19.65
N PHE D 93 57.95 -16.08 -18.81
CA PHE D 93 59.03 -16.92 -19.32
C PHE D 93 58.49 -18.22 -19.92
N THR D 94 57.36 -18.72 -19.40
CA THR D 94 56.76 -19.92 -19.98
C THR D 94 56.10 -19.64 -21.31
N LYS D 95 55.39 -18.52 -21.42
CA LYS D 95 54.82 -18.12 -22.71
C LYS D 95 55.91 -17.76 -23.70
N LEU D 96 57.05 -17.28 -23.22
CA LEU D 96 58.18 -16.99 -24.10
C LEU D 96 58.84 -18.26 -24.59
N GLY D 97 58.91 -19.29 -23.74
CA GLY D 97 59.37 -20.61 -24.15
C GLY D 97 60.55 -21.16 -23.36
N ALA D 98 61.26 -20.32 -22.60
CA ALA D 98 62.42 -20.81 -21.85
C ALA D 98 62.00 -21.67 -20.67
N LEU D 99 61.01 -21.19 -19.91
CA LEU D 99 60.55 -21.93 -18.74
C LEU D 99 59.40 -22.85 -19.10
N ASN D 100 59.19 -23.87 -18.27
CA ASN D 100 58.13 -24.84 -18.48
C ASN D 100 57.30 -25.03 -17.21
N VAL D 101 57.29 -24.03 -16.33
CA VAL D 101 56.50 -24.09 -15.11
C VAL D 101 55.03 -23.95 -15.48
N PRO D 102 54.11 -24.58 -14.76
CA PRO D 102 52.69 -24.47 -15.11
C PRO D 102 52.11 -23.12 -14.70
N GLN D 103 50.89 -22.88 -15.16
CA GLN D 103 50.17 -21.68 -14.77
C GLN D 103 49.76 -21.76 -13.30
N TRP D 104 49.45 -20.60 -12.73
CA TRP D 104 49.25 -20.50 -11.29
C TRP D 104 48.00 -21.22 -10.81
N TYR D 105 46.96 -21.29 -11.65
CA TYR D 105 45.68 -21.83 -11.20
C TYR D 105 45.65 -23.35 -11.19
N GLU D 106 46.69 -24.03 -11.68
CA GLU D 106 46.76 -25.48 -11.63
C GLU D 106 48.11 -25.99 -11.12
N ALA D 107 49.01 -25.08 -10.71
CA ALA D 107 50.37 -25.47 -10.34
C ALA D 107 50.39 -26.38 -9.12
N GLY D 108 49.51 -26.11 -8.15
CA GLY D 108 49.45 -26.96 -6.97
C GLY D 108 49.02 -28.39 -7.28
N LYS D 109 48.08 -28.54 -8.23
CA LYS D 109 47.59 -29.87 -8.57
C LYS D 109 48.65 -30.71 -9.27
N VAL D 110 49.37 -30.11 -10.24
CA VAL D 110 50.41 -30.87 -10.93
C VAL D 110 51.60 -31.10 -10.01
N TYR D 111 51.93 -30.13 -9.15
CA TYR D 111 53.03 -30.32 -8.21
C TYR D 111 52.73 -31.42 -7.20
N ILE D 112 51.49 -31.48 -6.70
CA ILE D 112 51.14 -32.49 -5.70
C ILE D 112 51.08 -33.89 -6.30
N GLU D 113 51.03 -34.01 -7.63
CA GLU D 113 51.06 -35.30 -8.31
C GLU D 113 52.46 -35.80 -8.57
N GLY D 114 53.49 -35.05 -8.19
CA GLY D 114 54.85 -35.48 -8.42
C GLY D 114 55.25 -36.65 -7.54
N GLU D 115 56.28 -37.37 -8.00
CA GLU D 115 56.75 -38.54 -7.27
C GLU D 115 57.55 -38.18 -6.04
N GLY D 116 58.11 -36.97 -5.98
CA GLY D 116 58.85 -36.53 -4.81
C GLY D 116 58.13 -35.41 -4.09
N ALA D 117 56.81 -35.33 -4.29
CA ALA D 117 56.02 -34.23 -3.77
C ALA D 117 55.80 -34.38 -2.27
N ILE D 118 56.05 -33.30 -1.54
CA ILE D 118 55.65 -33.23 -0.13
C ILE D 118 54.12 -33.24 -0.05
N PRO D 119 53.52 -33.96 0.89
CA PRO D 119 52.05 -33.97 0.99
C PRO D 119 51.48 -32.59 1.28
N PHE D 120 50.25 -32.38 0.79
CA PHE D 120 49.61 -31.07 0.90
C PHE D 120 49.36 -30.70 2.36
N GLY D 121 48.96 -31.67 3.18
CA GLY D 121 48.75 -31.39 4.59
C GLY D 121 50.03 -31.00 5.31
N THR D 122 51.14 -31.68 5.00
CA THR D 122 52.43 -31.35 5.61
C THR D 122 52.87 -29.94 5.22
N LEU D 123 52.76 -29.60 3.94
CA LEU D 123 53.14 -28.26 3.48
C LEU D 123 52.27 -27.19 4.10
N LEU D 124 50.95 -27.43 4.16
CA LEU D 124 50.04 -26.45 4.75
C LEU D 124 50.30 -26.27 6.23
N MET D 125 50.59 -27.36 6.95
CA MET D 125 50.88 -27.25 8.37
C MET D 125 52.20 -26.54 8.63
N SER D 126 53.23 -26.82 7.83
CA SER D 126 54.51 -26.11 7.99
C SER D 126 54.35 -24.63 7.68
N THR D 127 53.61 -24.30 6.62
CA THR D 127 53.33 -22.90 6.29
C THR D 127 52.57 -22.22 7.42
N LEU D 128 51.57 -22.90 7.99
CA LEU D 128 50.78 -22.33 9.06
C LEU D 128 51.63 -22.10 10.31
N PHE D 129 52.54 -23.02 10.62
CA PHE D 129 53.38 -22.87 11.80
C PHE D 129 54.38 -21.72 11.63
N SER D 130 55.05 -21.67 10.48
CA SER D 130 56.01 -20.60 10.23
C SER D 130 55.33 -19.23 10.20
N TYR D 131 54.16 -19.15 9.54
CA TYR D 131 53.45 -17.89 9.51
C TYR D 131 52.85 -17.55 10.87
N ALA D 132 52.51 -18.55 11.68
CA ALA D 132 52.05 -18.27 13.04
C ALA D 132 53.16 -17.63 13.87
N PHE D 133 54.39 -18.15 13.75
CA PHE D 133 55.52 -17.56 14.45
C PHE D 133 55.78 -16.13 13.96
N VAL D 134 55.79 -15.92 12.63
CA VAL D 134 56.10 -14.61 12.08
C VAL D 134 55.02 -13.60 12.43
N GLU D 135 53.76 -13.98 12.29
CA GLU D 135 52.67 -13.05 12.59
C GLU D 135 52.50 -12.84 14.08
N GLY D 136 52.89 -13.81 14.92
CA GLY D 136 52.93 -13.55 16.34
C GLY D 136 53.98 -12.54 16.72
N LYS D 137 55.16 -12.64 16.10
CA LYS D 137 56.20 -11.61 16.30
C LYS D 137 55.71 -10.24 15.83
N ARG D 138 55.03 -10.20 14.68
CA ARG D 138 54.49 -8.94 14.17
C ARG D 138 53.42 -8.37 15.09
N TRP D 139 52.55 -9.24 15.63
CA TRP D 139 51.54 -8.79 16.58
C TRP D 139 52.18 -8.24 17.84
N GLN D 140 53.24 -8.90 18.32
CA GLN D 140 53.90 -8.44 19.54
C GLN D 140 54.60 -7.11 19.33
N ASP D 141 55.21 -6.90 18.17
CA ASP D 141 55.81 -5.59 17.94
C ASP D 141 54.80 -4.52 17.57
N PHE D 142 53.58 -4.91 17.18
CA PHE D 142 52.55 -3.90 16.94
C PHE D 142 51.89 -3.45 18.24
N ARG D 143 51.53 -4.40 19.11
CA ARG D 143 50.83 -4.03 20.34
C ARG D 143 51.75 -3.27 21.29
N ASN D 144 53.05 -3.54 21.23
CA ASN D 144 54.05 -2.76 21.95
C ASN D 144 55.19 -2.47 20.99
N PRO D 145 55.38 -1.21 20.58
CA PRO D 145 56.40 -0.92 19.56
C PRO D 145 57.80 -1.09 20.11
N GLY D 146 58.66 -1.75 19.33
CA GLY D 146 60.03 -1.98 19.74
C GLY D 146 60.19 -2.96 20.89
N SER D 147 59.20 -3.81 21.12
CA SER D 147 59.24 -4.75 22.24
C SER D 147 59.91 -6.07 21.89
N GLN D 148 60.23 -6.30 20.63
CA GLN D 148 60.93 -7.53 20.25
C GLN D 148 62.44 -7.40 20.42
N ALA D 149 62.94 -6.24 20.85
CA ALA D 149 64.34 -6.04 21.16
C ALA D 149 64.67 -6.36 22.61
N GLU D 150 63.89 -7.23 23.24
CA GLU D 150 64.20 -7.68 24.60
C GLU D 150 65.52 -8.45 24.59
N PRO D 151 66.45 -8.13 25.49
CA PRO D 151 67.79 -8.74 25.41
C PRO D 151 67.77 -10.24 25.68
N GLY D 152 68.52 -10.97 24.85
CA GLY D 152 68.67 -12.40 25.00
C GLY D 152 67.40 -13.21 24.81
N THR D 153 66.64 -12.91 23.75
CA THR D 153 65.43 -13.67 23.46
C THR D 153 65.45 -14.42 22.15
N PHE D 154 66.32 -14.05 21.19
CA PHE D 154 66.46 -14.82 19.94
C PHE D 154 67.95 -14.88 19.58
N PHE D 155 68.65 -15.86 20.17
CA PHE D 155 70.02 -16.26 19.85
C PHE D 155 71.00 -15.11 19.69
N GLY D 156 70.82 -14.01 20.42
CA GLY D 156 71.73 -12.89 20.35
C GLY D 156 71.45 -11.89 19.25
N LEU D 157 70.83 -12.34 18.15
CA LEU D 157 70.54 -11.48 17.01
C LEU D 157 69.20 -10.76 17.13
N GLU D 158 68.68 -10.62 18.34
CA GLU D 158 67.41 -9.94 18.57
C GLU D 158 67.57 -8.44 18.78
N GLY D 159 68.81 -7.93 18.72
CA GLY D 159 69.02 -6.50 18.96
C GLY D 159 68.43 -5.62 17.87
N MET D 160 68.56 -6.03 16.61
CA MET D 160 68.02 -5.27 15.49
C MET D 160 66.56 -5.61 15.19
N PHE D 161 65.95 -6.51 15.95
CA PHE D 161 64.54 -6.85 15.78
C PHE D 161 63.68 -5.84 16.55
N LYS D 162 63.63 -4.63 16.02
CA LYS D 162 62.85 -3.55 16.62
C LYS D 162 62.07 -2.84 15.52
N GLY D 163 60.98 -2.18 15.92
CA GLY D 163 60.13 -1.49 14.99
C GLY D 163 60.46 -0.02 14.84
N THR D 164 61.11 0.35 13.74
CA THR D 164 61.39 1.76 13.47
C THR D 164 60.10 2.52 13.20
N ASP D 165 59.17 1.93 12.47
CA ASP D 165 57.90 2.56 12.15
C ASP D 165 56.84 1.48 12.02
N ASN D 166 55.58 1.92 11.90
CA ASN D 166 54.46 1.00 11.75
C ASN D 166 54.52 0.35 10.37
N GLY D 167 54.77 -0.96 10.34
CA GLY D 167 54.92 -1.67 9.09
C GLY D 167 56.30 -1.59 8.48
N TYR D 168 57.24 -0.89 9.10
CA TYR D 168 58.61 -0.75 8.59
C TYR D 168 59.58 -1.11 9.72
N PRO D 169 59.82 -2.41 9.95
CA PRO D 169 60.74 -2.79 11.03
C PRO D 169 62.19 -2.44 10.75
N GLY D 170 62.69 -2.70 9.55
CA GLY D 170 64.07 -2.44 9.24
C GLY D 170 64.99 -3.50 9.82
N GLY D 171 66.29 -3.16 9.87
CA GLY D 171 67.29 -4.07 10.38
C GLY D 171 67.63 -5.16 9.39
N ILE D 172 67.47 -6.43 9.79
CA ILE D 172 67.72 -7.54 8.89
C ILE D 172 66.69 -7.60 7.77
N PHE D 173 65.54 -6.95 7.94
CA PHE D 173 64.59 -6.81 6.84
C PHE D 173 65.07 -5.81 5.80
N ASP D 174 66.07 -4.99 6.13
CA ASP D 174 66.70 -4.07 5.18
C ASP D 174 68.21 -4.26 5.24
N PRO D 175 68.72 -5.35 4.67
CA PRO D 175 70.16 -5.60 4.75
C PRO D 175 70.99 -4.70 3.84
N LEU D 176 70.42 -4.23 2.74
CA LEU D 176 71.15 -3.38 1.82
C LEU D 176 71.24 -1.94 2.28
N GLY D 177 70.50 -1.57 3.33
CA GLY D 177 70.54 -0.22 3.85
C GLY D 177 69.99 0.85 2.93
N TYR D 178 68.97 0.52 2.15
CA TYR D 178 68.36 1.51 1.26
C TYR D 178 67.49 2.49 2.03
N SER D 179 66.94 2.08 3.17
CA SER D 179 66.09 2.94 3.98
C SER D 179 66.87 3.96 4.81
N LYS D 180 68.20 3.81 4.89
CA LYS D 180 69.04 4.76 5.62
C LYS D 180 69.35 5.95 4.70
N THR D 181 68.32 6.75 4.46
CA THR D 181 68.36 7.85 3.52
C THR D 181 67.56 8.98 4.15
N SER D 182 67.61 10.18 3.55
CA SER D 182 66.88 11.33 4.05
C SER D 182 65.37 11.06 4.04
N PRO D 183 64.63 11.66 4.98
CA PRO D 183 63.20 11.34 5.11
C PRO D 183 62.36 11.66 3.88
N GLU D 184 62.79 12.60 3.04
CA GLU D 184 62.05 12.88 1.80
C GLU D 184 62.15 11.70 0.84
N LYS D 185 63.37 11.17 0.65
CA LYS D 185 63.55 10.00 -0.20
C LYS D 185 62.90 8.75 0.41
N LEU D 186 62.92 8.65 1.75
CA LEU D 186 62.24 7.53 2.40
C LEU D 186 60.72 7.61 2.19
N ASP D 187 60.15 8.82 2.26
CA ASP D 187 58.73 8.98 1.99
C ASP D 187 58.40 8.69 0.54
N GLU D 188 59.29 9.08 -0.38
CA GLU D 188 59.10 8.76 -1.79
C GLU D 188 59.14 7.25 -2.02
N LEU D 189 60.07 6.56 -1.36
CA LEU D 189 60.14 5.11 -1.46
C LEU D 189 58.90 4.44 -0.88
N LYS D 190 58.40 4.96 0.24
CA LYS D 190 57.17 4.43 0.82
C LYS D 190 55.97 4.63 -0.11
N LEU D 191 55.90 5.80 -0.74
CA LEU D 191 54.83 6.07 -1.70
C LEU D 191 54.91 5.13 -2.89
N LYS D 192 56.12 4.91 -3.42
CA LYS D 192 56.29 3.99 -4.53
C LYS D 192 55.92 2.56 -4.13
N GLU D 193 56.31 2.16 -2.92
CA GLU D 193 55.99 0.82 -2.42
C GLU D 193 54.48 0.62 -2.31
N ILE D 194 53.78 1.58 -1.69
CA ILE D 194 52.35 1.42 -1.50
C ILE D 194 51.60 1.52 -2.83
N LYS D 195 52.09 2.31 -3.77
CA LYS D 195 51.40 2.43 -5.06
C LYS D 195 51.56 1.17 -5.90
N ASN D 196 52.79 0.66 -6.02
CA ASN D 196 52.99 -0.61 -6.72
C ASN D 196 52.28 -1.75 -5.98
N GLY D 197 52.18 -1.65 -4.66
CA GLY D 197 51.45 -2.65 -3.91
C GLY D 197 49.97 -2.66 -4.21
N ARG D 198 49.34 -1.48 -4.22
CA ARG D 198 47.91 -1.40 -4.53
C ARG D 198 47.64 -1.86 -5.96
N LEU D 199 48.54 -1.49 -6.88
CA LEU D 199 48.44 -2.01 -8.25
C LEU D 199 48.55 -3.53 -8.28
N ALA D 200 49.39 -4.11 -7.42
CA ALA D 200 49.55 -5.56 -7.39
C ALA D 200 48.32 -6.26 -6.81
N MET D 201 47.70 -5.69 -5.78
CA MET D 201 46.48 -6.30 -5.25
C MET D 201 45.34 -6.22 -6.26
N VAL D 202 45.24 -5.09 -6.97
CA VAL D 202 44.26 -5.00 -8.06
C VAL D 202 44.59 -6.02 -9.16
N ALA D 203 45.87 -6.22 -9.44
CA ALA D 203 46.29 -7.17 -10.47
C ALA D 203 45.97 -8.61 -10.08
N PHE D 204 46.14 -8.97 -8.81
CA PHE D 204 45.82 -10.33 -8.39
C PHE D 204 44.32 -10.56 -8.34
N LEU D 205 43.56 -9.52 -7.95
CA LEU D 205 42.11 -9.61 -8.03
C LEU D 205 41.67 -9.83 -9.47
N GLY D 206 42.32 -9.14 -10.41
CA GLY D 206 42.08 -9.41 -11.82
C GLY D 206 42.48 -10.81 -12.23
N PHE D 207 43.62 -11.29 -11.72
CA PHE D 207 44.08 -12.65 -12.06
C PHE D 207 43.01 -13.67 -11.69
N ALA D 208 42.50 -13.59 -10.46
CA ALA D 208 41.42 -14.48 -10.04
C ALA D 208 40.15 -14.26 -10.85
N GLY D 209 39.77 -13.00 -11.08
CA GLY D 209 38.50 -12.70 -11.73
C GLY D 209 38.45 -13.17 -13.18
N GLN D 210 39.45 -12.81 -13.97
CA GLN D 210 39.38 -13.25 -15.36
C GLN D 210 40.05 -14.60 -15.60
N TYR D 211 40.61 -15.25 -14.57
CA TYR D 211 40.74 -16.69 -14.65
C TYR D 211 39.40 -17.38 -14.49
N SER D 212 38.58 -16.91 -13.55
CA SER D 212 37.23 -17.46 -13.41
C SER D 212 36.38 -17.15 -14.63
N ALA D 213 36.65 -16.03 -15.30
CA ALA D 213 35.89 -15.67 -16.50
C ALA D 213 36.39 -16.42 -17.73
N THR D 214 37.66 -16.22 -18.09
CA THR D 214 38.16 -16.74 -19.36
C THR D 214 38.68 -18.17 -19.26
N GLY D 215 39.13 -18.59 -18.07
CA GLY D 215 39.71 -19.92 -17.95
C GLY D 215 41.09 -20.06 -18.53
N LYS D 216 41.81 -18.96 -18.70
CA LYS D 216 43.15 -18.97 -19.27
C LYS D 216 44.09 -18.15 -18.40
N GLY D 217 45.38 -18.22 -18.73
CA GLY D 217 46.38 -17.48 -18.01
C GLY D 217 46.32 -15.99 -18.30
N PRO D 218 46.88 -15.19 -17.39
CA PRO D 218 46.89 -13.72 -17.61
C PRO D 218 47.67 -13.29 -18.83
N ILE D 219 48.76 -13.99 -19.17
CA ILE D 219 49.53 -13.65 -20.36
C ILE D 219 48.72 -13.97 -21.61
N ASP D 220 47.99 -15.09 -21.60
CA ASP D 220 47.11 -15.43 -22.71
C ASP D 220 45.99 -14.40 -22.86
N ASN D 221 45.45 -13.92 -21.72
CA ASN D 221 44.43 -12.88 -21.78
C ASN D 221 44.99 -11.58 -22.33
N LEU D 222 46.23 -11.22 -21.95
CA LEU D 222 46.86 -10.03 -22.49
C LEU D 222 47.10 -10.15 -23.99
N ALA D 223 47.53 -11.33 -24.45
CA ALA D 223 47.71 -11.55 -25.88
C ALA D 223 46.38 -11.50 -26.62
N ASP D 224 45.31 -12.01 -26.01
CA ASP D 224 43.99 -11.95 -26.63
C ASP D 224 43.48 -10.52 -26.72
N HIS D 225 43.70 -9.72 -25.69
CA HIS D 225 43.30 -8.32 -25.74
C HIS D 225 44.14 -7.52 -26.71
N LEU D 226 45.41 -7.87 -26.87
CA LEU D 226 46.26 -7.15 -27.81
C LEU D 226 45.91 -7.51 -29.25
N ALA D 227 45.64 -8.78 -29.52
CA ALA D 227 45.33 -9.19 -30.88
C ALA D 227 43.94 -8.72 -31.31
N ASP D 228 42.95 -8.90 -30.45
CA ASP D 228 41.57 -8.52 -30.75
C ASP D 228 40.99 -7.78 -29.56
N PRO D 229 41.10 -6.45 -29.53
CA PRO D 229 40.64 -5.70 -28.36
C PRO D 229 39.13 -5.65 -28.21
N TRP D 230 38.41 -5.47 -29.32
CA TRP D 230 36.96 -5.32 -29.23
C TRP D 230 36.29 -6.66 -28.95
N HIS D 231 36.72 -7.74 -29.61
CA HIS D 231 36.08 -9.03 -29.46
C HIS D 231 36.44 -9.73 -28.16
N ASN D 232 37.56 -9.37 -27.54
CA ASN D 232 37.99 -9.96 -26.28
C ASN D 232 37.90 -8.88 -25.20
N THR D 233 36.73 -8.79 -24.58
CA THR D 233 36.43 -7.76 -23.59
C THR D 233 35.63 -8.42 -22.48
N PHE D 234 35.73 -7.88 -21.27
CA PHE D 234 35.02 -8.45 -20.12
C PHE D 234 33.51 -8.42 -20.30
N ALA D 235 33.00 -7.46 -21.08
CA ALA D 235 31.57 -7.42 -21.36
C ALA D 235 31.15 -8.38 -22.45
N GLU D 236 32.10 -8.91 -23.22
CA GLU D 236 31.76 -9.87 -24.29
C GLU D 236 31.37 -11.21 -23.70
N ASN D 237 32.14 -11.71 -22.74
CA ASN D 237 31.82 -12.97 -22.08
C ASN D 237 30.68 -12.77 -21.09
N GLY D 238 29.79 -13.77 -21.01
CA GLY D 238 28.64 -13.68 -20.14
C GLY D 238 28.92 -13.99 -18.67
N VAL D 239 30.13 -14.43 -18.35
CA VAL D 239 30.45 -14.74 -16.95
C VAL D 239 30.55 -13.47 -16.13
N SER D 240 31.23 -12.45 -16.67
CA SER D 240 31.41 -11.20 -15.93
C SER D 240 30.11 -10.42 -15.80
N VAL D 241 29.41 -10.25 -16.91
CA VAL D 241 28.14 -9.54 -16.93
C VAL D 241 27.06 -10.51 -17.41
N PRO D 242 26.29 -11.09 -16.50
CA PRO D 242 25.23 -12.02 -16.89
C PRO D 242 24.08 -11.27 -17.56
N GLY D 243 23.63 -11.79 -18.70
CA GLY D 243 22.53 -11.21 -19.43
C GLY D 243 22.92 -10.29 -20.57
N LEU D 244 24.18 -9.84 -20.62
CA LEU D 244 24.61 -9.00 -21.74
C LEU D 244 24.71 -9.79 -23.02
N SER D 245 25.05 -11.08 -22.94
CA SER D 245 25.12 -11.94 -24.11
C SER D 245 23.74 -12.12 -24.74
N ALA D 246 22.70 -12.22 -23.91
CA ALA D 246 21.34 -12.32 -24.43
C ALA D 246 20.96 -11.06 -25.21
N VAL D 247 21.36 -9.89 -24.70
CA VAL D 247 21.14 -8.64 -25.42
C VAL D 247 21.93 -8.62 -26.72
N GLU D 248 23.14 -9.21 -26.71
CA GLU D 248 23.96 -9.24 -27.92
C GLU D 248 23.32 -10.09 -29.01
N GLN D 249 22.85 -11.30 -28.67
CA GLN D 249 22.16 -12.10 -29.68
C GLN D 249 20.78 -11.54 -30.03
N ALA D 250 20.15 -10.79 -29.11
CA ALA D 250 18.91 -10.12 -29.46
C ALA D 250 19.12 -9.02 -30.49
N ALA D 251 20.21 -8.26 -30.35
CA ALA D 251 20.51 -7.22 -31.33
C ALA D 251 21.05 -7.82 -32.62
N ALA D 252 21.74 -8.96 -32.55
CA ALA D 252 22.26 -9.59 -33.75
C ALA D 252 21.15 -10.18 -34.61
N SER D 253 20.06 -10.64 -33.99
CA SER D 253 18.95 -11.21 -34.74
C SER D 253 18.16 -10.13 -35.49
N LYS E 12 -35.93 30.09 1.01
CA LYS E 12 -35.20 29.76 2.23
C LYS E 12 -34.01 28.87 1.92
N VAL E 13 -34.26 27.80 1.17
CA VAL E 13 -33.20 26.86 0.79
C VAL E 13 -32.38 27.47 -0.33
N LYS E 14 -31.08 27.60 -0.10
CA LYS E 14 -30.19 28.21 -1.08
C LYS E 14 -28.77 27.68 -0.85
N ILE E 15 -27.93 27.91 -1.84
CA ILE E 15 -26.54 27.48 -1.76
C ILE E 15 -25.75 28.47 -0.91
N ALA E 16 -25.09 27.97 0.12
CA ALA E 16 -24.24 28.79 1.00
C ALA E 16 -22.84 28.21 0.98
N VAL E 17 -21.91 28.92 0.36
CA VAL E 17 -20.56 28.43 0.11
C VAL E 17 -19.56 29.51 0.50
N ASP E 18 -18.56 29.13 1.28
CA ASP E 18 -17.42 30.00 1.56
C ASP E 18 -16.33 29.76 0.52
N ARG E 19 -15.68 30.85 0.11
CA ARG E 19 -14.67 30.83 -0.94
C ARG E 19 -13.28 30.75 -0.32
N ASN E 20 -12.57 29.65 -0.63
CA ASN E 20 -11.20 29.39 -0.21
C ASN E 20 -10.98 29.51 1.30
N PRO E 21 -11.51 28.59 2.13
CA PRO E 21 -11.22 28.66 3.56
C PRO E 21 -9.91 28.00 3.94
N VAL E 22 -9.48 27.00 3.15
CA VAL E 22 -8.27 26.25 3.40
C VAL E 22 -7.38 26.34 2.17
N GLU E 23 -6.13 26.76 2.37
CA GLU E 23 -5.18 26.89 1.28
C GLU E 23 -4.51 25.55 1.01
N THR E 24 -4.37 25.21 -0.27
CA THR E 24 -3.77 23.95 -0.69
C THR E 24 -2.25 24.08 -0.55
N ASN E 25 -1.74 23.74 0.63
CA ASN E 25 -0.32 23.79 0.92
C ASN E 25 0.12 22.45 1.49
N PHE E 26 1.36 22.08 1.17
CA PHE E 26 1.94 20.84 1.67
C PHE E 26 2.60 21.00 3.03
N GLU E 27 2.44 22.16 3.68
CA GLU E 27 3.10 22.40 4.96
C GLU E 27 2.53 21.54 6.07
N LYS E 28 1.27 21.10 5.93
CA LYS E 28 0.67 20.23 6.93
C LYS E 28 0.83 18.75 6.59
N TRP E 29 1.33 18.43 5.40
CA TRP E 29 1.66 17.04 5.09
C TRP E 29 2.95 16.61 5.77
N ALA E 30 3.87 17.55 6.01
CA ALA E 30 5.10 17.23 6.71
C ALA E 30 4.85 16.85 8.15
N LYS E 31 3.93 17.56 8.82
CA LYS E 31 3.59 17.27 10.20
C LYS E 31 2.52 16.19 10.22
N PRO E 32 2.81 14.99 10.75
CA PRO E 32 1.80 13.92 10.76
C PRO E 32 0.64 14.22 11.69
N GLY E 33 0.94 14.57 12.93
CA GLY E 33 -0.10 14.90 13.88
C GLY E 33 -0.42 16.39 13.88
N HIS E 34 -1.50 16.76 13.19
CA HIS E 34 -1.89 18.16 13.08
C HIS E 34 -3.37 18.41 13.33
N PHE E 35 -4.23 17.41 13.19
CA PHE E 35 -5.66 17.63 13.33
C PHE E 35 -6.08 17.85 14.78
N SER E 36 -5.31 17.35 15.73
CA SER E 36 -5.63 17.48 17.15
C SER E 36 -4.47 18.11 17.89
N ARG E 37 -4.80 18.88 18.94
CA ARG E 37 -3.77 19.53 19.73
C ARG E 37 -2.97 18.54 20.56
N ALA E 38 -3.56 17.38 20.88
CA ALA E 38 -2.84 16.35 21.62
C ALA E 38 -1.69 15.77 20.80
N LEU E 39 -1.93 15.54 19.50
CA LEU E 39 -0.90 15.02 18.62
C LEU E 39 -0.07 16.12 17.96
N ALA E 40 -0.43 17.39 18.17
CA ALA E 40 0.31 18.49 17.55
C ALA E 40 1.65 18.75 18.23
N LYS E 41 1.83 18.27 19.46
CA LYS E 41 3.08 18.49 20.18
C LYS E 41 4.22 17.60 19.68
N GLY E 42 3.94 16.63 18.82
CA GLY E 42 4.95 15.73 18.34
C GLY E 42 4.93 14.42 19.07
N PRO E 43 5.59 13.40 18.53
CA PRO E 43 5.61 12.08 19.17
C PRO E 43 6.70 11.95 20.21
N ASN E 44 6.38 11.21 21.28
CA ASN E 44 7.35 10.83 22.29
C ASN E 44 7.31 9.34 22.62
N THR E 45 6.22 8.65 22.35
CA THR E 45 6.10 7.22 22.53
C THR E 45 5.48 6.62 21.28
N THR E 46 5.58 5.30 21.15
CA THR E 46 5.05 4.64 19.95
C THR E 46 3.53 4.60 19.94
N THR E 47 2.89 4.69 21.11
CA THR E 47 1.43 4.75 21.16
C THR E 47 0.88 6.02 20.54
N TRP E 48 1.71 7.04 20.36
CA TRP E 48 1.33 8.20 19.57
C TRP E 48 1.04 7.79 18.13
N ILE E 49 1.89 6.93 17.57
CA ILE E 49 1.80 6.57 16.14
C ILE E 49 0.46 5.90 15.85
N TRP E 50 0.07 4.94 16.69
CA TRP E 50 -1.26 4.34 16.58
C TRP E 50 -2.34 5.39 16.77
N ASN E 51 -2.14 6.30 17.73
CA ASN E 51 -3.06 7.42 17.91
C ASN E 51 -3.11 8.32 16.68
N LEU E 52 -2.04 8.34 15.89
CA LEU E 52 -2.09 9.05 14.61
C LEU E 52 -3.02 8.35 13.63
N HIS E 53 -3.02 7.02 13.62
CA HIS E 53 -3.82 6.27 12.67
C HIS E 53 -5.19 5.89 13.24
N ALA E 54 -5.52 6.31 14.46
CA ALA E 54 -6.81 6.02 15.07
C ALA E 54 -7.74 7.22 15.08
N ASP E 55 -7.23 8.41 15.34
CA ASP E 55 -8.01 9.64 15.34
C ASP E 55 -7.92 10.39 14.02
N ALA E 56 -7.60 9.68 12.93
CA ALA E 56 -7.48 10.35 11.63
C ALA E 56 -8.84 10.82 11.12
N HIS E 57 -9.86 9.98 11.24
CA HIS E 57 -11.20 10.32 10.78
C HIS E 57 -12.14 10.68 11.91
N ASP E 58 -11.61 10.90 13.12
CA ASP E 58 -12.42 11.35 14.26
C ASP E 58 -12.57 12.87 14.20
N PHE E 59 -13.35 13.31 13.21
CA PHE E 59 -13.51 14.74 12.96
C PHE E 59 -14.30 15.43 14.07
N ASP E 60 -15.12 14.70 14.81
CA ASP E 60 -15.83 15.29 15.94
C ASP E 60 -14.90 15.66 17.09
N ASN E 61 -13.72 15.05 17.15
CA ASN E 61 -12.75 15.37 18.20
C ASN E 61 -11.74 16.42 17.78
N HIS E 62 -11.49 16.57 16.48
CA HIS E 62 -10.53 17.58 16.01
C HIS E 62 -11.05 18.99 16.25
N THR E 63 -12.30 19.25 15.85
CA THR E 63 -12.90 20.57 15.98
C THR E 63 -14.30 20.43 16.55
N SER E 64 -14.74 21.47 17.25
CA SER E 64 -16.09 21.54 17.79
C SER E 64 -17.06 22.23 16.84
N ASP E 65 -16.58 22.72 15.71
CA ASP E 65 -17.43 23.41 14.74
C ASP E 65 -18.06 22.40 13.80
N LEU E 66 -19.39 22.45 13.69
CA LEU E 66 -20.11 21.48 12.85
C LEU E 66 -19.88 21.73 11.38
N GLU E 67 -19.61 22.98 10.99
CA GLU E 67 -19.41 23.31 9.59
C GLU E 67 -18.16 22.67 9.02
N GLU E 68 -17.04 22.75 9.77
CA GLU E 68 -15.80 22.13 9.33
C GLU E 68 -15.93 20.61 9.29
N ILE E 69 -16.63 20.03 10.26
CA ILE E 69 -16.88 18.59 10.26
C ILE E 69 -17.69 18.18 9.05
N SER E 70 -18.72 18.96 8.71
CA SER E 70 -19.53 18.65 7.53
C SER E 70 -18.74 18.77 6.25
N ARG E 71 -17.87 19.78 6.15
CA ARG E 71 -17.02 19.92 4.97
C ARG E 71 -16.06 18.75 4.85
N LYS E 72 -15.47 18.32 5.97
CA LYS E 72 -14.60 17.15 5.95
C LYS E 72 -15.35 15.88 5.57
N VAL E 73 -16.60 15.75 6.02
CA VAL E 73 -17.42 14.60 5.66
C VAL E 73 -17.71 14.59 4.16
N PHE E 74 -18.04 15.77 3.60
CA PHE E 74 -18.29 15.89 2.17
C PHE E 74 -17.05 15.51 1.37
N SER E 75 -15.89 16.02 1.78
CA SER E 75 -14.65 15.70 1.08
C SER E 75 -14.30 14.22 1.20
N ALA E 76 -14.51 13.62 2.38
CA ALA E 76 -14.22 12.21 2.56
C ALA E 76 -15.15 11.33 1.74
N HIS E 77 -16.42 11.72 1.62
CA HIS E 77 -17.34 10.97 0.78
C HIS E 77 -16.94 11.06 -0.68
N PHE E 78 -16.50 12.25 -1.12
CA PHE E 78 -15.99 12.38 -2.49
C PHE E 78 -14.76 11.52 -2.71
N GLY E 79 -13.87 11.45 -1.72
CA GLY E 79 -12.71 10.60 -1.83
C GLY E 79 -13.06 9.12 -1.90
N GLN E 80 -14.03 8.69 -1.11
CA GLN E 80 -14.45 7.29 -1.16
C GLN E 80 -15.12 6.96 -2.49
N LEU E 81 -15.91 7.89 -3.03
CA LEU E 81 -16.49 7.66 -4.36
C LEU E 81 -15.40 7.60 -5.44
N GLY E 82 -14.37 8.44 -5.31
CA GLY E 82 -13.25 8.35 -6.25
C GLY E 82 -12.52 7.03 -6.16
N ILE E 83 -12.33 6.53 -4.93
CA ILE E 83 -11.69 5.22 -4.73
C ILE E 83 -12.55 4.11 -5.33
N ILE E 84 -13.86 4.17 -5.12
CA ILE E 84 -14.78 3.18 -5.66
C ILE E 84 -14.76 3.19 -7.19
N LEU E 85 -14.76 4.39 -7.77
CA LEU E 85 -14.71 4.50 -9.23
C LEU E 85 -13.38 4.03 -9.79
N ILE E 86 -12.28 4.26 -9.05
CA ILE E 86 -10.99 3.72 -9.46
C ILE E 86 -11.02 2.20 -9.46
N TRP E 87 -11.61 1.60 -8.43
CA TRP E 87 -11.69 0.15 -8.35
C TRP E 87 -12.58 -0.41 -9.46
N LEU E 88 -13.70 0.25 -9.75
CA LEU E 88 -14.58 -0.19 -10.83
C LEU E 88 -13.90 -0.08 -12.19
N SER E 89 -13.17 1.02 -12.42
CA SER E 89 -12.45 1.19 -13.68
C SER E 89 -11.35 0.15 -13.82
N GLY E 90 -10.68 -0.19 -12.72
CA GLY E 90 -9.69 -1.26 -12.76
C GLY E 90 -10.31 -2.61 -13.05
N MET E 91 -11.50 -2.87 -12.49
CA MET E 91 -12.21 -4.11 -12.77
C MET E 91 -12.57 -4.20 -14.25
N TYR E 92 -13.06 -3.10 -14.81
CA TYR E 92 -13.41 -3.07 -16.23
C TYR E 92 -12.19 -3.20 -17.12
N PHE E 93 -11.06 -2.61 -16.71
CA PHE E 93 -9.82 -2.73 -17.46
C PHE E 93 -9.31 -4.15 -17.44
N HIS E 94 -9.38 -4.82 -16.29
CA HIS E 94 -8.97 -6.21 -16.20
C HIS E 94 -9.87 -7.11 -17.03
N GLY E 95 -11.16 -6.79 -17.08
CA GLY E 95 -12.05 -7.50 -17.99
C GLY E 95 -11.78 -7.20 -19.45
N ALA E 96 -11.22 -6.03 -19.74
CA ALA E 96 -10.94 -5.65 -21.12
C ALA E 96 -9.72 -6.37 -21.69
N ARG E 97 -8.67 -6.52 -20.88
CA ARG E 97 -7.38 -7.00 -21.38
C ARG E 97 -7.06 -8.41 -20.88
N PHE E 98 -7.02 -8.61 -19.56
CA PHE E 98 -6.61 -9.89 -18.98
C PHE E 98 -7.85 -10.72 -18.63
N SER E 99 -8.61 -11.07 -19.66
CA SER E 99 -9.86 -11.80 -19.46
C SER E 99 -10.22 -12.55 -20.73
N ASN E 100 -11.12 -13.51 -20.57
CA ASN E 100 -11.66 -14.28 -21.68
C ASN E 100 -13.16 -14.05 -21.81
N TYR E 101 -13.58 -12.78 -21.68
CA TYR E 101 -14.99 -12.45 -21.75
C TYR E 101 -15.56 -12.72 -23.15
N GLU E 102 -14.79 -12.42 -24.19
CA GLU E 102 -15.21 -12.73 -25.55
C GLU E 102 -15.33 -14.24 -25.76
N GLY E 103 -14.38 -15.01 -25.23
CA GLY E 103 -14.50 -16.45 -25.27
C GLY E 103 -15.64 -16.99 -24.44
N TRP E 104 -15.91 -16.33 -23.29
CA TRP E 104 -17.01 -16.75 -22.43
C TRP E 104 -18.36 -16.47 -23.08
N LEU E 105 -18.46 -15.42 -23.90
CA LEU E 105 -19.72 -15.09 -24.55
C LEU E 105 -20.13 -16.15 -25.56
N SER E 106 -19.16 -16.85 -26.16
CA SER E 106 -19.48 -17.88 -27.13
C SER E 106 -20.09 -19.11 -26.46
N ASP E 107 -19.56 -19.50 -25.29
CA ASP E 107 -20.07 -20.66 -24.57
C ASP E 107 -19.94 -20.41 -23.08
N PRO E 108 -20.95 -19.77 -22.47
CA PRO E 108 -20.89 -19.48 -21.03
C PRO E 108 -21.06 -20.71 -20.15
N THR E 109 -21.54 -21.83 -20.68
CA THR E 109 -21.79 -23.02 -19.88
C THR E 109 -20.60 -23.98 -19.87
N HIS E 110 -19.50 -23.64 -20.55
CA HIS E 110 -18.33 -24.51 -20.58
C HIS E 110 -17.02 -23.80 -20.28
N ILE E 111 -16.95 -22.48 -20.41
CA ILE E 111 -15.74 -21.73 -20.09
C ILE E 111 -15.97 -21.00 -18.77
N LYS E 112 -15.09 -21.26 -17.81
CA LYS E 112 -15.20 -20.59 -16.51
C LYS E 112 -14.81 -19.12 -16.66
N PRO E 113 -15.48 -18.22 -15.94
CA PRO E 113 -15.11 -16.80 -16.01
C PRO E 113 -13.76 -16.56 -15.35
N SER E 114 -12.85 -15.93 -16.08
CA SER E 114 -11.51 -15.62 -15.58
C SER E 114 -11.15 -14.19 -15.96
N ALA E 115 -10.68 -13.42 -14.99
CA ALA E 115 -10.29 -12.05 -15.23
C ALA E 115 -9.02 -11.61 -14.51
N GLN E 116 -8.34 -12.52 -13.81
CA GLN E 116 -7.07 -12.19 -13.14
C GLN E 116 -6.00 -13.17 -13.62
N VAL E 117 -4.92 -12.64 -14.17
CA VAL E 117 -3.80 -13.43 -14.67
C VAL E 117 -2.56 -13.08 -13.86
N VAL E 118 -1.79 -14.09 -13.51
CA VAL E 118 -0.61 -13.91 -12.68
C VAL E 118 0.63 -13.88 -13.56
N TRP E 119 1.74 -13.42 -12.98
CA TRP E 119 3.04 -13.39 -13.66
C TRP E 119 3.84 -14.62 -13.30
N PRO E 120 4.42 -15.33 -14.27
CA PRO E 120 5.26 -16.49 -13.94
C PRO E 120 6.58 -16.07 -13.32
N ILE E 121 6.68 -16.16 -12.00
CA ILE E 121 7.88 -15.67 -11.31
C ILE E 121 8.52 -16.76 -10.47
N VAL E 122 7.76 -17.38 -9.56
CA VAL E 122 8.34 -18.31 -8.60
C VAL E 122 7.50 -19.59 -8.57
N GLY E 123 6.87 -19.92 -9.69
CA GLY E 123 6.01 -21.08 -9.76
C GLY E 123 4.54 -20.80 -9.51
N GLN E 124 4.16 -19.53 -9.38
CA GLN E 124 2.75 -19.18 -9.20
C GLN E 124 1.98 -19.21 -10.51
N GLU E 125 2.66 -19.44 -11.64
CA GLU E 125 1.98 -19.57 -12.93
C GLU E 125 1.07 -20.79 -12.98
N ILE E 126 1.22 -21.73 -12.05
CA ILE E 126 0.29 -22.85 -11.95
C ILE E 126 -1.08 -22.38 -11.46
N LEU E 127 -1.18 -21.17 -10.92
CA LEU E 127 -2.48 -20.63 -10.53
C LEU E 127 -3.32 -20.24 -11.75
N ASN E 128 -2.70 -20.05 -12.90
CA ASN E 128 -3.42 -19.75 -14.15
C ASN E 128 -3.98 -21.06 -14.69
N GLY E 129 -5.14 -21.44 -14.16
CA GLY E 129 -5.75 -22.69 -14.54
C GLY E 129 -6.39 -22.65 -15.91
N ASP E 130 -6.73 -23.85 -16.41
CA ASP E 130 -7.35 -24.00 -17.72
C ASP E 130 -8.84 -23.72 -17.59
N VAL E 131 -9.19 -22.43 -17.65
CA VAL E 131 -10.59 -22.01 -17.54
C VAL E 131 -11.39 -22.25 -18.80
N GLY E 132 -10.73 -22.55 -19.92
CA GLY E 132 -11.41 -22.79 -21.17
C GLY E 132 -11.34 -21.59 -22.11
N GLY E 133 -11.62 -21.85 -23.38
CA GLY E 133 -11.56 -20.81 -24.38
C GLY E 133 -10.16 -20.36 -24.75
N GLY E 134 -9.16 -21.22 -24.55
CA GLY E 134 -7.79 -20.87 -24.85
C GLY E 134 -7.23 -19.78 -23.95
N PHE E 135 -7.57 -19.81 -22.66
CA PHE E 135 -7.15 -18.78 -21.72
C PHE E 135 -6.65 -19.44 -20.44
N GLN E 136 -5.75 -18.73 -19.75
CA GLN E 136 -5.20 -19.18 -18.49
C GLN E 136 -5.32 -18.04 -17.47
N GLY E 137 -5.86 -18.35 -16.30
CA GLY E 137 -6.04 -17.33 -15.29
C GLY E 137 -6.71 -17.90 -14.07
N ILE E 138 -7.20 -16.99 -13.22
CA ILE E 138 -7.89 -17.35 -11.98
C ILE E 138 -9.38 -17.26 -12.22
N GLN E 139 -10.11 -18.31 -11.84
CA GLN E 139 -11.56 -18.35 -11.99
C GLN E 139 -12.19 -17.34 -11.05
N ILE E 140 -12.76 -16.27 -11.60
CA ILE E 140 -13.31 -15.20 -10.79
C ILE E 140 -14.72 -15.57 -10.36
N THR E 141 -15.09 -15.16 -9.15
CA THR E 141 -16.41 -15.43 -8.59
C THR E 141 -17.22 -14.16 -8.35
N SER E 142 -16.76 -13.02 -8.89
CA SER E 142 -17.49 -11.76 -8.68
C SER E 142 -18.74 -11.67 -9.53
N GLY E 143 -18.86 -12.50 -10.57
CA GLY E 143 -20.01 -12.41 -11.45
C GLY E 143 -19.99 -11.21 -12.37
N PHE E 144 -18.83 -10.62 -12.60
CA PHE E 144 -18.74 -9.46 -13.48
C PHE E 144 -19.06 -9.83 -14.93
N PHE E 145 -18.76 -11.07 -15.33
CA PHE E 145 -19.09 -11.52 -16.68
C PHE E 145 -20.60 -11.51 -16.92
N GLN E 146 -21.36 -12.00 -15.94
CA GLN E 146 -22.82 -12.01 -16.07
C GLN E 146 -23.39 -10.60 -16.03
N LEU E 147 -22.79 -9.71 -15.24
CA LEU E 147 -23.23 -8.32 -15.21
C LEU E 147 -22.99 -7.64 -16.55
N TRP E 148 -21.83 -7.89 -17.17
CA TRP E 148 -21.55 -7.30 -18.47
C TRP E 148 -22.41 -7.91 -19.57
N ARG E 149 -22.75 -9.20 -19.45
CA ARG E 149 -23.68 -9.80 -20.40
C ARG E 149 -25.08 -9.24 -20.23
N ALA E 150 -25.48 -8.91 -19.00
CA ALA E 150 -26.76 -8.28 -18.77
C ALA E 150 -26.79 -6.82 -19.23
N SER E 151 -25.62 -6.19 -19.37
CA SER E 151 -25.53 -4.81 -19.81
C SER E 151 -25.35 -4.68 -21.31
N GLY E 152 -25.34 -5.79 -22.04
CA GLY E 152 -25.16 -5.73 -23.48
C GLY E 152 -23.74 -5.57 -23.95
N ILE E 153 -22.76 -5.69 -23.06
CA ILE E 153 -21.36 -5.56 -23.45
C ILE E 153 -20.94 -6.81 -24.22
N THR E 154 -20.38 -6.60 -25.41
CA THR E 154 -19.98 -7.70 -26.28
C THR E 154 -18.46 -7.78 -26.48
N SER E 155 -17.85 -6.70 -26.92
CA SER E 155 -16.42 -6.69 -27.24
C SER E 155 -15.61 -6.10 -26.09
N GLU E 156 -14.30 -6.29 -26.16
CA GLU E 156 -13.39 -5.72 -25.17
C GLU E 156 -13.24 -4.22 -25.32
N LEU E 157 -13.60 -3.67 -26.49
CA LEU E 157 -13.52 -2.23 -26.69
C LEU E 157 -14.50 -1.49 -25.78
N GLN E 158 -15.69 -2.05 -25.60
CA GLN E 158 -16.66 -1.44 -24.69
C GLN E 158 -16.17 -1.47 -23.25
N LEU E 159 -15.53 -2.57 -22.85
CA LEU E 159 -14.95 -2.64 -21.51
C LEU E 159 -13.81 -1.64 -21.34
N TYR E 160 -12.98 -1.47 -22.39
CA TYR E 160 -11.93 -0.47 -22.36
C TYR E 160 -12.51 0.94 -22.22
N SER E 161 -13.57 1.23 -22.97
CA SER E 161 -14.21 2.54 -22.89
C SER E 161 -14.83 2.78 -21.51
N THR E 162 -15.43 1.75 -20.94
CA THR E 162 -15.99 1.86 -19.59
C THR E 162 -14.89 2.09 -18.56
N ALA E 163 -13.75 1.42 -18.72
CA ALA E 163 -12.63 1.62 -17.80
C ALA E 163 -12.07 3.03 -17.90
N ILE E 164 -11.92 3.55 -19.12
CA ILE E 164 -11.40 4.91 -19.29
C ILE E 164 -12.39 5.93 -18.75
N GLY E 165 -13.69 5.72 -18.98
CA GLY E 165 -14.69 6.61 -18.41
C GLY E 165 -14.74 6.55 -16.91
N GLY E 166 -14.52 5.37 -16.34
CA GLY E 166 -14.45 5.24 -14.89
C GLY E 166 -13.25 5.95 -14.30
N LEU E 167 -12.10 5.85 -14.96
CA LEU E 167 -10.92 6.58 -14.50
C LEU E 167 -11.13 8.09 -14.61
N VAL E 168 -11.76 8.54 -15.70
CA VAL E 168 -12.03 9.96 -15.87
C VAL E 168 -12.99 10.47 -14.81
N LEU E 169 -14.06 9.72 -14.53
CA LEU E 169 -15.01 10.12 -13.50
C LEU E 169 -14.39 10.04 -12.10
N ALA E 170 -13.47 9.10 -11.88
CA ALA E 170 -12.77 9.04 -10.59
C ALA E 170 -11.88 10.26 -10.40
N ALA E 171 -11.16 10.67 -11.45
CA ALA E 171 -10.36 11.89 -11.37
C ALA E 171 -11.26 13.11 -11.18
N ALA E 172 -12.41 13.13 -11.84
CA ALA E 172 -13.36 14.23 -11.69
C ALA E 172 -13.89 14.31 -10.26
N CYS E 173 -14.20 13.16 -9.66
CA CYS E 173 -14.67 13.15 -8.28
C CYS E 173 -13.56 13.52 -7.30
N PHE E 174 -12.32 13.14 -7.60
CA PHE E 174 -11.20 13.48 -6.73
C PHE E 174 -10.91 14.98 -6.74
N PHE E 175 -10.95 15.58 -7.94
CA PHE E 175 -10.88 17.02 -8.09
C PHE E 175 -12.09 17.70 -7.47
N ALA E 176 -13.26 17.07 -7.54
CA ALA E 176 -14.46 17.63 -6.94
C ALA E 176 -14.34 17.68 -5.43
N GLY E 177 -13.77 16.64 -4.82
CA GLY E 177 -13.52 16.68 -3.40
C GLY E 177 -12.55 17.78 -3.02
N TRP E 178 -11.46 17.91 -3.79
CA TRP E 178 -10.51 18.99 -3.54
C TRP E 178 -11.16 20.36 -3.70
N PHE E 179 -12.00 20.52 -4.70
CA PHE E 179 -12.66 21.80 -4.96
C PHE E 179 -13.66 22.13 -3.85
N HIS E 180 -14.53 21.17 -3.53
CA HIS E 180 -15.59 21.40 -2.56
C HIS E 180 -15.10 21.44 -1.12
N TYR E 181 -13.84 21.06 -0.86
CA TYR E 181 -13.24 21.34 0.43
C TYR E 181 -12.40 22.62 0.43
N HIS E 182 -11.39 22.68 -0.44
CA HIS E 182 -10.41 23.77 -0.37
C HIS E 182 -10.92 25.05 -1.03
N LYS E 183 -11.58 24.94 -2.18
CA LYS E 183 -11.96 26.12 -2.95
C LYS E 183 -13.33 26.66 -2.55
N ALA E 184 -14.36 25.83 -2.66
CA ALA E 184 -15.74 26.24 -2.44
C ALA E 184 -16.35 25.31 -1.40
N ALA E 185 -16.21 25.69 -0.12
CA ALA E 185 -16.65 24.83 0.96
C ALA E 185 -18.08 25.17 1.36
N PRO E 186 -19.02 24.24 1.28
CA PRO E 186 -20.40 24.54 1.66
C PRO E 186 -20.53 24.86 3.14
N LYS E 187 -21.48 25.74 3.46
CA LYS E 187 -21.68 26.19 4.83
C LYS E 187 -22.55 25.19 5.58
N LEU E 188 -22.77 25.47 6.87
CA LEU E 188 -23.58 24.58 7.70
C LEU E 188 -25.05 24.61 7.29
N GLU E 189 -25.56 25.77 6.86
CA GLU E 189 -26.93 25.86 6.41
C GLU E 189 -27.17 25.07 5.14
N TRP E 190 -26.14 24.93 4.31
CA TRP E 190 -26.24 24.11 3.10
C TRP E 190 -26.43 22.64 3.44
N PHE E 191 -25.70 22.15 4.44
CA PHE E 191 -25.81 20.75 4.82
C PHE E 191 -27.10 20.46 5.57
N GLN E 192 -27.63 21.46 6.29
CA GLN E 192 -28.79 21.24 7.15
C GLN E 192 -30.11 21.22 6.38
N ASN E 193 -30.10 21.48 5.08
CA ASN E 193 -31.31 21.42 4.25
C ASN E 193 -31.62 19.95 3.96
N VAL E 194 -32.17 19.28 4.98
CA VAL E 194 -32.47 17.85 4.86
C VAL E 194 -33.63 17.61 3.90
N GLU E 195 -34.58 18.53 3.82
CA GLU E 195 -35.70 18.37 2.91
C GLU E 195 -35.23 18.41 1.45
N SER E 196 -34.37 19.37 1.12
CA SER E 196 -33.82 19.44 -0.23
C SER E 196 -32.95 18.24 -0.55
N MET E 197 -32.17 17.78 0.43
CA MET E 197 -31.32 16.61 0.23
C MET E 197 -32.16 15.37 -0.04
N LEU E 198 -33.23 15.17 0.74
CA LEU E 198 -34.11 14.04 0.54
C LEU E 198 -34.83 14.10 -0.80
N ASN E 199 -35.32 15.29 -1.17
CA ASN E 199 -36.03 15.45 -2.43
C ASN E 199 -35.10 15.17 -3.62
N HIS E 200 -33.89 15.74 -3.60
CA HIS E 200 -32.96 15.53 -4.69
C HIS E 200 -32.44 14.09 -4.74
N HIS E 201 -32.32 13.43 -3.59
CA HIS E 201 -31.86 12.05 -3.58
C HIS E 201 -32.94 11.09 -4.05
N LEU E 202 -34.19 11.31 -3.62
CA LEU E 202 -35.28 10.45 -4.07
C LEU E 202 -35.58 10.65 -5.54
N ALA E 203 -35.52 11.89 -6.02
CA ALA E 203 -35.86 12.16 -7.40
C ALA E 203 -34.67 11.99 -8.34
N GLY E 204 -33.49 12.45 -7.95
CA GLY E 204 -32.34 12.44 -8.84
C GLY E 204 -31.34 11.32 -8.64
N LEU E 205 -30.98 11.03 -7.39
CA LEU E 205 -29.98 10.00 -7.15
C LEU E 205 -30.54 8.61 -7.44
N LEU E 206 -31.77 8.35 -6.99
CA LEU E 206 -32.37 7.04 -7.14
C LEU E 206 -33.30 6.96 -8.34
N GLY E 207 -34.24 7.89 -8.46
CA GLY E 207 -35.23 7.80 -9.53
C GLY E 207 -34.66 8.07 -10.91
N LEU E 208 -33.84 9.11 -11.04
CA LEU E 208 -33.26 9.42 -12.36
C LEU E 208 -32.29 8.33 -12.80
N GLY E 209 -31.50 7.80 -11.86
CA GLY E 209 -30.63 6.68 -12.19
C GLY E 209 -31.41 5.44 -12.58
N SER E 210 -32.54 5.20 -11.90
CA SER E 210 -33.39 4.07 -12.25
C SER E 210 -33.98 4.25 -13.65
N LEU E 211 -34.39 5.46 -14.00
CA LEU E 211 -34.94 5.70 -15.33
C LEU E 211 -33.86 5.57 -16.40
N ALA E 212 -32.64 6.06 -16.11
CA ALA E 212 -31.55 5.93 -17.06
C ALA E 212 -31.16 4.48 -17.28
N TRP E 213 -31.10 3.69 -16.21
CA TRP E 213 -30.81 2.26 -16.36
C TRP E 213 -31.95 1.54 -17.07
N ALA E 214 -33.19 1.94 -16.81
CA ALA E 214 -34.32 1.37 -17.51
C ALA E 214 -34.24 1.66 -19.00
N GLY E 215 -33.89 2.90 -19.36
CA GLY E 215 -33.76 3.24 -20.77
C GLY E 215 -32.61 2.50 -21.44
N HIS E 216 -31.52 2.29 -20.72
CA HIS E 216 -30.43 1.48 -21.24
C HIS E 216 -30.86 0.03 -21.45
N GLN E 217 -31.63 -0.52 -20.51
CA GLN E 217 -32.12 -1.88 -20.66
C GLN E 217 -33.07 -2.01 -21.84
N ILE E 218 -33.95 -1.03 -22.03
CA ILE E 218 -34.88 -1.04 -23.16
C ILE E 218 -34.13 -0.93 -24.48
N HIS E 219 -33.24 0.05 -24.59
CA HIS E 219 -32.68 0.40 -25.90
C HIS E 219 -31.41 -0.37 -26.23
N VAL E 220 -30.72 -0.93 -25.25
CA VAL E 220 -29.43 -1.58 -25.50
C VAL E 220 -29.40 -3.00 -25.00
N SER E 221 -29.74 -3.21 -23.72
CA SER E 221 -29.52 -4.51 -23.10
C SER E 221 -30.50 -5.57 -23.59
N LEU E 222 -31.77 -5.20 -23.73
CA LEU E 222 -32.77 -6.16 -24.21
C LEU E 222 -32.51 -6.71 -25.60
N PRO E 223 -32.18 -5.91 -26.63
CA PRO E 223 -31.93 -6.53 -27.95
C PRO E 223 -30.67 -7.39 -27.97
N VAL E 224 -29.61 -6.96 -27.30
CA VAL E 224 -28.38 -7.75 -27.26
C VAL E 224 -28.62 -9.07 -26.53
N ASN E 225 -29.36 -9.02 -25.42
CA ASN E 225 -29.66 -10.24 -24.68
C ASN E 225 -30.58 -11.16 -25.47
N LYS E 226 -31.54 -10.59 -26.20
CA LYS E 226 -32.43 -11.40 -27.03
C LYS E 226 -31.67 -12.08 -28.16
N LEU E 227 -30.75 -11.35 -28.81
CA LEU E 227 -29.94 -11.95 -29.87
C LEU E 227 -28.98 -12.99 -29.32
N LEU E 228 -28.43 -12.77 -28.12
CA LEU E 228 -27.57 -13.76 -27.49
C LEU E 228 -28.34 -15.03 -27.14
N ASP E 229 -29.57 -14.87 -26.64
CA ASP E 229 -30.41 -16.04 -26.35
C ASP E 229 -30.86 -16.72 -27.63
N ALA E 230 -30.93 -15.99 -28.74
CA ALA E 230 -31.24 -16.60 -30.02
C ALA E 230 -30.13 -17.52 -30.51
N GLY E 231 -28.91 -17.34 -30.03
CA GLY E 231 -27.80 -18.20 -30.39
C GLY E 231 -26.91 -17.69 -31.50
N VAL E 232 -27.06 -16.44 -31.91
CA VAL E 232 -26.26 -15.88 -32.99
C VAL E 232 -24.86 -15.54 -32.49
N ASP E 233 -23.95 -15.30 -33.41
CA ASP E 233 -22.58 -14.95 -33.05
C ASP E 233 -22.55 -13.57 -32.39
N PRO E 234 -21.90 -13.41 -31.23
CA PRO E 234 -21.77 -12.07 -30.64
C PRO E 234 -21.02 -11.09 -31.54
N LYS E 235 -20.08 -11.56 -32.37
CA LYS E 235 -19.42 -10.68 -33.33
C LYS E 235 -20.39 -10.20 -34.40
N GLU E 236 -21.38 -11.01 -34.75
CA GLU E 236 -22.39 -10.62 -35.74
C GLU E 236 -23.54 -9.85 -35.14
N ILE E 237 -23.57 -9.67 -33.83
CA ILE E 237 -24.62 -8.88 -33.18
C ILE E 237 -24.42 -7.41 -33.54
N PRO E 238 -25.47 -6.70 -33.98
CA PRO E 238 -25.31 -5.27 -34.26
C PRO E 238 -24.98 -4.47 -33.01
N LEU E 239 -24.24 -3.39 -33.21
CA LEU E 239 -23.82 -2.55 -32.10
C LEU E 239 -25.02 -1.82 -31.50
N PRO E 240 -24.93 -1.46 -30.21
CA PRO E 240 -26.08 -0.78 -29.56
C PRO E 240 -26.48 0.54 -30.22
N HIS E 241 -25.54 1.25 -30.83
CA HIS E 241 -25.91 2.50 -31.50
C HIS E 241 -26.72 2.24 -32.75
N GLU E 242 -26.55 1.08 -33.37
CA GLU E 242 -27.40 0.70 -34.50
C GLU E 242 -28.85 0.51 -34.05
N PHE E 243 -29.04 -0.08 -32.87
CA PHE E 243 -30.38 -0.16 -32.30
C PHE E 243 -30.89 1.22 -31.89
N LEU E 244 -30.01 2.09 -31.42
CA LEU E 244 -30.42 3.42 -30.97
C LEU E 244 -30.89 4.28 -32.14
N LEU E 245 -30.11 4.34 -33.22
CA LEU E 245 -30.42 5.24 -34.32
C LEU E 245 -31.43 4.62 -35.29
N ASN E 246 -31.06 3.51 -35.91
CA ASN E 246 -31.90 2.89 -36.93
C ASN E 246 -33.02 2.09 -36.25
N GLN E 247 -34.25 2.33 -36.68
CA GLN E 247 -35.43 1.75 -36.04
C GLN E 247 -35.89 0.44 -36.68
N SER E 248 -35.27 0.03 -37.80
CA SER E 248 -35.73 -1.18 -38.48
C SER E 248 -35.37 -2.44 -37.69
N ILE E 249 -34.16 -2.50 -37.13
CA ILE E 249 -33.77 -3.68 -36.38
C ILE E 249 -34.57 -3.78 -35.08
N ILE E 250 -34.78 -2.64 -34.41
CA ILE E 250 -35.57 -2.65 -33.19
C ILE E 250 -37.05 -2.88 -33.48
N ALA E 251 -37.52 -2.59 -34.69
CA ALA E 251 -38.88 -2.93 -35.07
C ALA E 251 -39.01 -4.42 -35.38
N ASP E 252 -37.99 -5.00 -36.01
CA ASP E 252 -38.00 -6.42 -36.28
C ASP E 252 -37.91 -7.23 -34.99
N LEU E 253 -37.08 -6.79 -34.04
CA LEU E 253 -36.98 -7.49 -32.77
C LEU E 253 -38.19 -7.25 -31.89
N TYR E 254 -38.80 -6.06 -31.98
CA TYR E 254 -39.98 -5.74 -31.19
C TYR E 254 -40.92 -4.88 -32.03
N PRO E 255 -42.08 -5.41 -32.43
CA PRO E 255 -42.99 -4.64 -33.32
C PRO E 255 -43.52 -3.35 -32.71
N SER E 256 -43.61 -3.29 -31.38
CA SER E 256 -44.12 -2.08 -30.72
C SER E 256 -43.19 -0.89 -30.89
N PHE E 257 -41.91 -1.13 -31.18
CA PHE E 257 -41.00 -0.02 -31.50
C PHE E 257 -41.32 0.61 -32.84
N SER E 258 -42.07 -0.09 -33.70
CA SER E 258 -42.52 0.49 -34.96
C SER E 258 -43.50 1.63 -34.74
N LYS E 259 -44.20 1.66 -33.60
CA LYS E 259 -45.08 2.77 -33.29
C LYS E 259 -44.30 4.05 -33.04
N GLY E 260 -43.13 3.94 -32.41
CA GLY E 260 -42.28 5.09 -32.17
C GLY E 260 -42.83 6.06 -31.15
N LEU E 261 -42.87 5.64 -29.89
CA LEU E 261 -43.31 6.41 -28.72
C LEU E 261 -44.78 6.80 -28.77
N ALA E 262 -45.54 6.27 -29.73
CA ALA E 262 -46.98 6.52 -29.77
C ALA E 262 -47.74 5.95 -28.56
N PRO E 263 -47.57 4.69 -28.13
CA PRO E 263 -48.37 4.20 -27.00
C PRO E 263 -48.03 4.87 -25.68
N PHE E 264 -46.83 5.42 -25.51
CA PHE E 264 -46.48 6.06 -24.25
C PHE E 264 -47.26 7.36 -24.05
N PHE E 265 -47.36 8.18 -25.09
CA PHE E 265 -48.03 9.48 -25.00
C PHE E 265 -49.50 9.41 -25.35
N THR E 266 -50.02 8.23 -25.73
CA THR E 266 -51.44 8.03 -25.93
C THR E 266 -52.04 7.14 -24.86
N LEU E 267 -51.27 6.81 -23.82
CA LEU E 267 -51.69 6.03 -22.66
C LEU E 267 -52.12 4.61 -23.02
N ASN E 268 -51.72 4.12 -24.18
CA ASN E 268 -52.00 2.74 -24.59
C ASN E 268 -50.79 1.85 -24.29
N TRP E 269 -50.41 1.83 -23.00
CA TRP E 269 -49.16 1.20 -22.58
C TRP E 269 -49.18 -0.32 -22.77
N ALA E 270 -50.36 -0.93 -22.94
CA ALA E 270 -50.44 -2.37 -23.16
C ALA E 270 -49.73 -2.78 -24.44
N GLU E 271 -49.66 -1.88 -25.43
CA GLU E 271 -48.92 -2.15 -26.65
C GLU E 271 -47.44 -2.36 -26.39
N TYR E 272 -46.92 -1.83 -25.27
CA TYR E 272 -45.54 -2.06 -24.88
C TYR E 272 -45.33 -3.41 -24.19
N SER E 273 -46.35 -4.28 -24.16
CA SER E 273 -46.27 -5.53 -23.41
C SER E 273 -45.29 -6.53 -24.01
N ASP E 274 -44.86 -6.34 -25.26
CA ASP E 274 -43.95 -7.32 -25.87
C ASP E 274 -42.55 -7.21 -25.29
N PHE E 275 -42.08 -5.99 -25.04
CA PHE E 275 -40.75 -5.74 -24.50
C PHE E 275 -40.78 -5.19 -23.08
N LEU E 276 -41.95 -5.03 -22.49
CA LEU E 276 -42.12 -4.72 -21.07
C LEU E 276 -43.07 -5.78 -20.53
N THR E 277 -42.53 -6.93 -20.15
CA THR E 277 -43.33 -8.10 -19.83
C THR E 277 -43.52 -8.23 -18.31
N PHE E 278 -44.32 -9.22 -17.93
CA PHE E 278 -44.56 -9.55 -16.53
C PHE E 278 -44.45 -11.06 -16.31
N LYS E 279 -43.63 -11.73 -17.13
CA LYS E 279 -43.45 -13.17 -17.03
C LYS E 279 -42.48 -13.46 -15.88
N GLY E 280 -43.02 -13.41 -14.67
CA GLY E 280 -42.25 -13.68 -13.47
C GLY E 280 -41.69 -15.09 -13.42
N GLY E 281 -40.40 -15.20 -13.13
CA GLY E 281 -39.76 -16.50 -13.10
C GLY E 281 -38.35 -16.45 -13.66
N LEU E 282 -37.86 -17.58 -14.17
CA LEU E 282 -36.52 -17.69 -14.71
C LEU E 282 -36.59 -17.93 -16.21
N ASN E 283 -35.69 -17.30 -16.95
CA ASN E 283 -35.61 -17.51 -18.39
C ASN E 283 -35.04 -18.90 -18.66
N PRO E 284 -35.76 -19.78 -19.36
CA PRO E 284 -35.23 -21.13 -19.60
C PRO E 284 -34.00 -21.16 -20.49
N VAL E 285 -33.77 -20.14 -21.31
CA VAL E 285 -32.61 -20.12 -22.18
C VAL E 285 -31.33 -19.92 -21.38
N THR E 286 -31.35 -19.01 -20.41
CA THR E 286 -30.13 -18.62 -19.72
C THR E 286 -30.18 -18.78 -18.20
N GLY E 287 -31.33 -19.11 -17.62
CA GLY E 287 -31.40 -19.29 -16.19
C GLY E 287 -31.35 -18.02 -15.38
N GLY E 288 -31.66 -16.88 -15.99
CA GLY E 288 -31.68 -15.61 -15.32
C GLY E 288 -33.06 -14.95 -15.39
N LEU E 289 -33.13 -13.78 -14.78
CA LEU E 289 -34.37 -13.00 -14.80
C LEU E 289 -34.63 -12.47 -16.20
N TRP E 290 -35.90 -12.30 -16.53
CA TRP E 290 -36.28 -11.73 -17.82
C TRP E 290 -35.90 -10.25 -17.86
N LEU E 291 -35.19 -9.86 -18.92
CA LEU E 291 -34.71 -8.48 -19.02
C LEU E 291 -35.85 -7.49 -19.22
N SER E 292 -36.93 -7.91 -19.87
CA SER E 292 -38.11 -7.05 -20.00
C SER E 292 -38.75 -6.80 -18.65
N ASP E 293 -38.78 -7.83 -17.79
CA ASP E 293 -39.30 -7.66 -16.43
C ASP E 293 -38.45 -6.68 -15.65
N THR E 294 -37.12 -6.78 -15.78
CA THR E 294 -36.25 -5.82 -15.11
C THR E 294 -36.41 -4.41 -15.66
N ALA E 295 -36.68 -4.28 -16.97
CA ALA E 295 -36.89 -2.97 -17.56
C ALA E 295 -38.15 -2.32 -17.03
N HIS E 296 -39.27 -3.05 -17.02
CA HIS E 296 -40.51 -2.51 -16.44
C HIS E 296 -40.35 -2.28 -14.94
N HIS E 297 -39.53 -3.10 -14.27
CA HIS E 297 -39.29 -2.92 -12.85
C HIS E 297 -38.58 -1.61 -12.57
N HIS E 298 -37.47 -1.36 -13.27
CA HIS E 298 -36.71 -0.14 -13.04
C HIS E 298 -37.49 1.09 -13.51
N LEU E 299 -38.32 0.93 -14.54
CA LEU E 299 -39.20 2.03 -14.96
C LEU E 299 -40.22 2.37 -13.87
N ALA E 300 -40.85 1.34 -13.28
CA ALA E 300 -41.82 1.59 -12.22
C ALA E 300 -41.14 2.15 -10.97
N ILE E 301 -39.93 1.69 -10.67
CA ILE E 301 -39.18 2.22 -9.53
C ILE E 301 -38.83 3.68 -9.76
N ALA E 302 -38.44 4.03 -10.99
CA ALA E 302 -38.15 5.42 -11.32
C ALA E 302 -39.38 6.30 -11.20
N VAL E 303 -40.53 5.81 -11.67
CA VAL E 303 -41.77 6.58 -11.56
C VAL E 303 -42.14 6.79 -10.09
N LEU E 304 -42.03 5.73 -9.29
CA LEU E 304 -42.37 5.82 -7.87
C LEU E 304 -41.43 6.77 -7.13
N PHE E 305 -40.15 6.75 -7.48
CA PHE E 305 -39.20 7.62 -6.80
C PHE E 305 -39.29 9.07 -7.25
N LEU E 306 -39.62 9.33 -8.53
CA LEU E 306 -39.92 10.69 -8.93
C LEU E 306 -41.20 11.21 -8.29
N VAL E 307 -42.17 10.32 -8.03
CA VAL E 307 -43.35 10.72 -7.26
C VAL E 307 -42.96 11.06 -5.82
N ALA E 308 -42.14 10.20 -5.20
CA ALA E 308 -41.77 10.39 -3.80
C ALA E 308 -40.82 11.56 -3.60
N GLY E 309 -40.09 11.98 -4.63
CA GLY E 309 -39.15 13.08 -4.49
C GLY E 309 -39.76 14.45 -4.48
N HIS E 310 -41.07 14.57 -4.65
CA HIS E 310 -41.78 15.83 -4.58
C HIS E 310 -42.67 15.89 -3.34
N GLN E 311 -42.16 15.37 -2.23
CA GLN E 311 -42.93 15.25 -0.99
C GLN E 311 -42.63 16.36 0.00
N TYR E 312 -41.38 16.80 0.10
CA TYR E 312 -40.96 17.74 1.13
C TYR E 312 -40.92 19.16 0.60
N ARG E 313 -41.28 20.11 1.46
CA ARG E 313 -41.28 21.52 1.08
C ARG E 313 -39.88 22.09 1.21
N THR E 314 -39.38 22.68 0.13
CA THR E 314 -38.05 23.29 0.13
C THR E 314 -38.10 24.80 -0.09
N ASN E 315 -38.66 25.26 -1.20
CA ASN E 315 -38.68 26.69 -1.51
C ASN E 315 -39.97 27.17 -2.16
N TRP E 316 -40.97 26.32 -2.35
CA TRP E 316 -42.12 26.68 -3.15
C TRP E 316 -43.44 26.41 -2.42
N GLY E 317 -43.43 26.52 -1.09
CA GLY E 317 -44.65 26.43 -0.33
C GLY E 317 -45.22 25.03 -0.17
N ILE E 318 -45.50 24.37 -1.29
CA ILE E 318 -46.08 23.03 -1.24
C ILE E 318 -45.02 22.03 -0.77
N GLY E 319 -45.48 20.99 -0.08
CA GLY E 319 -44.63 19.93 0.40
C GLY E 319 -44.93 19.62 1.84
N HIS E 320 -44.13 18.73 2.42
CA HIS E 320 -44.24 18.33 3.80
C HIS E 320 -43.03 18.82 4.59
N SER E 321 -43.26 19.18 5.85
CA SER E 321 -42.20 19.58 6.76
C SER E 321 -41.86 18.41 7.67
N ILE E 322 -40.57 18.04 7.69
CA ILE E 322 -40.14 16.89 8.48
C ILE E 322 -40.35 17.14 9.96
N LYS E 323 -40.02 18.36 10.42
CA LYS E 323 -40.21 18.70 11.83
C LYS E 323 -41.69 18.69 12.20
N ASP E 324 -42.54 19.21 11.32
CA ASP E 324 -43.98 19.20 11.60
C ASP E 324 -44.53 17.79 11.63
N ILE E 325 -44.06 16.93 10.72
CA ILE E 325 -44.51 15.53 10.71
C ILE E 325 -44.06 14.82 11.98
N LEU E 326 -42.81 15.03 12.39
CA LEU E 326 -42.29 14.37 13.58
C LEU E 326 -42.99 14.86 14.85
N GLU E 327 -43.28 16.16 14.92
CA GLU E 327 -43.95 16.68 16.11
C GLU E 327 -45.43 16.32 16.13
N SER E 328 -46.04 16.11 14.95
CA SER E 328 -47.45 15.78 14.91
C SER E 328 -47.72 14.34 15.33
N HIS E 329 -46.78 13.43 15.05
CA HIS E 329 -46.95 12.02 15.38
C HIS E 329 -46.56 11.80 16.84
N LYS E 330 -47.51 12.11 17.73
CA LYS E 330 -47.35 11.90 19.15
C LYS E 330 -48.57 11.20 19.70
N GLY E 331 -48.35 10.09 20.42
CA GLY E 331 -49.44 9.33 20.99
C GLY E 331 -49.58 9.57 22.48
N PRO E 332 -50.58 8.91 23.10
CA PRO E 332 -50.81 9.10 24.53
C PRO E 332 -49.91 8.25 25.40
N PHE E 333 -49.43 7.12 24.86
CA PHE E 333 -48.57 6.21 25.60
C PHE E 333 -47.09 6.56 25.45
N THR E 334 -46.76 7.60 24.70
CA THR E 334 -45.37 7.93 24.42
C THR E 334 -44.97 9.35 24.82
N GLY E 335 -45.89 10.16 25.32
CA GLY E 335 -45.59 11.54 25.68
C GLY E 335 -45.24 12.39 24.48
N ASN E 336 -44.06 13.01 24.50
CA ASN E 336 -43.61 13.81 23.37
C ASN E 336 -43.15 12.91 22.22
N GLY E 337 -44.10 12.51 21.38
CA GLY E 337 -43.80 11.57 20.31
C GLY E 337 -42.97 12.15 19.18
N HIS E 338 -41.74 11.66 19.05
CA HIS E 338 -40.80 12.06 17.99
C HIS E 338 -40.56 13.58 17.99
N ALA E 339 -40.39 14.14 19.19
CA ALA E 339 -40.33 15.59 19.32
C ALA E 339 -38.96 16.15 18.92
N GLY E 340 -37.91 15.75 19.63
CA GLY E 340 -36.60 16.33 19.44
C GLY E 340 -35.72 15.60 18.46
N LEU E 341 -36.31 14.71 17.66
CA LEU E 341 -35.52 13.91 16.73
C LEU E 341 -35.06 14.72 15.52
N TYR E 342 -35.85 15.70 15.09
CA TYR E 342 -35.45 16.53 13.96
C TYR E 342 -34.21 17.35 14.28
N GLU E 343 -34.14 17.91 15.49
CA GLU E 343 -32.95 18.65 15.90
C GLU E 343 -31.77 17.72 16.10
N ILE E 344 -32.02 16.48 16.52
CA ILE E 344 -30.95 15.52 16.72
C ILE E 344 -30.34 15.12 15.38
N LEU E 345 -31.17 14.79 14.39
CA LEU E 345 -30.68 14.28 13.12
C LEU E 345 -30.17 15.37 12.19
N THR E 346 -30.40 16.64 12.52
CA THR E 346 -29.86 17.75 11.74
C THR E 346 -28.61 18.36 12.36
N THR E 347 -28.16 17.83 13.49
CA THR E 347 -26.98 18.38 14.17
C THR E 347 -25.96 17.31 14.46
N SER E 348 -26.40 16.07 14.62
CA SER E 348 -25.53 14.95 14.94
C SER E 348 -25.25 14.15 13.68
N TRP E 349 -23.97 14.07 13.29
CA TRP E 349 -23.59 13.25 12.16
C TRP E 349 -23.64 11.76 12.50
N HIS E 350 -23.42 11.42 13.78
CA HIS E 350 -23.33 10.01 14.16
C HIS E 350 -24.68 9.33 14.18
N ALA E 351 -25.75 10.07 14.51
CA ALA E 351 -27.09 9.49 14.43
C ALA E 351 -27.46 9.15 12.99
N GLN E 352 -27.15 10.05 12.06
CA GLN E 352 -27.37 9.76 10.65
C GLN E 352 -26.48 8.62 10.17
N LEU E 353 -25.26 8.54 10.70
CA LEU E 353 -24.38 7.43 10.35
C LEU E 353 -24.95 6.10 10.83
N ALA E 354 -25.50 6.07 12.04
CA ALA E 354 -26.12 4.85 12.55
C ALA E 354 -27.33 4.45 11.73
N ILE E 355 -28.17 5.43 11.36
CA ILE E 355 -29.35 5.14 10.55
C ILE E 355 -28.94 4.61 9.18
N ASN E 356 -27.97 5.28 8.54
CA ASN E 356 -27.52 4.88 7.22
C ASN E 356 -26.88 3.49 7.25
N LEU E 357 -26.07 3.21 8.27
CA LEU E 357 -25.40 1.92 8.34
C LEU E 357 -26.39 0.79 8.62
N ALA E 358 -27.37 1.03 9.49
CA ALA E 358 -28.38 0.01 9.77
C ALA E 358 -29.20 -0.31 8.53
N LEU E 359 -29.68 0.72 7.84
CA LEU E 359 -30.51 0.49 6.67
C LEU E 359 -29.70 -0.08 5.52
N PHE E 360 -28.45 0.36 5.38
CA PHE E 360 -27.58 -0.16 4.32
C PHE E 360 -27.25 -1.64 4.56
N GLY E 361 -26.96 -2.01 5.81
CA GLY E 361 -26.69 -3.40 6.10
C GLY E 361 -27.91 -4.30 5.92
N SER E 362 -29.08 -3.83 6.39
CA SER E 362 -30.30 -4.62 6.19
C SER E 362 -30.63 -4.76 4.72
N LEU E 363 -30.42 -3.70 3.93
CA LEU E 363 -30.66 -3.78 2.51
C LEU E 363 -29.64 -4.68 1.82
N SER E 364 -28.41 -4.73 2.32
CA SER E 364 -27.43 -5.67 1.77
C SER E 364 -27.84 -7.11 2.06
N ILE E 365 -28.38 -7.38 3.24
CA ILE E 365 -28.88 -8.72 3.55
C ILE E 365 -30.05 -9.07 2.63
N ILE E 366 -30.94 -8.10 2.41
CA ILE E 366 -32.05 -8.27 1.49
C ILE E 366 -31.55 -8.57 0.08
N VAL E 367 -30.49 -7.86 -0.34
CA VAL E 367 -29.90 -8.05 -1.66
C VAL E 367 -29.35 -9.46 -1.79
N ALA E 368 -28.65 -9.95 -0.76
CA ALA E 368 -28.10 -11.30 -0.79
C ALA E 368 -29.21 -12.34 -0.89
N HIS E 369 -30.25 -12.19 -0.06
CA HIS E 369 -31.35 -13.16 -0.06
C HIS E 369 -32.10 -13.16 -1.39
N HIS E 370 -32.47 -11.98 -1.87
CA HIS E 370 -33.24 -11.88 -3.10
C HIS E 370 -32.38 -12.06 -4.35
N MET E 371 -31.06 -12.13 -4.20
CA MET E 371 -30.19 -12.44 -5.32
C MET E 371 -29.87 -13.92 -5.43
N TYR E 372 -29.77 -14.63 -4.29
CA TYR E 372 -29.73 -16.08 -4.39
C TYR E 372 -31.09 -16.62 -4.83
N ALA E 373 -32.17 -15.95 -4.40
CA ALA E 373 -33.50 -16.41 -4.76
C ALA E 373 -33.78 -16.21 -6.24
N MET E 374 -33.73 -14.97 -6.71
CA MET E 374 -33.85 -14.66 -8.13
C MET E 374 -32.49 -14.23 -8.65
N PRO E 375 -31.85 -15.00 -9.53
CA PRO E 375 -30.60 -14.54 -10.14
C PRO E 375 -30.87 -13.56 -11.25
N PRO E 376 -30.60 -12.27 -11.03
CA PRO E 376 -30.97 -11.26 -12.03
C PRO E 376 -29.90 -11.05 -13.10
N TYR E 377 -29.33 -12.13 -13.61
CA TYR E 377 -28.25 -12.05 -14.57
C TYR E 377 -28.27 -13.30 -15.43
N PRO E 378 -27.94 -13.19 -16.72
CA PRO E 378 -27.89 -14.38 -17.58
C PRO E 378 -26.70 -15.26 -17.19
N TYR E 379 -26.97 -16.57 -17.10
CA TYR E 379 -25.97 -17.59 -16.75
C TYR E 379 -25.31 -17.31 -15.41
N LEU E 380 -26.11 -16.83 -14.45
CA LEU E 380 -25.64 -16.60 -13.09
C LEU E 380 -25.92 -17.76 -12.15
N ALA E 381 -27.08 -18.39 -12.30
CA ALA E 381 -27.44 -19.50 -11.42
C ALA E 381 -26.66 -20.76 -11.76
N THR E 382 -26.25 -20.93 -13.02
CA THR E 382 -25.43 -22.07 -13.40
C THR E 382 -24.06 -22.00 -12.74
N ASP E 383 -23.49 -20.80 -12.66
CA ASP E 383 -22.25 -20.58 -11.92
C ASP E 383 -22.56 -20.59 -10.44
N TYR E 384 -22.40 -21.77 -9.81
CA TYR E 384 -22.69 -21.90 -8.39
C TYR E 384 -21.71 -21.09 -7.55
N GLY E 385 -20.45 -21.03 -7.97
CA GLY E 385 -19.45 -20.30 -7.23
C GLY E 385 -19.72 -18.81 -7.18
N THR E 386 -20.17 -18.24 -8.29
CA THR E 386 -20.51 -16.83 -8.33
C THR E 386 -21.65 -16.51 -7.38
N GLN E 387 -22.70 -17.34 -7.39
CA GLN E 387 -23.85 -17.11 -6.52
C GLN E 387 -23.47 -17.24 -5.05
N LEU E 388 -22.68 -18.28 -4.71
CA LEU E 388 -22.25 -18.48 -3.33
C LEU E 388 -21.38 -17.33 -2.85
N SER E 389 -20.43 -16.89 -3.67
CA SER E 389 -19.54 -15.80 -3.28
C SER E 389 -20.30 -14.50 -3.12
N LEU E 390 -21.25 -14.21 -4.03
CA LEU E 390 -22.03 -12.99 -3.93
C LEU E 390 -22.91 -12.97 -2.70
N PHE E 391 -23.58 -14.10 -2.40
CA PHE E 391 -24.41 -14.18 -1.21
C PHE E 391 -23.59 -13.98 0.05
N THR E 392 -22.45 -14.69 0.16
CA THR E 392 -21.61 -14.56 1.35
C THR E 392 -21.06 -13.15 1.49
N HIS E 393 -20.63 -12.55 0.37
CA HIS E 393 -20.04 -11.22 0.42
C HIS E 393 -21.05 -10.17 0.87
N HIS E 394 -22.25 -10.18 0.26
CA HIS E 394 -23.28 -9.22 0.67
C HIS E 394 -23.75 -9.50 2.09
N MET E 395 -23.76 -10.77 2.51
CA MET E 395 -24.12 -11.12 3.87
C MET E 395 -23.16 -10.47 4.87
N TRP E 396 -21.86 -10.63 4.62
CA TRP E 396 -20.85 -10.11 5.54
C TRP E 396 -20.80 -8.58 5.53
N ILE E 397 -20.96 -7.97 4.37
CA ILE E 397 -20.97 -6.50 4.32
C ILE E 397 -22.18 -5.95 5.06
N GLY E 398 -23.33 -6.62 4.92
CA GLY E 398 -24.51 -6.22 5.68
C GLY E 398 -24.31 -6.36 7.18
N GLY E 399 -23.69 -7.45 7.61
CA GLY E 399 -23.42 -7.63 9.05
C GLY E 399 -22.47 -6.59 9.60
N PHE E 400 -21.41 -6.27 8.85
CA PHE E 400 -20.48 -5.24 9.27
C PHE E 400 -21.17 -3.88 9.36
N CYS E 401 -22.03 -3.58 8.38
CA CYS E 401 -22.74 -2.30 8.41
C CYS E 401 -23.71 -2.22 9.58
N VAL E 402 -24.42 -3.30 9.88
CA VAL E 402 -25.38 -3.23 10.98
C VAL E 402 -24.71 -3.28 12.35
N VAL E 403 -23.47 -3.78 12.45
CA VAL E 403 -22.79 -3.64 13.74
C VAL E 403 -22.13 -2.26 13.85
N GLY E 404 -21.71 -1.66 12.73
CA GLY E 404 -21.24 -0.29 12.77
C GLY E 404 -22.36 0.69 13.07
N ALA E 405 -23.60 0.32 12.72
CA ALA E 405 -24.75 1.12 13.10
C ALA E 405 -24.86 1.23 14.61
N GLY E 406 -24.73 0.10 15.32
CA GLY E 406 -24.75 0.14 16.77
C GLY E 406 -23.57 0.88 17.35
N ALA E 407 -22.39 0.73 16.72
CA ALA E 407 -21.20 1.44 17.17
C ALA E 407 -21.40 2.96 17.11
N HIS E 408 -21.84 3.46 15.96
CA HIS E 408 -22.00 4.89 15.81
C HIS E 408 -23.23 5.42 16.53
N ALA E 409 -24.24 4.58 16.77
CA ALA E 409 -25.33 4.97 17.65
C ALA E 409 -24.83 5.17 19.09
N ALA E 410 -23.95 4.27 19.55
CA ALA E 410 -23.35 4.45 20.88
C ALA E 410 -22.47 5.69 20.92
N ILE E 411 -21.76 5.98 19.82
CA ILE E 411 -20.96 7.20 19.75
C ILE E 411 -21.83 8.44 19.85
N PHE E 412 -22.97 8.44 19.15
CA PHE E 412 -23.93 9.54 19.26
C PHE E 412 -24.47 9.65 20.68
N MET E 413 -24.76 8.51 21.32
CA MET E 413 -25.27 8.53 22.68
C MET E 413 -24.28 9.15 23.65
N VAL E 414 -22.99 8.82 23.49
CA VAL E 414 -21.96 9.37 24.37
C VAL E 414 -21.76 10.86 24.08
N ARG E 415 -21.59 11.23 22.81
CA ARG E 415 -21.11 12.56 22.47
C ARG E 415 -22.24 13.56 22.21
N ASP E 416 -23.10 13.26 21.23
CA ASP E 416 -24.02 14.26 20.71
C ASP E 416 -25.36 14.29 21.42
N TYR E 417 -25.57 13.48 22.44
CA TYR E 417 -26.83 13.49 23.18
C TYR E 417 -26.89 14.71 24.09
N ASP E 418 -28.01 15.42 24.06
CA ASP E 418 -28.23 16.58 24.91
C ASP E 418 -29.48 16.33 25.76
N PRO E 419 -29.37 16.29 27.08
CA PRO E 419 -30.57 16.09 27.92
C PRO E 419 -31.54 17.25 27.89
N THR E 420 -31.10 18.45 27.49
CA THR E 420 -32.00 19.60 27.42
C THR E 420 -33.06 19.41 26.34
N ASN E 421 -32.67 18.87 25.19
CA ASN E 421 -33.61 18.64 24.10
C ASN E 421 -34.38 17.34 24.24
N ASN E 422 -34.06 16.52 25.25
CA ASN E 422 -34.70 15.22 25.45
C ASN E 422 -35.15 15.15 26.91
N TYR E 423 -36.36 15.65 27.18
CA TYR E 423 -36.93 15.61 28.52
C TYR E 423 -37.94 14.47 28.66
N ASN E 424 -38.95 14.42 27.79
CA ASN E 424 -39.96 13.38 27.82
C ASN E 424 -40.24 12.85 26.43
N ASN E 425 -39.24 12.88 25.55
CA ASN E 425 -39.41 12.38 24.19
C ASN E 425 -39.18 10.87 24.17
N LEU E 426 -39.10 10.31 22.98
CA LEU E 426 -39.01 8.85 22.84
C LEU E 426 -37.64 8.32 23.25
N LEU E 427 -36.57 9.05 22.92
CA LEU E 427 -35.23 8.64 23.33
C LEU E 427 -35.10 8.65 24.85
N ASP E 428 -35.69 9.65 25.51
CA ASP E 428 -35.63 9.72 26.96
C ASP E 428 -36.38 8.55 27.60
N ARG E 429 -37.53 8.17 27.04
CA ARG E 429 -38.28 7.04 27.58
C ARG E 429 -37.57 5.72 27.32
N VAL E 430 -36.88 5.61 26.18
CA VAL E 430 -36.09 4.41 25.92
C VAL E 430 -34.95 4.28 26.93
N ILE E 431 -34.27 5.39 27.21
CA ILE E 431 -33.26 5.39 28.27
C ILE E 431 -33.91 5.11 29.62
N ARG E 432 -35.13 5.57 29.83
CA ARG E 432 -35.83 5.42 31.09
C ARG E 432 -36.34 4.00 31.34
N HIS E 433 -36.47 3.17 30.30
CA HIS E 433 -36.81 1.77 30.53
C HIS E 433 -35.83 0.81 29.86
N ARG E 434 -34.59 1.28 29.64
CA ARG E 434 -33.53 0.44 29.09
C ARG E 434 -33.26 -0.81 29.92
N ASP E 435 -33.43 -0.76 31.24
CA ASP E 435 -33.17 -1.94 32.06
C ASP E 435 -34.20 -3.02 31.78
N ALA E 436 -35.47 -2.65 31.65
CA ALA E 436 -36.50 -3.61 31.27
C ALA E 436 -36.27 -4.14 29.87
N ILE E 437 -35.83 -3.26 28.95
CA ILE E 437 -35.52 -3.68 27.59
C ILE E 437 -34.43 -4.75 27.60
N ILE E 438 -33.34 -4.49 28.32
CA ILE E 438 -32.20 -5.40 28.35
C ILE E 438 -32.56 -6.70 29.04
N SER E 439 -33.35 -6.63 30.12
CA SER E 439 -33.75 -7.84 30.84
C SER E 439 -34.64 -8.72 29.98
N HIS E 440 -35.63 -8.13 29.29
CA HIS E 440 -36.52 -8.92 28.44
C HIS E 440 -35.76 -9.50 27.26
N LEU E 441 -34.85 -8.72 26.66
CA LEU E 441 -34.04 -9.24 25.57
C LEU E 441 -33.11 -10.36 26.02
N ASN E 442 -32.57 -10.24 27.24
CA ASN E 442 -31.74 -11.30 27.80
C ASN E 442 -32.53 -12.59 28.00
N TRP E 443 -33.76 -12.46 28.53
CA TRP E 443 -34.60 -13.64 28.72
C TRP E 443 -34.96 -14.28 27.38
N VAL E 444 -35.28 -13.46 26.37
CA VAL E 444 -35.62 -13.97 25.05
C VAL E 444 -34.43 -14.69 24.43
N SER E 445 -33.23 -14.09 24.55
CA SER E 445 -32.03 -14.71 24.01
C SER E 445 -31.72 -16.03 24.69
N ILE E 446 -31.85 -16.08 26.02
CA ILE E 446 -31.59 -17.32 26.75
C ILE E 446 -32.59 -18.40 26.37
N PHE E 447 -33.87 -18.04 26.27
CA PHE E 447 -34.89 -19.02 25.89
C PHE E 447 -34.67 -19.55 24.48
N LEU E 448 -34.31 -18.65 23.54
CA LEU E 448 -34.04 -19.08 22.17
C LEU E 448 -32.83 -20.00 22.11
N GLY E 449 -31.76 -19.63 22.81
CA GLY E 449 -30.57 -20.45 22.81
C GLY E 449 -30.80 -21.82 23.43
N PHE E 450 -31.58 -21.86 24.50
CA PHE E 450 -31.96 -23.14 25.09
C PHE E 450 -32.76 -23.96 24.08
N HIS E 451 -33.94 -23.47 23.68
CA HIS E 451 -34.81 -24.26 22.83
C HIS E 451 -34.31 -24.42 21.39
N SER E 452 -33.11 -23.94 21.04
CA SER E 452 -32.48 -24.31 19.78
C SER E 452 -31.21 -25.12 19.96
N PHE E 453 -30.22 -24.59 20.69
CA PHE E 453 -28.96 -25.30 20.85
C PHE E 453 -29.12 -26.53 21.74
N GLY E 454 -29.93 -26.43 22.79
CA GLY E 454 -30.23 -27.61 23.58
C GLY E 454 -30.98 -28.66 22.80
N LEU E 455 -31.81 -28.23 21.84
CA LEU E 455 -32.41 -29.18 20.91
C LEU E 455 -31.35 -29.89 20.07
N TYR E 456 -30.36 -29.13 19.61
CA TYR E 456 -29.26 -29.74 18.86
C TYR E 456 -28.47 -30.72 19.70
N ILE E 457 -28.18 -30.35 20.96
CA ILE E 457 -27.46 -31.23 21.87
C ILE E 457 -28.30 -32.46 22.20
N HIS E 458 -29.62 -32.28 22.32
CA HIS E 458 -30.54 -33.39 22.53
C HIS E 458 -30.47 -34.37 21.38
N ASN E 459 -30.49 -33.85 20.15
CA ASN E 459 -30.38 -34.71 18.97
C ASN E 459 -29.04 -35.44 18.94
N ASP E 460 -27.95 -34.75 19.27
CA ASP E 460 -26.63 -35.37 19.28
C ASP E 460 -26.54 -36.47 20.34
N THR E 461 -27.09 -36.22 21.53
CA THR E 461 -27.05 -37.21 22.60
C THR E 461 -27.89 -38.43 22.25
N MET E 462 -29.13 -38.21 21.81
CA MET E 462 -29.99 -39.35 21.47
C MET E 462 -29.53 -40.07 20.21
N SER E 463 -28.71 -39.43 19.37
CA SER E 463 -28.05 -40.15 18.30
C SER E 463 -26.91 -41.00 18.84
N ALA E 464 -26.12 -40.44 19.77
CA ALA E 464 -25.02 -41.19 20.37
C ALA E 464 -25.51 -42.23 21.38
N LEU E 465 -26.75 -42.12 21.85
CA LEU E 465 -27.34 -43.11 22.74
C LEU E 465 -28.12 -44.18 22.00
N GLY E 466 -28.10 -44.17 20.67
CA GLY E 466 -28.82 -45.17 19.89
C GLY E 466 -30.33 -45.05 19.97
N ARG E 467 -30.85 -43.83 19.97
CA ARG E 467 -32.30 -43.58 20.01
C ARG E 467 -32.65 -42.65 18.87
N PRO E 468 -32.71 -43.16 17.63
CA PRO E 468 -33.12 -42.31 16.50
C PRO E 468 -34.57 -41.88 16.58
N GLN E 469 -35.43 -42.63 17.28
CA GLN E 469 -36.83 -42.26 17.43
C GLN E 469 -37.02 -41.15 18.47
N ASP E 470 -36.01 -40.88 19.29
CA ASP E 470 -36.07 -39.82 20.28
C ASP E 470 -35.52 -38.50 19.77
N MET E 471 -35.05 -38.46 18.52
CA MET E 471 -34.44 -37.28 17.97
C MET E 471 -35.49 -36.30 17.44
N PHE E 472 -35.07 -35.05 17.27
CA PHE E 472 -35.90 -34.04 16.64
C PHE E 472 -35.54 -33.91 15.16
N SER E 473 -35.89 -34.96 14.42
CA SER E 473 -35.53 -35.10 13.01
C SER E 473 -36.79 -35.06 12.15
N ASP E 474 -36.60 -35.27 10.85
CA ASP E 474 -37.73 -35.29 9.92
C ASP E 474 -38.51 -36.60 9.94
N THR E 475 -38.03 -37.59 10.70
CA THR E 475 -38.69 -38.90 10.77
C THR E 475 -39.23 -39.24 12.14
N ALA E 476 -38.63 -38.73 13.22
CA ALA E 476 -39.04 -39.11 14.57
C ALA E 476 -40.05 -38.14 15.17
N ILE E 477 -39.67 -36.88 15.32
CA ILE E 477 -40.52 -35.85 15.89
C ILE E 477 -40.63 -34.73 14.88
N GLN E 478 -41.81 -34.59 14.26
CA GLN E 478 -41.99 -33.67 13.15
C GLN E 478 -42.29 -32.27 13.68
N LEU E 479 -41.24 -31.48 13.86
CA LEU E 479 -41.38 -30.05 14.16
C LEU E 479 -41.25 -29.23 12.87
N GLN E 480 -42.17 -29.50 11.95
CA GLN E 480 -42.12 -28.92 10.63
C GLN E 480 -42.44 -27.42 10.68
N PRO E 481 -41.80 -26.62 9.82
CA PRO E 481 -42.11 -25.17 9.75
C PRO E 481 -43.42 -24.92 9.00
N VAL E 482 -44.54 -25.02 9.73
CA VAL E 482 -45.85 -24.94 9.09
C VAL E 482 -46.13 -23.52 8.58
N PHE E 483 -45.57 -22.50 9.25
CA PHE E 483 -45.80 -21.13 8.79
C PHE E 483 -45.01 -20.85 7.52
N ALA E 484 -43.74 -21.27 7.48
CA ALA E 484 -42.94 -21.08 6.28
C ALA E 484 -43.48 -21.90 5.11
N GLN E 485 -43.93 -23.12 5.38
CA GLN E 485 -44.52 -23.95 4.32
C GLN E 485 -45.83 -23.35 3.82
N TRP E 486 -46.65 -22.81 4.72
CA TRP E 486 -47.89 -22.15 4.31
C TRP E 486 -47.61 -20.91 3.47
N ILE E 487 -46.60 -20.14 3.85
CA ILE E 487 -46.23 -18.95 3.08
C ILE E 487 -45.70 -19.35 1.71
N GLN E 488 -44.90 -20.43 1.65
CA GLN E 488 -44.40 -20.94 0.38
C GLN E 488 -45.54 -21.39 -0.53
N ASN E 489 -46.53 -22.09 0.04
CA ASN E 489 -47.68 -22.53 -0.74
C ASN E 489 -48.51 -21.34 -1.21
N THR E 490 -48.67 -20.32 -0.37
CA THR E 490 -49.44 -19.14 -0.75
C THR E 490 -48.75 -18.37 -1.87
N HIS E 491 -47.42 -18.21 -1.78
CA HIS E 491 -46.68 -17.50 -2.81
C HIS E 491 -46.54 -18.32 -4.08
N PHE E 492 -46.63 -19.64 -3.99
CA PHE E 492 -46.71 -20.46 -5.20
C PHE E 492 -48.03 -20.22 -5.92
N THR E 493 -49.09 -19.90 -5.18
CA THR E 493 -50.39 -19.59 -5.76
C THR E 493 -50.61 -18.09 -5.91
N ALA E 494 -49.57 -17.28 -5.71
CA ALA E 494 -49.70 -15.85 -5.94
C ALA E 494 -50.04 -15.49 -7.39
N PRO E 495 -49.45 -16.06 -8.44
CA PRO E 495 -49.95 -15.76 -9.79
C PRO E 495 -51.30 -16.37 -10.09
N GLN E 496 -51.75 -17.37 -9.33
CA GLN E 496 -53.00 -18.05 -9.64
C GLN E 496 -54.21 -17.19 -9.34
N LEU E 497 -54.24 -16.56 -8.16
CA LEU E 497 -55.46 -15.89 -7.74
C LEU E 497 -55.25 -14.45 -7.32
N THR E 498 -54.14 -14.12 -6.66
CA THR E 498 -53.95 -12.79 -6.11
C THR E 498 -53.17 -11.87 -7.03
N ALA E 499 -52.37 -12.41 -7.95
CA ALA E 499 -51.65 -11.63 -8.96
C ALA E 499 -51.83 -12.30 -10.31
N PRO E 500 -53.04 -12.24 -10.88
CA PRO E 500 -53.33 -13.03 -12.10
C PRO E 500 -52.59 -12.55 -13.33
N ASN E 501 -52.03 -11.34 -13.33
CA ASN E 501 -51.32 -10.84 -14.50
C ASN E 501 -49.92 -11.42 -14.64
N ALA E 502 -49.40 -12.08 -13.60
CA ALA E 502 -48.10 -12.71 -13.70
C ALA E 502 -48.22 -14.05 -14.40
N LEU E 503 -47.29 -14.32 -15.32
CA LEU E 503 -47.32 -15.56 -16.09
C LEU E 503 -47.05 -16.76 -15.20
N ALA E 504 -46.10 -16.64 -14.27
CA ALA E 504 -45.75 -17.73 -13.37
C ALA E 504 -45.43 -17.12 -12.01
N ALA E 505 -44.87 -17.94 -11.12
CA ALA E 505 -44.53 -17.48 -9.79
C ALA E 505 -43.37 -16.50 -9.83
N THR E 506 -43.30 -15.65 -8.80
CA THR E 506 -42.27 -14.62 -8.74
C THR E 506 -40.88 -15.21 -8.55
N SER E 507 -40.77 -16.43 -8.03
CA SER E 507 -39.50 -17.12 -7.90
C SER E 507 -39.74 -18.62 -7.88
N LEU E 508 -38.69 -19.38 -8.16
CA LEU E 508 -38.78 -20.83 -8.16
C LEU E 508 -38.59 -21.44 -6.78
N THR E 509 -38.25 -20.63 -5.77
CA THR E 509 -38.08 -21.17 -4.42
C THR E 509 -39.41 -21.60 -3.80
N TRP E 510 -40.50 -20.90 -4.14
CA TRP E 510 -41.80 -21.25 -3.59
C TRP E 510 -42.27 -22.61 -4.10
N GLY E 511 -42.05 -22.88 -5.38
CA GLY E 511 -42.48 -24.15 -5.96
C GLY E 511 -42.47 -24.07 -7.47
N GLY E 512 -42.94 -25.15 -8.08
CA GLY E 512 -43.01 -25.23 -9.53
C GLY E 512 -42.22 -26.37 -10.11
N ASP E 513 -41.41 -26.08 -11.12
CA ASP E 513 -40.60 -27.09 -11.80
C ASP E 513 -39.13 -26.74 -11.61
N VAL E 514 -38.26 -27.50 -12.29
CA VAL E 514 -36.82 -27.35 -12.19
C VAL E 514 -36.34 -26.70 -13.48
N VAL E 515 -35.66 -25.56 -13.35
CA VAL E 515 -35.06 -24.86 -14.48
C VAL E 515 -33.57 -25.14 -14.45
N ALA E 516 -33.04 -25.66 -15.55
CA ALA E 516 -31.65 -26.05 -15.67
C ALA E 516 -31.06 -25.48 -16.95
N VAL E 517 -29.77 -25.17 -16.91
CA VAL E 517 -29.05 -24.61 -18.05
C VAL E 517 -27.78 -25.42 -18.26
N GLY E 518 -27.62 -25.98 -19.46
CA GLY E 518 -26.43 -26.72 -19.80
C GLY E 518 -26.24 -28.01 -19.03
N GLY E 519 -27.32 -28.62 -18.54
CA GLY E 519 -27.23 -29.81 -17.74
C GLY E 519 -27.05 -29.57 -16.25
N LYS E 520 -26.83 -28.32 -15.84
CA LYS E 520 -26.72 -27.95 -14.44
C LYS E 520 -27.98 -27.21 -14.03
N VAL E 521 -28.51 -27.55 -12.86
CA VAL E 521 -29.76 -26.98 -12.39
C VAL E 521 -29.54 -25.52 -12.02
N ALA E 522 -30.33 -24.63 -12.62
CA ALA E 522 -30.26 -23.22 -12.27
C ALA E 522 -31.08 -22.91 -11.03
N MET E 523 -32.33 -23.36 -11.01
CA MET E 523 -33.19 -23.16 -9.84
C MET E 523 -34.19 -24.29 -9.75
N MET E 524 -34.64 -24.55 -8.53
CA MET E 524 -35.59 -25.62 -8.25
C MET E 524 -36.28 -25.32 -6.92
N PRO E 525 -37.47 -25.87 -6.68
CA PRO E 525 -38.13 -25.64 -5.39
C PRO E 525 -37.32 -26.17 -4.22
N ILE E 526 -37.39 -25.46 -3.10
CA ILE E 526 -36.62 -25.76 -1.90
C ILE E 526 -37.58 -26.28 -0.83
N ALA E 527 -37.38 -27.51 -0.39
CA ALA E 527 -38.19 -28.11 0.65
C ALA E 527 -37.67 -27.71 2.02
N LEU E 528 -38.59 -27.48 2.96
CA LEU E 528 -38.25 -27.06 4.31
C LEU E 528 -38.65 -28.15 5.30
N GLY E 529 -37.71 -28.56 6.14
CA GLY E 529 -37.96 -29.60 7.12
C GLY E 529 -37.63 -29.17 8.53
N THR E 530 -37.46 -30.15 9.43
CA THR E 530 -37.16 -29.84 10.82
C THR E 530 -35.78 -29.22 10.98
N SER E 531 -34.81 -29.66 10.17
CA SER E 531 -33.47 -29.09 10.23
C SER E 531 -33.48 -27.62 9.82
N ASP E 532 -34.30 -27.29 8.81
CA ASP E 532 -34.42 -25.89 8.39
C ASP E 532 -35.02 -25.03 9.49
N PHE E 533 -36.03 -25.55 10.18
CA PHE E 533 -36.62 -24.83 11.31
C PHE E 533 -35.59 -24.65 12.42
N LEU E 534 -34.79 -25.68 12.69
CA LEU E 534 -33.78 -25.60 13.73
C LEU E 534 -32.73 -24.55 13.41
N VAL E 535 -32.23 -24.54 12.16
CA VAL E 535 -31.18 -23.58 11.83
C VAL E 535 -31.76 -22.16 11.72
N HIS E 536 -33.02 -22.01 11.29
CA HIS E 536 -33.63 -20.68 11.26
C HIS E 536 -33.81 -20.13 12.66
N HIS E 537 -34.24 -20.98 13.61
CA HIS E 537 -34.35 -20.52 14.99
C HIS E 537 -32.98 -20.26 15.62
N ILE E 538 -31.96 -21.03 15.21
CA ILE E 538 -30.60 -20.76 15.66
C ILE E 538 -30.13 -19.39 15.17
N HIS E 539 -30.42 -19.07 13.90
CA HIS E 539 -30.07 -17.77 13.36
C HIS E 539 -30.80 -16.66 14.09
N ALA E 540 -32.09 -16.85 14.38
CA ALA E 540 -32.86 -15.86 15.12
C ALA E 540 -32.28 -15.65 16.51
N PHE E 541 -31.85 -16.74 17.17
CA PHE E 541 -31.23 -16.65 18.47
C PHE E 541 -29.94 -15.85 18.42
N THR E 542 -29.09 -16.13 17.43
CA THR E 542 -27.81 -15.44 17.33
C THR E 542 -28.00 -13.96 17.04
N ILE E 543 -28.96 -13.63 16.16
CA ILE E 543 -29.28 -12.23 15.87
C ILE E 543 -29.82 -11.56 17.13
N HIS E 544 -30.64 -12.27 17.91
CA HIS E 544 -31.18 -11.71 19.15
C HIS E 544 -30.08 -11.40 20.14
N VAL E 545 -29.10 -12.30 20.27
CA VAL E 545 -28.00 -12.07 21.20
C VAL E 545 -27.15 -10.89 20.76
N THR E 546 -26.85 -10.79 19.45
CA THR E 546 -26.08 -9.65 18.96
C THR E 546 -26.84 -8.34 19.16
N VAL E 547 -28.16 -8.36 18.95
CA VAL E 547 -29.00 -7.19 19.19
C VAL E 547 -28.95 -6.80 20.66
N LEU E 548 -29.00 -7.80 21.55
CA LEU E 548 -28.92 -7.53 22.99
C LEU E 548 -27.60 -6.87 23.36
N ILE E 549 -26.49 -7.39 22.82
CA ILE E 549 -25.17 -6.84 23.13
C ILE E 549 -25.05 -5.41 22.64
N LEU E 550 -25.47 -5.16 21.39
CA LEU E 550 -25.31 -3.82 20.83
C LEU E 550 -26.28 -2.83 21.47
N LEU E 551 -27.48 -3.27 21.81
CA LEU E 551 -28.43 -2.40 22.48
C LEU E 551 -27.99 -2.07 23.91
N LYS E 552 -27.40 -3.04 24.61
CA LYS E 552 -26.84 -2.77 25.91
C LYS E 552 -25.66 -1.82 25.84
N GLY E 553 -24.87 -1.91 24.76
CA GLY E 553 -23.80 -0.94 24.56
C GLY E 553 -24.33 0.45 24.28
N VAL E 554 -25.37 0.56 23.47
CA VAL E 554 -25.91 1.87 23.10
C VAL E 554 -26.60 2.53 24.29
N LEU E 555 -27.47 1.79 24.97
CA LEU E 555 -28.31 2.39 25.99
C LEU E 555 -27.56 2.67 27.28
N PHE E 556 -26.58 1.84 27.63
CA PHE E 556 -25.77 2.06 28.82
C PHE E 556 -24.46 2.76 28.51
N ALA E 557 -24.41 3.50 27.40
CA ALA E 557 -23.18 4.19 27.03
C ALA E 557 -22.93 5.42 27.90
N ARG E 558 -24.00 6.05 28.38
CA ARG E 558 -23.87 7.28 29.16
C ARG E 558 -23.70 7.01 30.65
N SER E 559 -24.51 6.12 31.20
CA SER E 559 -24.48 5.84 32.63
C SER E 559 -25.06 4.45 32.87
N SER E 560 -24.81 3.93 34.06
CA SER E 560 -25.31 2.63 34.47
C SER E 560 -25.32 2.59 35.99
N ARG E 561 -25.90 1.50 36.53
CA ARG E 561 -25.86 1.29 37.97
C ARG E 561 -24.43 1.02 38.44
N LEU E 562 -23.66 0.30 37.64
CA LEU E 562 -22.26 0.05 37.98
C LEU E 562 -21.42 1.32 37.89
N ILE E 563 -21.55 2.05 36.80
CA ILE E 563 -20.81 3.30 36.60
C ILE E 563 -21.79 4.42 36.30
N PRO E 564 -21.93 5.40 37.18
CA PRO E 564 -22.93 6.46 36.95
C PRO E 564 -22.41 7.60 36.08
N ASP E 565 -21.10 7.68 35.91
CA ASP E 565 -20.46 8.76 35.15
C ASP E 565 -19.69 8.20 33.97
N LYS E 566 -20.30 7.25 33.25
CA LYS E 566 -19.66 6.68 32.08
C LYS E 566 -19.60 7.65 30.91
N ALA E 567 -20.48 8.66 30.87
CA ALA E 567 -20.46 9.63 29.79
C ALA E 567 -19.22 10.51 29.85
N ASN E 568 -18.76 10.85 31.07
CA ASN E 568 -17.57 11.66 31.22
C ASN E 568 -16.29 10.91 30.85
N LEU E 569 -16.32 9.58 30.91
CA LEU E 569 -15.16 8.78 30.53
C LEU E 569 -15.00 8.65 29.02
N GLY E 570 -15.98 9.10 28.24
CA GLY E 570 -15.90 9.02 26.79
C GLY E 570 -16.50 7.73 26.25
N PHE E 571 -16.60 7.68 24.93
CA PHE E 571 -17.13 6.49 24.27
C PHE E 571 -16.10 5.36 24.29
N ARG E 572 -14.84 5.69 24.04
CA ARG E 572 -13.79 4.69 23.83
C ARG E 572 -12.78 4.80 24.96
N PHE E 573 -13.04 4.11 26.06
CA PHE E 573 -12.09 3.97 27.15
C PHE E 573 -11.98 2.50 27.52
N PRO E 574 -10.79 2.06 27.97
CA PRO E 574 -10.60 0.63 28.26
C PRO E 574 -11.41 0.13 29.45
N CYS E 575 -11.32 0.82 30.58
CA CYS E 575 -11.95 0.36 31.81
C CYS E 575 -12.03 1.53 32.79
N ASP E 576 -12.49 1.24 34.00
CA ASP E 576 -12.48 2.17 35.11
C ASP E 576 -11.74 1.59 36.31
N GLY E 577 -10.73 0.78 36.05
CA GLY E 577 -9.97 0.13 37.09
C GLY E 577 -10.64 -1.15 37.57
N PRO E 578 -9.96 -1.87 38.47
CA PRO E 578 -10.53 -3.09 39.03
C PRO E 578 -11.55 -2.86 40.15
N GLY E 579 -12.01 -1.62 40.33
CA GLY E 579 -12.96 -1.33 41.38
C GLY E 579 -14.33 -1.90 41.09
N ARG E 580 -15.13 -1.96 42.16
CA ARG E 580 -16.47 -2.57 42.14
C ARG E 580 -16.42 -4.00 41.61
N GLY E 581 -15.38 -4.72 42.01
CA GLY E 581 -15.09 -6.05 41.50
C GLY E 581 -14.29 -6.07 40.22
N GLY E 582 -14.38 -5.02 39.42
CA GLY E 582 -13.70 -4.95 38.15
C GLY E 582 -14.59 -4.38 37.06
N THR E 583 -14.10 -3.38 36.33
CA THR E 583 -14.88 -2.69 35.31
C THR E 583 -14.23 -2.82 33.95
N CYS E 584 -13.62 -3.97 33.68
CA CYS E 584 -13.01 -4.21 32.38
C CYS E 584 -14.08 -4.43 31.32
N GLN E 585 -13.84 -3.88 30.13
CA GLN E 585 -14.74 -3.99 28.98
C GLN E 585 -16.15 -3.49 29.30
N VAL E 586 -16.22 -2.34 29.98
CA VAL E 586 -17.51 -1.75 30.36
C VAL E 586 -17.96 -0.68 29.38
N SER E 587 -17.08 -0.20 28.50
CA SER E 587 -17.43 0.87 27.58
C SER E 587 -18.32 0.35 26.45
N ALA E 588 -18.97 1.29 25.76
CA ALA E 588 -19.77 0.94 24.60
C ALA E 588 -18.92 0.42 23.45
N TRP E 589 -17.69 0.95 23.31
CA TRP E 589 -16.77 0.43 22.31
C TRP E 589 -16.44 -1.04 22.57
N ASP E 590 -16.23 -1.40 23.83
CA ASP E 590 -15.99 -2.79 24.17
C ASP E 590 -17.23 -3.64 23.93
N HIS E 591 -18.42 -3.07 24.10
CA HIS E 591 -19.64 -3.79 23.78
C HIS E 591 -19.73 -4.09 22.28
N VAL E 592 -19.36 -3.12 21.44
CA VAL E 592 -19.33 -3.37 20.00
C VAL E 592 -18.25 -4.39 19.65
N PHE E 593 -17.12 -4.31 20.34
CA PHE E 593 -16.04 -5.27 20.11
C PHE E 593 -16.47 -6.69 20.47
N LEU E 594 -17.28 -6.83 21.54
CA LEU E 594 -17.82 -8.13 21.90
C LEU E 594 -18.88 -8.59 20.90
N GLY E 595 -19.73 -7.67 20.46
CA GLY E 595 -20.79 -8.03 19.52
C GLY E 595 -20.31 -8.33 18.12
N LEU E 596 -19.09 -7.89 17.78
CA LEU E 596 -18.53 -8.23 16.47
C LEU E 596 -18.33 -9.73 16.33
N PHE E 597 -17.85 -10.40 17.39
CA PHE E 597 -17.70 -11.85 17.36
C PHE E 597 -19.04 -12.55 17.22
N TRP E 598 -20.08 -12.04 17.88
CA TRP E 598 -21.39 -12.65 17.78
C TRP E 598 -21.98 -12.47 16.39
N MET E 599 -21.76 -11.30 15.78
CA MET E 599 -22.15 -11.09 14.39
C MET E 599 -21.42 -12.06 13.47
N TYR E 600 -20.12 -12.27 13.72
CA TYR E 600 -19.33 -13.19 12.92
C TYR E 600 -19.85 -14.61 13.05
N ASN E 601 -20.17 -15.03 14.28
CA ASN E 601 -20.71 -16.38 14.51
C ASN E 601 -22.06 -16.55 13.83
N SER E 602 -22.94 -15.53 13.97
CA SER E 602 -24.26 -15.60 13.36
C SER E 602 -24.17 -15.72 11.85
N LEU E 603 -23.37 -14.86 11.21
CA LEU E 603 -23.28 -14.89 9.76
C LEU E 603 -22.53 -16.12 9.26
N SER E 604 -21.58 -16.65 10.05
CA SER E 604 -20.92 -17.89 9.68
C SER E 604 -21.90 -19.06 9.68
N ILE E 605 -22.75 -19.14 10.70
CA ILE E 605 -23.77 -20.18 10.73
C ILE E 605 -24.77 -19.99 9.59
N VAL E 606 -25.08 -18.74 9.26
CA VAL E 606 -26.04 -18.46 8.19
C VAL E 606 -25.48 -18.90 6.85
N ILE E 607 -24.23 -18.56 6.56
CA ILE E 607 -23.65 -18.94 5.27
C ILE E 607 -23.37 -20.43 5.20
N PHE E 608 -23.09 -21.07 6.35
CA PHE E 608 -22.97 -22.52 6.36
C PHE E 608 -24.29 -23.18 6.02
N HIS E 609 -25.39 -22.67 6.60
CA HIS E 609 -26.72 -23.17 6.27
C HIS E 609 -27.03 -22.95 4.80
N PHE E 610 -26.69 -21.78 4.27
CA PHE E 610 -26.94 -21.49 2.86
C PHE E 610 -26.18 -22.44 1.95
N SER E 611 -24.87 -22.61 2.22
CA SER E 611 -24.04 -23.46 1.38
C SER E 611 -24.50 -24.91 1.43
N TRP E 612 -24.76 -25.43 2.62
CA TRP E 612 -25.20 -26.83 2.73
C TRP E 612 -26.57 -27.03 2.11
N LYS E 613 -27.51 -26.12 2.36
CA LYS E 613 -28.87 -26.27 1.85
C LYS E 613 -28.89 -26.18 0.33
N MET E 614 -28.17 -25.24 -0.26
CA MET E 614 -28.18 -25.13 -1.71
C MET E 614 -27.32 -26.18 -2.39
N GLN E 615 -26.32 -26.75 -1.70
CA GLN E 615 -25.57 -27.86 -2.26
C GLN E 615 -26.35 -29.17 -2.18
N SER E 616 -27.22 -29.32 -1.18
CA SER E 616 -27.94 -30.55 -0.98
C SER E 616 -29.31 -30.58 -1.67
N ASP E 617 -30.01 -29.45 -1.74
CA ASP E 617 -31.38 -29.43 -2.21
C ASP E 617 -31.61 -28.49 -3.38
N VAL E 618 -30.60 -27.76 -3.85
CA VAL E 618 -30.78 -26.84 -4.96
C VAL E 618 -29.82 -27.17 -6.10
N TRP E 619 -28.52 -27.11 -5.83
CA TRP E 619 -27.53 -27.26 -6.88
C TRP E 619 -27.31 -28.74 -7.21
N GLY E 620 -26.60 -28.97 -8.30
CA GLY E 620 -26.29 -30.30 -8.78
C GLY E 620 -26.35 -30.34 -10.29
N THR E 621 -26.51 -31.55 -10.82
CA THR E 621 -26.67 -31.77 -12.25
C THR E 621 -28.06 -32.34 -12.53
N VAL E 622 -28.49 -32.22 -13.78
CA VAL E 622 -29.79 -32.71 -14.20
C VAL E 622 -29.57 -33.77 -15.27
N THR E 623 -29.96 -35.00 -14.97
CA THR E 623 -29.87 -36.12 -15.90
C THR E 623 -31.28 -36.52 -16.33
N ASP E 624 -31.37 -37.61 -17.11
CA ASP E 624 -32.67 -38.10 -17.53
C ASP E 624 -33.44 -38.73 -16.36
N SER E 625 -32.74 -39.35 -15.42
CA SER E 625 -33.40 -39.95 -14.27
C SER E 625 -33.96 -38.88 -13.34
N GLY E 626 -33.24 -37.78 -13.17
CA GLY E 626 -33.68 -36.72 -12.28
C GLY E 626 -32.56 -35.74 -12.00
N VAL E 627 -32.70 -35.04 -10.88
CA VAL E 627 -31.71 -34.05 -10.46
C VAL E 627 -30.82 -34.70 -9.40
N SER E 628 -29.55 -34.88 -9.74
CA SER E 628 -28.58 -35.45 -8.80
C SER E 628 -27.81 -34.29 -8.17
N HIS E 629 -28.03 -34.08 -6.87
CA HIS E 629 -27.43 -32.94 -6.19
C HIS E 629 -25.96 -33.21 -5.88
N ILE E 630 -25.28 -32.19 -5.38
CA ILE E 630 -23.85 -32.28 -5.10
C ILE E 630 -23.60 -33.21 -3.92
N THR E 631 -24.35 -33.01 -2.83
CA THR E 631 -24.19 -33.82 -1.62
C THR E 631 -25.26 -34.89 -1.46
N GLY E 632 -26.15 -35.04 -2.44
CA GLY E 632 -27.17 -36.08 -2.36
C GLY E 632 -28.29 -35.82 -1.40
N GLY E 633 -28.52 -34.56 -1.02
CA GLY E 633 -29.62 -34.22 -0.13
C GLY E 633 -29.49 -34.76 1.28
N ASN E 634 -28.31 -34.67 1.87
CA ASN E 634 -28.10 -35.13 3.24
C ASN E 634 -28.60 -34.14 4.29
N PHE E 635 -28.97 -32.92 3.88
CA PHE E 635 -29.41 -31.89 4.82
C PHE E 635 -30.67 -32.30 5.57
N ALA E 636 -31.51 -33.13 4.96
CA ALA E 636 -32.72 -33.60 5.63
C ALA E 636 -32.40 -34.60 6.74
N GLN E 637 -31.21 -35.20 6.74
CA GLN E 637 -30.87 -36.22 7.73
C GLN E 637 -29.59 -35.94 8.50
N SER E 638 -28.76 -34.98 8.08
CA SER E 638 -27.51 -34.71 8.77
C SER E 638 -27.46 -33.35 9.45
N ALA E 639 -28.25 -32.38 9.01
CA ALA E 639 -28.20 -31.04 9.57
C ALA E 639 -28.85 -30.94 10.95
N ASN E 640 -29.48 -32.02 11.43
CA ASN E 640 -30.17 -31.99 12.71
C ASN E 640 -29.24 -32.19 13.90
N THR E 641 -27.97 -32.52 13.67
CA THR E 641 -27.01 -32.74 14.74
C THR E 641 -25.75 -31.93 14.49
N ILE E 642 -25.07 -31.57 15.58
CA ILE E 642 -23.79 -30.87 15.46
C ILE E 642 -22.75 -31.75 14.80
N ASN E 643 -22.77 -33.05 15.10
CA ASN E 643 -21.85 -33.99 14.47
C ASN E 643 -22.11 -34.12 12.97
N GLY E 644 -23.36 -33.88 12.54
CA GLY E 644 -23.64 -33.86 11.12
C GLY E 644 -22.97 -32.71 10.40
N TRP E 645 -23.01 -31.52 11.01
CA TRP E 645 -22.26 -30.39 10.47
C TRP E 645 -20.75 -30.64 10.56
N LEU E 646 -20.32 -31.36 11.59
CA LEU E 646 -18.90 -31.64 11.77
C LEU E 646 -18.37 -32.60 10.72
N ARG E 647 -19.20 -33.58 10.33
CA ARG E 647 -18.77 -34.65 9.44
C ARG E 647 -19.33 -34.51 8.03
N ASP E 648 -20.65 -34.36 7.88
CA ASP E 648 -21.27 -34.35 6.57
C ASP E 648 -21.22 -32.97 5.90
N PHE E 649 -20.78 -31.95 6.60
CA PHE E 649 -20.65 -30.62 6.00
C PHE E 649 -19.24 -30.06 6.06
N LEU E 650 -18.54 -30.21 7.17
CA LEU E 650 -17.19 -29.67 7.29
C LEU E 650 -16.12 -30.68 6.91
N TRP E 651 -16.34 -31.97 7.21
CA TRP E 651 -15.38 -32.99 6.82
C TRP E 651 -15.69 -33.62 5.47
N ALA E 652 -16.98 -33.76 5.13
CA ALA E 652 -17.34 -34.23 3.79
C ALA E 652 -16.90 -33.23 2.73
N GLN E 653 -17.08 -31.94 3.00
CA GLN E 653 -16.47 -30.89 2.20
C GLN E 653 -15.08 -30.61 2.77
N SER E 654 -14.45 -29.54 2.28
CA SER E 654 -13.09 -29.12 2.65
C SER E 654 -12.02 -30.12 2.28
N SER E 655 -12.40 -31.22 1.62
CA SER E 655 -11.42 -32.13 1.04
C SER E 655 -10.82 -31.54 -0.22
N GLN E 656 -11.57 -30.70 -0.92
CA GLN E 656 -11.04 -30.02 -2.10
C GLN E 656 -9.98 -28.99 -1.70
N VAL E 657 -10.16 -28.34 -0.56
CA VAL E 657 -9.19 -27.34 -0.11
C VAL E 657 -7.86 -27.99 0.24
N ILE E 658 -7.90 -29.13 0.94
CA ILE E 658 -6.66 -29.77 1.38
C ILE E 658 -5.99 -30.57 0.26
N GLN E 659 -6.73 -30.95 -0.77
CA GLN E 659 -6.16 -31.66 -1.91
C GLN E 659 -5.90 -30.75 -3.09
N SER E 660 -5.98 -29.43 -2.90
CA SER E 660 -5.80 -28.47 -3.97
C SER E 660 -4.34 -28.22 -4.32
N TYR E 661 -3.40 -28.77 -3.56
CA TYR E 661 -1.99 -28.56 -3.82
C TYR E 661 -1.58 -29.18 -5.14
N GLY E 662 -0.74 -28.46 -5.88
CA GLY E 662 -0.33 -28.88 -7.20
C GLY E 662 -1.27 -28.50 -8.32
N SER E 663 -2.38 -27.82 -8.02
CA SER E 663 -3.35 -27.39 -9.01
C SER E 663 -3.52 -25.88 -8.94
N ALA E 664 -4.47 -25.37 -9.72
CA ALA E 664 -4.75 -23.93 -9.73
C ALA E 664 -5.47 -23.47 -8.47
N LEU E 665 -6.02 -24.38 -7.68
CA LEU E 665 -6.73 -24.04 -6.45
C LEU E 665 -5.83 -24.07 -5.23
N SER E 666 -4.52 -24.25 -5.41
CA SER E 666 -3.63 -24.35 -4.27
C SER E 666 -3.48 -23.03 -3.52
N ALA E 667 -3.70 -21.91 -4.20
CA ALA E 667 -3.71 -20.62 -3.53
C ALA E 667 -4.84 -20.53 -2.52
N TYR E 668 -5.97 -21.21 -2.79
CA TYR E 668 -7.04 -21.28 -1.81
C TYR E 668 -6.60 -22.03 -0.57
N GLY E 669 -5.85 -23.12 -0.73
CA GLY E 669 -5.33 -23.84 0.43
C GLY E 669 -4.30 -23.04 1.21
N LEU E 670 -3.42 -22.33 0.50
CA LEU E 670 -2.45 -21.46 1.18
C LEU E 670 -3.15 -20.34 1.94
N MET E 671 -4.19 -19.75 1.33
CA MET E 671 -4.96 -18.71 1.99
C MET E 671 -5.73 -19.26 3.16
N PHE E 672 -6.20 -20.52 3.06
CA PHE E 672 -6.84 -21.21 4.17
C PHE E 672 -5.89 -21.36 5.35
N LEU E 673 -4.66 -21.79 5.09
CA LEU E 673 -3.67 -21.94 6.15
C LEU E 673 -3.32 -20.58 6.76
N GLY E 674 -3.14 -19.56 5.92
CA GLY E 674 -2.85 -18.24 6.44
C GLY E 674 -4.00 -17.66 7.27
N ALA E 675 -5.23 -17.97 6.88
CA ALA E 675 -6.39 -17.51 7.64
C ALA E 675 -6.49 -18.22 8.99
N HIS E 676 -6.21 -19.53 9.01
CA HIS E 676 -6.10 -20.23 10.28
C HIS E 676 -5.02 -19.62 11.16
N PHE E 677 -3.89 -19.23 10.54
CA PHE E 677 -2.79 -18.61 11.28
C PHE E 677 -3.21 -17.27 11.88
N VAL E 678 -3.88 -16.43 11.10
CA VAL E 678 -4.28 -15.11 11.60
C VAL E 678 -5.34 -15.24 12.68
N TRP E 679 -6.27 -16.19 12.50
CA TRP E 679 -7.29 -16.44 13.52
C TRP E 679 -6.67 -16.90 14.83
N ALA E 680 -5.65 -17.77 14.75
CA ALA E 680 -4.96 -18.20 15.96
C ALA E 680 -4.12 -17.09 16.57
N PHE E 681 -3.51 -16.25 15.73
CA PHE E 681 -2.65 -15.18 16.20
C PHE E 681 -3.45 -14.08 16.88
N SER E 682 -4.72 -13.92 16.50
CA SER E 682 -5.58 -12.94 17.15
C SER E 682 -5.82 -13.23 18.62
N LEU E 683 -5.71 -14.49 19.04
CA LEU E 683 -6.10 -14.88 20.39
C LEU E 683 -5.16 -14.31 21.44
N MET E 684 -3.89 -14.08 21.09
CA MET E 684 -2.97 -13.48 22.06
C MET E 684 -3.34 -12.04 22.35
N PHE E 685 -3.95 -11.34 21.39
CA PHE E 685 -4.44 -9.99 21.64
C PHE E 685 -5.80 -10.02 22.30
N LEU E 686 -6.63 -11.01 21.95
CA LEU E 686 -7.92 -11.16 22.62
C LEU E 686 -7.75 -11.54 24.08
N PHE E 687 -6.81 -12.43 24.38
CA PHE E 687 -6.51 -12.79 25.75
C PHE E 687 -5.44 -11.83 26.27
N SER E 688 -4.85 -12.18 27.41
CA SER E 688 -3.71 -11.47 28.02
C SER E 688 -4.14 -10.05 28.40
N GLY E 689 -3.19 -9.12 28.44
CA GLY E 689 -3.46 -7.76 28.85
C GLY E 689 -2.40 -6.80 28.34
N ARG E 690 -1.97 -5.87 29.17
CA ARG E 690 -0.97 -4.88 28.77
C ARG E 690 0.29 -4.88 29.60
N GLY E 691 0.19 -5.17 30.90
CA GLY E 691 1.35 -5.06 31.77
C GLY E 691 2.43 -6.07 31.44
N TYR E 692 2.02 -7.28 31.03
CA TYR E 692 2.99 -8.32 30.65
C TYR E 692 3.82 -7.86 29.45
N TRP E 693 3.14 -7.41 28.40
CA TRP E 693 3.85 -6.94 27.21
C TRP E 693 4.63 -5.67 27.49
N GLN E 694 4.13 -4.83 28.40
CA GLN E 694 4.89 -3.64 28.79
C GLN E 694 6.20 -3.99 29.47
N GLU E 695 6.18 -4.97 30.37
CA GLU E 695 7.43 -5.38 31.02
C GLU E 695 8.35 -6.12 30.05
N LEU E 696 7.78 -6.90 29.12
CA LEU E 696 8.58 -7.52 28.08
C LEU E 696 9.26 -6.48 27.21
N ILE E 697 8.53 -5.42 26.85
CA ILE E 697 9.09 -4.32 26.10
C ILE E 697 10.14 -3.59 26.91
N GLU E 698 9.96 -3.50 28.24
CA GLU E 698 11.00 -2.93 29.09
C GLU E 698 12.28 -3.75 29.05
N SER E 699 12.16 -5.08 29.06
CA SER E 699 13.33 -5.94 28.94
C SER E 699 14.01 -5.77 27.58
N ILE E 700 13.23 -5.67 26.52
CA ILE E 700 13.81 -5.44 25.19
C ILE E 700 14.45 -4.05 25.13
N VAL E 701 13.88 -3.07 25.83
CA VAL E 701 14.47 -1.74 25.92
C VAL E 701 15.82 -1.80 26.62
N TRP E 702 15.91 -2.59 27.69
CA TRP E 702 17.21 -2.81 28.34
C TRP E 702 18.20 -3.46 27.38
N ALA E 703 17.74 -4.44 26.59
CA ALA E 703 18.62 -5.10 25.63
C ALA E 703 19.15 -4.13 24.59
N HIS E 704 18.28 -3.26 24.07
CA HIS E 704 18.72 -2.30 23.07
C HIS E 704 19.54 -1.18 23.70
N ASN E 705 19.33 -0.91 24.99
CA ASN E 705 20.14 0.10 25.68
C ASN E 705 21.53 -0.42 25.99
N LYS E 706 21.68 -1.74 26.18
CA LYS E 706 23.01 -2.32 26.34
C LYS E 706 23.83 -2.13 25.08
N LEU E 707 23.22 -2.26 23.92
CA LEU E 707 23.88 -2.08 22.64
C LEU E 707 23.81 -0.65 22.12
N ARG E 708 23.25 0.27 22.91
CA ARG E 708 23.09 1.69 22.56
C ARG E 708 22.29 1.85 21.27
N VAL E 709 21.27 1.01 21.08
CA VAL E 709 20.40 1.13 19.92
C VAL E 709 18.96 1.35 20.39
N ALA E 710 18.81 1.96 21.55
CA ALA E 710 17.48 2.31 22.04
C ALA E 710 16.92 3.46 21.23
N PRO E 711 15.72 3.32 20.67
CA PRO E 711 15.16 4.41 19.86
C PRO E 711 14.79 5.61 20.69
N SER E 712 14.83 6.79 20.05
CA SER E 712 14.40 8.01 20.71
C SER E 712 12.91 7.98 21.02
N ILE E 713 12.11 7.46 20.09
CA ILE E 713 10.70 7.22 20.36
C ILE E 713 10.59 6.00 21.26
N GLN E 714 10.03 6.19 22.44
CA GLN E 714 9.96 5.12 23.43
C GLN E 714 8.95 4.06 23.00
N PRO E 715 9.36 2.80 22.86
CA PRO E 715 8.39 1.76 22.51
C PRO E 715 7.49 1.44 23.71
N ARG E 716 6.20 1.36 23.44
CA ARG E 716 5.21 1.05 24.46
C ARG E 716 4.30 -0.06 23.94
N ALA E 717 3.71 -0.79 24.88
CA ALA E 717 2.73 -1.81 24.52
C ALA E 717 1.47 -1.16 23.97
N LEU E 718 0.73 -1.94 23.19
CA LEU E 718 -0.53 -1.47 22.65
C LEU E 718 -1.53 -1.21 23.78
N SER E 719 -2.38 -0.22 23.58
CA SER E 719 -3.40 0.09 24.57
C SER E 719 -4.41 -1.05 24.68
N ILE E 720 -5.11 -1.10 25.80
CA ILE E 720 -6.09 -2.16 26.04
C ILE E 720 -7.20 -2.10 25.01
N THR E 721 -7.70 -0.89 24.73
CA THR E 721 -8.64 -0.72 23.62
C THR E 721 -7.97 -1.05 22.30
N GLN E 722 -6.73 -0.60 22.11
CA GLN E 722 -6.00 -0.92 20.89
C GLN E 722 -5.74 -2.41 20.76
N GLY E 723 -5.38 -3.07 21.86
CA GLY E 723 -5.18 -4.51 21.83
C GLY E 723 -6.46 -5.26 21.52
N ARG E 724 -7.57 -4.82 22.10
CA ARG E 724 -8.86 -5.42 21.76
C ARG E 724 -9.21 -5.23 20.30
N ALA E 725 -8.93 -4.04 19.76
CA ALA E 725 -9.20 -3.77 18.35
C ALA E 725 -8.35 -4.64 17.44
N VAL E 726 -7.06 -4.80 17.77
CA VAL E 726 -6.18 -5.66 16.98
C VAL E 726 -6.66 -7.10 17.04
N GLY E 727 -7.05 -7.56 18.23
CA GLY E 727 -7.53 -8.92 18.38
C GLY E 727 -8.80 -9.20 17.59
N VAL E 728 -9.78 -8.30 17.68
CA VAL E 728 -11.03 -8.51 16.97
C VAL E 728 -10.82 -8.38 15.47
N ALA E 729 -9.91 -7.49 15.03
CA ALA E 729 -9.67 -7.32 13.61
C ALA E 729 -9.00 -8.56 13.02
N HIS E 730 -7.95 -9.06 13.68
CA HIS E 730 -7.29 -10.26 13.19
C HIS E 730 -8.19 -11.48 13.30
N TYR E 731 -9.03 -11.56 14.34
CA TYR E 731 -9.97 -12.68 14.49
C TYR E 731 -10.99 -12.69 13.36
N LEU E 732 -11.58 -11.52 13.08
CA LEU E 732 -12.55 -11.42 12.01
C LEU E 732 -11.89 -11.72 10.66
N LEU E 733 -10.69 -11.18 10.42
CA LEU E 733 -10.01 -11.41 9.15
C LEU E 733 -9.70 -12.90 8.96
N GLY E 734 -9.21 -13.56 10.03
CA GLY E 734 -8.90 -14.97 9.94
C GLY E 734 -10.11 -15.82 9.67
N GLY E 735 -11.20 -15.58 10.40
CA GLY E 735 -12.42 -16.36 10.18
C GLY E 735 -13.03 -16.12 8.81
N ILE E 736 -13.06 -14.85 8.38
CA ILE E 736 -13.63 -14.49 7.09
C ILE E 736 -12.84 -15.13 5.97
N ALA E 737 -11.51 -15.06 6.03
CA ALA E 737 -10.70 -15.63 4.97
C ALA E 737 -10.71 -17.15 5.01
N THR E 738 -10.88 -17.75 6.19
CA THR E 738 -11.02 -19.20 6.28
C THR E 738 -12.28 -19.66 5.56
N THR E 739 -13.41 -19.02 5.86
CA THR E 739 -14.66 -19.38 5.20
C THR E 739 -14.60 -19.07 3.71
N TRP E 740 -13.93 -17.96 3.34
CA TRP E 740 -13.80 -17.60 1.94
C TRP E 740 -13.02 -18.65 1.16
N SER E 741 -11.86 -19.06 1.69
CA SER E 741 -11.03 -20.04 1.01
C SER E 741 -11.73 -21.40 0.92
N PHE E 742 -12.33 -21.84 2.04
CA PHE E 742 -13.02 -23.13 2.04
C PHE E 742 -14.19 -23.14 1.07
N PHE E 743 -15.02 -22.08 1.12
CA PHE E 743 -16.18 -21.99 0.25
C PHE E 743 -15.77 -21.96 -1.22
N LEU E 744 -14.79 -21.10 -1.57
CA LEU E 744 -14.40 -20.96 -2.97
C LEU E 744 -13.75 -22.23 -3.51
N ALA E 745 -12.87 -22.86 -2.73
CA ALA E 745 -12.23 -24.08 -3.20
C ALA E 745 -13.23 -25.21 -3.37
N ARG E 746 -14.15 -25.38 -2.40
CA ARG E 746 -15.15 -26.43 -2.50
C ARG E 746 -16.09 -26.18 -3.67
N ILE E 747 -16.51 -24.94 -3.87
CA ILE E 747 -17.49 -24.65 -4.91
C ILE E 747 -16.85 -24.56 -6.31
N ILE E 748 -15.53 -24.41 -6.39
CA ILE E 748 -14.88 -24.42 -7.69
C ILE E 748 -14.47 -25.82 -8.11
N ALA E 749 -13.96 -26.62 -7.18
CA ALA E 749 -13.50 -27.96 -7.53
C ALA E 749 -14.66 -28.87 -7.90
N VAL E 750 -15.70 -28.92 -7.08
CA VAL E 750 -16.81 -29.83 -7.35
C VAL E 750 -17.97 -29.15 -8.08
N GLY E 751 -18.00 -27.83 -8.13
CA GLY E 751 -19.08 -27.12 -8.80
C GLY E 751 -18.84 -26.94 -10.29
N ALA F 2 -24.27 -10.24 58.22
CA ALA F 2 -23.20 -10.86 57.45
C ALA F 2 -22.33 -11.76 58.33
N THR F 3 -21.09 -11.97 57.90
CA THR F 3 -20.09 -12.80 58.58
C THR F 3 -20.60 -14.24 58.74
N LYS F 4 -20.77 -14.89 57.58
CA LYS F 4 -21.12 -16.30 57.55
C LYS F 4 -19.94 -17.17 57.98
N LEU F 5 -20.22 -18.43 58.26
CA LEU F 5 -19.22 -19.33 58.83
C LEU F 5 -18.53 -20.20 57.79
N PHE F 6 -18.91 -20.11 56.52
CA PHE F 6 -18.26 -20.95 55.50
C PHE F 6 -16.78 -20.62 55.31
N PRO F 7 -16.36 -19.35 55.10
CA PRO F 7 -14.89 -19.15 55.05
C PRO F 7 -14.31 -18.93 56.45
N LYS F 8 -14.19 -20.03 57.19
CA LYS F 8 -13.62 -19.97 58.53
C LYS F 8 -12.12 -19.66 58.50
N PHE F 9 -11.46 -19.84 57.36
CA PHE F 9 -10.06 -19.53 57.21
C PHE F 9 -9.81 -18.09 56.76
N SER F 10 -10.86 -17.27 56.65
CA SER F 10 -10.71 -15.90 56.20
C SER F 10 -11.86 -15.08 56.79
N GLN F 11 -11.55 -14.28 57.81
CA GLN F 11 -12.58 -13.43 58.41
C GLN F 11 -13.02 -12.33 57.47
N GLY F 12 -12.12 -11.82 56.64
CA GLY F 12 -12.49 -10.80 55.67
C GLY F 12 -13.42 -11.35 54.59
N LEU F 13 -13.17 -12.57 54.14
CA LEU F 13 -14.06 -13.20 53.17
C LEU F 13 -15.40 -13.59 53.77
N ALA F 14 -15.45 -13.80 55.09
CA ALA F 14 -16.71 -14.11 55.74
C ALA F 14 -17.68 -12.94 55.68
N GLN F 15 -17.17 -11.72 55.83
CA GLN F 15 -17.99 -10.51 55.75
C GLN F 15 -18.09 -10.00 54.32
N ASP F 16 -18.47 -10.88 53.40
CA ASP F 16 -18.64 -10.54 51.98
C ASP F 16 -20.03 -10.96 51.55
N PRO F 17 -20.98 -10.02 51.46
CA PRO F 17 -22.36 -10.37 51.07
C PRO F 17 -22.50 -10.51 49.55
N SER F 18 -21.80 -11.50 49.00
CA SER F 18 -21.81 -11.72 47.56
C SER F 18 -21.53 -13.19 47.27
N THR F 19 -21.88 -13.60 46.06
CA THR F 19 -21.58 -14.97 45.62
C THR F 19 -20.09 -15.21 45.47
N ARG F 20 -19.30 -14.15 45.27
CA ARG F 20 -17.84 -14.26 45.17
C ARG F 20 -17.24 -14.87 46.42
N ARG F 21 -17.88 -14.63 47.58
CA ARG F 21 -17.44 -15.24 48.83
C ARG F 21 -17.41 -16.77 48.73
N ILE F 22 -18.34 -17.34 47.98
CA ILE F 22 -18.28 -18.78 47.71
C ILE F 22 -17.05 -19.10 46.87
N TRP F 23 -16.86 -18.37 45.76
CA TRP F 23 -15.79 -18.70 44.82
C TRP F 23 -14.42 -18.49 45.46
N TYR F 24 -14.21 -17.32 46.07
CA TYR F 24 -12.99 -17.09 46.82
C TYR F 24 -12.90 -17.98 48.06
N GLY F 25 -14.02 -18.56 48.49
CA GLY F 25 -13.97 -19.57 49.54
C GLY F 25 -13.52 -20.93 49.08
N LEU F 26 -13.37 -21.12 47.77
CA LEU F 26 -12.89 -22.39 47.21
C LEU F 26 -11.51 -22.30 46.61
N ALA F 27 -11.18 -21.20 45.93
CA ALA F 27 -9.86 -21.05 45.32
C ALA F 27 -8.79 -20.81 46.37
N THR F 28 -9.12 -20.08 47.43
CA THR F 28 -8.21 -19.84 48.53
C THR F 28 -8.39 -20.84 49.67
N ALA F 29 -8.83 -22.06 49.35
CA ALA F 29 -9.13 -23.02 50.40
C ALA F 29 -7.86 -23.56 51.06
N HIS F 30 -6.86 -23.91 50.26
CA HIS F 30 -5.65 -24.53 50.80
C HIS F 30 -4.43 -23.62 50.72
N ASP F 31 -4.66 -22.30 50.73
CA ASP F 31 -3.57 -21.32 50.82
C ASP F 31 -3.49 -20.89 52.28
N PHE F 32 -2.91 -21.76 53.11
CA PHE F 32 -2.90 -21.54 54.54
C PHE F 32 -2.01 -20.37 54.96
N GLU F 33 -1.07 -19.96 54.11
CA GLU F 33 -0.18 -18.85 54.47
C GLU F 33 -0.93 -17.53 54.53
N SER F 34 -2.04 -17.40 53.82
CA SER F 34 -2.84 -16.19 53.80
C SER F 34 -4.04 -16.25 54.74
N HIS F 35 -4.14 -17.30 55.54
CA HIS F 35 -5.26 -17.43 56.45
C HIS F 35 -5.01 -16.64 57.74
N ASP F 36 -6.11 -16.22 58.37
CA ASP F 36 -6.02 -15.36 59.54
C ASP F 36 -5.59 -16.17 60.77
N GLY F 37 -4.68 -15.59 61.54
CA GLY F 37 -4.20 -16.23 62.76
C GLY F 37 -3.48 -17.53 62.53
N MET F 38 -2.65 -17.59 61.50
CA MET F 38 -1.95 -18.81 61.11
C MET F 38 -0.49 -18.72 61.53
N THR F 39 -0.05 -19.71 62.29
CA THR F 39 1.36 -19.84 62.67
C THR F 39 2.06 -20.81 61.73
N GLU F 40 3.39 -20.83 61.83
CA GLU F 40 4.18 -21.74 61.00
C GLU F 40 3.96 -23.19 61.42
N GLU F 41 3.83 -23.44 62.72
CA GLU F 41 3.59 -24.81 63.20
C GLU F 41 2.23 -25.31 62.74
N ASN F 42 1.20 -24.46 62.82
CA ASN F 42 -0.13 -24.85 62.35
C ASN F 42 -0.13 -25.08 60.84
N LEU F 43 0.62 -24.26 60.10
CA LEU F 43 0.76 -24.46 58.66
C LEU F 43 1.42 -25.79 58.35
N TYR F 44 2.47 -26.14 59.10
CA TYR F 44 3.14 -27.42 58.90
C TYR F 44 2.23 -28.59 59.23
N GLN F 45 1.43 -28.47 60.30
CA GLN F 45 0.51 -29.54 60.67
C GLN F 45 -0.57 -29.71 59.61
N LYS F 46 -1.10 -28.61 59.08
CA LYS F 46 -2.09 -28.68 58.02
C LYS F 46 -1.49 -29.29 56.75
N ILE F 47 -0.23 -28.97 56.46
CA ILE F 47 0.45 -29.55 55.31
C ILE F 47 0.62 -31.06 55.48
N PHE F 48 1.00 -31.49 56.69
CA PHE F 48 1.14 -32.92 56.97
C PHE F 48 -0.19 -33.65 56.83
N ALA F 49 -1.26 -33.08 57.37
CA ALA F 49 -2.59 -33.69 57.24
C ALA F 49 -3.03 -33.75 55.78
N SER F 50 -2.76 -32.68 55.02
CA SER F 50 -3.12 -32.66 53.61
C SER F 50 -2.34 -33.68 52.80
N HIS F 51 -1.05 -33.86 53.14
CA HIS F 51 -0.23 -34.86 52.46
C HIS F 51 -0.74 -36.26 52.75
N PHE F 52 -1.10 -36.54 54.00
CA PHE F 52 -1.69 -37.83 54.33
C PHE F 52 -3.02 -38.03 53.62
N GLY F 53 -3.81 -36.97 53.48
CA GLY F 53 -5.06 -37.07 52.75
C GLY F 53 -4.85 -37.37 51.27
N GLN F 54 -3.88 -36.71 50.63
CA GLN F 54 -3.59 -36.97 49.23
C GLN F 54 -3.07 -38.39 49.04
N LEU F 55 -2.24 -38.87 49.97
CA LEU F 55 -1.77 -40.26 49.91
C LEU F 55 -2.92 -41.24 50.03
N ALA F 56 -3.85 -40.96 50.95
CA ALA F 56 -5.01 -41.84 51.12
C ALA F 56 -5.89 -41.83 49.87
N ILE F 57 -6.08 -40.67 49.26
CA ILE F 57 -6.86 -40.58 48.03
C ILE F 57 -6.20 -41.34 46.89
N ILE F 58 -4.87 -41.24 46.78
CA ILE F 58 -4.14 -41.98 45.75
C ILE F 58 -4.28 -43.48 45.94
N PHE F 59 -4.13 -43.94 47.19
CA PHE F 59 -4.24 -45.37 47.46
C PHE F 59 -5.66 -45.87 47.25
N LEU F 60 -6.67 -45.07 47.61
CA LEU F 60 -8.05 -45.43 47.34
C LEU F 60 -8.33 -45.50 45.84
N TRP F 61 -7.73 -44.58 45.07
CA TRP F 61 -7.93 -44.56 43.63
C TRP F 61 -7.33 -45.79 42.96
N THR F 62 -6.11 -46.17 43.36
CA THR F 62 -5.53 -47.37 42.75
C THR F 62 -6.20 -48.65 43.26
N SER F 63 -6.70 -48.64 44.49
CA SER F 63 -7.52 -49.75 44.96
C SER F 63 -8.80 -49.89 44.14
N GLY F 64 -9.42 -48.76 43.81
CA GLY F 64 -10.61 -48.80 42.96
C GLY F 64 -10.29 -49.27 41.55
N ASN F 65 -9.13 -48.88 41.03
CA ASN F 65 -8.72 -49.39 39.72
C ASN F 65 -8.52 -50.90 39.74
N LEU F 66 -7.87 -51.42 40.79
CA LEU F 66 -7.68 -52.86 40.92
C LEU F 66 -9.02 -53.59 41.07
N PHE F 67 -9.93 -53.02 41.86
CA PHE F 67 -11.23 -53.66 42.10
C PHE F 67 -12.09 -53.66 40.83
N HIS F 68 -12.08 -52.55 40.08
CA HIS F 68 -12.85 -52.46 38.85
C HIS F 68 -12.19 -53.16 37.68
N VAL F 69 -10.92 -53.56 37.81
CA VAL F 69 -10.35 -54.47 36.84
C VAL F 69 -10.71 -55.91 37.18
N ALA F 70 -10.65 -56.26 38.47
CA ALA F 70 -11.03 -57.61 38.90
C ALA F 70 -12.51 -57.86 38.69
N TRP F 71 -13.36 -57.07 39.34
CA TRP F 71 -14.80 -57.14 39.10
C TRP F 71 -15.14 -56.36 37.84
N GLN F 72 -15.99 -56.96 37.00
CA GLN F 72 -16.38 -56.41 35.70
C GLN F 72 -15.15 -56.14 34.82
N GLY F 73 -14.39 -57.20 34.59
CA GLY F 73 -13.19 -57.12 33.79
C GLY F 73 -12.86 -58.48 33.20
N ASN F 74 -11.82 -58.50 32.37
CA ASN F 74 -11.39 -59.71 31.68
C ASN F 74 -9.88 -59.91 31.83
N PHE F 75 -9.41 -59.79 33.09
CA PHE F 75 -7.98 -59.90 33.35
C PHE F 75 -7.45 -61.30 33.04
N GLU F 76 -8.18 -62.34 33.41
CA GLU F 76 -7.72 -63.70 33.14
C GLU F 76 -7.75 -64.01 31.65
N GLN F 77 -8.81 -63.57 30.95
CA GLN F 77 -8.90 -63.78 29.51
C GLN F 77 -7.80 -63.02 28.77
N TRP F 78 -7.47 -61.82 29.24
CA TRP F 78 -6.36 -61.09 28.66
C TRP F 78 -5.02 -61.73 28.99
N VAL F 79 -4.91 -62.37 30.15
CA VAL F 79 -3.69 -63.10 30.50
C VAL F 79 -3.49 -64.28 29.57
N THR F 80 -4.58 -65.00 29.27
CA THR F 80 -4.48 -66.15 28.36
C THR F 80 -4.10 -65.72 26.94
N ASP F 81 -4.70 -64.64 26.44
CA ASP F 81 -4.45 -64.15 25.08
C ASP F 81 -4.18 -62.66 25.12
N PRO F 82 -2.93 -62.24 25.33
CA PRO F 82 -2.63 -60.81 25.43
C PRO F 82 -2.52 -60.09 24.10
N ILE F 83 -2.78 -60.76 22.98
CA ILE F 83 -2.63 -60.17 21.66
C ILE F 83 -3.97 -59.73 21.08
N HIS F 84 -4.98 -60.60 21.14
CA HIS F 84 -6.23 -60.38 20.41
C HIS F 84 -7.26 -59.63 21.24
N VAL F 85 -7.67 -60.19 22.38
CA VAL F 85 -8.74 -59.60 23.15
C VAL F 85 -8.25 -58.36 23.88
N ARG F 86 -9.11 -57.31 23.92
CA ARG F 86 -8.82 -56.00 24.51
C ARG F 86 -9.12 -56.00 26.00
N PRO F 87 -8.35 -55.23 26.77
CA PRO F 87 -8.65 -55.11 28.21
C PRO F 87 -9.94 -54.34 28.45
N ILE F 88 -10.53 -54.58 29.62
CA ILE F 88 -11.78 -53.95 30.01
C ILE F 88 -11.51 -53.09 31.24
N ALA F 89 -11.88 -51.81 31.17
CA ALA F 89 -11.66 -50.90 32.29
C ALA F 89 -12.76 -51.03 33.34
N HIS F 90 -14.00 -50.72 32.97
CA HIS F 90 -15.12 -50.84 33.88
C HIS F 90 -16.39 -51.03 33.08
N ALA F 91 -17.35 -51.73 33.68
CA ALA F 91 -18.64 -51.93 33.03
C ALA F 91 -19.44 -50.63 33.04
N ILE F 92 -20.35 -50.52 32.09
CA ILE F 92 -21.19 -49.34 31.92
C ILE F 92 -22.61 -49.70 32.33
N TRP F 93 -23.15 -48.96 33.29
CA TRP F 93 -24.56 -49.04 33.66
C TRP F 93 -25.14 -47.65 33.51
N ASP F 94 -25.71 -47.37 32.35
CA ASP F 94 -26.34 -46.08 32.07
C ASP F 94 -27.78 -46.33 31.63
N PRO F 95 -28.78 -45.94 32.42
CA PRO F 95 -30.17 -46.11 31.99
C PRO F 95 -30.55 -45.23 30.80
N HIS F 96 -29.78 -44.17 30.52
CA HIS F 96 -30.01 -43.36 29.33
C HIS F 96 -29.54 -44.04 28.05
N PHE F 97 -28.81 -45.14 28.16
CA PHE F 97 -28.37 -45.89 26.99
C PHE F 97 -29.55 -46.56 26.29
N GLY F 98 -29.51 -46.57 24.96
CA GLY F 98 -30.47 -47.31 24.18
C GLY F 98 -29.99 -48.72 23.87
N GLN F 99 -30.90 -49.53 23.34
CA GLN F 99 -30.57 -50.91 23.01
C GLN F 99 -29.49 -51.06 21.93
N PRO F 100 -29.50 -50.32 20.81
CA PRO F 100 -28.32 -50.39 19.92
C PRO F 100 -27.04 -49.91 20.56
N ALA F 101 -27.12 -48.94 21.47
CA ALA F 101 -25.92 -48.48 22.16
C ALA F 101 -25.42 -49.53 23.15
N VAL F 102 -26.33 -50.26 23.79
CA VAL F 102 -25.93 -51.35 24.67
C VAL F 102 -25.30 -52.48 23.86
N GLU F 103 -25.89 -52.81 22.71
CA GLU F 103 -25.36 -53.90 21.89
C GLU F 103 -24.00 -53.53 21.28
N ALA F 104 -23.81 -52.26 20.90
CA ALA F 104 -22.56 -51.85 20.29
C ALA F 104 -21.40 -51.78 21.26
N PHE F 105 -21.68 -51.61 22.56
CA PHE F 105 -20.63 -51.49 23.56
C PHE F 105 -20.25 -52.83 24.19
N THR F 106 -20.84 -53.93 23.74
CA THR F 106 -20.51 -55.26 24.26
C THR F 106 -19.30 -55.78 23.50
N ARG F 107 -18.11 -55.57 24.07
CA ARG F 107 -16.86 -55.96 23.44
C ARG F 107 -16.01 -56.74 24.42
N GLY F 108 -15.07 -57.52 23.88
CA GLY F 108 -14.17 -58.29 24.71
C GLY F 108 -14.77 -59.48 25.39
N GLY F 109 -15.88 -60.01 24.87
CA GLY F 109 -16.54 -61.15 25.48
C GLY F 109 -17.15 -60.87 26.84
N ALA F 110 -17.81 -59.73 26.99
CA ALA F 110 -18.45 -59.35 28.24
C ALA F 110 -19.96 -59.53 28.15
N SER F 111 -20.60 -59.57 29.31
CA SER F 111 -22.04 -59.73 29.40
C SER F 111 -22.79 -58.42 29.37
N GLY F 112 -22.08 -57.29 29.32
CA GLY F 112 -22.72 -55.99 29.29
C GLY F 112 -21.84 -54.95 28.63
N PRO F 113 -22.29 -53.69 28.66
CA PRO F 113 -21.47 -52.61 28.07
C PRO F 113 -20.24 -52.34 28.92
N VAL F 114 -19.07 -52.39 28.29
CA VAL F 114 -17.80 -52.21 28.98
C VAL F 114 -16.95 -51.22 28.20
N ASN F 115 -15.98 -50.63 28.90
CA ASN F 115 -15.05 -49.68 28.32
C ASN F 115 -13.70 -50.36 28.12
N ILE F 116 -13.12 -50.19 26.93
CA ILE F 116 -11.83 -50.79 26.64
C ILE F 116 -10.75 -50.03 27.38
N ALA F 117 -9.99 -50.73 28.23
CA ALA F 117 -9.01 -50.09 29.08
C ALA F 117 -7.81 -49.61 28.27
N THR F 118 -7.40 -48.36 28.50
CA THR F 118 -6.23 -47.79 27.87
C THR F 118 -5.19 -47.31 28.87
N SER F 119 -5.43 -47.50 30.17
CA SER F 119 -4.47 -47.07 31.18
C SER F 119 -3.23 -47.94 31.22
N GLY F 120 -3.33 -49.18 30.75
CA GLY F 120 -2.18 -50.06 30.73
C GLY F 120 -1.90 -50.81 32.02
N VAL F 121 -2.84 -50.80 32.97
CA VAL F 121 -2.64 -51.55 34.20
C VAL F 121 -2.68 -53.05 33.96
N TYR F 122 -3.31 -53.49 32.87
CA TYR F 122 -3.32 -54.92 32.54
C TYR F 122 -1.91 -55.42 32.25
N GLN F 123 -1.18 -54.71 31.39
CA GLN F 123 0.18 -55.10 31.06
C GLN F 123 1.09 -55.02 32.28
N TRP F 124 0.93 -53.97 33.10
CA TRP F 124 1.75 -53.81 34.30
C TRP F 124 1.50 -54.94 35.30
N TRP F 125 0.23 -55.28 35.53
CA TRP F 125 -0.09 -56.31 36.51
C TRP F 125 0.23 -57.70 35.97
N TYR F 126 0.24 -57.88 34.65
CA TYR F 126 0.75 -59.12 34.09
C TYR F 126 2.26 -59.21 34.22
N THR F 127 2.95 -58.07 34.12
CA THR F 127 4.41 -58.07 34.22
C THR F 127 4.87 -58.31 35.66
N ILE F 128 4.18 -57.73 36.64
CA ILE F 128 4.62 -57.89 38.03
C ILE F 128 4.25 -59.22 38.63
N GLY F 129 3.44 -60.04 37.96
CA GLY F 129 3.14 -61.39 38.40
C GLY F 129 1.70 -61.64 38.78
N LEU F 130 0.80 -60.67 38.72
CA LEU F 130 -0.60 -60.93 39.04
C LEU F 130 -1.27 -61.69 37.91
N ARG F 131 -1.95 -62.78 38.24
CA ARG F 131 -2.58 -63.63 37.24
C ARG F 131 -4.06 -63.87 37.48
N SER F 132 -4.47 -64.00 38.73
CA SER F 132 -5.86 -64.34 39.06
C SER F 132 -6.62 -63.11 39.53
N ASN F 133 -7.95 -63.21 39.43
CA ASN F 133 -8.80 -62.11 39.89
C ASN F 133 -8.83 -62.02 41.41
N GLN F 134 -8.60 -63.14 42.10
CA GLN F 134 -8.57 -63.12 43.57
C GLN F 134 -7.37 -62.33 44.07
N GLU F 135 -6.24 -62.41 43.37
CA GLU F 135 -5.07 -61.61 43.72
C GLU F 135 -5.38 -60.12 43.58
N LEU F 136 -6.08 -59.74 42.51
CA LEU F 136 -6.48 -58.35 42.33
C LEU F 136 -7.47 -57.92 43.41
N TYR F 137 -8.38 -58.81 43.81
CA TYR F 137 -9.34 -58.51 44.86
C TYR F 137 -8.64 -58.25 46.19
N VAL F 138 -7.70 -59.14 46.56
CA VAL F 138 -7.02 -58.97 47.84
C VAL F 138 -6.08 -57.78 47.80
N SER F 139 -5.49 -57.48 46.63
CA SER F 139 -4.67 -56.28 46.50
C SER F 139 -5.51 -55.01 46.65
N SER F 140 -6.71 -55.01 46.05
CA SER F 140 -7.59 -53.84 46.16
C SER F 140 -8.07 -53.63 47.59
N VAL F 141 -8.44 -54.71 48.29
CA VAL F 141 -8.90 -54.54 49.66
C VAL F 141 -7.73 -54.17 50.58
N PHE F 142 -6.53 -54.65 50.30
CA PHE F 142 -5.37 -54.25 51.09
C PHE F 142 -5.02 -52.79 50.87
N LEU F 143 -5.12 -52.32 49.63
CA LEU F 143 -4.87 -50.90 49.36
C LEU F 143 -5.96 -50.01 49.95
N ALA F 144 -7.20 -50.49 49.98
CA ALA F 144 -8.25 -49.75 50.67
C ALA F 144 -7.97 -49.65 52.17
N LEU F 145 -7.49 -50.76 52.76
CA LEU F 145 -7.10 -50.72 54.17
C LEU F 145 -5.92 -49.77 54.39
N VAL F 146 -4.98 -49.74 53.46
CA VAL F 146 -3.83 -48.83 53.55
C VAL F 146 -4.30 -47.38 53.46
N SER F 147 -5.25 -47.09 52.57
CA SER F 147 -5.78 -45.73 52.44
C SER F 147 -6.53 -45.31 53.70
N ALA F 148 -7.31 -46.22 54.28
CA ALA F 148 -8.00 -45.91 55.54
C ALA F 148 -7.01 -45.69 56.67
N VAL F 149 -5.93 -46.49 56.70
CA VAL F 149 -4.89 -46.33 57.71
C VAL F 149 -4.21 -44.97 57.55
N PHE F 150 -3.94 -44.56 56.31
CA PHE F 150 -3.29 -43.27 56.07
C PHE F 150 -4.21 -42.11 56.46
N LEU F 151 -5.51 -42.23 56.17
CA LEU F 151 -6.45 -41.19 56.58
C LEU F 151 -6.54 -41.09 58.10
N PHE F 152 -6.58 -42.24 58.79
CA PHE F 152 -6.60 -42.23 60.25
C PHE F 152 -5.29 -41.68 60.80
N ALA F 153 -4.18 -41.95 60.13
CA ALA F 153 -2.88 -41.42 60.56
C ALA F 153 -2.83 -39.91 60.41
N GLY F 154 -3.38 -39.38 59.31
CA GLY F 154 -3.47 -37.94 59.16
C GLY F 154 -4.35 -37.31 60.22
N TRP F 155 -5.46 -37.96 60.55
CA TRP F 155 -6.33 -37.47 61.61
C TRP F 155 -5.62 -37.49 62.96
N LEU F 156 -4.85 -38.54 63.24
CA LEU F 156 -4.19 -38.66 64.55
C LEU F 156 -3.03 -37.68 64.67
N HIS F 157 -2.25 -37.51 63.60
CA HIS F 157 -1.17 -36.53 63.61
C HIS F 157 -1.72 -35.10 63.59
N LEU F 158 -2.98 -34.91 63.16
CA LEU F 158 -3.63 -33.62 63.31
C LEU F 158 -4.06 -33.36 64.75
N GLN F 159 -4.33 -34.42 65.51
CA GLN F 159 -4.84 -34.30 66.86
C GLN F 159 -3.78 -33.70 67.80
N PRO F 160 -4.22 -33.10 68.91
CA PRO F 160 -3.25 -32.60 69.90
C PRO F 160 -2.45 -33.73 70.53
N ASN F 161 -1.33 -33.33 71.15
CA ASN F 161 -0.28 -34.19 71.73
C ASN F 161 0.26 -35.24 70.74
N PHE F 162 0.03 -35.01 69.44
CA PHE F 162 0.66 -35.79 68.38
C PHE F 162 1.22 -34.92 67.27
N GLN F 163 0.98 -33.61 67.30
CA GLN F 163 1.45 -32.73 66.25
C GLN F 163 2.98 -32.58 66.34
N PRO F 164 3.69 -32.70 65.22
CA PRO F 164 5.16 -32.59 65.27
C PRO F 164 5.59 -31.17 65.53
N SER F 165 6.81 -31.04 66.05
CA SER F 165 7.39 -29.75 66.36
C SER F 165 7.85 -29.03 65.09
N LEU F 166 8.12 -27.74 65.23
CA LEU F 166 8.65 -26.95 64.11
C LEU F 166 10.03 -27.43 63.70
N SER F 167 10.89 -27.72 64.68
CA SER F 167 12.23 -28.21 64.38
C SER F 167 12.19 -29.61 63.79
N TRP F 168 11.15 -30.38 64.09
CA TRP F 168 10.98 -31.69 63.45
C TRP F 168 10.76 -31.54 61.95
N PHE F 169 9.94 -30.56 61.55
CA PHE F 169 9.73 -30.32 60.13
C PHE F 169 10.94 -29.68 59.49
N LYS F 170 11.63 -28.80 60.22
CA LYS F 170 12.79 -28.09 59.69
C LYS F 170 14.08 -28.91 59.75
N ASP F 171 14.04 -30.12 60.30
CA ASP F 171 15.21 -30.98 60.34
C ASP F 171 15.45 -31.53 58.93
N ALA F 172 16.16 -30.74 58.13
CA ALA F 172 16.33 -31.08 56.72
C ALA F 172 17.30 -32.24 56.53
N GLU F 173 18.34 -32.31 57.35
CA GLU F 173 19.37 -33.32 57.17
C GLU F 173 18.84 -34.72 57.41
N SER F 174 18.13 -34.92 58.52
CA SER F 174 17.60 -36.24 58.85
C SER F 174 16.52 -36.67 57.86
N ARG F 175 15.67 -35.72 57.44
CA ARG F 175 14.65 -36.02 56.44
C ARG F 175 15.29 -36.42 55.12
N LEU F 176 16.32 -35.68 54.70
CA LEU F 176 17.02 -36.00 53.45
C LEU F 176 17.68 -37.36 53.51
N ASN F 177 18.35 -37.66 54.62
CA ASN F 177 19.02 -38.96 54.77
C ASN F 177 18.01 -40.10 54.79
N HIS F 178 16.91 -39.94 55.52
CA HIS F 178 15.93 -41.01 55.63
C HIS F 178 15.19 -41.23 54.32
N HIS F 179 14.80 -40.15 53.63
CA HIS F 179 14.08 -40.31 52.38
C HIS F 179 15.00 -40.75 51.25
N LEU F 180 16.30 -40.48 51.33
CA LEU F 180 17.23 -41.01 50.35
C LEU F 180 17.55 -42.47 50.60
N SER F 181 17.62 -42.89 51.87
CA SER F 181 18.00 -44.26 52.21
C SER F 181 16.82 -45.19 52.40
N GLY F 182 15.71 -44.70 52.94
CA GLY F 182 14.56 -45.56 53.20
C GLY F 182 13.46 -45.45 52.18
N LEU F 183 13.10 -44.23 51.80
CA LEU F 183 12.00 -44.04 50.85
C LEU F 183 12.40 -44.47 49.45
N PHE F 184 13.69 -44.41 49.13
CA PHE F 184 14.18 -44.81 47.81
C PHE F 184 15.05 -46.05 47.84
N GLY F 185 15.89 -46.21 48.86
CA GLY F 185 16.80 -47.34 48.92
C GLY F 185 16.15 -48.66 49.26
N VAL F 186 15.65 -48.80 50.49
CA VAL F 186 15.08 -50.07 50.90
C VAL F 186 13.73 -50.33 50.23
N SER F 187 13.05 -49.29 49.76
CA SER F 187 11.84 -49.48 48.97
C SER F 187 12.17 -50.18 47.65
N SER F 188 13.20 -49.71 46.96
CA SER F 188 13.64 -50.36 45.73
C SER F 188 14.23 -51.73 46.00
N LEU F 189 14.89 -51.92 47.15
CA LEU F 189 15.43 -53.22 47.50
C LEU F 189 14.31 -54.24 47.72
N ALA F 190 13.26 -53.83 48.45
CA ALA F 190 12.11 -54.72 48.63
C ALA F 190 11.38 -54.95 47.33
N TRP F 191 11.31 -53.94 46.45
CA TRP F 191 10.65 -54.10 45.17
C TRP F 191 11.39 -55.09 44.28
N THR F 192 12.73 -55.01 44.23
CA THR F 192 13.46 -55.96 43.40
C THR F 192 13.51 -57.34 44.04
N GLY F 193 13.41 -57.42 45.37
CA GLY F 193 13.22 -58.72 46.00
C GLY F 193 11.90 -59.36 45.63
N HIS F 194 10.83 -58.57 45.60
CA HIS F 194 9.55 -59.06 45.12
C HIS F 194 9.62 -59.46 43.66
N LEU F 195 10.34 -58.68 42.85
CA LEU F 195 10.52 -59.01 41.44
C LEU F 195 11.18 -60.37 41.28
N VAL F 196 12.31 -60.59 41.97
CA VAL F 196 13.03 -61.85 41.89
C VAL F 196 12.18 -63.00 42.41
N HIS F 197 11.46 -62.78 43.50
CA HIS F 197 10.69 -63.87 44.10
C HIS F 197 9.46 -64.24 43.29
N VAL F 198 8.83 -63.27 42.61
CA VAL F 198 7.52 -63.52 42.03
C VAL F 198 7.54 -63.42 40.50
N ALA F 199 7.99 -62.28 39.97
CA ALA F 199 7.72 -61.94 38.57
C ALA F 199 8.49 -62.85 37.62
N ILE F 200 9.78 -63.07 37.90
CA ILE F 200 10.57 -63.99 37.07
C ILE F 200 10.04 -65.42 37.15
N PRO F 201 9.74 -66.01 38.32
CA PRO F 201 9.04 -67.31 38.29
C PRO F 201 7.69 -67.28 37.61
N GLU F 202 6.92 -66.20 37.76
CA GLU F 202 5.62 -66.13 37.10
C GLU F 202 5.77 -65.95 35.59
N SER F 203 6.81 -65.25 35.15
CA SER F 203 7.12 -65.19 33.73
C SER F 203 7.76 -66.46 33.22
N ARG F 204 8.19 -67.36 34.12
CA ARG F 204 8.72 -68.66 33.73
C ARG F 204 7.77 -69.80 34.08
N GLY F 205 6.48 -69.51 34.23
CA GLY F 205 5.48 -70.54 34.43
C GLY F 205 5.45 -71.17 35.81
N GLN F 206 6.02 -70.51 36.82
CA GLN F 206 5.98 -71.00 38.19
C GLN F 206 5.17 -70.05 39.05
N HIS F 207 4.17 -70.58 39.74
CA HIS F 207 3.29 -69.76 40.58
C HIS F 207 3.93 -69.60 41.95
N VAL F 208 4.13 -68.34 42.35
CA VAL F 208 4.67 -68.01 43.66
C VAL F 208 3.64 -67.13 44.36
N GLY F 209 3.15 -67.60 45.51
CA GLY F 209 2.14 -66.88 46.27
C GLY F 209 2.54 -66.77 47.73
N TRP F 210 1.67 -66.10 48.49
CA TRP F 210 1.90 -65.95 49.92
C TRP F 210 1.76 -67.28 50.65
N ASP F 211 0.95 -68.19 50.11
CA ASP F 211 0.78 -69.50 50.73
C ASP F 211 2.04 -70.35 50.61
N ASN F 212 2.66 -70.35 49.43
CA ASN F 212 3.89 -71.08 49.18
C ASN F 212 5.13 -70.20 49.38
N PHE F 213 4.99 -69.08 50.08
CA PHE F 213 6.12 -68.22 50.37
C PHE F 213 6.95 -68.84 51.50
N LEU F 214 8.25 -68.50 51.50
CA LEU F 214 9.30 -69.12 52.31
C LEU F 214 9.49 -70.61 52.00
N SER F 215 9.08 -71.06 50.83
CA SER F 215 9.28 -72.47 50.49
C SER F 215 9.96 -72.67 49.15
N VAL F 216 9.67 -71.82 48.16
CA VAL F 216 10.27 -71.95 46.83
C VAL F 216 11.48 -71.04 46.76
N LEU F 217 12.61 -71.60 46.36
CA LEU F 217 13.84 -70.84 46.24
C LEU F 217 13.87 -70.11 44.90
N PRO F 218 14.09 -68.79 44.89
CA PRO F 218 14.11 -68.06 43.62
C PRO F 218 15.24 -68.48 42.69
N HIS F 219 16.40 -68.85 43.23
CA HIS F 219 17.50 -69.34 42.44
C HIS F 219 17.92 -70.72 42.95
N PRO F 220 18.19 -71.67 42.06
CA PRO F 220 18.52 -73.04 42.49
C PRO F 220 19.78 -73.14 43.32
N GLN F 221 20.69 -72.18 43.21
CA GLN F 221 21.89 -72.19 44.04
C GLN F 221 21.53 -71.95 45.51
N GLY F 222 20.62 -71.03 45.78
CA GLY F 222 20.11 -70.82 47.12
C GLY F 222 20.92 -69.87 47.96
N LEU F 223 21.16 -68.65 47.46
CA LEU F 223 21.75 -67.51 48.14
C LEU F 223 23.23 -67.70 48.49
N THR F 224 23.81 -68.87 48.26
CA THR F 224 25.22 -69.10 48.57
C THR F 224 26.21 -68.39 47.65
N PRO F 225 25.95 -68.19 46.35
CA PRO F 225 26.84 -67.30 45.58
C PRO F 225 26.87 -65.87 46.08
N PHE F 226 25.79 -65.37 46.69
CA PHE F 226 25.80 -64.02 47.23
C PHE F 226 26.77 -63.89 48.39
N TRP F 227 26.77 -64.86 49.31
CA TRP F 227 27.72 -64.82 50.42
C TRP F 227 29.12 -65.19 49.99
N SER F 228 29.25 -66.03 48.96
CA SER F 228 30.56 -66.41 48.46
C SER F 228 31.17 -65.38 47.51
N GLY F 229 30.41 -64.35 47.13
CA GLY F 229 30.90 -63.34 46.23
C GLY F 229 30.83 -63.69 44.76
N ASN F 230 30.31 -64.88 44.42
CA ASN F 230 30.21 -65.30 43.02
C ASN F 230 28.88 -64.84 42.43
N TRP F 231 28.75 -63.52 42.34
CA TRP F 231 27.50 -62.93 41.85
C TRP F 231 27.27 -63.19 40.37
N ALA F 232 28.31 -63.58 39.62
CA ALA F 232 28.16 -63.90 38.21
C ALA F 232 27.40 -65.20 37.99
N ALA F 233 27.24 -66.03 39.02
CA ALA F 233 26.48 -67.26 38.89
C ALA F 233 24.98 -67.00 38.71
N TYR F 234 24.50 -65.83 39.09
CA TYR F 234 23.09 -65.50 38.86
C TYR F 234 22.82 -65.27 37.37
N ALA F 235 23.77 -64.69 36.65
CA ALA F 235 23.64 -64.49 35.21
C ALA F 235 24.31 -65.65 34.46
N GLN F 236 23.76 -66.84 34.65
CA GLN F 236 24.31 -68.06 34.06
C GLN F 236 23.42 -68.63 32.97
N ASN F 237 22.12 -68.76 33.22
CA ASN F 237 21.18 -69.35 32.27
C ASN F 237 20.01 -68.38 32.06
N PRO F 238 20.17 -67.38 31.21
CA PRO F 238 19.07 -66.46 30.94
C PRO F 238 18.01 -67.11 30.05
N ASP F 239 16.86 -66.45 29.97
CA ASP F 239 15.77 -66.94 29.13
C ASP F 239 16.15 -66.84 27.66
N THR F 240 15.77 -67.86 26.90
CA THR F 240 16.11 -67.93 25.49
C THR F 240 15.23 -66.98 24.68
N ALA F 241 15.58 -66.82 23.40
CA ALA F 241 14.79 -65.99 22.51
C ALA F 241 13.41 -66.58 22.27
N SER F 242 13.33 -67.90 22.13
CA SER F 242 12.05 -68.59 21.94
C SER F 242 11.48 -68.99 23.31
N HIS F 243 11.14 -67.97 24.08
CA HIS F 243 10.58 -68.14 25.41
C HIS F 243 9.17 -67.57 25.47
N ALA F 244 8.23 -68.34 26.00
CA ALA F 244 6.87 -67.88 26.18
C ALA F 244 6.73 -67.25 27.56
N PHE F 245 6.08 -66.08 27.61
CA PHE F 245 5.96 -65.36 28.87
C PHE F 245 5.01 -66.06 29.84
N GLY F 246 3.93 -66.66 29.32
CA GLY F 246 2.98 -67.31 30.19
C GLY F 246 3.37 -68.70 30.63
N THR F 247 4.17 -69.39 29.83
CA THR F 247 4.54 -70.78 30.08
C THR F 247 6.01 -70.87 30.46
N ALA F 248 6.47 -72.11 30.63
CA ALA F 248 7.86 -72.40 30.99
C ALA F 248 8.69 -72.85 29.80
N ASP F 249 8.18 -72.71 28.59
CA ASP F 249 8.93 -73.12 27.40
C ASP F 249 10.05 -72.13 27.13
N GLY F 250 11.26 -72.66 26.93
CA GLY F 250 12.42 -71.82 26.73
C GLY F 250 12.80 -70.99 27.95
N SER F 251 12.59 -71.52 29.14
CA SER F 251 12.84 -70.78 30.37
C SER F 251 14.32 -70.88 30.73
N GLY F 252 14.68 -70.37 31.90
CA GLY F 252 16.04 -70.40 32.36
C GLY F 252 16.12 -70.20 33.86
N THR F 253 17.35 -70.11 34.36
CA THR F 253 17.63 -69.87 35.77
C THR F 253 18.53 -68.65 35.87
N ALA F 254 17.92 -67.47 35.90
CA ALA F 254 18.67 -66.21 36.00
C ALA F 254 17.75 -65.15 36.58
N ILE F 255 18.21 -64.47 37.62
CA ILE F 255 17.42 -63.44 38.26
C ILE F 255 18.03 -62.05 38.09
N LEU F 256 19.35 -61.94 37.95
CA LEU F 256 20.01 -60.67 37.69
C LEU F 256 20.97 -60.86 36.52
N THR F 257 20.80 -60.06 35.47
CA THR F 257 21.66 -60.15 34.29
C THR F 257 21.75 -58.78 33.66
N PHE F 258 22.46 -58.72 32.52
CA PHE F 258 22.63 -57.49 31.75
C PHE F 258 22.18 -57.72 30.32
N LEU F 259 21.12 -58.50 30.13
CA LEU F 259 20.63 -58.81 28.79
C LEU F 259 19.92 -57.62 28.18
N GLY F 260 20.68 -56.63 27.74
CA GLY F 260 20.13 -55.43 27.15
C GLY F 260 19.36 -55.68 25.87
N GLY F 261 18.19 -55.06 25.74
CA GLY F 261 17.35 -55.27 24.57
C GLY F 261 15.91 -55.54 24.95
N PHE F 262 15.22 -56.32 24.13
CA PHE F 262 13.81 -56.63 24.35
C PHE F 262 13.59 -58.14 24.25
N HIS F 263 12.58 -58.62 24.96
CA HIS F 263 12.16 -60.00 24.84
C HIS F 263 11.50 -60.19 23.48
N PRO F 264 11.98 -61.12 22.64
CA PRO F 264 11.42 -61.25 21.29
C PRO F 264 9.96 -61.62 21.24
N GLN F 265 9.45 -62.37 22.23
CA GLN F 265 8.07 -62.81 22.19
C GLN F 265 7.11 -61.69 22.51
N THR F 266 7.44 -60.84 23.48
CA THR F 266 6.52 -59.84 23.99
C THR F 266 6.95 -58.41 23.71
N GLN F 267 8.12 -58.20 23.11
CA GLN F 267 8.64 -56.87 22.75
C GLN F 267 8.72 -55.95 23.96
N SER F 268 9.29 -56.47 25.05
CA SER F 268 9.42 -55.72 26.28
C SER F 268 10.75 -56.05 26.94
N LEU F 269 11.14 -55.22 27.90
CA LEU F 269 12.38 -55.42 28.63
C LEU F 269 12.30 -56.66 29.50
N TRP F 270 13.45 -57.31 29.69
CA TRP F 270 13.51 -58.53 30.48
C TRP F 270 13.26 -58.25 31.95
N LEU F 271 12.58 -59.17 32.62
CA LEU F 271 12.29 -59.01 34.04
C LEU F 271 13.55 -59.10 34.88
N SER F 272 14.50 -59.97 34.49
CA SER F 272 15.77 -60.07 35.20
C SER F 272 16.58 -58.79 35.07
N ASP F 273 16.55 -58.17 33.88
CA ASP F 273 17.25 -56.90 33.69
C ASP F 273 16.67 -55.81 34.59
N MET F 274 15.34 -55.74 34.70
CA MET F 274 14.72 -54.73 35.55
C MET F 274 14.97 -55.01 37.01
N ALA F 275 15.00 -56.29 37.41
CA ALA F 275 15.33 -56.64 38.78
C ALA F 275 16.76 -56.25 39.14
N HIS F 276 17.70 -56.51 38.22
CA HIS F 276 19.09 -56.09 38.44
C HIS F 276 19.20 -54.57 38.48
N HIS F 277 18.43 -53.89 37.63
CA HIS F 277 18.43 -52.43 37.63
C HIS F 277 17.95 -51.87 38.95
N HIS F 278 16.84 -52.40 39.46
CA HIS F 278 16.30 -51.90 40.73
C HIS F 278 17.19 -52.27 41.89
N LEU F 279 17.86 -53.42 41.84
CA LEU F 279 18.82 -53.77 42.89
C LEU F 279 20.00 -52.81 42.89
N ALA F 280 20.55 -52.49 41.71
CA ALA F 280 21.66 -51.55 41.63
C ALA F 280 21.22 -50.15 42.07
N ILE F 281 20.00 -49.75 41.70
CA ILE F 281 19.46 -48.46 42.13
C ILE F 281 19.31 -48.42 43.64
N ALA F 282 18.82 -49.51 44.24
CA ALA F 282 18.68 -49.58 45.69
C ALA F 282 20.03 -49.50 46.38
N VAL F 283 21.04 -50.20 45.86
CA VAL F 283 22.38 -50.16 46.45
C VAL F 283 22.97 -48.76 46.36
N LEU F 284 22.81 -48.12 45.19
CA LEU F 284 23.32 -46.76 45.01
C LEU F 284 22.60 -45.76 45.91
N PHE F 285 21.30 -45.97 46.13
CA PHE F 285 20.56 -45.06 47.01
C PHE F 285 20.92 -45.26 48.47
N ILE F 286 21.14 -46.51 48.88
CA ILE F 286 21.51 -46.78 50.27
C ILE F 286 22.93 -46.27 50.56
N VAL F 287 23.86 -46.49 49.62
CA VAL F 287 25.23 -46.04 49.84
C VAL F 287 25.34 -44.51 49.76
N ALA F 288 24.36 -43.85 49.16
CA ALA F 288 24.31 -42.39 49.15
C ALA F 288 23.27 -41.84 50.11
N GLY F 289 22.56 -42.70 50.84
CA GLY F 289 21.53 -42.27 51.77
C GLY F 289 21.99 -42.02 53.19
N HIS F 290 23.28 -42.14 53.46
CA HIS F 290 23.83 -41.85 54.79
C HIS F 290 24.98 -40.86 54.68
N MET F 291 24.83 -39.86 53.81
CA MET F 291 25.84 -38.85 53.58
C MET F 291 25.65 -37.58 54.41
N TYR F 292 24.41 -37.22 54.73
CA TYR F 292 24.13 -35.96 55.42
C TYR F 292 24.28 -36.11 56.93
N ARG F 293 24.45 -34.98 57.59
CA ARG F 293 24.84 -34.95 59.01
C ARG F 293 23.60 -35.10 59.88
N THR F 294 23.41 -36.30 60.42
CA THR F 294 22.41 -36.54 61.45
C THR F 294 23.02 -36.27 62.82
N ASN F 295 22.36 -36.74 63.87
CA ASN F 295 22.86 -36.55 65.24
C ASN F 295 24.17 -37.29 65.51
N PHE F 296 24.56 -38.23 64.63
CA PHE F 296 25.85 -38.88 64.76
C PHE F 296 26.98 -37.92 64.39
N GLY F 297 28.20 -38.33 64.72
CA GLY F 297 29.36 -37.47 64.49
C GLY F 297 29.81 -37.36 63.05
N ILE F 298 29.30 -38.22 62.18
CA ILE F 298 29.67 -38.21 60.77
C ILE F 298 28.49 -37.68 59.95
N GLY F 299 28.80 -37.24 58.74
CA GLY F 299 27.79 -36.77 57.81
C GLY F 299 28.22 -35.48 57.16
N HIS F 300 27.29 -34.88 56.42
CA HIS F 300 27.52 -33.63 55.70
C HIS F 300 26.46 -32.61 56.10
N ARG F 301 26.92 -31.40 56.43
CA ARG F 301 26.03 -30.29 56.71
C ARG F 301 25.69 -29.57 55.41
N LEU F 302 24.39 -29.33 55.19
CA LEU F 302 23.95 -28.67 53.96
C LEU F 302 24.48 -27.24 53.89
N GLU F 303 24.42 -26.50 55.01
CA GLU F 303 24.84 -25.11 55.03
C GLU F 303 26.34 -24.97 54.82
N ALA F 304 27.13 -25.91 55.35
CA ALA F 304 28.58 -25.84 55.19
C ALA F 304 29.00 -26.00 53.73
N ILE F 305 28.43 -26.99 53.05
CA ILE F 305 28.74 -27.18 51.63
C ILE F 305 28.17 -26.04 50.79
N LEU F 306 27.01 -25.50 51.18
CA LEU F 306 26.44 -24.38 50.45
C LEU F 306 27.31 -23.14 50.56
N GLU F 307 27.82 -22.84 51.76
CA GLU F 307 28.63 -21.65 51.95
C GLU F 307 30.05 -21.82 51.42
N ALA F 308 30.60 -23.04 51.47
CA ALA F 308 31.97 -23.24 51.02
C ALA F 308 32.09 -23.21 49.50
N HIS F 309 31.01 -23.53 48.79
CA HIS F 309 31.05 -23.59 47.33
C HIS F 309 30.80 -22.19 46.77
N THR F 310 31.85 -21.36 46.84
CA THR F 310 31.83 -20.01 46.29
C THR F 310 33.06 -19.86 45.40
N PRO F 311 32.89 -19.52 44.12
CA PRO F 311 34.04 -19.44 43.22
C PRO F 311 34.96 -18.29 43.60
N PRO F 312 36.25 -18.43 43.37
CA PRO F 312 37.19 -17.36 43.74
C PRO F 312 37.15 -16.22 42.73
N ALA F 313 37.81 -15.12 43.13
CA ALA F 313 37.95 -13.90 42.32
C ALA F 313 36.59 -13.29 41.96
N GLY F 314 35.59 -13.50 42.81
CA GLY F 314 34.27 -12.92 42.59
C GLY F 314 33.57 -13.41 41.34
N GLY F 315 33.69 -14.70 41.02
CA GLY F 315 33.00 -15.23 39.85
C GLY F 315 31.49 -15.21 40.00
N LEU F 316 31.00 -15.61 41.17
CA LEU F 316 29.56 -15.58 41.48
C LEU F 316 29.27 -14.65 42.66
N GLY F 317 30.15 -13.70 42.93
CA GLY F 317 29.99 -12.82 44.07
C GLY F 317 30.12 -13.54 45.40
N ALA F 318 29.06 -13.49 46.20
CA ALA F 318 29.06 -14.20 47.48
C ALA F 318 28.95 -15.71 47.29
N GLY F 319 28.51 -16.17 46.12
CA GLY F 319 28.43 -17.60 45.85
C GLY F 319 27.08 -18.19 46.17
N HIS F 320 27.06 -19.36 46.79
CA HIS F 320 25.84 -20.05 47.16
C HIS F 320 25.51 -19.87 48.64
N LYS F 321 26.09 -18.87 49.29
CA LYS F 321 25.85 -18.67 50.72
C LYS F 321 24.44 -18.14 50.96
N GLY F 322 23.89 -18.49 52.12
CA GLY F 322 22.57 -18.03 52.51
C GLY F 322 21.42 -18.78 51.88
N LEU F 323 21.70 -19.78 51.04
CA LEU F 323 20.63 -20.53 50.39
C LEU F 323 19.98 -21.55 51.31
N PHE F 324 20.68 -21.96 52.38
CA PHE F 324 20.09 -22.94 53.29
C PHE F 324 18.87 -22.38 54.00
N HIS F 325 19.00 -21.17 54.55
CA HIS F 325 17.86 -20.53 55.19
C HIS F 325 16.79 -20.14 54.18
N THR F 326 17.20 -19.81 52.96
CA THR F 326 16.22 -19.49 51.90
C THR F 326 15.37 -20.70 51.55
N VAL F 327 15.99 -21.87 51.44
CA VAL F 327 15.24 -23.08 51.14
C VAL F 327 14.39 -23.50 52.34
N ASN F 328 14.97 -23.46 53.55
CA ASN F 328 14.25 -23.96 54.72
C ASN F 328 13.09 -23.07 55.12
N ASN F 329 13.27 -21.75 55.08
CA ASN F 329 12.22 -20.85 55.52
C ASN F 329 11.09 -20.77 54.49
N SER F 330 11.43 -20.72 53.21
CA SER F 330 10.44 -20.58 52.15
C SER F 330 10.04 -21.96 51.65
N LEU F 331 8.78 -22.34 51.91
CA LEU F 331 8.28 -23.62 51.44
C LEU F 331 7.99 -23.61 49.95
N HIS F 332 7.74 -22.44 49.37
CA HIS F 332 7.46 -22.36 47.94
C HIS F 332 8.69 -22.65 47.10
N PHE F 333 9.89 -22.35 47.63
CA PHE F 333 11.11 -22.71 46.94
C PHE F 333 11.27 -24.23 46.86
N GLN F 334 11.01 -24.92 47.97
CA GLN F 334 11.06 -26.38 47.97
C GLN F 334 9.96 -26.94 47.07
N LEU F 335 8.79 -26.31 47.07
CA LEU F 335 7.70 -26.74 46.20
C LEU F 335 8.09 -26.62 44.73
N GLY F 336 8.70 -25.50 44.35
CA GLY F 336 9.14 -25.32 42.97
C GLY F 336 10.23 -26.30 42.57
N LEU F 337 11.21 -26.53 43.46
CA LEU F 337 12.26 -27.49 43.16
C LEU F 337 11.69 -28.90 43.01
N ALA F 338 10.79 -29.29 43.92
CA ALA F 338 10.19 -30.62 43.86
C ALA F 338 9.35 -30.79 42.61
N LEU F 339 8.53 -29.79 42.27
CA LEU F 339 7.69 -29.89 41.09
C LEU F 339 8.53 -29.92 39.82
N ALA F 340 9.62 -29.15 39.76
CA ALA F 340 10.50 -29.17 38.59
C ALA F 340 11.18 -30.52 38.43
N SER F 341 11.70 -31.08 39.54
CA SER F 341 12.37 -32.37 39.46
C SER F 341 11.39 -33.48 39.09
N VAL F 342 10.19 -33.47 39.68
CA VAL F 342 9.19 -34.49 39.36
C VAL F 342 8.70 -34.33 37.92
N GLY F 343 8.58 -33.09 37.43
CA GLY F 343 8.19 -32.89 36.04
C GLY F 343 9.24 -33.39 35.07
N THR F 344 10.51 -33.15 35.37
CA THR F 344 11.58 -33.73 34.56
C THR F 344 11.55 -35.25 34.63
N ILE F 345 11.22 -35.81 35.80
CA ILE F 345 11.14 -37.25 35.96
C ILE F 345 10.04 -37.85 35.08
N THR F 346 8.84 -37.25 35.10
CA THR F 346 7.76 -37.83 34.31
C THR F 346 7.93 -37.53 32.82
N SER F 347 8.63 -36.43 32.49
CA SER F 347 9.02 -36.22 31.09
C SER F 347 9.97 -37.31 30.61
N LEU F 348 10.94 -37.66 31.45
CA LEU F 348 11.83 -38.78 31.13
C LEU F 348 11.06 -40.09 31.03
N VAL F 349 10.06 -40.27 31.91
CA VAL F 349 9.24 -41.47 31.87
C VAL F 349 8.50 -41.56 30.55
N ALA F 350 7.88 -40.46 30.12
CA ALA F 350 7.18 -40.44 28.83
C ALA F 350 8.14 -40.70 27.68
N GLN F 351 9.32 -40.09 27.70
CA GLN F 351 10.27 -40.27 26.61
C GLN F 351 10.95 -41.62 26.64
N HIS F 352 10.86 -42.39 27.72
CA HIS F 352 11.52 -43.68 27.81
C HIS F 352 10.57 -44.88 27.80
N MET F 353 9.26 -44.68 28.03
CA MET F 353 8.33 -45.80 27.95
C MET F 353 8.15 -46.29 26.52
N TYR F 354 7.91 -45.37 25.58
CA TYR F 354 7.56 -45.78 24.23
C TYR F 354 8.76 -46.38 23.51
N SER F 355 9.96 -45.87 23.78
CA SER F 355 11.15 -46.40 23.15
C SER F 355 11.59 -47.71 23.80
N LEU F 356 11.43 -47.82 25.13
CA LEU F 356 11.78 -49.02 25.88
C LEU F 356 10.57 -49.46 26.69
N PRO F 357 9.67 -50.25 26.11
CA PRO F 357 8.49 -50.72 26.86
C PRO F 357 8.88 -51.67 27.95
N PRO F 358 8.55 -51.35 29.21
CA PRO F 358 8.91 -52.25 30.32
C PRO F 358 7.88 -53.31 30.64
N TYR F 359 6.69 -53.23 30.05
CA TYR F 359 5.60 -54.14 30.39
C TYR F 359 5.34 -55.08 29.23
N ALA F 360 5.02 -56.34 29.55
CA ALA F 360 4.79 -57.35 28.53
C ALA F 360 3.55 -57.03 27.72
N TYR F 361 3.67 -57.18 26.41
CA TYR F 361 2.59 -56.93 25.45
C TYR F 361 2.05 -55.51 25.54
N LEU F 362 2.95 -54.55 25.75
CA LEU F 362 2.59 -53.14 25.78
C LEU F 362 2.82 -52.43 24.46
N ALA F 363 3.84 -52.85 23.70
CA ALA F 363 4.12 -52.22 22.41
C ALA F 363 3.06 -52.56 21.38
N VAL F 364 2.46 -53.76 21.47
CA VAL F 364 1.41 -54.14 20.55
C VAL F 364 0.15 -53.31 20.79
N ASP F 365 -0.12 -52.97 22.04
CA ASP F 365 -1.26 -52.13 22.38
C ASP F 365 -0.92 -50.68 22.05
N PHE F 366 -1.36 -50.24 20.86
CA PHE F 366 -0.97 -48.92 20.38
C PHE F 366 -1.71 -47.81 21.12
N THR F 367 -3.02 -48.00 21.34
CA THR F 367 -3.83 -46.99 22.03
C THR F 367 -3.35 -46.79 23.46
N THR F 368 -2.98 -47.88 24.14
CA THR F 368 -2.46 -47.79 25.50
C THR F 368 -1.19 -46.97 25.56
N GLN F 369 -0.24 -47.25 24.65
CA GLN F 369 1.02 -46.51 24.64
C GLN F 369 0.79 -45.04 24.32
N ALA F 370 -0.08 -44.75 23.35
CA ALA F 370 -0.38 -43.37 22.99
C ALA F 370 -1.00 -42.61 24.16
N SER F 371 -1.98 -43.22 24.83
CA SER F 371 -2.64 -42.58 25.95
C SER F 371 -1.67 -42.36 27.11
N LEU F 372 -0.81 -43.35 27.38
CA LEU F 372 0.15 -43.21 28.47
C LEU F 372 1.15 -42.10 28.19
N TYR F 373 1.69 -42.05 26.96
CA TYR F 373 2.64 -41.00 26.61
C TYR F 373 2.00 -39.63 26.69
N THR F 374 0.78 -39.49 26.15
CA THR F 374 0.10 -38.19 26.16
C THR F 374 -0.21 -37.75 27.59
N HIS F 375 -0.69 -38.67 28.43
CA HIS F 375 -1.00 -38.34 29.81
C HIS F 375 0.25 -37.91 30.57
N HIS F 376 1.34 -38.65 30.40
CA HIS F 376 2.57 -38.32 31.12
C HIS F 376 3.15 -37.00 30.66
N GLN F 377 3.09 -36.72 29.35
CA GLN F 377 3.60 -35.45 28.84
C GLN F 377 2.77 -34.26 29.32
N TYR F 378 1.44 -34.42 29.34
CA TYR F 378 0.59 -33.33 29.81
C TYR F 378 0.78 -33.07 31.30
N ILE F 379 0.89 -34.13 32.10
CA ILE F 379 1.17 -33.97 33.53
C ILE F 379 2.52 -33.31 33.73
N ALA F 380 3.52 -33.70 32.92
CA ALA F 380 4.84 -33.12 33.00
C ALA F 380 4.82 -31.63 32.72
N GLY F 381 4.13 -31.22 31.65
CA GLY F 381 4.03 -29.79 31.36
C GLY F 381 3.29 -29.03 32.44
N PHE F 382 2.24 -29.62 33.00
CA PHE F 382 1.47 -28.96 34.05
C PHE F 382 2.32 -28.72 35.30
N ILE F 383 3.12 -29.71 35.70
CA ILE F 383 3.91 -29.48 36.91
C ILE F 383 5.21 -28.75 36.64
N MET F 384 5.68 -28.72 35.38
CA MET F 384 6.69 -27.75 34.97
C MET F 384 6.19 -26.33 35.22
N CYS F 385 4.99 -26.02 34.73
CA CYS F 385 4.38 -24.72 34.95
C CYS F 385 4.11 -24.47 36.43
N GLY F 386 3.72 -25.50 37.17
CA GLY F 386 3.51 -25.34 38.59
C GLY F 386 4.77 -25.03 39.35
N ALA F 387 5.89 -25.66 38.96
CA ALA F 387 7.18 -25.33 39.54
C ALA F 387 7.52 -23.87 39.32
N PHE F 388 7.34 -23.39 38.09
CA PHE F 388 7.66 -21.99 37.82
C PHE F 388 6.72 -21.03 38.55
N ALA F 389 5.43 -21.38 38.61
CA ALA F 389 4.47 -20.52 39.30
C ALA F 389 4.76 -20.44 40.79
N HIS F 390 5.07 -21.57 41.42
CA HIS F 390 5.39 -21.54 42.84
C HIS F 390 6.76 -20.93 43.11
N GLY F 391 7.66 -20.94 42.12
CA GLY F 391 8.87 -20.14 42.25
C GLY F 391 8.59 -18.65 42.23
N ALA F 392 7.66 -18.22 41.37
CA ALA F 392 7.23 -16.82 41.40
C ALA F 392 6.56 -16.49 42.73
N ILE F 393 5.80 -17.43 43.28
CA ILE F 393 5.17 -17.25 44.59
C ILE F 393 6.25 -17.09 45.67
N PHE F 394 7.34 -17.88 45.56
CA PHE F 394 8.47 -17.73 46.47
C PHE F 394 9.09 -16.34 46.35
N PHE F 395 9.26 -15.86 45.11
CA PHE F 395 9.88 -14.56 44.91
C PHE F 395 9.01 -13.43 45.43
N ILE F 396 7.69 -13.59 45.41
CA ILE F 396 6.80 -12.54 45.89
C ILE F 396 6.65 -12.58 47.40
N ARG F 397 6.38 -13.75 47.97
CA ARG F 397 5.98 -13.83 49.37
C ARG F 397 7.18 -13.86 50.31
N ASP F 398 8.04 -14.87 50.16
CA ASP F 398 9.12 -15.12 51.11
C ASP F 398 10.45 -15.06 50.36
N TYR F 399 11.02 -13.86 50.27
CA TYR F 399 12.35 -13.67 49.68
C TYR F 399 12.93 -12.38 50.25
N ASP F 400 13.94 -12.51 51.11
CA ASP F 400 14.55 -11.34 51.74
C ASP F 400 15.88 -11.06 51.07
N PRO F 401 16.00 -9.97 50.30
CA PRO F 401 17.30 -9.66 49.66
C PRO F 401 18.40 -9.34 50.65
N GLU F 402 18.06 -8.90 51.87
CA GLU F 402 19.08 -8.66 52.88
C GLU F 402 19.71 -9.96 53.37
N GLN F 403 18.95 -11.05 53.34
CA GLN F 403 19.50 -12.35 53.74
C GLN F 403 20.41 -12.90 52.66
N ASN F 404 19.87 -13.10 51.46
CA ASN F 404 20.65 -13.61 50.34
C ASN F 404 21.13 -12.44 49.47
N LYS F 405 22.08 -11.69 50.01
CA LYS F 405 22.65 -10.53 49.34
C LYS F 405 23.94 -10.94 48.65
N GLY F 406 23.99 -10.73 47.34
CA GLY F 406 25.17 -11.08 46.56
C GLY F 406 25.28 -12.53 46.17
N ASN F 407 24.28 -13.35 46.50
CA ASN F 407 24.31 -14.76 46.17
C ASN F 407 23.85 -14.98 44.73
N VAL F 408 23.59 -16.23 44.35
CA VAL F 408 23.16 -16.54 43.00
C VAL F 408 21.76 -15.98 42.73
N LEU F 409 20.88 -16.03 43.73
CA LEU F 409 19.52 -15.50 43.56
C LEU F 409 19.55 -13.98 43.38
N ALA F 410 20.35 -13.28 44.16
CA ALA F 410 20.47 -11.83 44.00
C ALA F 410 21.08 -11.47 42.66
N ARG F 411 22.02 -12.29 42.18
CA ARG F 411 22.63 -12.03 40.88
C ARG F 411 21.65 -12.22 39.74
N VAL F 412 20.89 -13.33 39.76
CA VAL F 412 19.93 -13.57 38.69
C VAL F 412 18.75 -12.62 38.77
N LEU F 413 18.47 -12.07 39.96
CA LEU F 413 17.51 -10.98 40.05
C LEU F 413 18.10 -9.65 39.58
N ASP F 414 19.42 -9.50 39.63
CA ASP F 414 20.05 -8.26 39.22
C ASP F 414 20.06 -8.09 37.70
N HIS F 415 20.36 -9.17 36.96
CA HIS F 415 20.44 -9.12 35.50
C HIS F 415 19.28 -9.89 34.86
N LYS F 416 18.09 -9.81 35.47
CA LYS F 416 16.92 -10.49 34.95
C LYS F 416 16.54 -9.99 33.57
N GLU F 417 16.81 -8.71 33.28
CA GLU F 417 16.51 -8.15 31.97
C GLU F 417 17.31 -8.84 30.88
N ALA F 418 18.58 -9.15 31.15
CA ALA F 418 19.41 -9.84 30.16
C ALA F 418 18.89 -11.24 29.87
N ILE F 419 18.49 -11.97 30.93
CA ILE F 419 17.98 -13.33 30.75
C ILE F 419 16.68 -13.31 29.96
N ILE F 420 15.76 -12.40 30.33
CA ILE F 420 14.48 -12.31 29.64
C ILE F 420 14.68 -11.89 28.20
N SER F 421 15.61 -10.96 27.94
CA SER F 421 15.87 -10.49 26.58
C SER F 421 16.48 -11.59 25.72
N HIS F 422 17.42 -12.36 26.28
CA HIS F 422 18.02 -13.44 25.50
C HIS F 422 17.01 -14.56 25.21
N LEU F 423 16.15 -14.87 26.18
CA LEU F 423 15.11 -15.87 25.93
C LEU F 423 14.09 -15.37 24.92
N SER F 424 13.75 -14.08 24.96
CA SER F 424 12.87 -13.51 23.95
C SER F 424 13.50 -13.54 22.57
N TRP F 425 14.81 -13.28 22.50
CA TRP F 425 15.51 -13.32 21.22
C TRP F 425 15.53 -14.73 20.65
N VAL F 426 15.82 -15.74 21.49
CA VAL F 426 15.89 -17.10 20.97
C VAL F 426 14.49 -17.60 20.61
N SER F 427 13.45 -17.15 21.32
CA SER F 427 12.09 -17.49 20.96
C SER F 427 11.71 -16.88 19.62
N LEU F 428 12.03 -15.60 19.42
CA LEU F 428 11.76 -14.95 18.15
C LEU F 428 12.51 -15.62 17.00
N PHE F 429 13.77 -15.99 17.26
CA PHE F 429 14.61 -16.64 16.25
C PHE F 429 14.01 -17.97 15.83
N LEU F 430 13.71 -18.83 16.81
CA LEU F 430 13.15 -20.14 16.52
C LEU F 430 11.79 -20.04 15.83
N GLY F 431 10.92 -19.15 16.33
CA GLY F 431 9.60 -19.04 15.73
C GLY F 431 9.63 -18.49 14.33
N PHE F 432 10.42 -17.43 14.11
CA PHE F 432 10.56 -16.85 12.78
C PHE F 432 11.07 -17.89 11.78
N HIS F 433 12.12 -18.62 12.15
CA HIS F 433 12.71 -19.52 11.16
C HIS F 433 11.86 -20.77 10.96
N THR F 434 11.23 -21.28 12.03
CA THR F 434 10.37 -22.45 11.87
C THR F 434 9.13 -22.12 11.05
N LEU F 435 8.48 -20.98 11.32
CA LEU F 435 7.33 -20.59 10.53
C LEU F 435 7.72 -20.28 9.10
N GLY F 436 8.87 -19.63 8.89
CA GLY F 436 9.32 -19.36 7.54
C GLY F 436 9.59 -20.63 6.76
N LEU F 437 10.23 -21.61 7.39
CA LEU F 437 10.48 -22.89 6.74
C LEU F 437 9.18 -23.62 6.42
N TYR F 438 8.23 -23.63 7.36
CA TYR F 438 6.98 -24.35 7.13
C TYR F 438 6.15 -23.68 6.03
N VAL F 439 6.09 -22.34 6.04
CA VAL F 439 5.33 -21.63 5.01
C VAL F 439 6.00 -21.76 3.66
N HIS F 440 7.35 -21.74 3.63
CA HIS F 440 8.08 -21.95 2.39
C HIS F 440 7.80 -23.34 1.82
N ASN F 441 7.81 -24.36 2.67
CA ASN F 441 7.54 -25.72 2.22
C ASN F 441 6.10 -25.85 1.72
N ASP F 442 5.15 -25.24 2.43
CA ASP F 442 3.75 -25.31 2.01
C ASP F 442 3.52 -24.61 0.68
N VAL F 443 4.15 -23.45 0.48
CA VAL F 443 4.02 -22.73 -0.79
C VAL F 443 4.67 -23.50 -1.92
N VAL F 444 5.84 -24.10 -1.66
CA VAL F 444 6.54 -24.87 -2.69
C VAL F 444 5.74 -26.10 -3.07
N GLN F 445 5.18 -26.81 -2.09
CA GLN F 445 4.36 -27.98 -2.39
C GLN F 445 3.05 -27.59 -3.05
N ALA F 446 2.54 -26.38 -2.76
CA ALA F 446 1.32 -25.93 -3.40
C ALA F 446 1.51 -25.65 -4.88
N PHE F 447 2.69 -25.18 -5.28
CA PHE F 447 2.94 -24.81 -6.66
C PHE F 447 3.20 -26.00 -7.57
N GLY F 448 3.10 -27.23 -7.05
CA GLY F 448 3.25 -28.42 -7.87
C GLY F 448 4.66 -28.87 -8.10
N THR F 449 5.64 -28.23 -7.46
CA THR F 449 7.06 -28.58 -7.61
C THR F 449 7.66 -28.76 -6.24
N PRO F 450 7.42 -29.91 -5.59
CA PRO F 450 7.84 -30.07 -4.20
C PRO F 450 9.34 -30.19 -4.00
N GLU F 451 10.13 -30.37 -5.08
CA GLU F 451 11.56 -30.54 -4.94
C GLU F 451 12.29 -29.24 -4.58
N LYS F 452 11.61 -28.09 -4.68
CA LYS F 452 12.24 -26.82 -4.32
C LYS F 452 12.21 -26.55 -2.82
N GLN F 453 11.56 -27.41 -2.03
CA GLN F 453 11.45 -27.15 -0.61
C GLN F 453 12.79 -27.39 0.09
N ILE F 454 12.98 -26.71 1.21
CA ILE F 454 14.21 -26.81 1.98
C ILE F 454 14.04 -27.93 3.00
N LEU F 455 14.90 -28.94 2.90
CA LEU F 455 14.88 -30.10 3.79
C LEU F 455 16.25 -30.20 4.44
N ILE F 456 16.42 -29.49 5.56
CA ILE F 456 17.68 -29.55 6.29
C ILE F 456 17.75 -30.88 7.03
N GLU F 457 18.71 -31.70 6.67
CA GLU F 457 18.81 -33.04 7.24
C GLU F 457 19.27 -32.95 8.69
N PRO F 458 18.55 -33.56 9.63
CA PRO F 458 18.98 -33.52 11.03
C PRO F 458 20.22 -34.38 11.28
N VAL F 459 21.38 -33.85 10.87
CA VAL F 459 22.61 -34.63 10.93
C VAL F 459 23.10 -34.84 12.35
N PHE F 460 22.71 -33.97 13.30
CA PHE F 460 23.20 -34.12 14.67
C PHE F 460 22.60 -35.33 15.35
N ALA F 461 21.27 -35.48 15.28
CA ALA F 461 20.61 -36.62 15.89
C ALA F 461 20.96 -37.91 15.16
N GLN F 462 21.09 -37.84 13.84
CA GLN F 462 21.51 -39.03 13.07
C GLN F 462 22.93 -39.43 13.44
N TRP F 463 23.81 -38.46 13.65
CA TRP F 463 25.18 -38.76 14.09
C TRP F 463 25.19 -39.36 15.49
N ILE F 464 24.31 -38.88 16.36
CA ILE F 464 24.20 -39.46 17.71
C ILE F 464 23.72 -40.90 17.63
N GLN F 465 22.68 -41.16 16.83
CA GLN F 465 22.14 -42.50 16.72
C GLN F 465 23.11 -43.45 16.04
N ALA F 466 23.90 -42.96 15.08
CA ALA F 466 24.97 -43.76 14.50
C ALA F 466 26.07 -44.02 15.52
N ALA F 467 26.30 -43.07 16.43
CA ALA F 467 27.25 -43.28 17.51
C ALA F 467 26.73 -44.20 18.59
N GLN F 468 25.43 -44.54 18.56
CA GLN F 468 24.83 -45.39 19.58
C GLN F 468 24.35 -46.73 19.03
N GLY F 469 24.67 -47.06 17.78
CA GLY F 469 24.42 -48.37 17.24
C GLY F 469 23.58 -48.43 15.98
N LYS F 470 22.92 -47.35 15.58
CA LYS F 470 22.07 -47.38 14.39
C LYS F 470 22.94 -47.29 13.15
N SER F 471 22.94 -48.37 12.35
CA SER F 471 23.75 -48.44 11.15
C SER F 471 22.98 -48.03 9.89
N LEU F 472 21.74 -47.56 10.04
CA LEU F 472 20.96 -47.15 8.87
C LEU F 472 21.56 -45.92 8.19
N TYR F 473 22.00 -44.94 8.98
CA TYR F 473 22.57 -43.72 8.43
C TYR F 473 23.99 -43.90 7.89
N GLY F 474 24.61 -45.05 8.14
CA GLY F 474 25.97 -45.29 7.67
C GLY F 474 26.99 -44.87 8.71
N PHE F 475 27.92 -44.00 8.30
CA PHE F 475 28.95 -43.39 9.15
C PHE F 475 29.91 -44.41 9.76
N ASP F 476 30.91 -43.92 10.50
CA ASP F 476 31.92 -44.79 11.09
C ASP F 476 32.27 -44.33 12.50
N LEU F 477 31.27 -43.95 13.29
CA LEU F 477 31.49 -43.57 14.67
C LEU F 477 31.41 -44.79 15.58
N LEU F 478 31.32 -44.54 16.89
CA LEU F 478 31.32 -45.61 17.87
C LEU F 478 30.04 -46.43 17.78
N LEU F 479 30.11 -47.66 18.31
CA LEU F 479 29.02 -48.65 18.32
C LEU F 479 28.55 -49.03 16.92
N ALA F 480 29.35 -48.73 15.89
CA ALA F 480 29.04 -49.12 14.52
C ALA F 480 30.27 -49.77 13.90
N SER F 481 31.45 -49.42 14.40
CA SER F 481 32.71 -50.00 13.99
C SER F 481 33.32 -50.74 15.16
N SER F 482 33.75 -51.99 14.91
CA SER F 482 34.29 -52.83 15.97
C SER F 482 35.63 -52.32 16.51
N SER F 483 36.33 -51.47 15.75
CA SER F 483 37.62 -50.95 16.20
C SER F 483 37.46 -49.89 17.29
N SER F 484 36.26 -49.35 17.47
CA SER F 484 36.05 -48.35 18.49
C SER F 484 36.13 -48.99 19.88
N SER F 485 36.66 -48.28 20.88
CA SER F 485 36.67 -48.83 22.25
C SER F 485 35.28 -49.03 22.83
N ALA F 486 34.29 -48.23 22.41
CA ALA F 486 32.93 -48.42 22.90
C ALA F 486 32.33 -49.73 22.39
N TYR F 487 32.67 -50.12 21.15
CA TYR F 487 32.22 -51.41 20.64
C TYR F 487 32.92 -52.57 21.35
N SER F 488 34.23 -52.43 21.57
CA SER F 488 35.00 -53.50 22.21
C SER F 488 34.55 -53.71 23.66
N ALA F 489 34.31 -52.62 24.39
CA ALA F 489 33.82 -52.73 25.75
C ALA F 489 32.35 -53.11 25.74
N GLY F 490 32.01 -54.13 26.53
CA GLY F 490 30.65 -54.62 26.54
C GLY F 490 30.23 -55.36 25.29
N GLN F 491 31.19 -55.93 24.56
CA GLN F 491 30.88 -56.67 23.34
C GLN F 491 30.09 -57.95 23.64
N SER F 492 30.24 -58.49 24.85
CA SER F 492 29.53 -59.70 25.24
C SER F 492 28.68 -59.49 26.49
N LEU F 493 28.27 -58.24 26.76
CA LEU F 493 27.46 -57.94 27.93
C LEU F 493 26.05 -57.49 27.56
N TRP F 494 25.92 -56.42 26.78
CA TRP F 494 24.61 -55.97 26.32
C TRP F 494 24.58 -55.54 24.86
N LEU F 495 25.73 -55.44 24.19
CA LEU F 495 25.74 -54.99 22.80
C LEU F 495 25.00 -55.89 21.81
N PRO F 496 25.13 -57.22 21.81
CA PRO F 496 24.41 -58.02 20.79
C PRO F 496 22.91 -57.90 20.84
N GLY F 497 22.31 -57.74 22.02
CA GLY F 497 20.88 -57.55 22.10
C GLY F 497 20.45 -56.13 21.78
N TRP F 498 21.24 -55.16 22.26
CA TRP F 498 20.90 -53.75 22.04
C TRP F 498 21.01 -53.38 20.56
N LEU F 499 22.03 -53.90 19.87
CA LEU F 499 22.18 -53.61 18.44
C LEU F 499 21.03 -54.22 17.64
N GLU F 500 20.60 -55.43 18.00
CA GLU F 500 19.45 -56.04 17.35
C GLU F 500 18.17 -55.26 17.61
N ALA F 501 18.01 -54.75 18.83
CA ALA F 501 16.82 -53.96 19.15
C ALA F 501 16.83 -52.61 18.45
N ILE F 502 18.02 -52.02 18.26
CA ILE F 502 18.10 -50.69 17.66
C ILE F 502 18.17 -50.73 16.13
N ASN F 503 18.51 -51.88 15.53
CA ASN F 503 18.54 -52.00 14.09
C ASN F 503 17.20 -52.43 13.52
N ASN F 504 16.23 -52.77 14.36
CA ASN F 504 14.89 -53.12 13.91
C ASN F 504 14.05 -51.86 13.76
N ASN F 505 13.31 -51.77 12.66
CA ASN F 505 12.46 -50.63 12.40
C ASN F 505 11.03 -50.80 12.91
N GLN F 506 10.68 -51.99 13.40
CA GLN F 506 9.30 -52.21 13.85
C GLN F 506 9.04 -51.55 15.19
N ASN F 507 9.99 -51.63 16.13
CA ASN F 507 9.79 -51.03 17.44
C ASN F 507 10.09 -49.54 17.40
N SER F 508 9.75 -48.86 18.49
CA SER F 508 9.93 -47.42 18.62
C SER F 508 11.27 -47.05 19.25
N LEU F 509 12.28 -47.91 19.13
CA LEU F 509 13.59 -47.65 19.72
C LEU F 509 14.45 -46.96 18.67
N PHE F 510 14.64 -45.65 18.83
CA PHE F 510 15.48 -44.81 17.96
C PHE F 510 15.01 -44.90 16.50
N LEU F 511 13.81 -44.38 16.28
CA LEU F 511 13.20 -44.41 14.97
C LEU F 511 13.96 -43.50 13.99
N THR F 512 13.69 -43.71 12.71
CA THR F 512 14.34 -42.92 11.67
C THR F 512 13.88 -41.48 11.73
N ILE F 513 14.83 -40.56 11.73
CA ILE F 513 14.58 -39.13 11.91
C ILE F 513 14.90 -38.41 10.60
N GLY F 514 13.93 -37.70 10.05
CA GLY F 514 14.10 -37.00 8.80
C GLY F 514 13.91 -35.51 8.93
N PRO F 515 13.86 -34.82 7.79
CA PRO F 515 13.71 -33.35 7.82
C PRO F 515 12.40 -32.87 8.44
N GLY F 516 11.30 -33.62 8.25
CA GLY F 516 10.07 -33.26 8.94
C GLY F 516 10.19 -33.44 10.44
N ASP F 517 10.86 -34.51 10.87
CA ASP F 517 11.17 -34.68 12.29
C ASP F 517 12.06 -33.56 12.80
N PHE F 518 12.99 -33.12 11.97
CA PHE F 518 13.86 -32.00 12.31
C PHE F 518 13.05 -30.72 12.52
N LEU F 519 12.12 -30.42 11.61
CA LEU F 519 11.30 -29.23 11.71
C LEU F 519 10.39 -29.27 12.94
N VAL F 520 9.76 -30.41 13.20
CA VAL F 520 8.87 -30.49 14.36
C VAL F 520 9.69 -30.47 15.65
N HIS F 521 10.92 -30.99 15.64
CA HIS F 521 11.78 -30.88 16.81
C HIS F 521 12.15 -29.43 17.09
N HIS F 522 12.41 -28.66 16.04
CA HIS F 522 12.68 -27.23 16.24
C HIS F 522 11.44 -26.50 16.70
N ALA F 523 10.25 -26.93 16.26
CA ALA F 523 9.01 -26.37 16.78
C ALA F 523 8.86 -26.66 18.27
N ILE F 524 9.21 -27.87 18.69
CA ILE F 524 9.17 -28.24 20.10
C ILE F 524 10.15 -27.39 20.90
N ALA F 525 11.34 -27.17 20.35
CA ALA F 525 12.33 -26.31 21.00
C ALA F 525 11.81 -24.88 21.14
N LEU F 526 11.15 -24.38 20.09
CA LEU F 526 10.54 -23.06 20.15
C LEU F 526 9.48 -23.00 21.25
N GLY F 527 8.62 -24.01 21.33
CA GLY F 527 7.59 -24.02 22.36
C GLY F 527 8.16 -24.04 23.76
N LEU F 528 9.17 -24.89 23.99
CA LEU F 528 9.79 -24.98 25.31
C LEU F 528 10.49 -23.68 25.68
N HIS F 529 11.24 -23.08 24.74
CA HIS F 529 11.96 -21.85 25.03
C HIS F 529 10.99 -20.69 25.26
N THR F 530 9.88 -20.64 24.52
CA THR F 530 8.91 -19.57 24.72
C THR F 530 8.21 -19.70 26.07
N THR F 531 7.78 -20.92 26.42
CA THR F 531 7.14 -21.12 27.72
C THR F 531 8.12 -20.81 28.85
N THR F 532 9.38 -21.19 28.68
CA THR F 532 10.41 -20.83 29.65
C THR F 532 10.57 -19.31 29.75
N LEU F 533 10.53 -18.61 28.62
CA LEU F 533 10.64 -17.16 28.62
C LEU F 533 9.51 -16.52 29.40
N ILE F 534 8.27 -16.97 29.15
CA ILE F 534 7.12 -16.42 29.85
C ILE F 534 7.22 -16.69 31.35
N LEU F 535 7.59 -17.91 31.72
CA LEU F 535 7.60 -18.28 33.13
C LEU F 535 8.73 -17.59 33.89
N VAL F 536 9.92 -17.47 33.29
CA VAL F 536 10.99 -16.76 33.99
C VAL F 536 10.79 -15.26 33.97
N LYS F 537 10.05 -14.71 33.00
CA LYS F 537 9.72 -13.30 33.07
C LYS F 537 8.70 -13.06 34.17
N GLY F 538 7.75 -13.98 34.34
CA GLY F 538 6.82 -13.87 35.45
C GLY F 538 7.49 -14.02 36.80
N ALA F 539 8.45 -14.94 36.91
CA ALA F 539 9.11 -15.19 38.18
C ALA F 539 10.12 -14.09 38.53
N LEU F 540 10.88 -13.61 37.55
CA LEU F 540 11.91 -12.61 37.84
C LEU F 540 11.30 -11.24 38.10
N ASP F 541 10.27 -10.87 37.33
CA ASP F 541 9.54 -9.62 37.54
C ASP F 541 8.36 -9.79 38.49
N ALA F 542 8.40 -10.81 39.36
CA ALA F 542 7.28 -11.07 40.24
C ALA F 542 7.16 -10.01 41.33
N ARG F 543 8.27 -9.68 41.98
CA ARG F 543 8.24 -8.76 43.12
C ARG F 543 8.37 -7.30 42.70
N GLY F 544 8.64 -7.01 41.44
CA GLY F 544 8.72 -5.63 41.00
C GLY F 544 9.09 -5.56 39.54
N SER F 545 8.72 -4.43 38.94
CA SER F 545 9.05 -4.12 37.55
C SER F 545 9.06 -2.60 37.41
N LYS F 546 9.26 -2.12 36.19
CA LYS F 546 9.23 -0.68 35.99
C LYS F 546 7.80 -0.13 35.97
N LEU F 547 6.85 -0.90 35.47
CA LEU F 547 5.45 -0.46 35.53
C LEU F 547 4.89 -0.61 36.93
N MET F 548 5.38 -1.59 37.70
CA MET F 548 4.94 -1.79 39.09
C MET F 548 6.13 -2.16 39.94
N PRO F 549 6.85 -1.16 40.48
CA PRO F 549 7.91 -1.47 41.45
C PRO F 549 7.41 -2.14 42.71
N ASP F 550 6.22 -1.78 43.18
CA ASP F 550 5.67 -2.39 44.40
C ASP F 550 4.75 -3.56 44.08
N LYS F 551 5.24 -4.51 43.27
CA LYS F 551 4.43 -5.68 42.95
C LYS F 551 4.43 -6.71 44.08
N LYS F 552 5.37 -6.60 45.02
CA LYS F 552 5.38 -7.52 46.16
C LYS F 552 4.28 -7.21 47.14
N ASP F 553 3.90 -5.92 47.27
CA ASP F 553 2.87 -5.53 48.23
C ASP F 553 1.47 -5.90 47.77
N PHE F 554 1.29 -6.19 46.49
CA PHE F 554 -0.02 -6.55 45.95
C PHE F 554 -0.26 -8.05 45.90
N GLY F 555 0.65 -8.85 46.43
CA GLY F 555 0.47 -10.28 46.45
C GLY F 555 0.85 -10.93 45.13
N TYR F 556 0.53 -12.22 45.04
CA TYR F 556 0.85 -12.99 43.84
C TYR F 556 -0.24 -12.89 42.78
N SER F 557 -1.50 -12.92 43.18
CA SER F 557 -2.63 -12.94 42.24
C SER F 557 -3.50 -11.72 42.51
N PHE F 558 -3.20 -10.63 41.80
CA PHE F 558 -4.01 -9.43 41.80
C PHE F 558 -4.37 -9.09 40.36
N PRO F 559 -5.56 -8.52 40.12
CA PRO F 559 -6.01 -8.31 38.74
C PRO F 559 -5.16 -7.35 37.92
N CYS F 560 -5.01 -6.12 38.41
CA CYS F 560 -4.33 -5.06 37.66
C CYS F 560 -4.10 -3.89 38.61
N ASP F 561 -3.62 -2.78 38.05
CA ASP F 561 -3.52 -1.52 38.76
C ASP F 561 -4.44 -0.46 38.19
N GLY F 562 -5.32 -0.82 37.25
CA GLY F 562 -6.22 0.11 36.63
C GLY F 562 -5.75 0.56 35.26
N PRO F 563 -6.46 1.51 34.67
CA PRO F 563 -6.06 2.02 33.35
C PRO F 563 -4.94 3.06 33.40
N GLY F 564 -4.44 3.39 34.59
CA GLY F 564 -3.38 4.36 34.69
C GLY F 564 -2.06 3.83 34.14
N ARG F 565 -1.18 4.78 33.82
CA ARG F 565 0.13 4.50 33.22
C ARG F 565 -0.01 3.72 31.92
N GLY F 566 -1.05 4.03 31.15
CA GLY F 566 -1.29 3.41 29.87
C GLY F 566 -2.12 2.14 29.92
N GLY F 567 -2.24 1.52 31.08
CA GLY F 567 -2.92 0.24 31.19
C GLY F 567 -2.04 -0.79 31.88
N THR F 568 -2.59 -1.50 32.87
CA THR F 568 -1.79 -2.37 33.72
C THR F 568 -2.44 -3.74 33.89
N CYS F 569 -3.27 -4.16 32.95
CA CYS F 569 -3.92 -5.46 33.07
C CYS F 569 -2.97 -6.58 32.70
N ASP F 570 -3.16 -7.73 33.37
CA ASP F 570 -2.31 -8.92 33.22
C ASP F 570 -0.85 -8.59 33.51
N ILE F 571 -0.60 -8.01 34.68
CA ILE F 571 0.75 -7.63 35.08
C ILE F 571 1.28 -8.49 36.22
N SER F 572 0.44 -9.26 36.90
CA SER F 572 0.90 -10.13 37.97
C SER F 572 1.61 -11.35 37.38
N ALA F 573 2.40 -12.02 38.23
CA ALA F 573 3.03 -13.27 37.83
C ALA F 573 2.02 -14.39 37.62
N TYR F 574 0.85 -14.29 38.26
CA TYR F 574 -0.21 -15.27 38.01
C TYR F 574 -0.69 -15.19 36.57
N ASP F 575 -0.80 -13.97 36.03
CA ASP F 575 -1.19 -13.81 34.64
C ASP F 575 -0.14 -14.35 33.69
N ALA F 576 1.14 -14.17 34.04
CA ALA F 576 2.22 -14.75 33.24
C ALA F 576 2.14 -16.27 33.24
N PHE F 577 1.84 -16.86 34.41
CA PHE F 577 1.63 -18.30 34.48
C PHE F 577 0.43 -18.72 33.64
N TYR F 578 -0.64 -17.92 33.66
CA TYR F 578 -1.86 -18.31 32.96
C TYR F 578 -1.73 -18.18 31.46
N LEU F 579 -0.83 -17.31 30.98
CA LEU F 579 -0.46 -17.31 29.57
C LEU F 579 0.48 -18.47 29.23
N ALA F 580 1.39 -18.77 30.14
CA ALA F 580 2.28 -19.91 29.95
C ALA F 580 1.52 -21.23 29.95
N VAL F 581 0.34 -21.28 30.56
CA VAL F 581 -0.51 -22.48 30.45
C VAL F 581 -0.95 -22.68 29.00
N PHE F 582 -1.36 -21.59 28.33
CA PHE F 582 -1.69 -21.68 26.90
C PHE F 582 -0.49 -22.14 26.09
N TRP F 583 0.68 -21.55 26.37
CA TRP F 583 1.86 -21.91 25.60
C TRP F 583 2.31 -23.35 25.86
N MET F 584 2.18 -23.80 27.11
CA MET F 584 2.46 -25.19 27.45
C MET F 584 1.49 -26.14 26.77
N LEU F 585 0.21 -25.75 26.71
CA LEU F 585 -0.78 -26.58 26.03
C LEU F 585 -0.46 -26.70 24.55
N ASN F 586 -0.04 -25.60 23.92
CA ASN F 586 0.37 -25.65 22.52
C ASN F 586 1.60 -26.53 22.33
N THR F 587 2.57 -26.43 23.25
CA THR F 587 3.80 -27.21 23.11
C THR F 587 3.53 -28.70 23.28
N ILE F 588 2.73 -29.08 24.28
CA ILE F 588 2.41 -30.49 24.48
C ILE F 588 1.52 -30.98 23.34
N GLY F 589 0.65 -30.12 22.80
CA GLY F 589 -0.08 -30.48 21.60
C GLY F 589 0.84 -30.77 20.42
N TRP F 590 1.91 -29.99 20.29
CA TRP F 590 2.88 -30.22 19.23
C TRP F 590 3.61 -31.55 19.42
N VAL F 591 4.09 -31.82 20.65
CA VAL F 591 4.84 -33.05 20.88
C VAL F 591 3.93 -34.26 20.74
N THR F 592 2.66 -34.15 21.14
CA THR F 592 1.75 -35.27 21.03
C THR F 592 1.28 -35.47 19.61
N PHE F 593 1.12 -34.39 18.83
CA PHE F 593 0.84 -34.52 17.41
C PHE F 593 1.98 -35.24 16.70
N TYR F 594 3.22 -34.85 17.01
CA TYR F 594 4.38 -35.50 16.40
C TYR F 594 4.45 -36.98 16.77
N TRP F 595 4.29 -37.29 18.07
CA TRP F 595 4.35 -38.68 18.51
C TRP F 595 3.25 -39.50 17.86
N HIS F 596 2.02 -38.98 17.89
CA HIS F 596 0.88 -39.74 17.36
C HIS F 596 1.00 -39.97 15.86
N TRP F 597 1.38 -38.94 15.10
CA TRP F 597 1.48 -39.11 13.66
C TRP F 597 2.64 -40.04 13.29
N LYS F 598 3.79 -39.88 13.92
CA LYS F 598 4.93 -40.75 13.62
C LYS F 598 4.63 -42.19 13.97
N HIS F 599 4.04 -42.43 15.15
CA HIS F 599 3.75 -43.78 15.56
C HIS F 599 2.63 -44.40 14.74
N LEU F 600 1.62 -43.60 14.36
CA LEU F 600 0.54 -44.12 13.52
C LEU F 600 1.05 -44.51 12.15
N THR F 601 1.93 -43.69 11.56
CA THR F 601 2.52 -44.04 10.28
C THR F 601 3.47 -45.24 10.40
N LEU F 602 4.11 -45.40 11.56
CA LEU F 602 4.94 -46.58 11.77
C LEU F 602 4.10 -47.85 11.90
N TRP F 603 2.98 -47.77 12.62
CA TRP F 603 2.12 -48.93 12.82
C TRP F 603 1.40 -49.31 11.53
N GLN F 604 1.01 -48.31 10.74
CA GLN F 604 0.41 -48.58 9.43
C GLN F 604 1.43 -49.04 8.40
N GLY F 605 2.72 -48.86 8.67
CA GLY F 605 3.77 -49.22 7.73
C GLY F 605 4.09 -48.15 6.70
N ASN F 606 3.35 -47.05 6.68
CA ASN F 606 3.59 -45.98 5.71
C ASN F 606 4.42 -44.88 6.36
N VAL F 607 5.67 -45.24 6.69
CA VAL F 607 6.60 -44.27 7.25
C VAL F 607 7.00 -43.23 6.21
N SER F 608 6.98 -43.61 4.93
CA SER F 608 7.27 -42.64 3.87
C SER F 608 6.22 -41.55 3.79
N GLN F 609 4.97 -41.88 4.16
CA GLN F 609 3.92 -40.86 4.19
C GLN F 609 4.25 -39.78 5.22
N PHE F 610 4.70 -40.18 6.41
CA PHE F 610 5.13 -39.19 7.40
C PHE F 610 6.39 -38.48 6.97
N ASP F 611 7.31 -39.18 6.29
CA ASP F 611 8.56 -38.56 5.86
C ASP F 611 8.33 -37.46 4.83
N GLU F 612 7.44 -37.70 3.87
CA GLU F 612 7.16 -36.74 2.82
C GLU F 612 5.94 -35.87 3.10
N SER F 613 5.29 -36.04 4.24
CA SER F 613 4.07 -35.30 4.55
C SER F 613 4.19 -34.39 5.77
N SER F 614 5.13 -34.65 6.67
CA SER F 614 5.31 -33.78 7.83
C SER F 614 6.12 -32.53 7.51
N THR F 615 6.67 -32.43 6.30
CA THR F 615 7.43 -31.25 5.90
C THR F 615 6.53 -30.01 5.84
N TYR F 616 5.34 -30.14 5.28
CA TYR F 616 4.45 -29.03 5.04
C TYR F 616 3.17 -29.20 5.85
N LEU F 617 2.58 -28.07 6.24
CA LEU F 617 1.45 -28.08 7.17
C LEU F 617 0.15 -28.55 6.53
N MET F 618 0.05 -28.55 5.20
CA MET F 618 -1.07 -29.23 4.55
C MET F 618 -1.05 -30.72 4.85
N GLY F 619 0.13 -31.32 4.92
CA GLY F 619 0.23 -32.71 5.32
C GLY F 619 -0.20 -32.93 6.76
N TRP F 620 0.14 -31.99 7.64
CA TRP F 620 -0.26 -32.09 9.04
C TRP F 620 -1.78 -31.95 9.18
N LEU F 621 -2.38 -31.05 8.40
CA LEU F 621 -3.82 -30.83 8.51
C LEU F 621 -4.62 -31.93 7.83
N ARG F 622 -4.13 -32.45 6.71
CA ARG F 622 -4.89 -33.38 5.88
C ARG F 622 -4.56 -34.84 6.18
N ASP F 623 -3.28 -35.20 6.17
CA ASP F 623 -2.91 -36.60 6.36
C ASP F 623 -2.94 -37.02 7.83
N TYR F 624 -3.02 -36.08 8.77
CA TYR F 624 -3.06 -36.41 10.18
C TYR F 624 -4.35 -35.99 10.86
N LEU F 625 -4.74 -34.72 10.75
CA LEU F 625 -5.93 -34.22 11.42
C LEU F 625 -7.21 -34.48 10.65
N TRP F 626 -7.12 -34.85 9.37
CA TRP F 626 -8.29 -35.10 8.54
C TRP F 626 -8.42 -36.55 8.11
N LEU F 627 -7.31 -37.19 7.74
CA LEU F 627 -7.35 -38.58 7.30
C LEU F 627 -7.64 -39.52 8.47
N ASN F 628 -7.03 -39.28 9.62
CA ASN F 628 -7.18 -40.15 10.78
C ASN F 628 -8.44 -39.86 11.59
N SER F 629 -9.18 -38.81 11.25
CA SER F 629 -10.40 -38.46 11.97
C SER F 629 -11.66 -39.00 11.30
N SER F 630 -11.52 -39.79 10.23
CA SER F 630 -12.68 -40.33 9.54
C SER F 630 -13.45 -41.32 10.41
N GLN F 631 -12.74 -42.18 11.14
CA GLN F 631 -13.42 -43.14 12.00
C GLN F 631 -13.95 -42.48 13.27
N LEU F 632 -13.33 -41.38 13.70
CA LEU F 632 -13.79 -40.69 14.90
C LEU F 632 -15.16 -40.04 14.69
N ILE F 633 -15.32 -39.31 13.59
CA ILE F 633 -16.56 -38.57 13.35
C ILE F 633 -17.72 -39.49 13.02
N ASN F 634 -17.44 -40.72 12.57
CA ASN F 634 -18.48 -41.68 12.24
C ASN F 634 -18.89 -42.53 13.43
N GLY F 635 -18.66 -42.05 14.66
CA GLY F 635 -19.07 -42.80 15.83
C GLY F 635 -20.58 -42.93 15.94
N TYR F 636 -21.30 -41.85 15.66
CA TYR F 636 -22.76 -41.89 15.59
C TYR F 636 -23.22 -41.06 14.41
N ASN F 637 -24.18 -41.58 13.67
CA ASN F 637 -24.70 -40.94 12.48
C ASN F 637 -26.12 -41.44 12.25
N PRO F 638 -26.88 -40.83 11.34
CA PRO F 638 -28.21 -41.38 11.00
C PRO F 638 -28.16 -42.79 10.43
N PHE F 639 -27.03 -43.22 9.88
CA PHE F 639 -26.91 -44.60 9.40
C PHE F 639 -26.92 -45.59 10.58
N GLY F 640 -26.21 -45.27 11.65
CA GLY F 640 -26.14 -46.17 12.79
C GLY F 640 -25.19 -45.71 13.87
N MET F 641 -24.38 -46.63 14.40
CA MET F 641 -23.39 -46.31 15.43
C MET F 641 -22.39 -47.45 15.53
N ASN F 642 -21.11 -47.10 15.60
CA ASN F 642 -20.05 -48.06 15.90
C ASN F 642 -19.54 -47.83 17.32
N SER F 643 -18.49 -48.56 17.69
CA SER F 643 -17.98 -48.52 19.06
C SER F 643 -17.36 -47.18 19.44
N LEU F 644 -17.10 -46.30 18.48
CA LEU F 644 -16.47 -45.01 18.74
C LEU F 644 -17.48 -43.88 18.88
N SER F 645 -18.71 -44.19 19.27
CA SER F 645 -19.72 -43.14 19.45
C SER F 645 -19.39 -42.26 20.66
N VAL F 646 -18.92 -42.88 21.75
CA VAL F 646 -18.58 -42.11 22.95
C VAL F 646 -17.38 -41.19 22.66
N TRP F 647 -16.45 -41.63 21.82
CA TRP F 647 -15.29 -40.79 21.51
C TRP F 647 -15.69 -39.60 20.66
N ALA F 648 -16.59 -39.80 19.70
CA ALA F 648 -17.12 -38.67 18.93
C ALA F 648 -17.88 -37.69 19.84
N TRP F 649 -18.68 -38.23 20.77
CA TRP F 649 -19.44 -37.38 21.66
C TRP F 649 -18.53 -36.55 22.57
N THR F 650 -17.50 -37.18 23.13
CA THR F 650 -16.58 -36.41 23.97
C THR F 650 -15.64 -35.53 23.16
N PHE F 651 -15.43 -35.82 21.88
CA PHE F 651 -14.72 -34.91 21.00
C PHE F 651 -15.49 -33.61 20.79
N LEU F 652 -16.78 -33.74 20.45
CA LEU F 652 -17.64 -32.56 20.35
C LEU F 652 -17.77 -31.86 21.70
N PHE F 653 -17.79 -32.64 22.79
CA PHE F 653 -17.80 -32.09 24.13
C PHE F 653 -16.57 -31.23 24.38
N GLY F 654 -15.39 -31.73 23.99
CA GLY F 654 -14.17 -30.97 24.19
C GLY F 654 -14.13 -29.70 23.35
N HIS F 655 -14.63 -29.77 22.12
CA HIS F 655 -14.73 -28.55 21.31
C HIS F 655 -15.68 -27.55 21.96
N LEU F 656 -16.76 -28.03 22.58
CA LEU F 656 -17.70 -27.15 23.27
C LEU F 656 -17.06 -26.49 24.49
N VAL F 657 -16.29 -27.26 25.29
CA VAL F 657 -15.65 -26.66 26.46
C VAL F 657 -14.55 -25.70 26.02
N TYR F 658 -13.90 -25.97 24.89
CA TYR F 658 -12.97 -25.00 24.29
C TYR F 658 -13.68 -23.68 23.97
N ALA F 659 -14.89 -23.78 23.39
CA ALA F 659 -15.66 -22.57 23.09
C ALA F 659 -16.06 -21.82 24.35
N THR F 660 -16.44 -22.55 25.41
CA THR F 660 -16.78 -21.89 26.67
C THR F 660 -15.54 -21.23 27.31
N GLY F 661 -14.37 -21.84 27.12
CA GLY F 661 -13.14 -21.18 27.53
C GLY F 661 -12.91 -19.89 26.78
N PHE F 662 -13.18 -19.90 25.47
CA PHE F 662 -13.13 -18.67 24.69
C PHE F 662 -14.09 -17.62 25.22
N MET F 663 -15.28 -18.07 25.66
CA MET F 663 -16.26 -17.18 26.28
C MET F 663 -15.69 -16.52 27.52
N PHE F 664 -15.11 -17.32 28.42
CA PHE F 664 -14.66 -16.78 29.69
C PHE F 664 -13.32 -16.05 29.58
N LEU F 665 -12.62 -16.18 28.45
CA LEU F 665 -11.36 -15.47 28.25
C LEU F 665 -11.49 -14.19 27.46
N ILE F 666 -12.40 -14.13 26.46
CA ILE F 666 -12.49 -12.95 25.61
C ILE F 666 -13.25 -11.83 26.33
N SER F 667 -14.47 -12.11 26.75
CA SER F 667 -15.31 -11.09 27.38
C SER F 667 -14.90 -10.87 28.82
N TRP F 668 -14.92 -9.61 29.26
CA TRP F 668 -14.44 -9.22 30.58
C TRP F 668 -15.60 -8.63 31.40
N ARG F 669 -15.25 -8.12 32.59
CA ARG F 669 -16.19 -8.13 33.71
C ARG F 669 -17.30 -7.08 33.60
N GLY F 670 -17.04 -5.95 32.94
CA GLY F 670 -18.00 -4.85 33.00
C GLY F 670 -19.34 -5.16 32.36
N TYR F 671 -19.31 -5.80 31.19
CA TYR F 671 -20.54 -6.15 30.49
C TYR F 671 -21.38 -7.13 31.31
N TRP F 672 -20.74 -8.15 31.88
CA TRP F 672 -21.47 -9.12 32.68
C TRP F 672 -21.96 -8.53 33.99
N GLN F 673 -21.22 -7.58 34.57
CA GLN F 673 -21.68 -6.92 35.78
C GLN F 673 -22.92 -6.06 35.52
N GLU F 674 -22.92 -5.31 34.42
CA GLU F 674 -24.10 -4.53 34.06
C GLU F 674 -25.28 -5.44 33.73
N LEU F 675 -25.03 -6.55 33.05
CA LEU F 675 -26.10 -7.50 32.75
C LEU F 675 -26.65 -8.14 34.02
N ILE F 676 -25.78 -8.42 34.98
CA ILE F 676 -26.22 -8.97 36.27
C ILE F 676 -27.04 -7.94 37.03
N GLU F 677 -26.68 -6.66 36.92
CA GLU F 677 -27.50 -5.60 37.53
C GLU F 677 -28.88 -5.54 36.90
N THR F 678 -28.96 -5.67 35.56
CA THR F 678 -30.26 -5.66 34.90
C THR F 678 -31.08 -6.89 35.31
N LEU F 679 -30.44 -8.05 35.43
CA LEU F 679 -31.14 -9.24 35.90
C LEU F 679 -31.59 -9.10 37.34
N VAL F 680 -30.81 -8.41 38.16
CA VAL F 680 -31.20 -8.13 39.55
C VAL F 680 -32.45 -7.27 39.58
N TRP F 681 -32.50 -6.24 38.73
CA TRP F 681 -33.72 -5.44 38.63
C TRP F 681 -34.89 -6.27 38.15
N ALA F 682 -34.65 -7.16 37.18
CA ALA F 682 -35.72 -8.01 36.66
C ALA F 682 -36.29 -8.93 37.72
N HIS F 683 -35.42 -9.50 38.56
CA HIS F 683 -35.88 -10.36 39.64
C HIS F 683 -36.54 -9.56 40.76
N GLU F 684 -36.11 -8.31 40.96
CA GLU F 684 -36.67 -7.50 42.03
C GLU F 684 -38.06 -6.99 41.69
N LYS F 685 -38.30 -6.63 40.44
CA LYS F 685 -39.52 -5.96 40.01
C LYS F 685 -40.46 -6.90 39.25
N THR F 686 -40.57 -8.14 39.69
CA THR F 686 -41.50 -9.05 39.05
C THR F 686 -42.49 -9.62 40.05
N PRO F 687 -43.75 -9.81 39.66
CA PRO F 687 -44.69 -10.49 40.52
C PRO F 687 -44.43 -11.99 40.53
N LEU F 688 -44.88 -12.63 41.62
CA LEU F 688 -44.87 -14.08 41.81
C LEU F 688 -43.47 -14.69 41.86
N ALA F 689 -42.44 -13.85 41.82
CA ALA F 689 -41.06 -14.31 41.94
C ALA F 689 -40.20 -13.46 42.85
N ASN F 690 -40.64 -12.25 43.24
CA ASN F 690 -39.89 -11.42 44.16
C ASN F 690 -40.09 -11.82 45.61
N LEU F 691 -40.99 -12.76 45.88
CA LEU F 691 -41.14 -13.28 47.24
C LEU F 691 -39.86 -13.99 47.70
N VAL F 692 -39.25 -14.76 46.81
CA VAL F 692 -37.95 -15.34 47.11
C VAL F 692 -36.86 -14.27 46.97
N TYR F 693 -35.71 -14.54 47.57
CA TYR F 693 -34.60 -13.60 47.52
C TYR F 693 -33.30 -14.37 47.71
N TRP F 694 -32.21 -13.73 47.32
CA TRP F 694 -30.88 -14.30 47.47
C TRP F 694 -30.27 -13.87 48.80
N LYS F 695 -29.64 -14.82 49.49
CA LYS F 695 -28.95 -14.49 50.73
C LYS F 695 -27.68 -13.70 50.47
N ASP F 696 -27.03 -13.94 49.33
CA ASP F 696 -25.84 -13.20 48.93
C ASP F 696 -26.10 -12.53 47.58
N LYS F 697 -25.62 -11.31 47.45
CA LYS F 697 -25.89 -10.52 46.25
C LYS F 697 -25.13 -11.11 45.05
N PRO F 698 -25.81 -11.41 43.95
CA PRO F 698 -25.11 -11.93 42.76
C PRO F 698 -24.23 -10.86 42.13
N VAL F 699 -22.96 -11.22 41.92
CA VAL F 699 -21.98 -10.32 41.32
C VAL F 699 -21.25 -11.07 40.21
N ALA F 700 -20.64 -10.29 39.32
CA ALA F 700 -19.82 -10.89 38.27
C ALA F 700 -18.54 -11.47 38.86
N LEU F 701 -17.99 -12.46 38.17
CA LEU F 701 -16.77 -13.11 38.64
C LEU F 701 -15.59 -12.16 38.53
N SER F 702 -14.61 -12.36 39.41
CA SER F 702 -13.42 -11.52 39.43
C SER F 702 -12.58 -11.75 38.18
N ILE F 703 -11.75 -10.76 37.86
CA ILE F 703 -10.92 -10.82 36.66
C ILE F 703 -9.92 -11.97 36.76
N VAL F 704 -9.29 -12.12 37.93
CA VAL F 704 -8.45 -13.29 38.19
C VAL F 704 -9.29 -14.56 38.15
N GLN F 705 -10.49 -14.52 38.74
CA GLN F 705 -11.40 -15.64 38.68
C GLN F 705 -11.83 -15.95 37.26
N ALA F 706 -12.09 -14.90 36.46
CA ALA F 706 -12.44 -15.11 35.06
C ALA F 706 -11.31 -15.75 34.28
N ARG F 707 -10.07 -15.31 34.53
CA ARG F 707 -8.92 -15.92 33.88
C ARG F 707 -8.77 -17.39 34.28
N LEU F 708 -8.99 -17.70 35.56
CA LEU F 708 -8.90 -19.08 36.02
C LEU F 708 -9.99 -19.95 35.41
N VAL F 709 -11.22 -19.44 35.33
CA VAL F 709 -12.32 -20.22 34.77
C VAL F 709 -12.12 -20.45 33.28
N GLY F 710 -11.67 -19.41 32.56
CA GLY F 710 -11.36 -19.58 31.14
C GLY F 710 -10.21 -20.54 30.91
N LEU F 711 -9.19 -20.48 31.76
CA LEU F 711 -8.07 -21.42 31.67
C LEU F 711 -8.52 -22.85 31.92
N ALA F 712 -9.39 -23.04 32.92
CA ALA F 712 -9.87 -24.39 33.24
C ALA F 712 -10.73 -24.96 32.12
N HIS F 713 -11.65 -24.15 31.58
CA HIS F 713 -12.47 -24.61 30.46
C HIS F 713 -11.60 -24.89 29.23
N PHE F 714 -10.62 -24.02 28.95
CA PHE F 714 -9.72 -24.19 27.83
C PHE F 714 -8.93 -25.48 27.94
N SER F 715 -8.35 -25.74 29.11
CA SER F 715 -7.53 -26.92 29.29
C SER F 715 -8.37 -28.19 29.30
N VAL F 716 -9.57 -28.14 29.88
CA VAL F 716 -10.45 -29.30 29.89
C VAL F 716 -10.87 -29.65 28.47
N GLY F 717 -11.25 -28.64 27.68
CA GLY F 717 -11.60 -28.89 26.28
C GLY F 717 -10.43 -29.42 25.47
N TYR F 718 -9.25 -28.84 25.68
CA TYR F 718 -8.04 -29.32 25.00
C TYR F 718 -7.77 -30.79 25.30
N ILE F 719 -7.78 -31.14 26.59
CA ILE F 719 -7.46 -32.51 27.02
C ILE F 719 -8.50 -33.48 26.49
N PHE F 720 -9.79 -33.14 26.62
CA PHE F 720 -10.84 -34.05 26.20
C PHE F 720 -10.85 -34.23 24.69
N THR F 721 -10.65 -33.14 23.93
CA THR F 721 -10.61 -33.22 22.48
C THR F 721 -9.46 -34.09 22.01
N TYR F 722 -8.25 -33.86 22.54
CA TYR F 722 -7.12 -34.63 22.05
C TYR F 722 -7.20 -36.09 22.51
N ALA F 723 -7.70 -36.35 23.72
CA ALA F 723 -7.87 -37.72 24.17
C ALA F 723 -8.86 -38.46 23.30
N ALA F 724 -9.98 -37.82 22.96
CA ALA F 724 -10.98 -38.42 22.08
C ALA F 724 -10.38 -38.74 20.72
N PHE F 725 -9.71 -37.76 20.11
CA PHE F 725 -9.13 -37.98 18.78
C PHE F 725 -8.07 -39.07 18.80
N LEU F 726 -7.19 -39.05 19.81
CA LEU F 726 -6.10 -40.02 19.88
C LEU F 726 -6.62 -41.43 20.07
N ILE F 727 -7.55 -41.62 21.02
CA ILE F 727 -8.05 -42.96 21.31
C ILE F 727 -8.90 -43.48 20.15
N ALA F 728 -9.71 -42.61 19.53
CA ALA F 728 -10.55 -43.05 18.42
C ALA F 728 -9.72 -43.39 17.19
N SER F 729 -8.65 -42.63 16.94
CA SER F 729 -7.81 -42.91 15.78
C SER F 729 -6.92 -44.13 15.98
N THR F 730 -6.41 -44.34 17.21
CA THR F 730 -5.53 -45.47 17.45
C THR F 730 -6.27 -46.77 17.71
N SER F 731 -7.50 -46.72 18.21
CA SER F 731 -8.26 -47.92 18.52
C SER F 731 -9.28 -48.29 17.45
N GLY F 732 -9.68 -47.34 16.61
CA GLY F 732 -10.67 -47.63 15.58
C GLY F 732 -10.13 -48.46 14.43
N ARG F 733 -8.82 -48.48 14.23
CA ARG F 733 -8.21 -49.24 13.15
C ARG F 733 -7.17 -50.23 13.63
N PHE F 734 -6.95 -50.37 14.94
CA PHE F 734 -5.95 -51.28 15.48
C PHE F 734 -6.56 -52.00 16.68
N GLY F 735 -5.73 -52.73 17.40
CA GLY F 735 -6.16 -53.47 18.57
C GLY F 735 -5.01 -53.95 19.43
N ALA G 2 -12.82 -2.86 54.01
CA ALA G 2 -12.77 -2.43 52.62
C ALA G 2 -11.33 -2.34 52.12
N HIS G 3 -11.13 -1.58 51.06
CA HIS G 3 -9.80 -1.42 50.47
C HIS G 3 -8.97 -0.46 51.31
N VAL G 4 -7.66 -0.45 51.06
CA VAL G 4 -6.71 0.35 51.82
C VAL G 4 -6.14 1.42 50.90
N VAL G 5 -6.29 2.68 51.30
CA VAL G 5 -5.75 3.81 50.56
C VAL G 5 -4.62 4.42 51.38
N LYS G 6 -3.41 4.41 50.83
CA LYS G 6 -2.23 4.90 51.52
C LYS G 6 -1.59 6.03 50.72
N ILE G 7 -1.28 7.13 51.40
CA ILE G 7 -0.71 8.32 50.77
C ILE G 7 0.64 8.60 51.41
N TYR G 8 1.67 8.76 50.58
CA TYR G 8 3.03 8.93 51.03
C TYR G 8 3.43 10.40 50.99
N ASP G 9 4.67 10.69 51.40
CA ASP G 9 5.14 12.06 51.51
C ASP G 9 5.57 12.66 50.18
N THR G 10 5.57 11.89 49.10
CA THR G 10 5.94 12.41 47.79
C THR G 10 4.83 13.23 47.16
N CYS G 11 3.65 13.30 47.78
CA CYS G 11 2.55 14.08 47.25
C CYS G 11 2.88 15.57 47.29
N ILE G 12 2.51 16.27 46.21
CA ILE G 12 2.77 17.70 46.09
C ILE G 12 1.54 18.54 46.39
N GLY G 13 0.44 17.92 46.79
CA GLY G 13 -0.78 18.66 47.09
C GLY G 13 -1.43 19.32 45.88
N CYS G 14 -1.44 18.63 44.75
CA CYS G 14 -2.00 19.18 43.52
C CYS G 14 -3.51 18.98 43.41
N THR G 15 -4.12 18.24 44.35
CA THR G 15 -5.56 18.04 44.46
C THR G 15 -6.15 17.35 43.23
N GLN G 16 -5.34 16.71 42.41
CA GLN G 16 -5.86 16.01 41.24
C GLN G 16 -6.52 14.68 41.62
N CYS G 17 -5.99 14.00 42.64
CA CYS G 17 -6.56 12.72 43.06
C CYS G 17 -7.94 12.88 43.64
N VAL G 18 -8.17 13.97 44.38
CA VAL G 18 -9.50 14.21 44.96
C VAL G 18 -10.50 14.57 43.88
N ARG G 19 -10.08 15.36 42.88
CA ARG G 19 -10.97 15.68 41.77
C ARG G 19 -11.27 14.46 40.92
N ALA G 20 -10.31 13.54 40.79
CA ALA G 20 -10.54 12.32 40.03
C ALA G 20 -11.31 11.27 40.82
N CYS G 21 -11.50 11.47 42.12
CA CYS G 21 -12.19 10.47 42.94
C CYS G 21 -13.69 10.53 42.68
N PRO G 22 -14.31 9.43 42.26
CA PRO G 22 -15.76 9.43 42.03
C PRO G 22 -16.60 9.03 43.23
N LEU G 23 -16.01 8.91 44.42
CA LEU G 23 -16.78 8.54 45.62
C LEU G 23 -16.40 9.36 46.85
N ASP G 24 -15.61 10.42 46.70
CA ASP G 24 -15.24 11.35 47.78
C ASP G 24 -14.54 10.62 48.92
N VAL G 25 -13.38 10.07 48.61
CA VAL G 25 -12.56 9.37 49.59
C VAL G 25 -11.42 10.23 50.10
N LEU G 26 -10.74 10.94 49.21
CA LEU G 26 -9.59 11.72 49.62
C LEU G 26 -10.02 13.10 50.14
N GLU G 27 -9.04 13.81 50.71
CA GLU G 27 -9.23 15.15 51.25
C GLU G 27 -7.87 15.82 51.29
N MET G 28 -7.88 17.14 51.46
CA MET G 28 -6.65 17.92 51.55
C MET G 28 -6.50 18.48 52.96
N VAL G 29 -5.39 18.16 53.60
CA VAL G 29 -5.10 18.65 54.95
C VAL G 29 -3.87 19.55 54.86
N PRO G 30 -3.71 20.50 55.79
CA PRO G 30 -2.49 21.33 55.79
C PRO G 30 -1.25 20.50 56.06
N TRP G 31 -0.13 20.94 55.48
CA TRP G 31 1.12 20.22 55.56
C TRP G 31 2.27 21.21 55.44
N ASP G 32 3.47 20.73 55.77
CA ASP G 32 4.68 21.53 55.65
C ASP G 32 5.77 20.87 54.82
N GLY G 33 5.56 19.64 54.37
CA GLY G 33 6.55 18.92 53.59
C GLY G 33 6.50 19.15 52.09
N CYS G 34 5.63 20.05 51.62
CA CYS G 34 5.51 20.32 50.21
C CYS G 34 5.36 21.83 50.00
N LYS G 35 5.61 22.26 48.76
CA LYS G 35 5.54 23.68 48.43
C LYS G 35 4.11 24.19 48.52
N ALA G 36 3.14 23.36 48.13
CA ALA G 36 1.73 23.78 48.14
C ALA G 36 1.11 23.72 49.53
N ALA G 37 1.84 23.19 50.52
CA ALA G 37 1.36 23.07 51.91
C ALA G 37 0.06 22.29 52.01
N GLN G 38 -0.07 21.26 51.19
CA GLN G 38 -1.24 20.40 51.17
C GLN G 38 -0.80 18.94 51.16
N MET G 39 -1.59 18.09 51.81
CA MET G 39 -1.32 16.66 51.83
C MET G 39 -2.63 15.90 51.65
N ALA G 40 -2.59 14.87 50.82
CA ALA G 40 -3.77 14.05 50.60
C ALA G 40 -4.02 13.13 51.78
N SER G 41 -5.30 12.95 52.11
CA SER G 41 -5.73 12.09 53.21
C SER G 41 -6.89 11.24 52.73
N SER G 42 -7.13 10.13 53.43
CA SER G 42 -8.24 9.23 53.13
C SER G 42 -9.03 8.95 54.40
N PRO G 43 -9.87 9.89 54.83
CA PRO G 43 -10.72 9.64 56.00
C PRO G 43 -11.96 8.82 55.70
N ARG G 44 -12.27 8.59 54.43
CA ARG G 44 -13.47 7.84 54.05
C ARG G 44 -13.08 6.63 53.21
N THR G 45 -12.08 5.89 53.66
CA THR G 45 -11.59 4.74 52.90
C THR G 45 -12.59 3.58 52.87
N GLU G 46 -13.57 3.58 53.77
CA GLU G 46 -14.59 2.54 53.75
C GLU G 46 -15.55 2.68 52.57
N ASP G 47 -15.61 3.85 51.95
CA ASP G 47 -16.44 4.08 50.77
C ASP G 47 -15.69 3.90 49.46
N CYS G 48 -14.38 3.67 49.52
CA CYS G 48 -13.60 3.49 48.31
C CYS G 48 -13.86 2.13 47.69
N VAL G 49 -14.02 2.10 46.36
CA VAL G 49 -14.27 0.86 45.65
C VAL G 49 -13.03 0.28 45.01
N GLY G 50 -11.93 1.04 44.95
CA GLY G 50 -10.72 0.57 44.30
C GLY G 50 -10.65 0.82 42.82
N CYS G 51 -11.32 1.86 42.33
CA CYS G 51 -11.36 2.16 40.90
C CYS G 51 -10.03 2.67 40.37
N LYS G 52 -9.09 3.05 41.25
CA LYS G 52 -7.76 3.53 40.88
C LYS G 52 -7.80 4.76 39.99
N ARG G 53 -8.85 5.57 40.12
CA ARG G 53 -8.92 6.83 39.37
C ARG G 53 -7.98 7.86 39.96
N CYS G 54 -7.71 7.80 41.26
CA CYS G 54 -6.78 8.71 41.89
C CYS G 54 -5.35 8.47 41.42
N GLU G 55 -5.02 7.22 41.10
CA GLU G 55 -3.66 6.90 40.65
C GLU G 55 -3.41 7.42 39.23
N THR G 56 -4.46 7.53 38.41
CA THR G 56 -4.28 8.07 37.07
C THR G 56 -3.95 9.55 37.10
N ALA G 57 -4.51 10.30 38.07
CA ALA G 57 -4.34 11.74 38.13
C ALA G 57 -3.09 12.17 38.90
N CYS G 58 -2.32 11.23 39.44
CA CYS G 58 -1.13 11.59 40.20
C CYS G 58 -0.01 11.99 39.25
N PRO G 59 0.53 13.21 39.39
CA PRO G 59 1.54 13.67 38.42
C PRO G 59 2.95 13.24 38.76
N THR G 60 3.18 12.86 40.02
CA THR G 60 4.51 12.45 40.44
C THR G 60 4.88 11.10 39.85
N ASP G 61 6.19 10.87 39.72
CA ASP G 61 6.66 9.56 39.28
C ASP G 61 6.35 8.52 40.35
N PHE G 62 6.17 7.28 39.89
CA PHE G 62 5.58 6.18 40.68
C PHE G 62 4.21 6.69 41.12
N LEU G 63 3.83 6.55 42.40
CA LEU G 63 2.53 6.97 42.85
C LEU G 63 2.62 7.53 44.27
N SER G 64 2.07 8.71 44.48
CA SER G 64 1.95 9.27 45.82
C SER G 64 0.73 8.75 46.55
N VAL G 65 -0.22 8.14 45.84
CA VAL G 65 -1.40 7.52 46.44
C VAL G 65 -1.50 6.09 45.89
N ARG G 66 -1.80 5.14 46.77
CA ARG G 66 -1.86 3.74 46.39
C ARG G 66 -3.13 3.12 46.95
N VAL G 67 -3.80 2.32 46.11
CA VAL G 67 -5.03 1.64 46.48
C VAL G 67 -4.74 0.14 46.45
N TYR G 68 -5.01 -0.54 47.57
CA TYR G 68 -4.83 -1.98 47.69
C TYR G 68 -6.20 -2.61 47.93
N LEU G 69 -6.57 -3.54 47.05
CA LEU G 69 -7.86 -4.20 47.15
C LEU G 69 -7.85 -5.29 48.21
N GLY G 70 -9.04 -5.70 48.63
CA GLY G 70 -9.18 -6.73 49.63
C GLY G 70 -10.35 -6.51 50.55
N ASN G 71 -11.03 -7.60 50.93
CA ASN G 71 -12.19 -7.57 51.82
C ASN G 71 -13.30 -6.66 51.26
N GLU G 72 -13.82 -7.06 50.10
CA GLU G 72 -14.87 -6.30 49.44
C GLU G 72 -16.17 -6.38 50.23
N SER G 73 -16.85 -5.24 50.32
CA SER G 73 -18.13 -5.13 51.01
C SER G 73 -19.19 -4.65 50.01
N THR G 74 -20.38 -4.32 50.54
CA THR G 74 -21.44 -3.80 49.70
C THR G 74 -21.05 -2.46 49.08
N ARG G 75 -20.44 -1.59 49.88
CA ARG G 75 -19.98 -0.29 49.36
C ARG G 75 -18.77 -0.45 48.46
N SER G 76 -17.89 -1.40 48.78
CA SER G 76 -16.66 -1.59 48.01
C SER G 76 -16.91 -2.29 46.68
N LEU G 77 -18.02 -3.00 46.53
CA LEU G 77 -18.33 -3.71 45.30
C LEU G 77 -19.18 -2.89 44.34
N GLY G 78 -19.55 -1.67 44.72
CA GLY G 78 -20.34 -0.81 43.85
C GLY G 78 -21.71 -1.36 43.54
N LEU G 79 -22.40 -1.89 44.55
CA LEU G 79 -23.69 -2.56 44.34
C LEU G 79 -24.82 -1.63 44.74
N ALA G 80 -25.78 -1.46 43.83
CA ALA G 80 -27.01 -0.74 44.12
C ALA G 80 -28.08 -1.64 44.73
N TYR G 81 -27.78 -2.92 44.92
CA TYR G 81 -28.74 -3.87 45.45
C TYR G 81 -28.18 -4.57 46.69
N PRO H 51 -20.16 22.64 57.48
CA PRO H 51 -19.63 23.99 57.72
C PRO H 51 -19.64 24.36 59.19
N TRP H 52 -20.12 25.57 59.50
CA TRP H 52 -20.27 25.97 60.90
C TRP H 52 -21.30 25.11 61.62
N LYS H 53 -22.40 24.80 60.96
CA LYS H 53 -23.44 23.94 61.49
C LYS H 53 -23.83 22.93 60.42
N GLN H 54 -23.90 21.66 60.79
CA GLN H 54 -24.30 20.62 59.85
C GLN H 54 -25.78 20.76 59.52
N PRO H 55 -26.16 20.91 58.25
CA PRO H 55 -27.57 21.02 57.91
C PRO H 55 -28.31 19.70 58.10
N GLU H 56 -29.60 19.81 58.36
CA GLU H 56 -30.46 18.65 58.54
C GLU H 56 -31.34 18.50 57.30
N LEU H 57 -31.44 17.27 56.80
CA LEU H 57 -32.24 17.01 55.62
C LEU H 57 -33.72 17.17 55.90
N ASP H 58 -34.46 17.54 54.87
CA ASP H 58 -35.91 17.71 54.97
C ASP H 58 -36.59 16.81 53.94
N PRO H 59 -37.29 15.75 54.37
CA PRO H 59 -37.99 14.89 53.40
C PRO H 59 -39.14 15.58 52.69
N ASP H 60 -39.64 16.70 53.22
CA ASP H 60 -40.76 17.41 52.61
C ASP H 60 -40.33 18.35 51.49
N THR H 61 -39.03 18.45 51.21
CA THR H 61 -38.57 19.27 50.10
C THR H 61 -39.03 18.66 48.78
N PRO H 62 -39.42 19.49 47.81
CA PRO H 62 -39.97 18.95 46.56
C PRO H 62 -38.92 18.28 45.70
N SER H 63 -39.28 17.13 45.16
CA SER H 63 -38.41 16.44 44.21
C SER H 63 -38.43 17.17 42.87
N PRO H 64 -37.35 17.07 42.10
CA PRO H 64 -37.36 17.63 40.75
C PRO H 64 -38.37 16.94 39.86
N ILE H 65 -38.88 17.69 38.88
CA ILE H 65 -39.94 17.20 37.99
C ILE H 65 -39.36 16.08 37.14
N PHE H 66 -39.86 14.87 37.35
CA PHE H 66 -39.37 13.69 36.64
C PHE H 66 -40.49 12.66 36.60
N GLY H 67 -40.45 11.80 35.58
CA GLY H 67 -41.38 10.70 35.47
C GLY H 67 -40.95 9.52 36.32
N GLY H 68 -40.92 8.33 35.73
CA GLY H 68 -40.55 7.11 36.43
C GLY H 68 -39.17 6.64 36.04
N SER H 69 -38.38 6.26 37.03
CA SER H 69 -37.02 5.77 36.82
C SER H 69 -36.98 4.25 36.98
N THR H 70 -36.22 3.60 36.10
CA THR H 70 -36.03 2.16 36.18
C THR H 70 -34.77 1.79 36.94
N GLY H 71 -33.71 2.58 36.80
CA GLY H 71 -32.49 2.35 37.54
C GLY H 71 -32.48 3.06 38.88
N GLY H 72 -33.64 3.15 39.52
CA GLY H 72 -33.79 3.84 40.79
C GLY H 72 -33.46 2.95 41.97
N LEU H 73 -34.08 3.25 43.11
CA LEU H 73 -33.80 2.53 44.33
C LEU H 73 -34.39 1.13 44.27
N LEU H 74 -33.57 0.14 44.63
CA LEU H 74 -33.97 -1.26 44.68
C LEU H 74 -34.35 -1.62 46.12
N ARG H 75 -34.47 -2.92 46.39
CA ARG H 75 -34.81 -3.39 47.73
C ARG H 75 -33.76 -3.03 48.76
N LYS H 76 -32.51 -2.79 48.33
CA LYS H 76 -31.45 -2.35 49.24
C LYS H 76 -31.81 -1.05 49.93
N ALA H 77 -32.63 -0.20 49.30
CA ALA H 77 -33.10 1.03 49.93
C ALA H 77 -33.94 0.75 51.16
N GLN H 78 -34.71 -0.34 51.17
CA GLN H 78 -35.52 -0.69 52.33
C GLN H 78 -34.90 -1.81 53.16
N VAL H 79 -33.64 -2.17 52.88
CA VAL H 79 -32.90 -3.15 53.66
C VAL H 79 -31.62 -2.54 54.23
N GLU H 80 -30.86 -1.83 53.40
CA GLU H 80 -29.62 -1.18 53.79
C GLU H 80 -29.77 0.32 53.58
N GLU H 81 -28.65 1.04 53.70
CA GLU H 81 -28.68 2.50 53.57
C GLU H 81 -28.92 2.92 52.13
N PHE H 82 -29.46 4.13 51.99
CA PHE H 82 -29.64 4.78 50.70
C PHE H 82 -29.25 6.24 50.83
N TYR H 83 -28.82 6.83 49.72
CA TYR H 83 -28.26 8.17 49.74
C TYR H 83 -29.28 9.18 49.20
N VAL H 84 -29.23 10.39 49.72
CA VAL H 84 -30.20 11.43 49.37
C VAL H 84 -29.45 12.74 49.14
N THR H 85 -29.62 13.32 47.94
CA THR H 85 -28.92 14.52 47.53
C THR H 85 -29.87 15.71 47.56
N THR H 86 -29.42 16.82 48.16
CA THR H 86 -30.18 18.05 48.24
C THR H 86 -29.40 19.17 47.56
N TRP H 87 -30.12 20.03 46.85
CA TRP H 87 -29.50 21.23 46.31
C TRP H 87 -30.53 22.36 46.27
N GLU H 88 -30.06 23.56 45.92
CA GLU H 88 -30.84 24.80 45.96
C GLU H 88 -30.78 25.44 44.58
N SER H 89 -31.76 25.14 43.73
CA SER H 89 -31.77 25.66 42.38
C SER H 89 -32.38 27.05 42.34
N PRO H 90 -31.69 28.07 41.80
CA PRO H 90 -32.29 29.39 41.70
C PRO H 90 -33.32 29.50 40.59
N LYS H 91 -33.37 28.55 39.67
CA LYS H 91 -34.32 28.57 38.57
C LYS H 91 -34.58 27.14 38.10
N GLU H 92 -35.58 26.99 37.24
CA GLU H 92 -35.94 25.69 36.70
C GLU H 92 -35.11 25.40 35.46
N GLN H 93 -34.48 24.23 35.43
CA GLN H 93 -33.66 23.84 34.29
C GLN H 93 -33.60 22.32 34.22
N ILE H 94 -33.16 21.83 33.06
CA ILE H 94 -33.10 20.40 32.76
C ILE H 94 -31.69 19.90 33.01
N PHE H 95 -31.58 18.83 33.78
CA PHE H 95 -30.32 18.16 34.04
C PHE H 95 -30.47 16.67 33.73
N GLU H 96 -29.33 15.97 33.69
CA GLU H 96 -29.29 14.56 33.36
C GLU H 96 -28.95 13.75 34.61
N MET H 97 -29.85 12.85 34.99
CA MET H 97 -29.58 11.99 36.13
C MET H 97 -28.66 10.85 35.75
N PRO H 98 -27.85 10.36 36.70
CA PRO H 98 -27.01 9.19 36.42
C PRO H 98 -27.76 7.87 36.44
N THR H 99 -29.03 7.87 36.85
CA THR H 99 -29.83 6.65 36.92
C THR H 99 -30.81 6.51 35.78
N GLY H 100 -30.71 7.36 34.74
CA GLY H 100 -31.64 7.29 33.65
C GLY H 100 -31.53 8.44 32.66
N GLY H 101 -32.67 9.05 32.34
CA GLY H 101 -32.70 10.11 31.34
C GLY H 101 -32.48 11.49 31.91
N ALA H 102 -33.43 12.39 31.70
CA ALA H 102 -33.30 13.77 32.13
C ALA H 102 -34.49 14.17 33.00
N ALA H 103 -34.22 15.09 33.92
CA ALA H 103 -35.24 15.63 34.81
C ALA H 103 -35.15 17.15 34.82
N ILE H 104 -36.16 17.79 35.40
CA ILE H 104 -36.22 19.23 35.52
C ILE H 104 -36.25 19.58 37.01
N MET H 105 -35.29 20.38 37.45
CA MET H 105 -35.26 20.78 38.85
C MET H 105 -36.17 21.97 39.08
N ARG H 106 -36.72 22.05 40.30
CA ARG H 106 -37.65 23.11 40.65
C ARG H 106 -36.90 24.31 41.21
N LYS H 107 -37.54 25.48 41.10
CA LYS H 107 -36.98 26.71 41.62
C LYS H 107 -37.11 26.69 43.14
N GLY H 108 -36.05 26.26 43.82
CA GLY H 108 -36.07 26.13 45.25
C GLY H 108 -35.24 24.94 45.71
N PRO H 109 -35.57 24.37 46.87
CA PRO H 109 -34.91 23.14 47.30
C PRO H 109 -35.29 21.97 46.42
N ASN H 110 -34.34 21.07 46.19
CA ASN H 110 -34.58 19.87 45.39
C ASN H 110 -33.93 18.68 46.06
N LEU H 111 -34.68 17.58 46.12
CA LEU H 111 -34.31 16.36 46.84
C LEU H 111 -34.38 15.18 45.89
N LEU H 112 -33.32 14.37 45.86
CA LEU H 112 -33.29 13.17 45.04
C LEU H 112 -32.75 12.01 45.85
N LYS H 113 -33.13 10.79 45.46
CA LYS H 113 -32.74 9.58 46.16
C LYS H 113 -31.99 8.64 45.21
N PHE H 114 -30.93 8.01 45.73
CA PHE H 114 -30.12 7.08 44.97
C PHE H 114 -29.73 5.92 45.88
N ALA H 115 -29.28 4.84 45.25
CA ALA H 115 -28.84 3.65 45.97
C ALA H 115 -27.33 3.54 46.10
N ARG H 116 -26.56 4.40 45.43
CA ARG H 116 -25.12 4.33 45.46
C ARG H 116 -24.54 5.72 45.68
N LYS H 117 -23.43 5.78 46.43
CA LYS H 117 -22.77 7.06 46.69
C LYS H 117 -22.08 7.59 45.45
N GLU H 118 -21.66 6.70 44.54
CA GLU H 118 -21.04 7.15 43.30
C GLU H 118 -22.03 7.91 42.43
N GLN H 119 -23.30 7.49 42.41
CA GLN H 119 -24.32 8.23 41.70
C GLN H 119 -24.52 9.61 42.31
N CYS H 120 -24.50 9.70 43.65
CA CYS H 120 -24.67 10.99 44.31
C CYS H 120 -23.51 11.93 44.00
N LEU H 121 -22.28 11.42 44.02
CA LEU H 121 -21.15 12.29 43.71
C LEU H 121 -21.08 12.63 42.23
N ALA H 122 -21.54 11.74 41.36
CA ALA H 122 -21.61 12.06 39.94
C ALA H 122 -22.63 13.17 39.68
N LEU H 123 -23.79 13.10 40.33
CA LEU H 123 -24.76 14.19 40.21
C LEU H 123 -24.21 15.48 40.81
N THR H 124 -23.49 15.38 41.94
CA THR H 124 -22.91 16.56 42.57
C THR H 124 -21.89 17.24 41.66
N THR H 125 -20.99 16.46 41.05
CA THR H 125 -19.98 17.07 40.20
C THR H 125 -20.58 17.54 38.87
N GLN H 126 -21.65 16.89 38.39
CA GLN H 126 -22.35 17.40 37.21
C GLN H 126 -23.00 18.75 37.50
N LEU H 127 -23.65 18.86 38.66
CA LEU H 127 -24.27 20.13 39.04
C LEU H 127 -23.24 21.21 39.29
N ARG H 128 -22.07 20.85 39.82
CA ARG H 128 -21.04 21.84 40.09
C ARG H 128 -20.36 22.29 38.80
N THR H 129 -20.12 21.38 37.87
CA THR H 129 -19.47 21.75 36.62
C THR H 129 -20.40 22.47 35.66
N LYS H 130 -21.69 22.10 35.64
CA LYS H 130 -22.61 22.67 34.67
C LYS H 130 -23.24 23.97 35.15
N PHE H 131 -23.68 24.02 36.41
CA PHE H 131 -24.41 25.18 36.91
C PHE H 131 -23.84 25.78 38.19
N LYS H 132 -22.77 25.21 38.75
CA LYS H 132 -22.16 25.63 40.01
C LYS H 132 -23.20 25.65 41.14
N MET H 133 -23.73 24.47 41.42
CA MET H 133 -24.87 24.33 42.32
C MET H 133 -24.47 24.12 43.77
N THR H 134 -23.32 23.47 44.02
CA THR H 134 -22.82 23.06 45.33
C THR H 134 -23.86 22.28 46.11
N PRO H 135 -24.16 21.03 45.72
CA PRO H 135 -25.15 20.24 46.46
C PRO H 135 -24.54 19.50 47.64
N CYS H 136 -25.34 18.73 48.36
CA CYS H 136 -24.83 17.93 49.46
C CYS H 136 -25.72 16.71 49.66
N PHE H 137 -25.13 15.55 49.88
CA PHE H 137 -25.90 14.33 50.06
C PHE H 137 -25.64 13.70 51.42
N TYR H 138 -26.70 13.16 52.01
CA TYR H 138 -26.68 12.41 53.25
C TYR H 138 -26.86 10.93 52.95
N ARG H 139 -26.56 10.11 53.95
CA ARG H 139 -26.79 8.68 53.90
C ARG H 139 -27.77 8.30 55.01
N VAL H 140 -28.86 7.62 54.65
CA VAL H 140 -29.90 7.24 55.60
C VAL H 140 -29.92 5.72 55.67
N TYR H 141 -29.76 5.18 56.88
CA TYR H 141 -29.76 3.75 57.07
C TYR H 141 -31.19 3.23 57.16
N ALA H 142 -31.32 1.92 57.42
CA ALA H 142 -32.64 1.31 57.54
C ALA H 142 -33.38 1.78 58.78
N ASP H 143 -32.65 2.05 59.87
CA ASP H 143 -33.26 2.51 61.11
C ASP H 143 -33.49 4.00 61.15
N GLY H 144 -33.09 4.74 60.12
CA GLY H 144 -33.30 6.17 60.06
C GLY H 144 -32.14 7.03 60.48
N LYS H 145 -30.96 6.45 60.71
CA LYS H 145 -29.79 7.24 61.07
C LYS H 145 -29.29 8.01 59.86
N VAL H 146 -29.04 9.31 60.05
CA VAL H 146 -28.64 10.21 58.97
C VAL H 146 -27.18 10.58 59.18
N GLU H 147 -26.38 10.42 58.13
CA GLU H 147 -24.95 10.70 58.17
C GLU H 147 -24.61 11.72 57.08
N TYR H 148 -23.86 12.74 57.47
CA TYR H 148 -23.41 13.78 56.55
C TYR H 148 -22.16 13.31 55.83
N LEU H 149 -22.16 13.33 54.50
CA LEU H 149 -21.17 12.61 53.73
C LEU H 149 -20.22 13.52 52.94
N HIS H 150 -20.73 14.38 52.07
CA HIS H 150 -19.81 15.06 51.16
C HIS H 150 -19.13 16.27 51.80
N PRO H 151 -19.85 17.32 52.26
CA PRO H 151 -19.10 18.45 52.84
C PRO H 151 -18.84 18.23 54.33
N LYS H 152 -17.81 17.43 54.61
CA LYS H 152 -17.48 17.07 55.99
C LYS H 152 -17.13 18.30 56.83
N ASP H 153 -16.36 19.22 56.26
CA ASP H 153 -16.12 20.51 56.89
C ASP H 153 -16.87 21.64 56.21
N GLY H 154 -17.71 21.34 55.21
CA GLY H 154 -18.51 22.35 54.56
C GLY H 154 -17.79 23.22 53.57
N VAL H 155 -16.54 22.88 53.22
CA VAL H 155 -15.72 23.69 52.32
C VAL H 155 -15.29 22.90 51.10
N TYR H 156 -15.75 21.64 50.97
CA TYR H 156 -15.48 20.65 49.92
C TYR H 156 -14.04 20.15 50.03
N PRO H 157 -13.78 18.88 49.67
CA PRO H 157 -12.44 18.32 49.87
C PRO H 157 -11.36 18.92 48.98
N GLU H 158 -11.72 19.73 47.98
CA GLU H 158 -10.71 20.39 47.17
C GLU H 158 -9.96 21.45 47.96
N LYS H 159 -10.60 22.03 48.97
CA LYS H 159 -9.95 23.02 49.84
C LYS H 159 -9.28 22.30 51.00
N VAL H 160 -8.76 23.07 51.96
CA VAL H 160 -8.05 22.52 53.11
C VAL H 160 -8.76 22.83 54.42
N ASN H 161 -9.11 24.10 54.65
CA ASN H 161 -9.83 24.65 55.79
C ASN H 161 -9.05 24.59 57.11
N ALA H 162 -7.87 23.97 57.12
CA ALA H 162 -6.99 23.87 58.30
C ALA H 162 -7.73 23.29 59.52
N GLY H 163 -8.59 22.29 59.26
CA GLY H 163 -9.37 21.71 60.34
C GLY H 163 -9.53 20.21 60.25
N ARG H 164 -8.92 19.60 59.22
CA ARG H 164 -8.99 18.16 59.02
C ARG H 164 -7.66 17.53 59.40
N VAL H 165 -7.72 16.44 60.16
CA VAL H 165 -6.53 15.70 60.54
C VAL H 165 -6.31 14.60 59.51
N GLY H 166 -5.13 14.59 58.90
CA GLY H 166 -4.82 13.62 57.87
C GLY H 166 -4.61 12.24 58.46
N VAL H 167 -5.40 11.27 58.02
CA VAL H 167 -5.29 9.90 58.49
C VAL H 167 -4.92 9.00 57.30
N ASN H 168 -4.46 7.80 57.64
CA ASN H 168 -4.02 6.79 56.67
C ASN H 168 -2.94 7.33 55.74
N GLN H 169 -2.02 8.11 56.30
CA GLN H 169 -0.92 8.71 55.56
C GLN H 169 0.38 8.07 56.01
N ASN H 170 1.01 7.29 55.13
CA ASN H 170 2.33 6.75 55.43
C ASN H 170 3.37 7.85 55.31
N MET H 171 4.22 7.99 56.33
CA MET H 171 5.21 9.05 56.39
C MET H 171 6.53 8.67 55.76
N ARG H 172 6.61 7.49 55.13
CA ARG H 172 7.79 7.08 54.38
C ARG H 172 7.48 7.12 52.89
N SER H 173 8.54 7.18 52.09
CA SER H 173 8.38 7.22 50.65
C SER H 173 7.94 5.85 50.13
N ILE H 174 7.25 5.86 48.98
CA ILE H 174 6.84 4.62 48.35
C ILE H 174 8.06 3.92 47.79
N GLY H 175 8.10 2.59 47.91
CA GLY H 175 9.28 1.83 47.60
C GLY H 175 10.21 1.61 48.76
N GLU H 176 10.02 2.33 49.87
CA GLU H 176 10.78 2.10 51.09
C GLU H 176 10.06 1.16 52.04
N ASN H 177 8.92 0.61 51.65
CA ASN H 177 8.20 -0.34 52.48
C ASN H 177 8.97 -1.65 52.58
N VAL H 178 8.75 -2.36 53.68
CA VAL H 178 9.43 -3.62 53.90
C VAL H 178 8.87 -4.70 52.98
N ASP H 179 9.66 -5.76 52.80
CA ASP H 179 9.23 -6.87 51.97
C ASP H 179 8.19 -7.71 52.71
N PRO H 180 7.34 -8.44 51.99
CA PRO H 180 6.35 -9.31 52.65
C PRO H 180 6.95 -10.43 53.48
N ILE H 181 8.21 -10.80 53.23
CA ILE H 181 8.86 -11.79 54.09
C ILE H 181 9.09 -11.22 55.49
N LYS H 182 9.35 -9.92 55.59
CA LYS H 182 9.56 -9.29 56.89
C LYS H 182 8.29 -9.33 57.73
N VAL H 183 7.14 -9.11 57.11
CA VAL H 183 5.86 -9.20 57.81
C VAL H 183 5.13 -10.47 57.39
N LYS H 184 5.37 -11.56 58.11
CA LYS H 184 4.76 -12.84 57.81
C LYS H 184 4.18 -13.42 59.09
N PHE H 185 2.99 -14.02 58.97
CA PHE H 185 2.24 -14.60 60.09
C PHE H 185 1.99 -13.56 61.19
N THR H 186 1.73 -12.33 60.77
CA THR H 186 1.47 -11.23 61.70
C THR H 186 0.19 -10.48 61.42
N GLY H 187 -0.39 -10.61 60.22
CA GLY H 187 -1.62 -9.90 59.91
C GLY H 187 -1.44 -8.45 59.53
N SER H 188 -0.21 -7.97 59.43
CA SER H 188 0.09 -6.58 59.10
C SER H 188 0.70 -6.53 57.70
N GLN H 189 0.09 -5.75 56.82
CA GLN H 189 0.59 -5.58 55.47
C GLN H 189 1.79 -4.63 55.46
N PRO H 190 2.66 -4.75 54.45
CA PRO H 190 3.81 -3.82 54.36
C PRO H 190 3.42 -2.35 54.23
N PHE H 191 2.25 -2.05 53.68
CA PHE H 191 1.81 -0.67 53.53
C PHE H 191 0.99 -0.17 54.70
N THR H 192 0.63 -1.04 55.65
CA THR H 192 -0.20 -0.65 56.77
C THR H 192 0.61 -0.17 57.97
N ILE H 193 1.92 -0.28 57.93
CA ILE H 193 2.76 0.16 59.05
C ILE H 193 3.08 1.64 58.92
N LYS I 43 20.03 31.95 52.76
CA LYS I 43 21.00 31.14 53.50
C LYS I 43 22.30 31.00 52.71
N LYS I 44 23.17 30.11 53.18
CA LYS I 44 24.49 29.96 52.55
C LYS I 44 24.37 29.11 51.27
N LYS I 45 25.09 29.60 50.26
CA LYS I 45 25.12 28.94 48.93
C LYS I 45 23.72 28.57 48.49
N GLU I 46 23.46 27.28 48.40
CA GLU I 46 22.17 26.76 47.94
C GLU I 46 22.02 25.36 48.47
N VAL I 47 20.77 24.97 48.76
CA VAL I 47 20.52 23.66 49.35
C VAL I 47 20.66 22.54 48.33
N GLY I 48 20.64 22.85 47.04
CA GLY I 48 20.72 21.84 46.02
C GLY I 48 21.71 22.16 44.93
N PRO I 49 21.65 21.43 43.83
CA PRO I 49 22.58 21.66 42.71
C PRO I 49 22.21 22.91 41.94
N LYS I 50 23.10 23.27 41.01
CA LYS I 50 22.90 24.45 40.17
C LYS I 50 21.75 24.20 39.21
N ARG I 51 20.89 25.21 39.06
CA ARG I 51 19.75 25.11 38.16
C ARG I 51 20.21 25.05 36.72
N GLY I 52 19.55 24.18 35.93
CA GLY I 52 19.91 23.98 34.55
C GLY I 52 20.99 22.95 34.31
N SER I 53 21.59 22.40 35.36
CA SER I 53 22.63 21.41 35.24
C SER I 53 22.02 20.00 35.17
N LEU I 54 22.70 19.12 34.44
CA LEU I 54 22.23 17.75 34.30
C LEU I 54 22.47 16.98 35.59
N VAL I 55 21.53 16.09 35.92
CA VAL I 55 21.61 15.24 37.09
C VAL I 55 21.21 13.82 36.71
N LYS I 56 21.69 12.87 37.52
CA LYS I 56 21.35 11.47 37.36
C LYS I 56 20.54 11.03 38.57
N VAL I 57 19.38 10.44 38.33
CA VAL I 57 18.45 10.08 39.40
C VAL I 57 18.84 8.72 39.96
N LEU I 58 19.07 8.67 41.27
CA LEU I 58 19.43 7.44 41.97
C LEU I 58 18.23 6.76 42.63
N ARG I 59 17.03 7.27 42.44
CA ARG I 59 15.85 6.67 43.03
C ARG I 59 15.53 5.35 42.32
N PRO I 60 15.49 4.22 43.02
CA PRO I 60 15.28 2.94 42.32
C PRO I 60 13.85 2.73 41.85
N GLU I 61 12.86 3.24 42.58
CA GLU I 61 11.47 3.04 42.20
C GLU I 61 10.98 4.03 41.15
N SER I 62 11.79 5.03 40.81
CA SER I 62 11.40 6.00 39.80
C SER I 62 11.52 5.41 38.41
N TYR I 63 10.74 5.98 37.48
CA TYR I 63 10.84 5.57 36.08
C TYR I 63 12.17 5.99 35.47
N TRP I 64 12.77 7.07 35.96
CA TRP I 64 13.99 7.62 35.40
C TRP I 64 15.22 7.24 36.22
N TYR I 65 15.25 6.02 36.74
CA TYR I 65 16.45 5.52 37.41
C TYR I 65 17.58 5.37 36.41
N ASN I 66 18.77 5.83 36.80
CA ASN I 66 19.96 5.86 35.94
C ASN I 66 19.69 6.62 34.65
N GLN I 67 18.99 7.75 34.75
CA GLN I 67 18.66 8.59 33.62
C GLN I 67 19.11 10.02 33.89
N VAL I 68 19.33 10.76 32.82
CA VAL I 68 19.83 12.13 32.90
C VAL I 68 18.68 13.10 32.71
N GLY I 69 18.53 14.04 33.64
CA GLY I 69 17.50 15.05 33.56
C GLY I 69 18.08 16.43 33.82
N LYS I 70 17.26 17.44 33.61
CA LYS I 70 17.67 18.84 33.76
C LYS I 70 17.00 19.43 35.01
N VAL I 71 17.79 20.11 35.83
CA VAL I 71 17.26 20.74 37.04
C VAL I 71 16.53 22.01 36.63
N VAL I 72 15.25 22.10 37.01
CA VAL I 72 14.45 23.29 36.71
C VAL I 72 14.60 24.29 37.85
N SER I 73 14.27 23.85 39.07
CA SER I 73 14.38 24.70 40.23
C SER I 73 14.55 23.84 41.47
N VAL I 74 15.21 24.39 42.48
CA VAL I 74 15.42 23.72 43.76
C VAL I 74 14.75 24.56 44.84
N ASP I 75 13.82 23.96 45.57
CA ASP I 75 13.12 24.68 46.63
C ASP I 75 14.03 24.87 47.83
N GLN I 76 13.92 26.03 48.46
CA GLN I 76 14.78 26.40 49.58
C GLN I 76 14.05 26.45 50.92
N SER I 77 12.75 26.18 50.95
CA SER I 77 12.01 26.23 52.21
C SER I 77 12.38 25.06 53.12
N GLY I 78 12.71 23.91 52.55
CA GLY I 78 13.08 22.76 53.35
C GLY I 78 12.16 21.57 53.18
N ILE I 79 11.55 21.45 52.00
CA ILE I 79 10.65 20.33 51.72
C ILE I 79 11.47 19.08 51.49
N ARG I 80 10.80 17.91 51.48
CA ARG I 80 11.51 16.64 51.38
C ARG I 80 12.16 16.44 50.03
N TYR I 81 11.47 16.86 48.95
CA TYR I 81 11.95 16.65 47.59
C TYR I 81 11.97 17.99 46.87
N PRO I 82 13.02 18.78 47.04
CA PRO I 82 13.04 20.12 46.45
C PRO I 82 13.58 20.15 45.02
N VAL I 83 14.27 19.10 44.59
CA VAL I 83 14.94 19.09 43.30
C VAL I 83 13.90 18.75 42.24
N VAL I 84 13.48 19.75 41.47
CA VAL I 84 12.56 19.54 40.36
C VAL I 84 13.39 19.21 39.13
N VAL I 85 13.15 18.03 38.55
CA VAL I 85 13.90 17.54 37.40
C VAL I 85 12.94 17.32 36.25
N ARG I 86 13.27 17.88 35.09
CA ARG I 86 12.53 17.68 33.86
C ARG I 86 13.30 16.69 32.99
N PHE I 87 12.58 15.73 32.42
CA PHE I 87 13.20 14.68 31.64
C PHE I 87 12.76 14.77 30.18
N GLU I 88 13.67 14.39 29.28
CA GLU I 88 13.38 14.47 27.85
C GLU I 88 12.36 13.42 27.43
N ASN I 89 12.39 12.25 28.05
CA ASN I 89 11.49 11.15 27.71
C ASN I 89 10.43 11.02 28.79
N GLN I 90 9.17 11.00 28.38
CA GLN I 90 8.06 10.91 29.32
C GLN I 90 7.89 9.48 29.82
N ASN I 91 7.20 9.35 30.95
CA ASN I 91 6.92 8.05 31.54
C ASN I 91 5.65 7.48 30.93
N TYR I 92 5.13 6.40 31.53
CA TYR I 92 3.89 5.80 31.05
C TYR I 92 2.69 6.71 31.32
N ALA I 93 2.75 7.51 32.38
CA ALA I 93 1.68 8.46 32.68
C ALA I 93 1.72 9.70 31.80
N GLY I 94 2.78 9.87 31.01
CA GLY I 94 2.89 11.01 30.12
C GLY I 94 3.58 12.23 30.72
N VAL I 95 3.91 12.21 31.99
CA VAL I 95 4.58 13.36 32.61
C VAL I 95 6.08 13.28 32.37
N SER I 96 6.75 14.42 32.57
CA SER I 96 8.19 14.49 32.34
C SER I 96 8.93 15.21 33.46
N THR I 97 8.25 15.57 34.55
CA THR I 97 8.88 16.28 35.66
C THR I 97 8.61 15.53 36.96
N ASN I 98 9.58 15.57 37.86
CA ASN I 98 9.41 14.93 39.15
C ASN I 98 10.27 15.63 40.19
N ASN I 99 9.87 15.48 41.46
CA ASN I 99 10.59 16.05 42.59
C ASN I 99 11.38 14.96 43.28
N TYR I 100 12.68 15.21 43.47
CA TYR I 100 13.59 14.29 44.14
C TYR I 100 14.31 15.02 45.26
N ALA I 101 14.80 14.24 46.21
CA ALA I 101 15.54 14.78 47.34
C ALA I 101 16.99 15.04 46.94
N LEU I 102 17.78 15.53 47.89
CA LEU I 102 19.16 15.89 47.62
C LEU I 102 20.07 14.67 47.46
N ASP I 103 19.73 13.56 48.13
CA ASP I 103 20.61 12.40 48.17
C ASP I 103 20.43 11.44 47.00
N GLU I 104 19.46 11.71 46.10
CA GLU I 104 19.20 10.83 44.98
C GLU I 104 19.59 11.43 43.64
N VAL I 105 20.40 12.49 43.65
CA VAL I 105 20.88 13.12 42.43
C VAL I 105 22.40 13.14 42.44
N THR I 106 23.01 12.83 41.29
CA THR I 106 24.45 12.88 41.12
C THR I 106 24.80 13.54 39.80
N ASP I 107 26.08 13.56 39.44
CA ASP I 107 26.49 14.09 38.15
C ASP I 107 26.19 13.11 37.02
N PRO I 108 26.08 13.58 35.79
CA PRO I 108 25.96 12.67 34.64
C PRO I 108 27.30 12.04 34.32
N PRO I 109 27.42 10.72 34.43
CA PRO I 109 28.68 10.03 34.17
C PRO I 109 28.85 9.64 32.71
N ASP J 63 27.11 -39.30 -0.05
CA ASP J 63 26.42 -40.49 0.42
C ASP J 63 26.29 -40.50 1.93
N VAL J 64 26.16 -39.32 2.52
CA VAL J 64 26.07 -39.21 3.97
C VAL J 64 24.63 -39.44 4.42
N ALA J 65 24.49 -39.80 5.70
CA ALA J 65 23.20 -40.01 6.37
C ALA J 65 22.35 -41.08 5.70
N GLY J 66 23.00 -42.03 5.03
CA GLY J 66 22.28 -43.08 4.32
C GLY J 66 21.43 -42.57 3.16
N LEU J 67 21.90 -41.53 2.47
CA LEU J 67 21.15 -40.91 1.40
C LEU J 67 21.94 -40.99 0.10
N THR J 68 21.21 -40.95 -1.01
CA THR J 68 21.79 -41.05 -2.35
C THR J 68 21.77 -39.70 -3.04
N PRO J 69 22.71 -39.44 -3.95
CA PRO J 69 22.67 -38.20 -4.73
C PRO J 69 21.45 -38.15 -5.63
N CYS J 70 21.04 -36.93 -5.96
CA CYS J 70 19.82 -36.73 -6.75
C CYS J 70 19.96 -37.29 -8.16
N SER J 71 21.15 -37.18 -8.75
CA SER J 71 21.37 -37.74 -10.08
C SER J 71 21.31 -39.26 -10.07
N GLU J 72 21.86 -39.88 -9.02
CA GLU J 72 21.86 -41.34 -8.93
C GLU J 72 20.53 -41.91 -8.44
N SER J 73 19.67 -41.08 -7.86
CA SER J 73 18.41 -41.56 -7.29
C SER J 73 17.39 -41.87 -8.37
N LYS J 74 16.47 -42.76 -8.04
CA LYS J 74 15.37 -43.15 -8.93
C LYS J 74 14.09 -42.36 -8.64
N ALA J 75 13.81 -42.08 -7.37
CA ALA J 75 12.60 -41.32 -7.03
C ALA J 75 12.68 -39.89 -7.53
N TYR J 76 13.89 -39.33 -7.60
CA TYR J 76 14.08 -37.99 -8.18
C TYR J 76 13.68 -37.97 -9.65
N ASN J 77 14.15 -38.97 -10.41
CA ASN J 77 13.79 -39.07 -11.82
C ASN J 77 12.31 -39.38 -11.98
N LYS J 78 11.73 -40.18 -11.09
CA LYS J 78 10.29 -40.46 -11.15
C LYS J 78 9.47 -39.20 -10.90
N LEU J 79 9.88 -38.38 -9.93
CA LEU J 79 9.19 -37.12 -9.67
C LEU J 79 9.32 -36.16 -10.85
N GLU J 80 10.51 -36.09 -11.46
CA GLU J 80 10.68 -35.26 -12.64
C GLU J 80 9.82 -35.74 -13.80
N ARG J 81 9.74 -37.06 -13.99
CA ARG J 81 8.90 -37.62 -15.04
C ARG J 81 7.43 -37.33 -14.79
N LYS J 82 6.98 -37.43 -13.54
CA LYS J 82 5.59 -37.14 -13.22
C LYS J 82 5.26 -35.67 -13.47
N GLU J 83 6.17 -34.77 -13.09
CA GLU J 83 5.95 -33.35 -13.33
C GLU J 83 5.93 -33.03 -14.82
N LEU J 84 6.84 -33.64 -15.59
CA LEU J 84 6.82 -33.43 -17.04
C LEU J 84 5.55 -34.01 -17.65
N LYS J 85 5.07 -35.14 -17.13
CA LYS J 85 3.84 -35.74 -17.63
C LYS J 85 2.62 -34.85 -17.39
N THR J 86 2.51 -34.29 -16.17
CA THR J 86 1.34 -33.44 -15.92
C THR J 86 1.44 -32.11 -16.63
N LEU J 87 2.67 -31.57 -16.82
CA LEU J 87 2.82 -30.37 -17.63
C LEU J 87 2.47 -30.63 -19.09
N GLU J 88 2.84 -31.80 -19.63
CA GLU J 88 2.45 -32.14 -21.00
C GLU J 88 0.96 -32.39 -21.12
N LYS J 89 0.34 -32.96 -20.08
CA LYS J 89 -1.11 -33.13 -20.09
C LYS J 89 -1.83 -31.79 -20.10
N ARG J 90 -1.32 -30.82 -19.33
CA ARG J 90 -1.87 -29.47 -19.39
C ARG J 90 -1.59 -28.79 -20.73
N LEU J 91 -0.44 -29.09 -21.33
CA LEU J 91 -0.06 -28.45 -22.59
C LEU J 91 -0.87 -28.97 -23.77
N LYS J 92 -1.27 -30.25 -23.74
CA LYS J 92 -1.95 -30.85 -24.87
C LYS J 92 -3.36 -30.30 -25.09
N LYS J 93 -3.90 -29.54 -24.16
CA LYS J 93 -5.23 -28.96 -24.31
C LYS J 93 -5.22 -27.63 -25.04
N TYR J 94 -4.06 -27.14 -25.48
CA TYR J 94 -3.95 -25.85 -26.14
C TYR J 94 -3.28 -26.01 -27.49
N GLU J 95 -3.70 -25.19 -28.44
CA GLU J 95 -3.05 -25.16 -29.75
C GLU J 95 -1.66 -24.57 -29.64
N PRO J 96 -0.72 -25.00 -30.49
CA PRO J 96 0.65 -24.47 -30.41
C PRO J 96 0.78 -22.99 -30.71
N GLY J 97 -0.19 -22.40 -31.40
CA GLY J 97 -0.13 -20.98 -31.72
C GLY J 97 -0.90 -20.12 -30.76
N SER J 98 -0.82 -20.42 -29.46
CA SER J 98 -1.54 -19.68 -28.44
C SER J 98 -0.59 -19.32 -27.30
N ALA J 99 -0.86 -18.17 -26.67
CA ALA J 99 -0.04 -17.73 -25.55
C ALA J 99 0.01 -18.70 -24.37
N PRO J 100 -1.09 -19.38 -23.95
CA PRO J 100 -0.93 -20.41 -22.91
C PRO J 100 0.02 -21.53 -23.31
N TYR J 101 0.12 -21.87 -24.60
CA TYR J 101 1.06 -22.89 -25.02
C TYR J 101 2.51 -22.46 -24.78
N LEU J 102 2.83 -21.21 -25.12
CA LEU J 102 4.17 -20.69 -24.84
C LEU J 102 4.43 -20.56 -23.35
N ALA J 103 3.40 -20.18 -22.58
CA ALA J 103 3.56 -20.08 -21.13
C ALA J 103 3.85 -21.44 -20.51
N LEU J 104 3.12 -22.47 -20.93
CA LEU J 104 3.36 -23.81 -20.41
C LEU J 104 4.69 -24.38 -20.89
N GLN J 105 5.10 -24.05 -22.12
CA GLN J 105 6.41 -24.47 -22.60
C GLN J 105 7.52 -23.81 -21.80
N ALA J 106 7.37 -22.54 -21.47
CA ALA J 106 8.34 -21.85 -20.61
C ALA J 106 8.37 -22.45 -19.21
N THR J 107 7.20 -22.81 -18.68
CA THR J 107 7.15 -23.46 -17.37
C THR J 107 7.85 -24.82 -17.40
N LYS J 108 7.63 -25.59 -18.46
CA LYS J 108 8.30 -26.88 -18.60
C LYS J 108 9.81 -26.72 -18.75
N GLU J 109 10.24 -25.71 -19.51
CA GLU J 109 11.67 -25.44 -19.66
C GLU J 109 12.30 -25.02 -18.32
N ARG J 110 11.59 -24.19 -17.56
CA ARG J 110 12.08 -23.79 -16.24
C ARG J 110 12.17 -24.98 -15.30
N THR J 111 11.17 -25.88 -15.36
CA THR J 111 11.19 -27.08 -14.52
C THR J 111 12.35 -27.99 -14.89
N GLN J 112 12.59 -28.18 -16.19
CA GLN J 112 13.71 -29.00 -16.63
C GLN J 112 15.05 -28.39 -16.23
N ASN J 113 15.18 -27.06 -16.36
CA ASN J 113 16.41 -26.39 -15.97
C ASN J 113 16.64 -26.48 -14.47
N ARG J 114 15.58 -26.34 -13.68
CA ARG J 114 15.71 -26.47 -12.22
C ARG J 114 16.09 -27.89 -11.83
N PHE J 115 15.49 -28.89 -12.47
CA PHE J 115 15.83 -30.28 -12.15
C PHE J 115 17.25 -30.63 -12.59
N LYS J 116 17.73 -30.02 -13.67
CA LYS J 116 19.12 -30.23 -14.07
C LYS J 116 20.09 -29.53 -13.13
N ASN J 117 19.72 -28.33 -12.66
CA ASN J 117 20.60 -27.57 -11.79
C ASN J 117 20.65 -28.15 -10.38
N TYR J 118 19.56 -28.75 -9.92
CA TYR J 118 19.57 -29.41 -8.61
C TYR J 118 20.48 -30.62 -8.63
N ALA J 119 20.48 -31.37 -9.72
CA ALA J 119 21.47 -32.41 -9.93
C ALA J 119 22.82 -31.78 -10.29
N LYS J 120 23.85 -32.63 -10.30
CA LYS J 120 25.26 -32.27 -10.57
C LYS J 120 25.72 -31.04 -9.78
N ALA J 121 25.15 -30.83 -8.59
CA ALA J 121 25.51 -29.72 -7.73
C ALA J 121 25.74 -30.16 -6.29
N GLY J 122 25.83 -31.47 -6.04
CA GLY J 122 26.04 -31.97 -4.70
C GLY J 122 24.78 -32.25 -3.91
N LEU J 123 23.61 -31.89 -4.43
CA LEU J 123 22.36 -32.12 -3.73
C LEU J 123 22.04 -33.61 -3.70
N LEU J 124 21.55 -34.08 -2.55
CA LEU J 124 21.21 -35.47 -2.36
C LEU J 124 19.82 -35.60 -1.76
N CYS J 125 19.12 -36.67 -2.12
CA CYS J 125 17.76 -36.92 -1.69
C CYS J 125 17.63 -38.33 -1.16
N GLY J 126 16.76 -38.51 -0.17
CA GLY J 126 16.58 -39.81 0.44
C GLY J 126 15.17 -40.36 0.37
N ASN J 127 14.99 -41.43 -0.42
CA ASN J 127 13.80 -42.27 -0.46
C ASN J 127 12.54 -41.56 -0.94
N ASP J 128 12.63 -40.28 -1.30
CA ASP J 128 11.46 -39.58 -1.83
C ASP J 128 11.78 -38.67 -3.01
N GLY J 129 13.05 -38.52 -3.39
CA GLY J 129 13.42 -37.65 -4.48
C GLY J 129 13.47 -36.18 -4.13
N LEU J 130 13.19 -35.81 -2.89
CA LEU J 130 13.24 -34.42 -2.47
C LEU J 130 14.59 -34.12 -1.86
N PRO J 131 15.34 -33.15 -2.39
CA PRO J 131 16.73 -32.96 -1.96
C PRO J 131 16.86 -32.57 -0.49
N HIS J 132 17.94 -33.03 0.13
CA HIS J 132 18.22 -32.78 1.53
C HIS J 132 19.45 -31.91 1.68
N LEU J 133 19.50 -31.16 2.78
CA LEU J 133 20.56 -30.19 3.04
C LEU J 133 21.30 -30.57 4.31
N ILE J 134 22.63 -30.52 4.24
CA ILE J 134 23.50 -30.86 5.37
C ILE J 134 23.96 -29.56 6.02
N SER J 135 23.75 -29.45 7.33
CA SER J 135 23.97 -28.20 8.03
C SER J 135 25.25 -28.15 8.85
N ASP J 136 25.81 -29.29 9.22
CA ASP J 136 27.01 -29.29 10.05
C ASP J 136 28.22 -28.86 9.22
N PRO J 137 28.94 -27.81 9.63
CA PRO J 137 30.18 -27.46 8.94
C PRO J 137 31.23 -28.53 9.17
N GLY J 138 32.14 -28.64 8.21
CA GLY J 138 33.11 -29.72 8.23
C GLY J 138 32.60 -30.92 7.45
N LEU J 139 31.47 -31.47 7.88
CA LEU J 139 30.81 -32.51 7.09
C LEU J 139 30.35 -31.96 5.75
N ALA J 140 29.80 -30.74 5.74
CA ALA J 140 29.45 -30.08 4.49
C ALA J 140 30.70 -29.64 3.74
N LEU J 141 31.81 -29.40 4.43
CA LEU J 141 33.03 -28.97 3.77
C LEU J 141 33.71 -30.13 3.04
N ARG J 142 33.70 -31.32 3.63
CA ARG J 142 34.37 -32.48 3.04
C ARG J 142 33.49 -33.24 2.07
N PHE J 143 32.25 -32.81 1.85
CA PHE J 143 31.38 -33.43 0.86
C PHE J 143 30.78 -32.40 -0.09
N ASN J 144 31.38 -31.20 -0.15
CA ASN J 144 30.97 -30.12 -1.06
C ASN J 144 29.51 -29.72 -0.87
N HIS J 145 29.08 -29.70 0.39
CA HIS J 145 27.74 -29.24 0.74
C HIS J 145 27.75 -27.91 1.47
N ALA J 146 28.88 -27.19 1.44
CA ALA J 146 28.97 -25.91 2.11
C ALA J 146 28.09 -24.86 1.46
N GLY J 147 27.95 -24.92 0.13
CA GLY J 147 27.11 -23.98 -0.58
C GLY J 147 25.62 -24.14 -0.33
N GLU J 148 25.21 -25.21 0.37
CA GLU J 148 23.80 -25.40 0.70
C GLU J 148 23.35 -24.38 1.74
N VAL J 149 23.96 -24.41 2.93
CA VAL J 149 23.53 -23.52 4.00
C VAL J 149 24.71 -22.73 4.57
N PHE J 150 25.93 -23.26 4.45
CA PHE J 150 27.07 -22.65 5.13
C PHE J 150 27.40 -21.27 4.56
N ILE J 151 27.55 -21.19 3.24
CA ILE J 151 27.76 -19.90 2.56
C ILE J 151 26.52 -19.00 2.68
N PRO J 152 25.28 -19.48 2.43
CA PRO J 152 24.13 -18.59 2.64
C PRO J 152 23.97 -18.07 4.06
N THR J 153 24.34 -18.84 5.08
CA THR J 153 24.21 -18.34 6.45
C THR J 153 25.20 -17.25 6.73
N PHE J 154 26.43 -17.38 6.21
CA PHE J 154 27.42 -16.31 6.31
C PHE J 154 26.97 -15.07 5.56
N GLY J 155 26.38 -15.25 4.37
CA GLY J 155 25.87 -14.10 3.64
C GLY J 155 24.73 -13.40 4.35
N PHE J 156 23.82 -14.17 4.94
CA PHE J 156 22.73 -13.57 5.71
C PHE J 156 23.25 -12.88 6.95
N LEU J 157 24.27 -13.44 7.60
CA LEU J 157 24.88 -12.77 8.74
C LEU J 157 25.52 -11.45 8.32
N TYR J 158 26.17 -11.43 7.16
CA TYR J 158 26.74 -10.20 6.63
C TYR J 158 25.65 -9.15 6.39
N VAL J 159 24.55 -9.55 5.78
CA VAL J 159 23.48 -8.60 5.48
C VAL J 159 22.80 -8.14 6.76
N ALA J 160 22.58 -9.04 7.72
CA ALA J 160 21.95 -8.68 8.98
C ALA J 160 22.84 -7.73 9.79
N GLY J 161 24.15 -7.96 9.77
CA GLY J 161 25.06 -7.00 10.37
C GLY J 161 25.07 -5.66 9.66
N TYR J 162 24.91 -5.67 8.34
CA TYR J 162 24.72 -4.42 7.59
C TYR J 162 23.50 -3.66 8.10
N ILE J 163 22.38 -4.36 8.27
CA ILE J 163 21.15 -3.72 8.75
C ILE J 163 21.35 -3.18 10.16
N GLY J 164 21.97 -3.99 11.04
CA GLY J 164 22.19 -3.56 12.40
C GLY J 164 23.13 -2.37 12.52
N HIS J 165 24.21 -2.38 11.73
CA HIS J 165 25.15 -1.26 11.76
C HIS J 165 24.52 0.01 11.21
N VAL J 166 23.75 -0.10 10.13
CA VAL J 166 23.08 1.08 9.56
C VAL J 166 22.06 1.65 10.55
N GLY J 167 21.28 0.76 11.19
CA GLY J 167 20.33 1.23 12.18
C GLY J 167 20.98 1.85 13.40
N ARG J 168 22.09 1.26 13.86
CA ARG J 168 22.83 1.81 14.98
C ARG J 168 23.43 3.17 14.64
N GLN J 169 23.98 3.32 13.44
CA GLN J 169 24.53 4.59 13.02
C GLN J 169 23.44 5.65 12.90
N TYR J 170 22.26 5.29 12.40
CA TYR J 170 21.18 6.25 12.33
C TYR J 170 20.64 6.60 13.71
N ILE J 171 20.61 5.65 14.63
CA ILE J 171 20.14 5.93 15.99
C ILE J 171 21.11 6.87 16.71
N ILE J 172 22.41 6.60 16.59
CA ILE J 172 23.41 7.42 17.29
C ILE J 172 23.51 8.80 16.64
N LYS J 173 23.54 8.86 15.31
CA LYS J 173 23.77 10.11 14.60
C LYS J 173 22.56 11.04 14.57
N SER J 174 21.39 10.57 14.99
CA SER J 174 20.21 11.41 15.03
C SER J 174 19.75 11.72 16.45
N LYS J 175 20.67 11.64 17.43
CA LYS J 175 20.33 11.89 18.82
C LYS J 175 20.95 13.16 19.39
N GLU J 176 22.00 13.69 18.77
CA GLU J 176 22.64 14.92 19.26
C GLU J 176 22.03 16.17 18.61
N ASP J 177 20.71 16.25 18.65
CA ASP J 177 19.99 17.37 18.06
C ASP J 177 18.67 17.55 18.79
N ALA J 178 18.07 18.72 18.59
CA ALA J 178 16.79 19.02 19.21
C ALA J 178 15.70 18.15 18.60
N LYS J 179 14.86 17.57 19.46
CA LYS J 179 13.77 16.66 19.12
C LYS J 179 14.25 15.50 18.25
N PRO J 180 14.98 14.54 18.82
CA PRO J 180 15.40 13.37 18.01
C PRO J 180 14.24 12.51 17.56
N THR J 181 13.09 12.56 18.23
CA THR J 181 11.93 11.81 17.80
C THR J 181 11.40 12.34 16.46
N ASP J 182 11.56 13.64 16.20
CA ASP J 182 11.17 14.19 14.91
C ASP J 182 12.03 13.62 13.78
N LYS J 183 13.33 13.46 14.02
CA LYS J 183 14.19 12.81 13.04
C LYS J 183 13.87 11.32 12.93
N GLU J 184 13.41 10.71 14.01
CA GLU J 184 13.00 9.31 13.97
C GLU J 184 11.74 9.12 13.13
N ILE J 185 10.80 10.06 13.21
CA ILE J 185 9.53 9.90 12.52
C ILE J 185 9.58 10.46 11.09
N ILE J 186 10.40 11.49 10.86
CA ILE J 186 10.62 12.03 9.52
C ILE J 186 12.09 11.82 9.21
N LEU J 187 12.37 10.85 8.34
CA LEU J 187 13.74 10.40 8.15
C LEU J 187 14.54 11.40 7.32
N ASP J 188 15.79 11.63 7.74
CA ASP J 188 16.73 12.42 6.96
C ASP J 188 17.19 11.55 5.79
N VAL J 189 16.54 11.74 4.63
CA VAL J 189 16.80 10.85 3.48
C VAL J 189 18.23 10.94 2.96
N PRO J 190 18.85 12.12 2.77
CA PRO J 190 20.27 12.11 2.40
C PRO J 190 21.17 11.47 3.45
N LEU J 191 20.89 11.71 4.74
CA LEU J 191 21.69 11.07 5.79
C LEU J 191 21.45 9.56 5.81
N ALA J 192 20.22 9.13 5.60
CA ALA J 192 19.91 7.70 5.56
C ALA J 192 20.61 7.02 4.39
N LEU J 193 20.62 7.68 3.22
CA LEU J 193 21.30 7.10 2.06
C LEU J 193 22.82 7.10 2.25
N GLN J 194 23.36 8.14 2.89
CA GLN J 194 24.79 8.19 3.17
C GLN J 194 25.20 7.06 4.12
N LEU J 195 24.41 6.82 5.17
CA LEU J 195 24.69 5.70 6.06
C LEU J 195 24.44 4.37 5.38
N ALA J 196 23.52 4.34 4.40
CA ALA J 196 23.28 3.12 3.63
C ALA J 196 24.48 2.74 2.79
N PHE J 197 25.11 3.72 2.14
CA PHE J 197 26.28 3.45 1.31
C PHE J 197 27.57 3.40 2.10
N GLN J 198 27.54 3.66 3.41
CA GLN J 198 28.72 3.58 4.25
C GLN J 198 28.76 2.33 5.12
N GLY J 199 27.80 1.43 4.97
CA GLY J 199 27.72 0.22 5.75
C GLY J 199 28.39 -0.99 5.15
N TRP J 200 29.14 -0.83 4.07
CA TRP J 200 29.79 -1.97 3.41
C TRP J 200 30.90 -2.58 4.26
N ALA J 201 31.41 -1.86 5.24
CA ALA J 201 32.44 -2.36 6.13
C ALA J 201 31.90 -2.48 7.55
N TRP J 202 30.68 -3.01 7.69
CA TRP J 202 30.07 -3.14 9.01
C TRP J 202 30.86 -3.99 10.03
N PRO J 203 31.47 -5.15 9.71
CA PRO J 203 32.13 -5.90 10.79
C PRO J 203 33.37 -5.21 11.31
N LEU J 204 34.10 -4.50 10.45
CA LEU J 204 35.29 -3.77 10.88
C LEU J 204 34.92 -2.69 11.89
N ALA J 205 33.92 -1.87 11.56
CA ALA J 205 33.48 -0.81 12.46
C ALA J 205 32.86 -1.39 13.73
N ALA J 206 32.15 -2.52 13.61
CA ALA J 206 31.53 -3.14 14.78
C ALA J 206 32.58 -3.63 15.76
N ILE J 207 33.59 -4.36 15.27
CA ILE J 207 34.61 -4.86 16.19
C ILE J 207 35.50 -3.73 16.68
N GLN J 208 35.66 -2.65 15.91
CA GLN J 208 36.42 -1.51 16.40
C GLN J 208 35.66 -0.78 17.51
N GLU J 209 34.34 -0.65 17.37
CA GLU J 209 33.54 -0.08 18.45
C GLU J 209 33.55 -0.98 19.67
N LEU J 210 33.61 -2.29 19.47
CA LEU J 210 33.79 -3.21 20.58
C LEU J 210 35.14 -3.00 21.26
N ARG J 211 36.19 -2.77 20.46
CA ARG J 211 37.53 -2.58 21.01
C ARG J 211 37.62 -1.28 21.82
N ASN J 212 37.06 -0.19 21.31
CA ASN J 212 37.14 1.07 22.02
C ASN J 212 36.04 1.22 23.09
N GLY J 213 35.11 0.29 23.17
CA GLY J 213 34.11 0.30 24.21
C GLY J 213 32.89 1.16 23.94
N SER J 214 32.80 1.81 22.78
CA SER J 214 31.63 2.61 22.46
C SER J 214 30.46 1.78 21.94
N LEU J 215 30.68 0.50 21.64
CA LEU J 215 29.59 -0.35 21.19
C LEU J 215 28.65 -0.69 22.33
N LEU J 216 29.18 -0.85 23.54
CA LEU J 216 28.40 -1.25 24.70
C LEU J 216 28.32 -0.11 25.70
N GLU J 217 27.17 0.02 26.36
CA GLU J 217 26.98 1.01 27.40
C GLU J 217 27.23 0.40 28.77
N LYS J 218 27.79 1.22 29.66
CA LYS J 218 28.02 0.77 31.02
C LYS J 218 26.70 0.65 31.78
N ASP J 219 26.72 -0.15 32.84
CA ASP J 219 25.51 -0.46 33.60
C ASP J 219 25.07 0.70 34.51
N GLU J 220 25.79 1.82 34.50
CA GLU J 220 25.41 2.97 35.31
C GLU J 220 24.54 3.96 34.54
N ASN J 221 24.65 4.01 33.22
CA ASN J 221 23.86 4.90 32.39
C ASN J 221 22.69 4.19 31.72
N ILE J 222 22.41 2.95 32.11
CA ILE J 222 21.40 2.13 31.45
C ILE J 222 20.16 2.08 32.33
N THR J 223 19.00 2.36 31.73
CA THR J 223 17.73 2.28 32.42
C THR J 223 17.48 0.86 32.91
N VAL J 224 17.18 0.72 34.20
CA VAL J 224 17.12 -0.58 34.85
C VAL J 224 15.87 -0.65 35.73
N SER J 225 15.19 -1.87 35.69
CA SER J 225 13.98 -2.18 36.43
C SER J 225 14.32 -2.48 37.89
N PRO J 226 13.44 -2.09 38.81
CA PRO J 226 13.68 -2.40 40.23
C PRO J 226 13.62 -3.90 40.50
N ARG J 227 14.39 -4.32 41.50
CA ARG J 227 14.43 -5.73 41.88
C ARG J 227 13.23 -6.10 42.74
N MET K 1 7.94 22.36 -2.69
CA MET K 1 8.88 21.28 -2.94
C MET K 1 9.42 20.68 -1.64
N LYS K 2 9.98 21.52 -0.77
CA LYS K 2 10.58 21.02 0.45
C LYS K 2 9.55 20.48 1.42
N ASP K 3 8.32 21.02 1.40
CA ASP K 3 7.25 20.45 2.20
C ASP K 3 6.83 19.09 1.66
N PHE K 4 6.72 18.98 0.33
CA PHE K 4 6.44 17.68 -0.29
C PHE K 4 7.60 16.72 -0.10
N THR K 5 8.84 17.23 -0.10
CA THR K 5 9.99 16.36 0.15
C THR K 5 10.00 15.84 1.58
N THR K 6 9.64 16.69 2.55
CA THR K 6 9.55 16.23 3.93
C THR K 6 8.38 15.28 4.13
N TYR K 7 7.30 15.44 3.36
CA TYR K 7 6.25 14.44 3.35
C TYR K 7 6.77 13.12 2.80
N LEU K 8 7.55 13.17 1.72
CA LEU K 8 8.21 11.97 1.21
C LEU K 8 9.28 11.47 2.16
N SER K 9 9.81 12.32 3.03
CA SER K 9 10.80 11.94 4.02
C SER K 9 10.18 11.29 5.25
N THR K 10 8.86 11.24 5.34
CA THR K 10 8.20 10.60 6.46
C THR K 10 8.43 9.09 6.41
N ALA K 11 8.30 8.46 7.57
CA ALA K 11 8.58 7.03 7.70
C ALA K 11 7.74 6.11 6.81
N PRO K 12 6.42 6.25 6.68
CA PRO K 12 5.70 5.33 5.77
C PRO K 12 6.10 5.45 4.32
N VAL K 13 6.45 6.66 3.84
CA VAL K 13 6.80 6.82 2.44
C VAL K 13 8.16 6.17 2.13
N VAL K 14 9.15 6.38 3.00
CA VAL K 14 10.45 5.76 2.77
C VAL K 14 10.37 4.26 3.02
N GLY K 15 9.51 3.81 3.92
CA GLY K 15 9.27 2.38 4.07
C GLY K 15 8.65 1.77 2.83
N LEU K 16 7.71 2.49 2.20
CA LEU K 16 7.13 2.05 0.95
C LEU K 16 8.18 1.99 -0.15
N GLY K 17 9.05 3.00 -0.21
CA GLY K 17 10.11 2.99 -1.21
C GLY K 17 11.06 1.82 -1.02
N TRP K 18 11.44 1.53 0.23
CA TRP K 18 12.24 0.35 0.51
C TRP K 18 11.51 -0.92 0.12
N ALA K 19 10.19 -0.97 0.36
CA ALA K 19 9.41 -2.16 0.04
C ALA K 19 9.41 -2.44 -1.46
N ILE K 20 9.11 -1.43 -2.27
CA ILE K 20 9.17 -1.60 -3.72
C ILE K 20 10.59 -1.94 -4.19
N PHE K 21 11.61 -1.28 -3.61
CA PHE K 21 12.98 -1.56 -4.04
C PHE K 21 13.38 -3.00 -3.76
N THR K 22 13.17 -3.46 -2.52
CA THR K 22 13.56 -4.82 -2.15
C THR K 22 12.73 -5.86 -2.89
N SER K 23 11.42 -5.63 -3.01
CA SER K 23 10.56 -6.57 -3.71
C SER K 23 10.93 -6.67 -5.18
N GLY K 24 11.19 -5.54 -5.83
CA GLY K 24 11.59 -5.57 -7.23
C GLY K 24 12.94 -6.22 -7.43
N LEU K 25 13.89 -5.97 -6.52
CA LEU K 25 15.20 -6.61 -6.62
C LEU K 25 15.08 -8.12 -6.50
N LEU K 26 14.33 -8.60 -5.50
CA LEU K 26 14.17 -10.03 -5.31
C LEU K 26 13.39 -10.67 -6.45
N ILE K 27 12.38 -9.97 -6.97
CA ILE K 27 11.58 -10.51 -8.06
C ILE K 27 12.40 -10.60 -9.34
N GLU K 28 13.20 -9.57 -9.64
CA GLU K 28 14.03 -9.62 -10.85
C GLU K 28 15.13 -10.67 -10.70
N ILE K 29 15.66 -10.85 -9.49
CA ILE K 29 16.65 -11.91 -9.26
C ILE K 29 16.03 -13.28 -9.48
N ASN K 30 14.82 -13.50 -8.95
CA ASN K 30 14.14 -14.77 -9.16
C ASN K 30 13.77 -15.00 -10.61
N ARG K 31 13.42 -13.94 -11.33
CA ARG K 31 13.03 -14.07 -12.73
C ARG K 31 14.23 -14.41 -13.60
N PHE K 32 15.34 -13.71 -13.42
CA PHE K 32 16.51 -13.97 -14.25
C PHE K 32 17.38 -15.11 -13.74
N PHE K 33 17.10 -15.62 -12.54
CA PHE K 33 17.71 -16.84 -12.03
C PHE K 33 16.58 -17.73 -11.55
N PRO K 34 16.00 -18.53 -12.45
CA PRO K 34 14.76 -19.25 -12.13
C PRO K 34 15.00 -20.41 -11.16
N ASP K 35 14.44 -20.28 -9.96
CA ASP K 35 14.37 -21.29 -8.91
C ASP K 35 15.73 -21.87 -8.51
N PRO K 36 16.62 -21.10 -7.87
CA PRO K 36 17.83 -21.70 -7.31
C PRO K 36 17.68 -22.07 -5.85
N LEU K 37 18.43 -23.08 -5.44
CA LEU K 37 18.33 -23.56 -4.07
C LEU K 37 19.68 -23.61 -3.36
N VAL K 38 20.75 -23.99 -4.06
CA VAL K 38 22.07 -24.18 -3.47
C VAL K 38 23.05 -23.27 -4.20
N PHE K 39 23.90 -22.58 -3.43
CA PHE K 39 24.92 -21.71 -4.00
C PHE K 39 25.98 -22.56 -4.70
N SER K 40 26.02 -22.48 -6.03
CA SER K 40 26.95 -23.25 -6.85
C SER K 40 27.59 -22.34 -7.89
N PHE K 41 28.08 -21.18 -7.44
CA PHE K 41 28.71 -20.16 -8.28
C PHE K 41 27.81 -19.71 -9.42
N GLY L 41 -55.01 10.75 -25.54
CA GLY L 41 -54.12 11.08 -26.64
C GLY L 41 -54.85 11.56 -27.88
N PHE L 42 -55.69 10.70 -28.44
CA PHE L 42 -56.49 11.05 -29.60
C PHE L 42 -57.55 12.08 -29.22
N ILE L 43 -57.74 13.07 -30.08
CA ILE L 43 -58.69 14.13 -29.81
C ILE L 43 -60.10 13.58 -29.94
N GLY L 44 -60.86 13.60 -28.84
CA GLY L 44 -62.19 13.03 -28.80
C GLY L 44 -62.27 11.65 -28.17
N SER L 45 -61.13 11.04 -27.85
CA SER L 45 -61.13 9.75 -27.19
C SER L 45 -61.64 9.90 -25.76
N PRO L 46 -62.27 8.86 -25.20
CA PRO L 46 -62.75 8.94 -23.81
C PRO L 46 -61.64 9.19 -22.80
N THR L 47 -60.46 8.60 -23.02
CA THR L 47 -59.34 8.83 -22.12
C THR L 47 -58.90 10.28 -22.12
N ASN L 48 -58.83 10.88 -23.31
CA ASN L 48 -58.53 12.31 -23.44
C ASN L 48 -59.56 13.14 -22.71
N LEU L 49 -60.84 12.82 -22.89
CA LEU L 49 -61.91 13.59 -22.27
C LEU L 49 -61.82 13.54 -20.74
N ILE L 50 -61.67 12.33 -20.18
CA ILE L 50 -61.71 12.25 -18.73
C ILE L 50 -60.40 12.74 -18.10
N MET L 51 -59.26 12.66 -18.82
CA MET L 51 -58.04 13.20 -18.23
C MET L 51 -57.98 14.71 -18.35
N VAL L 52 -58.55 15.28 -19.40
CA VAL L 52 -58.71 16.74 -19.47
C VAL L 52 -59.64 17.21 -18.38
N ALA L 53 -60.72 16.46 -18.14
CA ALA L 53 -61.64 16.79 -17.05
C ALA L 53 -60.95 16.70 -15.69
N SER L 54 -60.11 15.69 -15.49
CA SER L 54 -59.38 15.56 -14.23
C SER L 54 -58.39 16.70 -14.02
N THR L 55 -57.66 17.07 -15.07
CA THR L 55 -56.71 18.18 -14.95
C THR L 55 -57.44 19.50 -14.69
N GLY L 56 -58.55 19.73 -15.39
CA GLY L 56 -59.32 20.94 -15.14
C GLY L 56 -59.95 20.96 -13.76
N ALA L 57 -60.38 19.79 -13.26
CA ALA L 57 -60.92 19.71 -11.91
C ALA L 57 -59.86 19.99 -10.86
N CYS L 58 -58.63 19.49 -11.09
CA CYS L 58 -57.54 19.79 -10.18
C CYS L 58 -57.20 21.28 -10.18
N LEU L 59 -57.19 21.90 -11.37
CA LEU L 59 -56.92 23.33 -11.47
C LEU L 59 -58.01 24.15 -10.79
N PHE L 60 -59.27 23.78 -11.00
CA PHE L 60 -60.39 24.48 -10.36
C PHE L 60 -60.36 24.30 -8.85
N ALA L 61 -59.95 23.11 -8.39
CA ALA L 61 -59.82 22.86 -6.96
C ALA L 61 -58.72 23.72 -6.36
N SER L 62 -57.59 23.83 -7.05
CA SER L 62 -56.50 24.67 -6.55
C SER L 62 -56.87 26.14 -6.56
N ARG L 63 -57.70 26.57 -7.51
CA ARG L 63 -58.04 27.99 -7.60
C ARG L 63 -58.94 28.43 -6.44
N PHE L 64 -59.83 27.54 -5.99
CA PHE L 64 -60.84 27.89 -4.99
C PHE L 64 -60.81 26.90 -3.84
N GLY L 65 -59.95 27.15 -2.85
CA GLY L 65 -59.90 26.33 -1.65
C GLY L 65 -59.49 24.90 -1.96
N LEU L 66 -60.31 23.96 -1.48
CA LEU L 66 -60.28 22.54 -1.87
C LEU L 66 -58.89 21.90 -1.77
N ALA L 67 -58.22 21.77 -2.91
CA ALA L 67 -56.90 21.16 -2.93
C ALA L 67 -55.87 22.10 -2.31
N PRO L 68 -54.98 21.59 -1.47
CA PRO L 68 -53.92 22.45 -0.90
C PRO L 68 -52.96 22.93 -1.98
N SER L 69 -52.49 24.16 -1.80
CA SER L 69 -51.67 24.82 -2.81
C SER L 69 -50.56 25.58 -2.10
N VAL L 70 -49.91 26.50 -2.82
CA VAL L 70 -48.82 27.28 -2.25
C VAL L 70 -49.32 28.17 -1.12
N ARG L 71 -50.48 28.80 -1.30
CA ARG L 71 -51.06 29.68 -0.31
C ARG L 71 -51.92 28.95 0.71
N LYS L 72 -52.05 27.63 0.60
CA LYS L 72 -52.88 26.84 1.51
C LYS L 72 -51.99 25.93 2.36
N VAL L 73 -52.17 26.01 3.67
CA VAL L 73 -51.35 25.27 4.63
C VAL L 73 -52.24 24.47 5.57
N ALA L 74 -51.61 23.86 6.59
CA ALA L 74 -52.23 23.13 7.70
C ALA L 74 -52.83 21.80 7.27
N GLN L 75 -52.83 20.83 8.20
CA GLN L 75 -53.29 19.48 7.84
C GLN L 75 -54.81 19.37 7.72
N PRO L 76 -55.64 19.71 8.76
CA PRO L 76 -57.08 19.46 8.62
C PRO L 76 -57.76 20.37 7.61
N LEU L 77 -57.55 21.67 7.72
CA LEU L 77 -58.16 22.65 6.85
C LEU L 77 -57.08 23.36 6.04
N LYS L 78 -57.49 24.36 5.27
CA LYS L 78 -56.59 25.16 4.46
C LYS L 78 -56.61 26.59 4.98
N LEU L 79 -55.43 27.12 5.28
CA LEU L 79 -55.27 28.48 5.80
C LEU L 79 -54.39 29.29 4.87
N ALA L 80 -54.60 30.60 4.88
CA ALA L 80 -53.86 31.49 4.00
C ALA L 80 -52.40 31.58 4.45
N ASP L 81 -51.50 31.67 3.46
CA ASP L 81 -50.07 31.76 3.70
C ASP L 81 -49.51 32.96 2.94
N ARG L 82 -48.18 33.06 2.94
CA ARG L 82 -47.51 34.11 2.18
C ARG L 82 -47.63 33.85 0.69
N GLU L 83 -47.52 34.93 -0.09
CA GLU L 83 -47.66 34.81 -1.54
C GLU L 83 -46.50 34.05 -2.18
N VAL L 84 -45.34 34.01 -1.52
CA VAL L 84 -44.16 33.22 -1.90
C VAL L 84 -43.64 33.62 -3.28
N ILE L 85 -44.43 33.35 -4.32
CA ILE L 85 -44.07 33.69 -5.70
C ILE L 85 -45.12 34.65 -6.25
N GLN L 86 -44.66 35.68 -6.97
CA GLN L 86 -45.56 36.58 -7.66
C GLN L 86 -46.37 35.82 -8.71
N THR L 87 -47.69 36.04 -8.70
CA THR L 87 -48.58 35.29 -9.57
C THR L 87 -48.54 35.77 -11.01
N THR L 88 -47.98 36.96 -11.27
CA THR L 88 -47.84 37.54 -12.59
C THR L 88 -49.20 37.69 -13.29
N GLY L 89 -50.09 38.44 -12.64
CA GLY L 89 -51.39 38.77 -13.19
C GLY L 89 -52.53 37.90 -12.70
N ASP L 90 -52.22 36.73 -12.17
CA ASP L 90 -53.28 35.83 -11.70
C ASP L 90 -53.84 36.33 -10.37
N PRO L 91 -55.15 36.50 -10.25
CA PRO L 91 -55.73 36.81 -8.93
C PRO L 91 -55.53 35.66 -7.95
N ALA L 92 -55.46 36.03 -6.66
CA ALA L 92 -55.25 35.12 -5.54
C ALA L 92 -53.94 34.35 -5.65
N GLY L 93 -53.79 33.31 -4.84
CA GLY L 93 -52.55 32.55 -4.78
C GLY L 93 -52.43 31.49 -5.86
N PHE L 94 -52.13 31.91 -7.09
CA PHE L 94 -52.00 30.99 -8.21
C PHE L 94 -50.74 31.36 -8.99
N THR L 95 -49.63 30.69 -8.67
CA THR L 95 -48.33 30.97 -9.27
C THR L 95 -47.96 29.85 -10.24
N ALA L 96 -46.74 29.94 -10.79
CA ALA L 96 -46.29 28.97 -11.77
C ALA L 96 -46.10 27.58 -11.16
N THR L 97 -45.54 27.51 -9.95
CA THR L 97 -45.36 26.22 -9.31
C THR L 97 -46.70 25.60 -8.92
N ASP L 98 -47.73 26.42 -8.69
CA ASP L 98 -49.06 25.90 -8.41
C ASP L 98 -49.61 25.16 -9.63
N VAL L 99 -49.54 25.79 -10.80
CA VAL L 99 -50.07 25.16 -12.01
C VAL L 99 -49.20 23.98 -12.40
N LEU L 100 -47.89 24.03 -12.13
CA LEU L 100 -47.02 22.89 -12.43
C LEU L 100 -47.37 21.68 -11.55
N ALA L 101 -47.49 21.91 -10.23
CA ALA L 101 -47.82 20.84 -9.30
C ALA L 101 -49.19 20.24 -9.62
N MET L 102 -50.18 21.09 -9.88
CA MET L 102 -51.52 20.55 -10.08
C MET L 102 -51.73 19.99 -11.47
N GLY L 103 -50.98 20.44 -12.47
CA GLY L 103 -50.97 19.75 -13.75
C GLY L 103 -50.32 18.38 -13.65
N ALA L 104 -49.24 18.27 -12.86
CA ALA L 104 -48.64 16.96 -12.62
C ALA L 104 -49.61 16.04 -11.89
N ALA L 105 -50.30 16.57 -10.88
CA ALA L 105 -51.29 15.77 -10.15
C ALA L 105 -52.45 15.36 -11.05
N GLY L 106 -52.90 16.26 -11.93
CA GLY L 106 -53.97 15.92 -12.84
C GLY L 106 -53.58 14.87 -13.85
N HIS L 107 -52.36 14.97 -14.39
CA HIS L 107 -51.88 13.94 -15.32
C HIS L 107 -51.73 12.59 -14.61
N ALA L 108 -51.23 12.59 -13.36
CA ALA L 108 -51.09 11.34 -12.63
C ALA L 108 -52.44 10.71 -12.33
N ILE L 109 -53.42 11.52 -11.90
CA ILE L 109 -54.75 11.01 -11.62
C ILE L 109 -55.40 10.51 -12.91
N GLY L 110 -55.19 11.22 -14.02
CA GLY L 110 -55.76 10.79 -15.29
C GLY L 110 -55.19 9.48 -15.79
N VAL L 111 -53.86 9.32 -15.72
CA VAL L 111 -53.27 8.07 -16.18
C VAL L 111 -53.64 6.92 -15.25
N GLY L 112 -53.74 7.17 -13.94
CA GLY L 112 -54.20 6.14 -13.03
C GLY L 112 -55.62 5.71 -13.29
N ILE L 113 -56.50 6.67 -13.56
CA ILE L 113 -57.89 6.36 -13.88
C ILE L 113 -57.98 5.61 -15.20
N VAL L 114 -57.19 6.01 -16.20
CA VAL L 114 -57.21 5.36 -17.51
C VAL L 114 -56.78 3.90 -17.38
N LEU L 115 -55.67 3.66 -16.66
CA LEU L 115 -55.17 2.29 -16.54
C LEU L 115 -56.06 1.45 -15.64
N GLY L 116 -56.68 2.05 -14.62
CA GLY L 116 -57.61 1.30 -13.79
C GLY L 116 -58.87 0.91 -14.54
N LEU L 117 -59.38 1.81 -15.38
CA LEU L 117 -60.57 1.48 -16.18
C LEU L 117 -60.23 0.48 -17.27
N LYS L 118 -59.02 0.55 -17.84
CA LYS L 118 -58.60 -0.45 -18.81
C LYS L 118 -58.39 -1.81 -18.17
N GLY L 119 -57.94 -1.84 -16.91
CA GLY L 119 -57.78 -3.10 -16.21
C GLY L 119 -59.11 -3.80 -15.93
N ILE L 120 -60.16 -3.03 -15.65
CA ILE L 120 -61.47 -3.62 -15.36
C ILE L 120 -62.34 -3.73 -16.61
N GLY L 121 -61.80 -3.42 -17.79
CA GLY L 121 -62.56 -3.53 -19.02
C GLY L 121 -63.42 -2.34 -19.36
N GLN L 122 -63.39 -1.28 -18.57
CA GLN L 122 -64.18 -0.08 -18.84
C GLN L 122 -63.37 0.87 -19.72
N LEU L 123 -63.84 2.11 -19.83
CA LEU L 123 -63.18 3.12 -20.66
C LEU L 123 -61.79 3.46 -20.16
N THR M 130 -54.42 60.31 -17.38
CA THR M 130 -54.09 61.25 -18.45
C THR M 130 -55.21 61.31 -19.48
N GLY M 131 -55.30 62.44 -20.18
CA GLY M 131 -56.31 62.61 -21.21
C GLY M 131 -55.81 63.37 -22.42
N SER M 132 -54.51 63.71 -22.42
CA SER M 132 -53.94 64.47 -23.52
C SER M 132 -53.91 63.63 -24.81
N LEU M 133 -53.51 62.38 -24.71
CA LEU M 133 -53.50 61.51 -25.87
C LEU M 133 -54.92 61.13 -26.26
N PRO M 134 -55.20 60.98 -27.56
CA PRO M 134 -56.54 60.56 -27.98
C PRO M 134 -56.85 59.13 -27.53
N GLY M 135 -58.11 58.92 -27.14
CA GLY M 135 -58.53 57.61 -26.67
C GLY M 135 -57.90 57.18 -25.37
N ASP M 136 -57.66 58.11 -24.45
CA ASP M 136 -57.09 57.78 -23.15
C ASP M 136 -58.22 57.37 -22.20
N PHE M 137 -58.79 56.21 -22.50
CA PHE M 137 -59.89 55.65 -21.72
C PHE M 137 -59.41 54.82 -20.54
N GLY M 138 -58.12 54.63 -20.39
CA GLY M 138 -57.59 53.82 -19.31
C GLY M 138 -57.68 52.33 -19.52
N TRP M 139 -58.07 51.88 -20.72
CA TRP M 139 -58.24 50.46 -21.01
C TRP M 139 -56.88 49.86 -21.34
N ASP M 140 -56.11 49.59 -20.30
CA ASP M 140 -54.82 48.91 -20.42
C ASP M 140 -54.77 47.77 -19.41
N PRO M 141 -55.46 46.66 -19.68
CA PRO M 141 -55.41 45.54 -18.72
C PRO M 141 -54.10 44.77 -18.78
N LEU M 142 -53.48 44.66 -19.96
CA LEU M 142 -52.21 43.94 -20.07
C LEU M 142 -51.02 44.75 -19.57
N HIS M 143 -51.19 46.06 -19.38
CA HIS M 143 -50.15 46.97 -18.90
C HIS M 143 -48.91 46.94 -19.78
N LEU M 144 -49.12 46.81 -21.09
CA LEU M 144 -48.00 46.81 -22.03
C LEU M 144 -47.38 48.20 -22.18
N ALA M 145 -48.13 49.24 -21.84
CA ALA M 145 -47.65 50.61 -21.87
C ALA M 145 -46.95 50.94 -20.55
N ASP M 146 -46.74 52.24 -20.29
CA ASP M 146 -46.13 52.81 -19.07
C ASP M 146 -44.84 52.10 -18.67
N THR M 147 -43.89 52.09 -19.60
CA THR M 147 -42.54 51.64 -19.32
C THR M 147 -41.76 52.75 -18.61
N ASN M 148 -40.69 52.34 -17.93
CA ASN M 148 -39.88 53.32 -17.19
C ASN M 148 -39.04 54.17 -18.14
N ASP M 149 -38.46 53.56 -19.17
CA ASP M 149 -37.64 54.28 -20.14
C ASP M 149 -38.57 54.89 -21.19
N GLN M 150 -38.95 56.15 -20.96
CA GLN M 150 -39.87 56.86 -21.84
C GLN M 150 -39.14 57.67 -22.91
N ASP M 151 -37.94 57.24 -23.30
CA ASP M 151 -37.20 57.93 -24.36
C ASP M 151 -37.90 57.71 -25.69
N ARG M 152 -38.22 58.81 -26.38
CA ARG M 152 -38.86 58.72 -27.69
C ARG M 152 -37.93 58.09 -28.71
N LEU M 153 -36.65 58.45 -28.69
CA LEU M 153 -35.67 57.80 -29.53
C LEU M 153 -35.33 56.44 -28.95
N ASN M 154 -35.32 55.43 -29.83
CA ASN M 154 -35.05 54.02 -29.50
C ASN M 154 -36.02 53.44 -28.48
N ASN M 155 -35.80 52.17 -28.13
CA ASN M 155 -36.46 51.33 -27.12
C ASN M 155 -37.86 50.89 -27.53
N ALA M 156 -38.40 51.49 -28.60
CA ALA M 156 -39.65 51.09 -29.27
C ALA M 156 -40.83 50.92 -28.30
N MET M 157 -40.81 51.63 -27.17
CA MET M 157 -41.85 51.43 -26.17
C MET M 157 -42.32 52.73 -25.52
N SER M 158 -41.84 53.89 -25.97
CA SER M 158 -42.33 55.15 -25.44
C SER M 158 -43.77 55.38 -25.87
N MET M 159 -44.50 56.14 -25.05
CA MET M 159 -45.92 56.35 -25.31
C MET M 159 -46.17 57.14 -26.58
N GLU M 160 -45.28 58.09 -26.91
CA GLU M 160 -45.39 58.80 -28.18
C GLU M 160 -45.18 57.86 -29.35
N TRP M 161 -44.18 56.97 -29.26
CA TRP M 161 -43.94 55.98 -30.31
C TRP M 161 -45.10 55.00 -30.41
N LEU M 162 -45.66 54.59 -29.27
CA LEU M 162 -46.81 53.70 -29.27
C LEU M 162 -48.02 54.35 -29.93
N SER M 163 -48.26 55.63 -29.63
CA SER M 163 -49.38 56.33 -30.24
C SER M 163 -49.16 56.52 -31.74
N TYR M 164 -47.94 56.84 -32.15
CA TYR M 164 -47.63 57.00 -33.57
C TYR M 164 -47.83 55.69 -34.33
N ALA M 165 -47.31 54.58 -33.77
CA ALA M 165 -47.47 53.28 -34.40
C ALA M 165 -48.93 52.87 -34.44
N GLU M 166 -49.68 53.15 -33.37
CA GLU M 166 -51.09 52.81 -33.34
C GLU M 166 -51.87 53.59 -34.39
N VAL M 167 -51.59 54.89 -34.54
CA VAL M 167 -52.38 55.68 -35.49
C VAL M 167 -52.00 55.34 -36.92
N ILE M 168 -50.73 54.98 -37.20
CA ILE M 168 -50.42 54.62 -38.58
C ILE M 168 -50.89 53.20 -38.90
N HIS M 169 -50.86 52.28 -37.93
CA HIS M 169 -51.49 50.98 -38.11
C HIS M 169 -52.99 51.13 -38.34
N GLY M 170 -53.63 52.07 -37.62
CA GLY M 170 -55.04 52.31 -37.81
C GLY M 170 -55.37 52.88 -39.17
N ARG M 171 -54.54 53.82 -39.66
CA ARG M 171 -54.77 54.37 -40.99
C ARG M 171 -54.53 53.32 -42.08
N TRP M 172 -53.53 52.47 -41.90
CA TRP M 172 -53.34 51.37 -42.84
C TRP M 172 -54.48 50.36 -42.75
N ALA M 173 -55.10 50.20 -41.58
CA ALA M 173 -56.27 49.34 -41.46
C ALA M 173 -57.48 49.96 -42.14
N MET M 174 -57.62 51.29 -42.06
CA MET M 174 -58.62 52.01 -42.84
C MET M 174 -58.47 51.72 -44.32
N LEU M 175 -57.24 51.88 -44.83
CA LEU M 175 -56.99 51.63 -46.25
C LEU M 175 -57.23 50.17 -46.61
N GLY M 176 -56.84 49.26 -45.72
CA GLY M 176 -57.04 47.84 -45.99
C GLY M 176 -58.50 47.44 -46.02
N ALA M 177 -59.30 47.99 -45.10
CA ALA M 177 -60.74 47.73 -45.12
C ALA M 177 -61.38 48.30 -46.37
N ALA M 178 -60.98 49.52 -46.76
CA ALA M 178 -61.51 50.12 -47.99
C ALA M 178 -61.14 49.29 -49.22
N GLY M 179 -59.90 48.85 -49.31
CA GLY M 179 -59.46 48.07 -50.45
C GLY M 179 -59.96 46.63 -50.44
N ALA M 180 -60.36 46.11 -49.29
CA ALA M 180 -60.96 44.79 -49.21
C ALA M 180 -62.46 44.82 -49.36
N LEU M 181 -63.10 45.99 -49.24
CA LEU M 181 -64.51 46.13 -49.55
C LEU M 181 -64.80 46.69 -50.93
N SER M 182 -63.83 47.35 -51.57
CA SER M 182 -64.11 48.01 -52.84
C SER M 182 -64.38 47.07 -54.00
N PRO M 183 -63.49 46.12 -54.38
CA PRO M 183 -63.71 45.41 -55.65
C PRO M 183 -64.95 44.54 -55.67
N GLU M 184 -65.28 43.89 -54.56
CA GLU M 184 -66.43 42.99 -54.53
C GLU M 184 -67.74 43.75 -54.70
N VAL M 185 -67.94 44.82 -53.93
CA VAL M 185 -69.20 45.55 -54.02
C VAL M 185 -69.25 46.42 -55.26
N LEU M 186 -68.09 46.84 -55.80
CA LEU M 186 -68.11 47.56 -57.06
C LEU M 186 -68.38 46.65 -58.25
N GLY M 187 -67.97 45.39 -58.18
CA GLY M 187 -68.37 44.43 -59.20
C GLY M 187 -69.81 44.01 -59.05
N LYS M 188 -70.30 43.94 -57.81
CA LYS M 188 -71.71 43.65 -57.57
C LYS M 188 -72.61 44.77 -58.09
N ALA M 189 -72.20 46.03 -57.89
CA ALA M 189 -72.95 47.16 -58.39
C ALA M 189 -72.76 47.39 -59.89
N GLY M 190 -71.76 46.75 -60.49
CA GLY M 190 -71.54 46.88 -61.92
C GLY M 190 -70.78 48.11 -62.36
N VAL M 191 -70.23 48.88 -61.43
CA VAL M 191 -69.45 50.05 -61.80
C VAL M 191 -68.14 49.62 -62.47
N ILE M 192 -67.45 48.66 -61.88
CA ILE M 192 -66.27 48.07 -62.48
C ILE M 192 -66.70 46.71 -63.05
N PRO M 193 -66.07 46.21 -64.11
CA PRO M 193 -66.39 44.85 -64.57
C PRO M 193 -66.09 43.80 -63.51
N LYS M 194 -66.93 42.77 -63.48
CA LYS M 194 -66.81 41.71 -62.49
C LYS M 194 -65.63 40.78 -62.74
N GLU M 195 -65.03 40.81 -63.93
CA GLU M 195 -63.87 39.97 -64.20
C GLU M 195 -62.67 40.42 -63.38
N THR M 196 -62.57 41.72 -63.08
CA THR M 196 -61.53 42.23 -62.20
C THR M 196 -62.05 42.53 -60.80
N GLY M 197 -63.36 42.45 -60.58
CA GLY M 197 -63.92 42.71 -59.26
C GLY M 197 -63.99 41.47 -58.40
N LEU M 198 -62.84 40.84 -58.19
CA LEU M 198 -62.77 39.61 -57.40
C LEU M 198 -62.42 39.93 -55.96
N THR M 199 -62.25 38.88 -55.15
CA THR M 199 -62.01 39.06 -53.73
C THR M 199 -60.60 39.56 -53.47
N TRP M 200 -60.37 40.05 -52.25
CA TRP M 200 -59.13 40.76 -51.94
C TRP M 200 -57.94 39.82 -51.80
N PHE M 201 -58.12 38.65 -51.19
CA PHE M 201 -56.97 37.77 -50.96
C PHE M 201 -56.51 37.10 -52.26
N GLN M 202 -57.42 36.84 -53.18
CA GLN M 202 -57.03 36.28 -54.47
C GLN M 202 -56.40 37.35 -55.35
N ALA M 203 -56.91 38.58 -55.30
CA ALA M 203 -56.33 39.68 -56.07
C ALA M 203 -55.12 40.29 -55.40
N GLY M 204 -54.82 39.93 -54.16
CA GLY M 204 -53.66 40.40 -53.45
C GLY M 204 -52.50 39.42 -53.40
N GLY M 205 -52.62 38.26 -54.04
CA GLY M 205 -51.59 37.25 -53.97
C GLY M 205 -51.57 36.44 -52.69
N LEU M 206 -52.58 36.59 -51.85
CA LEU M 206 -52.65 35.86 -50.58
C LEU M 206 -53.22 34.46 -50.85
N ASP M 207 -52.35 33.55 -51.29
CA ASP M 207 -52.74 32.18 -51.56
C ASP M 207 -51.79 31.22 -50.86
N SER M 208 -51.90 29.93 -51.18
CA SER M 208 -51.01 28.94 -50.57
C SER M 208 -49.56 29.17 -51.00
N SER M 209 -49.31 29.27 -52.31
CA SER M 209 -47.99 29.48 -52.90
C SER M 209 -46.98 28.45 -52.40
N SER M 210 -45.99 28.91 -51.65
CA SER M 210 -45.03 28.02 -50.99
C SER M 210 -45.46 27.77 -49.55
N ASN M 211 -46.68 27.24 -49.43
CA ASN M 211 -47.40 26.95 -48.18
C ASN M 211 -47.18 28.00 -47.08
N LEU M 212 -47.29 29.26 -47.48
CA LEU M 212 -47.08 30.38 -46.58
C LEU M 212 -48.38 31.06 -46.17
N ILE M 213 -49.53 30.59 -46.68
CA ILE M 213 -50.87 31.04 -46.32
C ILE M 213 -51.08 32.52 -46.62
N ALA M 214 -50.38 33.40 -45.89
CA ALA M 214 -50.60 34.85 -45.99
C ALA M 214 -49.27 35.55 -46.23
N VAL M 215 -48.87 35.61 -47.49
CA VAL M 215 -47.73 36.42 -47.93
C VAL M 215 -48.14 37.11 -49.23
N PRO M 216 -48.14 38.44 -49.27
CA PRO M 216 -48.54 39.14 -50.49
C PRO M 216 -47.50 39.01 -51.59
N PHE M 217 -47.97 39.22 -52.83
CA PHE M 217 -47.14 39.23 -54.03
C PHE M 217 -46.44 37.89 -54.27
N THR M 218 -47.02 36.80 -53.79
CA THR M 218 -46.47 35.47 -54.01
C THR M 218 -47.43 34.55 -54.75
N GLY M 219 -48.70 34.50 -54.33
CA GLY M 219 -49.68 33.66 -54.97
C GLY M 219 -50.02 34.13 -56.36
N PRO M 220 -50.26 33.18 -57.27
CA PRO M 220 -50.61 33.56 -58.65
C PRO M 220 -52.02 34.15 -58.71
N ILE M 221 -52.13 35.28 -59.40
CA ILE M 221 -53.41 35.96 -59.58
C ILE M 221 -53.99 35.57 -60.93
N PRO M 222 -55.25 35.12 -60.98
CA PRO M 222 -55.83 34.68 -62.27
C PRO M 222 -55.90 35.78 -63.33
N PHE M 223 -56.11 37.03 -62.94
CA PHE M 223 -56.23 38.11 -63.90
C PHE M 223 -54.87 38.74 -64.19
N GLN M 224 -54.56 38.87 -65.48
CA GLN M 224 -53.31 39.48 -65.92
C GLN M 224 -53.44 41.00 -65.86
N TYR M 225 -52.42 41.64 -65.28
CA TYR M 225 -52.44 43.07 -65.01
C TYR M 225 -51.55 43.80 -66.02
N TRP M 226 -51.38 45.10 -65.83
CA TRP M 226 -50.57 45.89 -66.75
C TRP M 226 -49.09 45.56 -66.64
N THR M 227 -48.65 44.95 -65.54
CA THR M 227 -47.27 44.53 -65.37
C THR M 227 -47.24 43.34 -64.42
N ASP M 228 -46.04 42.85 -64.15
CA ASP M 228 -45.85 41.72 -63.26
C ASP M 228 -46.16 42.12 -61.82
N GLN M 229 -46.49 41.12 -61.00
CA GLN M 229 -46.69 41.32 -59.58
C GLN M 229 -45.42 41.83 -58.91
N TYR M 230 -44.30 41.19 -59.21
CA TYR M 230 -43.03 41.56 -58.59
C TYR M 230 -42.52 42.90 -59.09
N THR M 231 -43.05 43.40 -60.21
CA THR M 231 -42.74 44.75 -60.65
C THR M 231 -43.20 45.78 -59.63
N LEU M 232 -44.49 45.78 -59.30
CA LEU M 232 -44.87 46.73 -58.26
C LEU M 232 -44.51 46.24 -56.87
N LEU M 233 -44.04 45.00 -56.70
CA LEU M 233 -43.41 44.67 -55.42
C LEU M 233 -42.05 45.36 -55.29
N PHE M 234 -41.32 45.51 -56.40
CA PHE M 234 -40.07 46.27 -56.33
C PHE M 234 -40.35 47.76 -56.18
N THR M 235 -41.42 48.27 -56.82
CA THR M 235 -41.82 49.66 -56.56
C THR M 235 -42.31 49.84 -55.13
N MET M 236 -43.03 48.85 -54.59
CA MET M 236 -43.29 48.76 -53.14
C MET M 236 -42.03 48.99 -52.33
N LEU M 237 -41.01 48.14 -52.53
CA LEU M 237 -39.80 48.23 -51.73
C LEU M 237 -39.16 49.62 -51.85
N VAL M 238 -38.96 50.09 -53.09
CA VAL M 238 -38.25 51.36 -53.29
C VAL M 238 -39.06 52.54 -52.73
N ALA M 239 -40.31 52.68 -53.16
CA ALA M 239 -41.10 53.85 -52.82
C ALA M 239 -41.47 53.88 -51.34
N MET M 240 -41.93 52.75 -50.79
CA MET M 240 -42.27 52.74 -49.39
C MET M 240 -41.05 52.78 -48.48
N GLY M 241 -39.88 52.29 -48.93
CA GLY M 241 -38.67 52.52 -48.17
C GLY M 241 -38.29 53.99 -48.15
N PHE M 242 -38.46 54.68 -49.28
CA PHE M 242 -38.20 56.12 -49.32
C PHE M 242 -39.13 56.88 -48.38
N ALA M 243 -40.44 56.58 -48.44
CA ALA M 243 -41.40 57.27 -47.60
C ALA M 243 -41.18 56.97 -46.12
N GLU M 244 -40.92 55.71 -45.79
CA GLU M 244 -40.71 55.34 -44.39
C GLU M 244 -39.40 55.91 -43.85
N THR M 245 -38.35 56.00 -44.68
CA THR M 245 -37.13 56.63 -44.22
C THR M 245 -37.31 58.13 -44.02
N ARG M 246 -38.11 58.77 -44.87
CA ARG M 246 -38.43 60.18 -44.64
C ARG M 246 -39.19 60.37 -43.34
N ARG M 247 -40.17 59.48 -43.06
CA ARG M 247 -40.92 59.56 -41.82
C ARG M 247 -40.03 59.31 -40.61
N TRP M 248 -39.14 58.33 -40.71
CA TRP M 248 -38.24 58.02 -39.60
C TRP M 248 -37.25 59.15 -39.34
N GLN M 249 -36.77 59.80 -40.41
CA GLN M 249 -35.85 60.92 -40.22
C GLN M 249 -36.58 62.14 -39.66
N GLU M 250 -37.85 62.33 -40.01
CA GLU M 250 -38.63 63.39 -39.38
C GLU M 250 -38.90 63.09 -37.92
N TYR M 251 -39.13 61.81 -37.58
CA TYR M 251 -39.33 61.42 -36.20
C TYR M 251 -38.05 61.61 -35.38
N LYS M 252 -36.89 61.27 -35.95
CA LYS M 252 -35.64 61.39 -35.22
C LYS M 252 -35.24 62.85 -35.05
N GLU M 253 -35.38 63.65 -36.09
CA GLU M 253 -35.01 65.07 -36.03
C GLU M 253 -35.95 65.85 -36.95
N PRO M 254 -37.01 66.44 -36.40
CA PRO M 254 -37.92 67.25 -37.22
C PRO M 254 -37.24 68.52 -37.72
N GLY M 255 -37.69 68.97 -38.89
CA GLY M 255 -37.19 70.19 -39.47
C GLY M 255 -35.87 70.08 -40.18
N SER M 256 -35.28 68.88 -40.27
CA SER M 256 -34.01 68.68 -40.95
C SER M 256 -34.13 67.90 -42.25
N VAL M 257 -35.23 67.18 -42.47
CA VAL M 257 -35.40 66.41 -43.69
C VAL M 257 -35.59 67.33 -44.89
N GLN M 258 -36.26 68.46 -44.69
CA GLN M 258 -36.58 69.37 -45.78
C GLN M 258 -35.40 70.21 -46.23
N LYS M 259 -34.27 70.17 -45.51
CA LYS M 259 -33.11 70.97 -45.89
C LYS M 259 -32.45 70.41 -47.15
N GLN M 260 -32.35 69.09 -47.26
CA GLN M 260 -31.69 68.47 -48.40
C GLN M 260 -32.55 68.58 -49.66
N PHE M 261 -31.88 68.65 -50.80
CA PHE M 261 -32.58 68.73 -52.08
C PHE M 261 -33.28 67.41 -52.40
N PHE M 262 -34.55 67.50 -52.77
CA PHE M 262 -35.37 66.33 -53.07
C PHE M 262 -36.18 66.57 -54.33
N LEU M 263 -35.54 67.14 -55.35
CA LEU M 263 -36.16 67.46 -56.65
C LEU M 263 -37.39 68.35 -56.49
N GLY M 264 -37.33 69.28 -55.54
CA GLY M 264 -38.42 70.18 -55.29
C GLY M 264 -39.56 69.64 -54.47
N LEU M 265 -39.48 68.38 -54.03
CA LEU M 265 -40.54 67.76 -53.24
C LEU M 265 -40.33 67.90 -51.75
N GLU M 266 -39.26 68.60 -51.31
CA GLU M 266 -39.03 68.78 -49.89
C GLU M 266 -40.05 69.72 -49.25
N LYS M 267 -40.50 70.73 -50.01
CA LYS M 267 -41.48 71.67 -49.48
C LYS M 267 -42.90 71.11 -49.47
N LEU M 268 -43.13 69.99 -50.15
CA LEU M 268 -44.47 69.40 -50.17
C LEU M 268 -44.88 68.85 -48.81
N THR M 269 -43.91 68.39 -48.01
CA THR M 269 -44.18 67.86 -46.68
C THR M 269 -43.57 68.78 -45.63
N PRO M 270 -44.35 69.69 -45.05
CA PRO M 270 -43.80 70.62 -44.04
C PRO M 270 -43.48 69.90 -42.75
N PRO M 271 -42.49 70.38 -42.00
CA PRO M 271 -42.20 69.77 -40.70
C PRO M 271 -43.25 70.14 -39.67
N SER M 272 -43.33 69.32 -38.62
CA SER M 272 -44.29 69.54 -37.54
C SER M 272 -43.71 69.01 -36.25
N GLN M 273 -44.26 69.52 -35.13
CA GLN M 273 -43.84 69.05 -33.82
C GLN M 273 -44.32 67.63 -33.55
N GLN M 274 -45.59 67.36 -33.85
CA GLN M 274 -46.16 66.04 -33.64
C GLN M 274 -45.94 65.19 -34.89
N PRO M 275 -45.18 64.09 -34.80
CA PRO M 275 -44.95 63.26 -36.01
C PRO M 275 -46.19 62.52 -36.48
N ALA M 276 -47.17 62.29 -35.61
CA ALA M 276 -48.37 61.58 -36.02
C ALA M 276 -49.28 62.46 -36.88
N TYR M 277 -49.21 63.77 -36.70
CA TYR M 277 -50.07 64.72 -37.40
C TYR M 277 -49.20 65.79 -38.03
N PRO M 278 -48.63 65.52 -39.22
CA PRO M 278 -47.73 66.52 -39.82
C PRO M 278 -48.44 67.74 -40.38
N GLY M 279 -49.56 67.55 -41.07
CA GLY M 279 -50.27 68.68 -41.64
C GLY M 279 -49.57 69.22 -42.88
N GLY M 280 -50.06 70.37 -43.33
CA GLY M 280 -49.54 71.02 -44.51
C GLY M 280 -50.47 70.89 -45.69
N GLY M 281 -49.98 71.37 -46.84
CA GLY M 281 -50.77 71.31 -48.05
C GLY M 281 -51.01 69.90 -48.55
N PHE M 282 -49.98 69.05 -48.52
CA PHE M 282 -50.10 67.70 -49.05
C PHE M 282 -50.96 66.83 -48.15
N PHE M 283 -50.71 66.86 -46.84
CA PHE M 283 -51.43 66.00 -45.93
C PHE M 283 -52.80 66.55 -45.52
N ASN M 284 -53.02 67.86 -45.69
CA ASN M 284 -54.32 68.49 -45.46
C ASN M 284 -54.63 69.35 -46.69
N PHE M 285 -55.20 68.72 -47.72
CA PHE M 285 -55.56 69.46 -48.93
C PHE M 285 -56.83 70.28 -48.73
N ALA M 286 -57.81 69.72 -48.00
CA ALA M 286 -59.07 70.41 -47.79
C ALA M 286 -58.96 71.56 -46.79
N GLY M 287 -57.91 71.58 -45.97
CA GLY M 287 -57.73 72.65 -45.02
C GLY M 287 -58.63 72.62 -43.82
N LEU M 288 -59.20 71.47 -43.48
CA LEU M 288 -60.07 71.35 -42.32
C LEU M 288 -59.27 71.06 -41.04
N GLY M 289 -58.29 71.91 -40.76
CA GLY M 289 -57.48 71.78 -39.56
C GLY M 289 -57.11 73.11 -38.96
N ALA M 290 -57.71 74.19 -39.48
CA ALA M 290 -57.43 75.54 -39.03
C ALA M 290 -58.38 76.02 -37.94
N LYS M 291 -59.28 75.15 -37.48
CA LYS M 291 -60.24 75.52 -36.44
C LYS M 291 -59.56 75.44 -35.07
N ASP M 292 -60.35 75.56 -34.00
CA ASP M 292 -59.82 75.52 -32.65
C ASP M 292 -59.38 74.11 -32.29
N GLU M 293 -58.61 74.02 -31.20
CA GLU M 293 -57.99 72.74 -30.82
C GLU M 293 -59.01 71.74 -30.28
N LYS M 294 -60.15 72.20 -29.78
CA LYS M 294 -61.16 71.27 -29.25
C LYS M 294 -61.77 70.44 -30.37
N GLN M 295 -62.13 71.08 -31.48
CA GLN M 295 -62.69 70.37 -32.62
C GLN M 295 -61.64 69.47 -33.27
N MET M 296 -60.38 69.91 -33.28
CA MET M 296 -59.30 69.09 -33.81
C MET M 296 -59.09 67.85 -32.95
N PHE M 297 -59.17 68.00 -31.62
CA PHE M 297 -59.05 66.85 -30.73
C PHE M 297 -60.24 65.91 -30.88
N GLU M 298 -61.44 66.47 -31.08
CA GLU M 298 -62.61 65.63 -31.32
C GLU M 298 -62.46 64.84 -32.63
N LEU M 299 -61.94 65.48 -33.67
CA LEU M 299 -61.66 64.78 -34.92
C LEU M 299 -60.61 63.70 -34.73
N LYS M 300 -59.58 63.98 -33.91
CA LYS M 300 -58.53 63.01 -33.66
C LYS M 300 -59.07 61.80 -32.92
N VAL M 301 -59.89 62.02 -31.89
CA VAL M 301 -60.41 60.88 -31.12
C VAL M 301 -61.42 60.10 -31.95
N LYS M 302 -62.20 60.76 -32.81
CA LYS M 302 -63.06 60.04 -33.74
C LYS M 302 -62.24 59.21 -34.72
N GLU M 303 -61.13 59.76 -35.21
CA GLU M 303 -60.28 59.04 -36.15
C GLU M 303 -59.67 57.80 -35.51
N ILE M 304 -59.19 57.91 -34.26
CA ILE M 304 -58.57 56.73 -33.67
C ILE M 304 -59.63 55.73 -33.19
N ARG M 305 -60.83 56.18 -32.82
CA ARG M 305 -61.89 55.25 -32.48
C ARG M 305 -62.33 54.45 -33.71
N ASN M 306 -62.48 55.14 -34.85
CA ASN M 306 -62.75 54.43 -36.09
C ASN M 306 -61.56 53.58 -36.53
N GLY M 307 -60.35 53.96 -36.12
CA GLY M 307 -59.19 53.12 -36.40
C GLY M 307 -59.20 51.83 -35.61
N ARG M 308 -59.63 51.88 -34.35
CA ARG M 308 -59.80 50.65 -33.57
C ARG M 308 -60.94 49.81 -34.13
N LEU M 309 -62.00 50.47 -34.61
CA LEU M 309 -63.07 49.75 -35.31
C LEU M 309 -62.52 49.08 -36.57
N ALA M 310 -61.60 49.76 -37.27
CA ALA M 310 -60.93 49.17 -38.42
C ALA M 310 -60.04 48.00 -38.02
N MET M 311 -59.40 48.08 -36.85
CA MET M 311 -58.62 46.96 -36.32
C MET M 311 -59.51 45.73 -36.17
N LEU M 312 -60.64 45.89 -35.49
CA LEU M 312 -61.56 44.77 -35.28
C LEU M 312 -62.13 44.28 -36.62
N ALA M 313 -62.47 45.20 -37.51
CA ALA M 313 -63.05 44.84 -38.80
C ALA M 313 -62.06 44.07 -39.66
N PHE M 314 -60.80 44.49 -39.68
CA PHE M 314 -59.81 43.79 -40.49
C PHE M 314 -59.42 42.45 -39.88
N LEU M 315 -59.39 42.37 -38.54
CA LEU M 315 -59.16 41.08 -37.90
C LEU M 315 -60.26 40.09 -38.26
N GLY M 316 -61.51 40.53 -38.19
CA GLY M 316 -62.63 39.69 -38.60
C GLY M 316 -62.60 39.36 -40.08
N PHE M 317 -62.24 40.35 -40.90
CA PHE M 317 -62.03 40.14 -42.33
C PHE M 317 -61.09 38.97 -42.58
N MET M 318 -59.92 39.03 -41.97
CA MET M 318 -58.89 38.08 -42.35
C MET M 318 -59.15 36.70 -41.75
N VAL M 319 -59.70 36.63 -40.53
CA VAL M 319 -59.99 35.31 -39.97
C VAL M 319 -61.19 34.66 -40.69
N GLN M 320 -62.19 35.45 -41.10
CA GLN M 320 -63.29 34.86 -41.87
C GLN M 320 -62.82 34.43 -43.26
N ALA M 321 -61.92 35.21 -43.88
CA ALA M 321 -61.37 34.81 -45.16
C ALA M 321 -60.49 33.57 -45.04
N GLU M 322 -59.83 33.39 -43.89
CA GLU M 322 -59.01 32.21 -43.69
C GLU M 322 -59.84 30.96 -43.43
N VAL M 323 -60.90 31.08 -42.61
CA VAL M 323 -61.70 29.91 -42.26
C VAL M 323 -62.81 29.60 -43.25
N THR M 324 -63.11 30.50 -44.19
CA THR M 324 -64.14 30.25 -45.18
C THR M 324 -63.63 30.20 -46.61
N HIS M 325 -62.44 30.76 -46.89
CA HIS M 325 -61.82 30.79 -48.21
C HIS M 325 -62.70 31.47 -49.26
N VAL M 326 -63.55 32.39 -48.81
CA VAL M 326 -64.40 33.19 -49.69
C VAL M 326 -64.26 34.66 -49.29
N GLY M 327 -64.76 35.54 -50.15
CA GLY M 327 -64.71 36.96 -49.90
C GLY M 327 -65.58 37.37 -48.73
N PRO M 328 -65.24 38.48 -48.08
CA PRO M 328 -66.05 38.97 -46.96
C PRO M 328 -67.47 39.35 -47.36
N PHE M 329 -67.68 39.77 -48.61
CA PHE M 329 -69.02 40.13 -49.04
C PHE M 329 -69.92 38.90 -49.11
N GLN M 330 -69.36 37.75 -49.50
CA GLN M 330 -70.16 36.53 -49.63
C GLN M 330 -70.66 36.06 -48.27
N ASN M 331 -69.77 35.95 -47.28
CA ASN M 331 -70.21 35.54 -45.95
C ASN M 331 -71.00 36.64 -45.25
N LEU M 332 -70.78 37.92 -45.62
CA LEU M 332 -71.63 38.99 -45.13
C LEU M 332 -73.07 38.81 -45.63
N LEU M 333 -73.24 38.49 -46.90
CA LEU M 333 -74.57 38.22 -47.44
C LEU M 333 -75.17 36.98 -46.83
N ASP M 334 -74.35 35.96 -46.55
CA ASP M 334 -74.84 34.77 -45.86
C ASP M 334 -75.33 35.10 -44.45
N HIS M 335 -74.62 35.96 -43.73
CA HIS M 335 -75.04 36.35 -42.40
C HIS M 335 -76.29 37.23 -42.43
N ILE M 336 -76.40 38.11 -43.43
CA ILE M 336 -77.61 38.90 -43.59
C ILE M 336 -78.82 38.04 -43.90
N ASN M 337 -78.69 37.09 -44.83
CA ASN M 337 -79.77 36.16 -45.14
C ASN M 337 -80.09 35.21 -44.00
N SER M 338 -79.07 34.70 -43.32
CA SER M 338 -79.24 33.75 -42.22
C SER M 338 -78.50 34.29 -40.99
N PRO M 339 -79.15 35.13 -40.17
CA PRO M 339 -78.55 35.67 -38.95
C PRO M 339 -78.27 34.61 -37.90
N GLN N 32 61.98 35.49 -28.28
CA GLN N 32 61.68 34.42 -27.34
C GLN N 32 61.04 33.22 -28.06
N ARG N 33 60.28 33.52 -29.11
CA ARG N 33 59.59 32.50 -29.89
C ARG N 33 60.39 32.22 -31.15
N ALA N 34 60.80 30.97 -31.33
CA ALA N 34 61.49 30.57 -32.56
C ALA N 34 60.56 30.69 -33.76
N GLY N 35 59.30 30.29 -33.61
CA GLY N 35 58.31 30.41 -34.65
C GLY N 35 56.92 30.58 -34.09
N ASN N 36 55.90 30.51 -34.94
CA ASN N 36 54.52 30.66 -34.49
C ASN N 36 53.61 30.02 -35.52
N PHE N 37 52.98 28.91 -35.15
CA PHE N 37 51.95 28.34 -36.01
C PHE N 37 50.71 29.23 -35.97
N ALA N 38 50.01 29.31 -37.11
CA ALA N 38 48.84 30.17 -37.32
C ALA N 38 49.17 31.60 -36.91
N PRO N 39 49.95 32.33 -37.73
CA PRO N 39 50.50 33.62 -37.30
C PRO N 39 49.41 34.63 -36.96
N GLY N 40 49.67 35.39 -35.90
CA GLY N 40 48.66 36.27 -35.35
C GLY N 40 47.82 35.64 -34.25
N SER N 41 48.24 34.51 -33.71
CA SER N 41 47.48 33.82 -32.68
C SER N 41 47.66 34.54 -31.33
N GLU N 42 46.97 34.03 -30.32
CA GLU N 42 47.07 34.60 -28.98
C GLU N 42 48.45 34.32 -28.40
N PRO N 43 49.15 35.33 -27.91
CA PRO N 43 50.49 35.10 -27.34
C PRO N 43 50.41 34.27 -26.06
N LYS N 44 51.43 33.44 -25.86
CA LYS N 44 51.51 32.57 -24.69
C LYS N 44 52.46 33.19 -23.68
N GLU N 45 51.88 33.71 -22.58
CA GLU N 45 52.68 34.32 -21.53
C GLU N 45 53.42 33.32 -20.67
N TYR N 46 53.09 32.02 -20.78
CA TYR N 46 53.75 30.98 -20.00
C TYR N 46 54.70 30.14 -20.84
N LEU N 47 54.87 30.45 -22.13
CA LEU N 47 55.84 29.77 -23.00
C LEU N 47 56.66 30.84 -23.72
N ASN N 48 57.70 31.33 -23.05
CA ASN N 48 58.59 32.33 -23.63
C ASN N 48 60.03 31.85 -23.74
N ASP N 49 60.62 31.37 -22.65
CA ASP N 49 62.01 30.94 -22.63
C ASP N 49 62.18 29.47 -22.98
N LEU N 50 61.12 28.78 -23.33
CA LEU N 50 61.21 27.37 -23.67
C LEU N 50 61.93 27.22 -25.01
N PRO N 51 62.97 26.38 -25.09
CA PRO N 51 63.61 26.12 -26.39
C PRO N 51 62.66 25.40 -27.33
N GLY N 52 62.77 25.73 -28.62
CA GLY N 52 61.89 25.15 -29.63
C GLY N 52 60.43 25.49 -29.44
N ASN N 53 60.14 26.74 -29.10
CA ASN N 53 58.77 27.17 -28.81
C ASN N 53 58.16 27.78 -30.07
N PHE N 54 57.03 27.20 -30.49
CA PHE N 54 56.26 27.74 -31.61
C PHE N 54 54.85 28.09 -31.13
N ASN N 55 54.78 28.79 -29.99
CA ASN N 55 53.56 29.11 -29.27
C ASN N 55 52.80 27.84 -28.93
N PHE N 56 51.84 27.46 -29.76
CA PHE N 56 51.06 26.22 -29.65
C PHE N 56 50.31 26.14 -28.33
N ASP N 57 49.92 24.93 -27.95
CA ASP N 57 49.12 24.58 -26.77
C ASP N 57 47.83 25.40 -26.69
N PRO N 58 46.85 25.19 -27.58
CA PRO N 58 45.55 25.82 -27.39
C PRO N 58 44.69 25.16 -26.33
N LEU N 59 45.08 23.96 -25.87
CA LEU N 59 44.38 23.26 -24.80
C LEU N 59 44.85 23.70 -23.42
N GLU N 60 45.83 24.61 -23.35
CA GLU N 60 46.37 25.15 -22.10
C GLU N 60 46.90 24.05 -21.19
N LEU N 61 47.51 23.03 -21.80
CA LEU N 61 48.08 21.93 -21.02
C LEU N 61 49.38 22.32 -20.33
N GLY N 62 50.04 23.38 -20.79
CA GLY N 62 51.31 23.82 -20.25
C GLY N 62 51.23 24.73 -19.05
N LYS N 63 50.03 24.92 -18.49
CA LYS N 63 49.89 25.74 -17.28
C LYS N 63 50.56 25.07 -16.10
N GLU N 64 50.97 25.90 -15.13
CA GLU N 64 51.70 25.55 -13.91
C GLU N 64 53.14 25.14 -14.24
N LYS N 65 54.09 25.56 -13.40
CA LYS N 65 55.50 25.37 -13.74
C LYS N 65 55.93 23.91 -13.62
N GLY N 66 55.45 23.22 -12.58
CA GLY N 66 55.84 21.82 -12.40
C GLY N 66 55.30 20.91 -13.48
N THR N 67 54.02 21.09 -13.84
CA THR N 67 53.43 20.30 -14.90
C THR N 67 54.08 20.61 -16.26
N LEU N 68 54.41 21.88 -16.49
CA LEU N 68 55.11 22.25 -17.71
C LEU N 68 56.49 21.62 -17.78
N GLN N 69 57.20 21.58 -16.65
CA GLN N 69 58.52 20.96 -16.63
C GLN N 69 58.42 19.45 -16.85
N ARG N 70 57.42 18.80 -16.24
CA ARG N 70 57.20 17.38 -16.45
C ARG N 70 56.86 17.08 -17.91
N TYR N 71 56.03 17.93 -18.52
CA TYR N 71 55.71 17.76 -19.94
C TYR N 71 56.92 18.04 -20.82
N ARG N 72 57.82 18.93 -20.39
CA ARG N 72 59.08 19.12 -21.11
C ARG N 72 59.93 17.86 -21.09
N GLU N 73 60.04 17.24 -19.91
CA GLU N 73 60.79 15.99 -19.81
C GLU N 73 60.16 14.91 -20.70
N ALA N 74 58.83 14.81 -20.66
CA ALA N 74 58.13 13.83 -21.49
C ALA N 74 58.34 14.10 -22.97
N GLU N 75 58.32 15.37 -23.38
CA GLU N 75 58.47 15.73 -24.78
C GLU N 75 59.86 15.39 -25.30
N LEU N 76 60.91 15.75 -24.53
CA LEU N 76 62.27 15.41 -24.96
C LEU N 76 62.50 13.91 -24.96
N ILE N 77 62.01 13.18 -23.95
CA ILE N 77 62.22 11.75 -23.92
C ILE N 77 61.48 11.06 -25.06
N HIS N 78 60.23 11.47 -25.32
CA HIS N 78 59.47 10.89 -26.42
C HIS N 78 60.08 11.25 -27.77
N CYS N 79 60.64 12.46 -27.92
CA CYS N 79 61.31 12.82 -29.16
C CYS N 79 62.56 11.97 -29.38
N ARG N 80 63.33 11.71 -28.32
CA ARG N 80 64.50 10.84 -28.47
C ARG N 80 64.09 9.42 -28.79
N TRP N 81 63.00 8.93 -28.16
CA TRP N 81 62.56 7.56 -28.46
C TRP N 81 61.99 7.46 -29.87
N ALA N 82 61.34 8.53 -30.37
CA ALA N 82 60.94 8.57 -31.76
C ALA N 82 62.15 8.60 -32.69
N MET N 83 63.22 9.27 -32.28
CA MET N 83 64.48 9.22 -33.02
C MET N 83 64.98 7.79 -33.14
N LEU N 84 65.02 7.07 -32.00
CA LEU N 84 65.47 5.67 -32.05
C LEU N 84 64.55 4.79 -32.89
N GLY N 85 63.23 4.97 -32.79
CA GLY N 85 62.32 4.17 -33.59
C GLY N 85 62.44 4.43 -35.08
N ALA N 86 62.53 5.71 -35.47
CA ALA N 86 62.73 6.04 -36.88
C ALA N 86 64.07 5.52 -37.40
N ALA N 87 65.11 5.56 -36.57
CA ALA N 87 66.40 4.99 -36.95
C ALA N 87 66.28 3.49 -37.17
N GLY N 88 65.65 2.79 -36.23
CA GLY N 88 65.51 1.35 -36.34
C GLY N 88 64.65 0.92 -37.50
N CYS N 89 63.71 1.78 -37.91
CA CYS N 89 62.93 1.50 -39.11
C CYS N 89 63.76 1.73 -40.37
N LEU N 90 64.27 2.96 -40.54
CA LEU N 90 64.86 3.34 -41.83
C LEU N 90 66.20 2.67 -42.08
N ALA N 91 67.01 2.43 -41.03
CA ALA N 91 68.31 1.80 -41.22
C ALA N 91 68.16 0.38 -41.74
N VAL N 92 67.17 -0.36 -41.23
CA VAL N 92 66.94 -1.71 -41.74
C VAL N 92 66.12 -1.68 -43.03
N GLU N 93 65.39 -0.60 -43.31
CA GLU N 93 64.65 -0.54 -44.57
C GLU N 93 65.58 -0.26 -45.76
N VAL N 94 66.53 0.67 -45.60
CA VAL N 94 67.38 1.06 -46.72
C VAL N 94 68.60 0.15 -46.90
N LEU N 95 68.85 -0.76 -45.96
CA LEU N 95 69.98 -1.67 -46.07
C LEU N 95 69.61 -2.99 -46.73
N GLY N 96 68.36 -3.15 -47.17
CA GLY N 96 67.93 -4.38 -47.83
C GLY N 96 67.93 -5.61 -46.94
N LEU N 97 67.47 -5.46 -45.69
CA LEU N 97 67.40 -6.57 -44.76
C LEU N 97 65.98 -6.96 -44.38
N GLY N 98 64.98 -6.17 -44.77
CA GLY N 98 63.60 -6.47 -44.49
C GLY N 98 62.87 -5.26 -43.94
N ASN N 99 61.60 -5.49 -43.60
CA ASN N 99 60.75 -4.45 -43.05
C ASN N 99 60.96 -4.36 -41.54
N TRP N 100 60.15 -3.57 -40.86
CA TRP N 100 60.24 -3.42 -39.42
C TRP N 100 59.17 -4.20 -38.66
N TYR N 101 58.09 -4.59 -39.32
CA TYR N 101 57.08 -5.43 -38.68
C TYR N 101 57.55 -6.87 -38.55
N ASP N 102 58.26 -7.38 -39.57
CA ASP N 102 58.77 -8.75 -39.54
C ASP N 102 60.09 -8.87 -38.80
N ALA N 103 60.71 -7.75 -38.43
CA ALA N 103 61.97 -7.80 -37.67
C ALA N 103 61.82 -8.45 -36.29
N PRO N 104 60.82 -8.14 -35.47
CA PRO N 104 60.67 -8.90 -34.22
C PRO N 104 59.83 -10.16 -34.33
N LEU N 105 59.47 -10.58 -35.54
CA LEU N 105 58.65 -11.78 -35.72
C LEU N 105 59.42 -13.07 -35.52
N TRP N 106 60.75 -13.01 -35.45
CA TRP N 106 61.54 -14.24 -35.29
C TRP N 106 61.31 -14.90 -33.95
N ALA N 107 60.89 -14.14 -32.94
CA ALA N 107 60.47 -14.73 -31.67
C ALA N 107 59.30 -15.69 -31.88
N VAL N 108 58.42 -15.38 -32.84
CA VAL N 108 57.38 -16.33 -33.21
C VAL N 108 57.98 -17.53 -33.93
N THR N 109 58.95 -17.28 -34.82
CA THR N 109 59.47 -18.37 -35.65
C THR N 109 60.52 -19.19 -34.93
N GLY N 110 61.33 -18.57 -34.08
CA GLY N 110 62.41 -19.26 -33.39
C GLY N 110 63.71 -19.31 -34.15
N ASP N 111 63.77 -18.76 -35.36
CA ASP N 111 65.02 -18.73 -36.11
C ASP N 111 66.02 -17.78 -35.46
N LYS N 112 67.29 -18.07 -35.66
CA LYS N 112 68.34 -17.35 -34.94
C LYS N 112 68.49 -15.94 -35.53
N PRO N 113 68.53 -14.89 -34.71
CA PRO N 113 68.55 -13.53 -35.25
C PRO N 113 69.89 -13.15 -35.87
N THR N 114 69.87 -12.03 -36.59
CA THR N 114 71.06 -11.49 -37.24
C THR N 114 71.02 -9.97 -37.17
N TRP N 115 72.10 -9.37 -36.67
CA TRP N 115 72.24 -7.92 -36.59
C TRP N 115 73.56 -7.52 -37.23
N PHE N 116 73.49 -6.78 -38.34
CA PHE N 116 74.64 -6.21 -39.05
C PHE N 116 75.66 -7.26 -39.49
N GLY N 117 75.25 -8.51 -39.64
CA GLY N 117 76.20 -9.56 -39.98
C GLY N 117 77.08 -10.01 -38.84
N ILE N 118 76.81 -9.55 -37.62
CA ILE N 118 77.57 -10.01 -36.46
C ILE N 118 77.00 -11.30 -35.90
N GLU N 119 75.73 -11.61 -36.17
CA GLU N 119 75.08 -12.88 -35.84
C GLU N 119 75.08 -13.14 -34.33
N VAL N 120 74.36 -12.28 -33.62
CA VAL N 120 74.26 -12.40 -32.16
C VAL N 120 73.40 -13.62 -31.81
N PRO N 121 73.84 -14.47 -30.89
CA PRO N 121 73.10 -15.69 -30.55
C PRO N 121 72.09 -15.56 -29.41
N PHE N 122 71.73 -14.35 -29.01
CA PHE N 122 70.90 -14.14 -27.82
C PHE N 122 69.49 -14.68 -28.02
N ASP N 123 68.85 -15.03 -26.91
CA ASP N 123 67.52 -15.60 -26.89
C ASP N 123 66.52 -14.59 -26.32
N ILE N 124 65.28 -14.66 -26.81
CA ILE N 124 64.22 -13.73 -26.44
C ILE N 124 63.94 -13.70 -24.93
N ALA N 125 64.14 -14.81 -24.23
CA ALA N 125 64.00 -14.78 -22.78
C ALA N 125 65.13 -13.98 -22.14
N THR N 126 66.37 -14.28 -22.54
CA THR N 126 67.52 -13.52 -22.05
C THR N 126 67.47 -12.07 -22.53
N ILE N 127 67.03 -11.85 -23.77
CA ILE N 127 66.91 -10.50 -24.31
C ILE N 127 65.92 -9.68 -23.48
N LEU N 128 64.75 -10.27 -23.20
CA LEU N 128 63.74 -9.55 -22.42
C LEU N 128 64.22 -9.30 -20.99
N GLY N 129 64.90 -10.28 -20.39
CA GLY N 129 65.39 -10.09 -19.03
C GLY N 129 66.44 -9.00 -18.93
N VAL N 130 67.43 -9.02 -19.83
CA VAL N 130 68.48 -8.01 -19.75
C VAL N 130 67.94 -6.65 -20.16
N GLU N 131 66.97 -6.60 -21.07
CA GLU N 131 66.36 -5.32 -21.44
C GLU N 131 65.58 -4.74 -20.28
N VAL N 132 64.80 -5.57 -19.57
CA VAL N 132 64.03 -5.10 -18.44
C VAL N 132 64.96 -4.58 -17.34
N VAL N 133 66.01 -5.35 -17.02
CA VAL N 133 66.93 -4.94 -15.95
C VAL N 133 67.67 -3.67 -16.34
N ALA N 134 68.20 -3.61 -17.58
CA ALA N 134 69.00 -2.48 -18.01
C ALA N 134 68.17 -1.20 -18.09
N MET N 135 66.98 -1.28 -18.69
CA MET N 135 66.15 -0.09 -18.77
C MET N 135 65.60 0.30 -17.41
N ALA N 136 65.34 -0.66 -16.51
CA ALA N 136 64.89 -0.32 -15.17
C ALA N 136 65.95 0.47 -14.42
N VAL N 137 67.20 -0.02 -14.44
CA VAL N 137 68.25 0.71 -13.72
C VAL N 137 68.58 2.02 -14.43
N ALA N 138 68.49 2.08 -15.76
CA ALA N 138 68.79 3.31 -16.48
C ALA N 138 67.75 4.39 -16.20
N GLU N 139 66.46 4.03 -16.24
CA GLU N 139 65.43 5.02 -15.95
C GLU N 139 65.37 5.36 -14.47
N GLY N 140 65.78 4.43 -13.59
CA GLY N 140 65.91 4.78 -12.19
C GLY N 140 67.02 5.78 -11.95
N LEU N 141 68.14 5.63 -12.66
CA LEU N 141 69.22 6.62 -12.56
C LEU N 141 68.82 7.94 -13.19
N ARG N 142 68.07 7.90 -14.29
CA ARG N 142 67.62 9.13 -14.95
C ARG N 142 66.61 9.88 -14.07
N ASN N 143 65.72 9.15 -13.40
CA ASN N 143 64.76 9.79 -12.50
C ASN N 143 65.44 10.39 -11.27
N ASP N 144 66.64 9.92 -10.93
CA ASP N 144 67.44 10.52 -9.87
C ASP N 144 68.39 11.56 -10.45
N ASN N 145 67.80 12.62 -10.98
CA ASN N 145 68.55 13.73 -11.56
C ASN N 145 68.56 14.98 -10.69
N GLN N 146 67.76 15.00 -9.60
CA GLN N 146 67.62 16.14 -8.70
C GLN N 146 67.22 17.41 -9.44
N ASP N 147 68.18 18.06 -10.09
CA ASP N 147 67.92 19.32 -10.77
C ASP N 147 67.09 19.09 -12.03
N MET N 148 66.15 20.01 -12.28
CA MET N 148 65.26 19.89 -13.43
C MET N 148 66.04 20.05 -14.74
N GLU N 149 67.00 20.98 -14.77
CA GLU N 149 67.81 21.17 -15.98
C GLU N 149 68.69 19.96 -16.25
N LYS N 150 69.22 19.34 -15.19
CA LYS N 150 69.99 18.10 -15.37
C LYS N 150 69.10 16.96 -15.87
N ARG N 151 67.84 16.93 -15.42
CA ARG N 151 66.89 15.97 -15.99
C ARG N 151 66.59 16.27 -17.46
N LEU N 152 66.60 17.55 -17.83
CA LEU N 152 66.45 17.91 -19.24
C LEU N 152 67.69 17.56 -20.04
N TYR N 153 68.83 18.16 -19.68
CA TYR N 153 70.08 17.95 -20.39
C TYR N 153 71.21 17.83 -19.37
N PRO N 154 71.60 16.60 -19.00
CA PRO N 154 72.63 16.44 -17.98
C PRO N 154 74.02 16.81 -18.47
N GLY N 155 74.39 16.40 -19.68
CA GLY N 155 75.74 16.65 -20.15
C GLY N 155 76.74 15.75 -19.44
N GLY N 156 78.00 16.17 -19.49
CA GLY N 156 79.06 15.43 -18.83
C GLY N 156 79.36 14.10 -19.48
N ALA N 157 78.98 13.00 -18.82
CA ALA N 157 79.20 11.68 -19.38
C ALA N 157 78.33 11.42 -20.60
N PHE N 158 77.18 12.08 -20.69
CA PHE N 158 76.28 11.96 -21.83
C PHE N 158 76.66 12.90 -22.96
N ASP N 159 77.69 13.72 -22.79
CA ASP N 159 78.19 14.62 -23.82
C ASP N 159 79.67 14.33 -24.01
N PRO N 160 80.03 13.40 -24.91
CA PRO N 160 81.45 13.04 -25.07
C PRO N 160 82.29 14.15 -25.68
N LEU N 161 81.77 14.84 -26.70
CA LEU N 161 82.49 15.93 -27.34
C LEU N 161 82.00 17.30 -26.89
N GLY N 162 80.68 17.49 -26.79
CA GLY N 162 80.13 18.72 -26.28
C GLY N 162 80.30 19.93 -27.19
N PHE N 163 79.65 19.92 -28.34
CA PHE N 163 79.67 21.06 -29.24
C PHE N 163 78.80 22.21 -28.75
N SER N 164 77.97 21.98 -27.74
CA SER N 164 77.04 22.99 -27.22
C SER N 164 77.60 23.74 -26.01
N LYS N 165 78.92 23.91 -25.95
CA LYS N 165 79.52 24.68 -24.87
C LYS N 165 79.12 26.15 -24.94
N ASP N 166 79.04 26.69 -26.15
CA ASP N 166 78.55 28.05 -26.33
C ASP N 166 77.05 28.11 -26.02
N PRO N 167 76.59 29.09 -25.24
CA PRO N 167 75.15 29.14 -24.90
C PRO N 167 74.24 29.36 -26.11
N LYS N 168 74.63 30.22 -27.05
CA LYS N 168 73.84 30.40 -28.27
C LYS N 168 73.83 29.13 -29.10
N SER N 169 74.98 28.46 -29.22
CA SER N 169 75.03 27.18 -29.89
C SER N 169 74.19 26.13 -29.17
N PHE N 170 74.16 26.20 -27.83
CA PHE N 170 73.33 25.28 -27.04
C PHE N 170 71.85 25.50 -27.34
N GLU N 171 71.42 26.75 -27.40
CA GLU N 171 70.02 27.05 -27.71
C GLU N 171 69.67 26.61 -29.13
N ASP N 172 70.56 26.87 -30.09
CA ASP N 172 70.32 26.49 -31.48
C ASP N 172 70.26 24.98 -31.62
N LYS N 173 71.16 24.25 -30.96
CA LYS N 173 71.16 22.80 -31.01
C LYS N 173 69.92 22.21 -30.35
N LYS N 174 69.47 22.83 -29.25
CA LYS N 174 68.23 22.37 -28.61
C LYS N 174 67.03 22.58 -29.52
N LEU N 175 66.96 23.73 -30.19
CA LEU N 175 65.84 23.99 -31.10
C LEU N 175 65.86 23.02 -32.28
N LYS N 176 67.04 22.77 -32.86
CA LYS N 176 67.14 21.84 -33.98
C LYS N 176 66.84 20.42 -33.56
N GLU N 177 67.27 20.03 -32.36
CA GLU N 177 66.95 18.71 -31.83
C GLU N 177 65.45 18.53 -31.63
N LEU N 178 64.79 19.56 -31.09
CA LEU N 178 63.34 19.49 -30.91
C LEU N 178 62.61 19.44 -32.25
N LYS N 179 63.08 20.20 -33.25
CA LYS N 179 62.44 20.18 -34.56
C LYS N 179 62.59 18.82 -35.23
N ASN N 180 63.81 18.27 -35.24
CA ASN N 180 64.01 16.94 -35.82
C ASN N 180 63.29 15.87 -35.02
N GLY N 181 63.15 16.04 -33.70
CA GLY N 181 62.41 15.09 -32.90
C GLY N 181 60.92 15.10 -33.19
N ARG N 182 60.34 16.29 -33.38
CA ARG N 182 58.93 16.37 -33.76
C ARG N 182 58.71 15.77 -35.15
N LEU N 183 59.65 16.04 -36.07
CA LEU N 183 59.54 15.47 -37.41
C LEU N 183 59.65 13.95 -37.38
N ALA N 184 60.57 13.41 -36.56
CA ALA N 184 60.70 11.96 -36.42
C ALA N 184 59.49 11.37 -35.71
N MET N 185 58.87 12.12 -34.79
CA MET N 185 57.63 11.67 -34.16
C MET N 185 56.50 11.53 -35.18
N VAL N 186 56.37 12.53 -36.06
CA VAL N 186 55.37 12.45 -37.13
C VAL N 186 55.71 11.29 -38.07
N ALA N 187 56.99 11.07 -38.33
CA ALA N 187 57.41 9.95 -39.18
C ALA N 187 57.06 8.61 -38.55
N CYS N 188 57.26 8.46 -37.24
CA CYS N 188 56.95 7.20 -36.56
C CYS N 188 55.45 6.95 -36.52
N LEU N 189 54.67 8.01 -36.27
CA LEU N 189 53.21 7.88 -36.33
C LEU N 189 52.74 7.50 -37.72
N GLY N 190 53.36 8.09 -38.75
CA GLY N 190 53.05 7.70 -40.11
C GLY N 190 53.42 6.27 -40.42
N PHE N 191 54.56 5.81 -39.88
CA PHE N 191 54.95 4.40 -40.03
C PHE N 191 53.89 3.48 -39.44
N ALA N 192 53.45 3.78 -38.21
CA ALA N 192 52.47 2.95 -37.55
C ALA N 192 51.14 2.94 -38.31
N GLY N 193 50.67 4.11 -38.72
CA GLY N 193 49.42 4.19 -39.45
C GLY N 193 49.47 3.52 -40.81
N GLN N 194 50.56 3.74 -41.55
CA GLN N 194 50.71 3.14 -42.88
C GLN N 194 50.80 1.63 -42.79
N HIS N 195 51.54 1.11 -41.82
CA HIS N 195 51.66 -0.34 -41.72
C HIS N 195 50.45 -0.97 -41.06
N ALA N 196 49.61 -0.18 -40.38
CA ALA N 196 48.30 -0.69 -39.98
C ALA N 196 47.36 -0.74 -41.17
N ALA N 197 47.45 0.24 -42.08
CA ALA N 197 46.57 0.26 -43.24
C ALA N 197 46.95 -0.82 -44.25
N THR N 198 48.24 -0.93 -44.58
CA THR N 198 48.71 -1.86 -45.58
C THR N 198 50.05 -2.44 -45.16
N GLY N 199 50.31 -3.68 -45.57
CA GLY N 199 51.56 -4.34 -45.24
C GLY N 199 52.76 -3.92 -46.06
N LYS N 200 52.55 -3.07 -47.06
CA LYS N 200 53.63 -2.65 -47.94
C LYS N 200 54.56 -1.68 -47.19
N PRO N 201 55.88 -1.82 -47.37
CA PRO N 201 56.83 -0.99 -46.60
C PRO N 201 56.79 0.47 -47.00
N ILE N 202 57.20 1.32 -46.05
CA ILE N 202 57.03 2.76 -46.20
C ILE N 202 57.96 3.34 -47.28
N LEU N 203 59.13 2.73 -47.52
CA LEU N 203 59.95 3.20 -48.63
C LEU N 203 59.31 2.85 -49.97
N GLU N 204 58.65 1.69 -50.05
CA GLU N 204 57.84 1.38 -51.23
C GLU N 204 56.64 2.31 -51.33
N ALA N 205 56.11 2.76 -50.20
CA ALA N 205 55.03 3.75 -50.21
C ALA N 205 55.52 5.08 -50.78
N LEU N 206 56.74 5.50 -50.41
CA LEU N 206 57.31 6.72 -50.97
C LEU N 206 57.56 6.56 -52.47
N GLY N 207 58.05 5.38 -52.88
CA GLY N 207 58.24 5.14 -54.30
C GLY N 207 56.93 5.16 -55.08
N ASP N 208 55.86 4.63 -54.49
CA ASP N 208 54.56 4.63 -55.16
C ASP N 208 53.96 6.04 -55.20
N HIS N 209 54.16 6.82 -54.13
CA HIS N 209 53.69 8.21 -54.13
C HIS N 209 54.47 9.05 -55.13
N LEU N 210 55.74 8.73 -55.36
CA LEU N 210 56.50 9.42 -56.40
C LEU N 210 56.02 8.99 -57.78
N SER N 211 55.81 7.69 -57.99
CA SER N 211 55.36 7.20 -59.29
C SER N 211 53.92 7.59 -59.59
N SER N 212 53.02 7.36 -58.64
CA SER N 212 51.59 7.63 -58.81
C SER N 212 51.10 8.40 -57.60
N PRO N 213 51.19 9.74 -57.62
CA PRO N 213 50.76 10.53 -56.47
C PRO N 213 49.26 10.50 -56.23
N PHE N 214 48.49 10.75 -57.29
CA PHE N 214 47.05 10.86 -57.17
C PHE N 214 46.34 9.51 -57.13
N PHE N 215 47.05 8.40 -57.34
CA PHE N 215 46.44 7.08 -57.33
C PHE N 215 47.01 6.18 -56.24
N ASN N 216 47.81 6.73 -55.32
CA ASN N 216 48.37 5.94 -54.23
C ASN N 216 48.51 6.85 -53.02
N ASN N 217 47.53 6.82 -52.14
CA ASN N 217 47.54 7.62 -50.92
C ASN N 217 46.61 6.95 -49.90
N PHE N 218 46.38 7.62 -48.78
CA PHE N 218 45.61 7.03 -47.70
C PHE N 218 44.12 6.90 -48.06
N ALA N 219 43.62 7.78 -48.94
CA ALA N 219 42.22 7.69 -49.32
C ALA N 219 41.97 6.53 -50.29
N THR N 220 43.00 6.10 -51.02
CA THR N 220 42.83 5.00 -51.96
C THR N 220 42.68 3.65 -51.27
N ASN N 221 43.13 3.53 -50.02
CA ASN N 221 43.01 2.26 -49.32
C ASN N 221 41.56 1.97 -48.94
N GLY N 222 40.83 2.98 -48.47
CA GLY N 222 39.46 2.81 -48.05
C GLY N 222 39.29 2.28 -46.64
N VAL N 223 40.37 2.06 -45.91
CA VAL N 223 40.30 1.55 -44.54
C VAL N 223 40.51 2.70 -43.56
N SER N 224 41.36 3.65 -43.93
CA SER N 224 41.61 4.80 -43.07
C SER N 224 40.37 5.68 -42.94
N VAL N 225 39.63 5.86 -44.03
CA VAL N 225 38.40 6.64 -44.05
C VAL N 225 37.30 5.76 -44.61
N PRO N 226 36.21 5.53 -43.88
CA PRO N 226 35.12 4.71 -44.41
C PRO N 226 34.37 5.44 -45.51
N GLY N 227 33.75 4.65 -46.39
CA GLY N 227 32.98 5.20 -47.49
C GLY N 227 33.80 5.95 -48.52
N VAL N 228 34.97 5.42 -48.89
CA VAL N 228 36.01 6.01 -49.76
C VAL N 228 36.06 7.54 -49.78
N ASN O 28 27.74 55.77 -47.90
CA ASN O 28 26.30 55.81 -47.64
C ASN O 28 25.62 54.57 -48.24
N MET O 29 24.35 54.71 -48.58
CA MET O 29 23.58 53.62 -49.17
C MET O 29 23.59 53.71 -50.68
N ASN O 30 23.57 52.54 -51.33
CA ASN O 30 23.53 52.45 -52.77
C ASN O 30 22.12 52.36 -53.32
N GLY O 31 21.12 52.44 -52.45
CA GLY O 31 19.74 52.34 -52.88
C GLY O 31 18.91 51.67 -51.80
N ASN O 32 17.71 51.25 -52.18
CA ASN O 32 16.80 50.57 -51.28
C ASN O 32 16.29 49.30 -51.94
N TRP O 33 16.25 48.21 -51.16
CA TRP O 33 15.67 46.97 -51.65
C TRP O 33 14.16 47.10 -51.82
N LEU O 34 13.54 47.99 -51.06
CA LEU O 34 12.09 48.18 -51.09
C LEU O 34 11.84 49.64 -50.76
N PRO O 35 11.52 50.47 -51.75
CA PRO O 35 11.23 51.89 -51.49
C PRO O 35 10.01 52.04 -50.59
N GLY O 36 10.10 52.99 -49.65
CA GLY O 36 9.09 53.20 -48.65
C GLY O 36 9.26 52.38 -47.39
N SER O 37 10.08 51.34 -47.43
CA SER O 37 10.34 50.54 -46.24
C SER O 37 11.38 51.22 -45.36
N GLN O 38 11.14 51.18 -44.05
CA GLN O 38 12.06 51.80 -43.11
C GLN O 38 13.35 51.01 -43.02
N THR O 39 14.48 51.71 -43.13
CA THR O 39 15.77 51.07 -43.03
C THR O 39 16.03 50.67 -41.57
N PRO O 40 16.62 49.49 -41.34
CA PRO O 40 17.01 49.13 -39.97
C PRO O 40 18.05 50.08 -39.41
N ALA O 41 18.05 50.20 -38.08
CA ALA O 41 18.94 51.15 -37.41
C ALA O 41 20.41 50.80 -37.62
N HIS O 42 20.74 49.52 -37.57
CA HIS O 42 22.13 49.10 -37.81
C HIS O 42 22.51 49.22 -39.28
N LEU O 43 21.54 49.24 -40.19
CA LEU O 43 21.79 49.42 -41.61
C LEU O 43 21.60 50.86 -42.07
N LYS O 44 21.34 51.79 -41.15
CA LYS O 44 20.99 53.15 -41.54
C LYS O 44 22.24 53.96 -41.90
N ASP O 45 23.13 54.16 -40.93
CA ASP O 45 24.28 55.06 -41.08
C ASP O 45 25.59 54.28 -41.21
N LEU O 46 25.57 53.14 -41.90
CA LEU O 46 26.78 52.39 -42.11
C LEU O 46 27.46 52.79 -43.42
N LYS O 47 28.67 52.26 -43.62
CA LYS O 47 29.46 52.54 -44.82
C LYS O 47 30.04 51.22 -45.33
N MET O 48 29.36 50.60 -46.28
CA MET O 48 29.84 49.39 -46.92
C MET O 48 29.16 49.25 -48.28
N ALA O 49 29.74 48.42 -49.13
CA ALA O 49 29.20 48.21 -50.47
C ALA O 49 27.99 47.29 -50.43
N GLY O 50 27.09 47.49 -51.40
CA GLY O 50 25.92 46.65 -51.54
C GLY O 50 24.92 46.76 -50.40
N ASN O 51 24.71 47.95 -49.86
CA ASN O 51 23.79 48.17 -48.75
C ASN O 51 22.47 48.69 -49.30
N PHE O 52 21.38 47.98 -48.97
CA PHE O 52 20.06 48.38 -49.44
C PHE O 52 19.00 48.29 -48.35
N GLY O 53 19.39 48.05 -47.10
CA GLY O 53 18.42 47.94 -46.02
C GLY O 53 17.64 46.65 -45.99
N PHE O 54 18.15 45.59 -46.60
CA PHE O 54 17.43 44.31 -46.69
C PHE O 54 17.78 43.46 -45.48
N ASP O 55 17.04 43.65 -44.39
CA ASP O 55 17.16 42.81 -43.20
C ASP O 55 15.87 42.86 -42.39
N PRO O 56 14.81 42.15 -42.81
CA PRO O 56 13.60 42.12 -41.97
C PRO O 56 13.78 41.41 -40.65
N LEU O 57 14.72 40.46 -40.56
CA LEU O 57 14.94 39.70 -39.35
C LEU O 57 15.98 40.32 -38.42
N ASN O 58 16.65 41.40 -38.87
CA ASN O 58 17.69 42.10 -38.10
C ASN O 58 18.79 41.15 -37.62
N LEU O 59 19.22 40.26 -38.51
CA LEU O 59 20.26 39.30 -38.15
C LEU O 59 21.62 39.96 -37.98
N GLY O 60 21.92 40.99 -38.77
CA GLY O 60 23.22 41.64 -38.71
C GLY O 60 23.26 42.83 -37.78
N ALA O 61 22.56 42.74 -36.63
CA ALA O 61 22.56 43.83 -35.68
C ALA O 61 23.92 43.98 -34.99
N GLU O 62 24.52 42.86 -34.59
CA GLU O 62 25.82 42.91 -33.94
C GLU O 62 26.90 43.23 -34.98
N PRO O 63 27.78 44.19 -34.72
CA PRO O 63 28.84 44.52 -35.70
C PRO O 63 29.78 43.36 -36.01
N GLU O 64 30.12 42.55 -35.00
CA GLU O 64 30.91 41.36 -35.27
C GLU O 64 30.14 40.35 -36.10
N ALA O 65 28.86 40.15 -35.78
CA ALA O 65 28.01 39.29 -36.60
C ALA O 65 27.80 39.87 -37.98
N LEU O 66 27.73 41.20 -38.09
CA LEU O 66 27.62 41.84 -39.41
C LEU O 66 28.87 41.61 -40.24
N ARG O 67 30.05 41.70 -39.63
CA ARG O 67 31.30 41.42 -40.35
C ARG O 67 31.37 39.96 -40.77
N TRP O 68 30.97 39.05 -39.88
CA TRP O 68 30.95 37.63 -40.21
C TRP O 68 30.00 37.34 -41.37
N TYR O 69 28.81 37.94 -41.34
CA TYR O 69 27.84 37.75 -42.42
C TYR O 69 28.33 38.36 -43.73
N GLN O 70 29.01 39.51 -43.66
CA GLN O 70 29.56 40.12 -44.86
C GLN O 70 30.63 39.24 -45.49
N GLN O 71 31.53 38.70 -44.68
CA GLN O 71 32.58 37.82 -45.19
C GLN O 71 32.00 36.53 -45.76
N ALA O 72 31.00 35.97 -45.07
CA ALA O 72 30.34 34.75 -45.56
C ALA O 72 29.61 35.00 -46.87
N GLU O 73 28.93 36.15 -46.97
CA GLU O 73 28.26 36.51 -48.22
C GLU O 73 29.27 36.68 -49.34
N LEU O 74 30.43 37.28 -49.03
CA LEU O 74 31.46 37.47 -50.05
C LEU O 74 31.99 36.14 -50.57
N VAL O 75 32.27 35.19 -49.68
CA VAL O 75 32.84 33.93 -50.14
C VAL O 75 31.78 33.06 -50.83
N HIS O 76 30.53 33.06 -50.33
CA HIS O 76 29.44 32.40 -51.04
C HIS O 76 29.26 32.98 -52.43
N SER O 77 29.30 34.31 -52.55
CA SER O 77 29.15 34.96 -53.84
C SER O 77 30.29 34.62 -54.79
N ARG O 78 31.52 34.55 -54.27
CA ARG O 78 32.67 34.24 -55.12
C ARG O 78 32.60 32.80 -55.64
N THR O 79 32.30 31.85 -54.75
CA THR O 79 32.21 30.47 -55.23
C THR O 79 30.99 30.24 -56.11
N ALA O 80 29.91 31.01 -55.90
CA ALA O 80 28.77 30.93 -56.82
C ALA O 80 29.11 31.55 -58.17
N MET O 81 29.93 32.60 -58.19
CA MET O 81 30.39 33.16 -59.46
C MET O 81 31.24 32.15 -60.23
N MET O 82 32.14 31.45 -59.53
CA MET O 82 32.90 30.38 -60.17
C MET O 82 31.97 29.27 -60.68
N ALA O 83 30.95 28.92 -59.89
CA ALA O 83 30.03 27.86 -60.30
C ALA O 83 29.25 28.24 -61.55
N VAL O 84 28.67 29.44 -61.58
CA VAL O 84 27.88 29.84 -62.74
C VAL O 84 28.78 30.07 -63.95
N ALA O 85 30.04 30.48 -63.74
CA ALA O 85 30.96 30.59 -64.87
C ALA O 85 31.26 29.23 -65.47
N GLY O 86 31.62 28.25 -64.64
CA GLY O 86 31.90 26.92 -65.11
C GLY O 86 30.68 26.17 -65.62
N ILE O 87 29.50 26.63 -65.26
CA ILE O 87 28.27 26.05 -65.81
C ILE O 87 27.91 26.68 -67.15
N LEU O 88 28.02 28.01 -67.27
CA LEU O 88 27.52 28.71 -68.46
C LEU O 88 28.54 28.71 -69.58
N ILE O 89 29.76 29.19 -69.31
CA ILE O 89 30.74 29.38 -70.39
C ILE O 89 31.14 28.07 -71.08
N PRO O 90 31.48 26.99 -70.36
CA PRO O 90 31.61 25.70 -71.08
C PRO O 90 30.32 25.22 -71.69
N GLY O 91 29.17 25.51 -71.05
CA GLY O 91 27.89 25.15 -71.66
C GLY O 91 27.60 25.94 -72.92
N LEU O 92 27.92 27.24 -72.92
CA LEU O 92 27.75 28.05 -74.11
C LEU O 92 28.70 27.63 -75.22
N PHE O 93 29.91 27.21 -74.86
CA PHE O 93 30.85 26.69 -75.86
C PHE O 93 30.35 25.35 -76.42
N THR O 94 29.73 24.52 -75.57
CA THR O 94 29.15 23.26 -76.03
C THR O 94 27.98 23.50 -76.99
N LYS O 95 27.12 24.47 -76.67
CA LYS O 95 26.01 24.78 -77.56
C LYS O 95 26.48 25.40 -78.87
N LEU O 96 27.63 26.06 -78.86
CA LEU O 96 28.22 26.57 -80.09
C LEU O 96 28.98 25.51 -80.88
N GLY O 97 29.16 24.32 -80.32
CA GLY O 97 29.86 23.25 -80.99
C GLY O 97 31.36 23.27 -80.83
N ALA O 98 31.92 24.25 -80.11
CA ALA O 98 33.37 24.32 -79.96
C ALA O 98 33.87 23.25 -78.99
N LEU O 99 33.11 22.96 -77.94
CA LEU O 99 33.53 22.04 -76.90
C LEU O 99 32.50 20.93 -76.72
N ASN O 100 32.95 19.83 -76.12
CA ASN O 100 32.09 18.70 -75.79
C ASN O 100 31.91 18.54 -74.28
N VAL O 101 31.86 19.66 -73.56
CA VAL O 101 31.75 19.63 -72.10
C VAL O 101 30.34 19.21 -71.71
N PRO O 102 30.17 18.18 -70.88
CA PRO O 102 28.83 17.76 -70.47
C PRO O 102 28.25 18.71 -69.42
N GLN O 103 27.01 18.40 -69.01
CA GLN O 103 26.33 19.24 -68.05
C GLN O 103 26.91 19.04 -66.65
N TRP O 104 26.61 19.99 -65.76
CA TRP O 104 27.20 20.02 -64.43
C TRP O 104 26.60 18.97 -63.48
N TYR O 105 25.38 18.50 -63.73
CA TYR O 105 24.73 17.58 -62.82
C TYR O 105 25.11 16.12 -63.08
N GLU O 106 25.95 15.86 -64.08
CA GLU O 106 26.50 14.52 -64.29
C GLU O 106 28.02 14.53 -64.46
N ALA O 107 28.67 15.70 -64.35
CA ALA O 107 30.09 15.80 -64.64
C ALA O 107 30.94 15.03 -63.64
N GLY O 108 30.47 14.86 -62.40
CA GLY O 108 31.17 14.01 -61.47
C GLY O 108 31.17 12.56 -61.90
N LYS O 109 30.02 12.07 -62.37
CA LYS O 109 29.93 10.71 -62.92
C LYS O 109 30.73 10.58 -64.20
N VAL O 110 30.79 11.64 -65.01
CA VAL O 110 31.58 11.62 -66.23
C VAL O 110 33.07 11.50 -65.90
N TYR O 111 33.54 12.29 -64.93
CA TYR O 111 34.95 12.27 -64.58
C TYR O 111 35.33 11.00 -63.83
N ILE O 112 34.42 10.43 -63.04
CA ILE O 112 34.73 9.22 -62.30
C ILE O 112 34.80 8.00 -63.21
N GLU O 113 34.29 8.10 -64.44
CA GLU O 113 34.34 7.01 -65.40
C GLU O 113 35.33 7.27 -66.53
N GLY O 114 36.12 8.34 -66.44
CA GLY O 114 37.08 8.67 -67.47
C GLY O 114 38.33 7.81 -67.41
N GLU O 115 39.18 7.99 -68.42
CA GLU O 115 40.44 7.25 -68.47
C GLU O 115 41.39 7.73 -67.37
N GLY O 116 41.58 9.03 -67.26
CA GLY O 116 42.40 9.59 -66.19
C GLY O 116 41.58 9.94 -64.98
N ALA O 117 40.86 8.95 -64.45
CA ALA O 117 39.93 9.17 -63.34
C ALA O 117 40.68 9.05 -62.03
N ILE O 118 41.05 10.20 -61.46
CA ILE O 118 41.52 10.22 -60.07
C ILE O 118 40.39 9.79 -59.16
N PRO O 119 40.64 8.94 -58.16
CA PRO O 119 39.56 8.49 -57.27
C PRO O 119 38.90 9.64 -56.52
N PHE O 120 37.61 9.45 -56.22
CA PHE O 120 36.82 10.47 -55.56
C PHE O 120 37.37 10.79 -54.17
N GLY O 121 37.86 9.77 -53.45
CA GLY O 121 38.42 10.00 -52.14
C GLY O 121 39.67 10.85 -52.16
N THR O 122 40.57 10.60 -53.12
CA THR O 122 41.81 11.35 -53.20
C THR O 122 41.55 12.82 -53.47
N LEU O 123 40.70 13.11 -54.45
CA LEU O 123 40.32 14.49 -54.76
C LEU O 123 39.60 15.14 -53.58
N LEU O 124 38.73 14.38 -52.91
CA LEU O 124 37.99 14.92 -51.77
C LEU O 124 38.93 15.33 -50.65
N MET O 125 39.91 14.47 -50.31
CA MET O 125 40.82 14.80 -49.23
C MET O 125 41.78 15.92 -49.62
N SER O 126 42.23 15.95 -50.88
CA SER O 126 43.10 17.04 -51.32
C SER O 126 42.38 18.38 -51.27
N THR O 127 41.14 18.42 -51.76
CA THR O 127 40.35 19.65 -51.70
C THR O 127 40.05 20.05 -50.27
N LEU O 128 39.75 19.06 -49.41
CA LEU O 128 39.47 19.36 -48.01
C LEU O 128 40.70 19.94 -47.32
N PHE O 129 41.88 19.38 -47.58
CA PHE O 129 43.10 19.89 -46.95
C PHE O 129 43.43 21.30 -47.43
N SER O 130 43.37 21.52 -48.75
CA SER O 130 43.70 22.84 -49.29
C SER O 130 42.70 23.89 -48.81
N TYR O 131 41.40 23.58 -48.85
CA TYR O 131 40.40 24.54 -48.40
C TYR O 131 40.44 24.73 -46.90
N ALA O 132 40.83 23.70 -46.14
CA ALA O 132 41.00 23.87 -44.70
C ALA O 132 42.13 24.82 -44.39
N PHE O 133 43.25 24.71 -45.12
CA PHE O 133 44.37 25.64 -44.94
C PHE O 133 43.95 27.07 -45.30
N VAL O 134 43.25 27.22 -46.43
CA VAL O 134 42.84 28.56 -46.89
C VAL O 134 41.85 29.18 -45.90
N GLU O 135 40.85 28.40 -45.47
CA GLU O 135 39.85 28.91 -44.54
C GLU O 135 40.45 29.18 -43.16
N GLY O 136 41.45 28.40 -42.74
CA GLY O 136 42.12 28.68 -41.48
C GLY O 136 42.89 29.98 -41.53
N LYS O 137 43.62 30.22 -42.63
CA LYS O 137 44.33 31.49 -42.78
C LYS O 137 43.35 32.66 -42.82
N ARG O 138 42.24 32.49 -43.55
CA ARG O 138 41.23 33.55 -43.64
C ARG O 138 40.55 33.80 -42.30
N TRP O 139 40.28 32.75 -41.53
CA TRP O 139 39.68 32.91 -40.22
C TRP O 139 40.63 33.59 -39.25
N GLN O 140 41.93 33.26 -39.33
CA GLN O 140 42.91 33.93 -38.47
C GLN O 140 43.05 35.39 -38.85
N ASP O 141 42.94 35.72 -40.14
CA ASP O 141 42.95 37.13 -40.54
C ASP O 141 41.66 37.84 -40.12
N PHE O 142 40.54 37.12 -40.08
CA PHE O 142 39.27 37.75 -39.71
C PHE O 142 39.21 38.01 -38.20
N ARG O 143 39.70 37.08 -37.38
CA ARG O 143 39.66 37.26 -35.94
C ARG O 143 40.52 38.44 -35.50
N ASN O 144 41.72 38.54 -36.05
CA ASN O 144 42.60 39.69 -35.82
C ASN O 144 43.00 40.26 -37.17
N PRO O 145 42.52 41.45 -37.53
CA PRO O 145 42.86 42.01 -38.85
C PRO O 145 44.33 42.39 -38.94
N GLY O 146 44.93 42.05 -40.08
CA GLY O 146 46.33 42.34 -40.30
C GLY O 146 47.29 41.53 -39.46
N SER O 147 46.84 40.37 -38.95
CA SER O 147 47.66 39.55 -38.08
C SER O 147 48.53 38.56 -38.84
N GLN O 148 48.38 38.46 -40.15
CA GLN O 148 49.20 37.58 -40.97
C GLN O 148 50.45 38.27 -41.50
N ALA O 149 50.70 39.51 -41.10
CA ALA O 149 51.84 40.29 -41.57
C ALA O 149 53.05 40.18 -40.66
N GLU O 150 53.07 39.22 -39.75
CA GLU O 150 54.25 39.01 -38.92
C GLU O 150 55.41 38.52 -39.79
N PRO O 151 56.62 39.04 -39.60
CA PRO O 151 57.70 38.74 -40.54
C PRO O 151 58.23 37.32 -40.38
N GLY O 152 58.44 36.66 -41.53
CA GLY O 152 59.13 35.40 -41.59
C GLY O 152 58.31 34.16 -41.28
N THR O 153 57.00 34.30 -41.06
CA THR O 153 56.21 33.12 -40.72
C THR O 153 55.96 32.24 -41.94
N PHE O 154 55.65 32.84 -43.09
CA PHE O 154 55.30 32.09 -44.31
C PHE O 154 56.19 32.58 -45.45
N PHE O 155 57.40 32.01 -45.54
CA PHE O 155 58.33 32.21 -46.66
C PHE O 155 58.70 33.67 -46.87
N GLY O 156 58.65 34.49 -45.83
CA GLY O 156 59.10 35.87 -45.92
C GLY O 156 58.13 36.84 -46.55
N LEU O 157 57.48 36.45 -47.65
CA LEU O 157 56.57 37.33 -48.37
C LEU O 157 55.27 37.58 -47.62
N GLU O 158 55.00 36.84 -46.54
CA GLU O 158 53.76 36.98 -45.79
C GLU O 158 53.62 38.34 -45.13
N GLY O 159 54.68 39.15 -45.09
CA GLY O 159 54.57 40.52 -44.66
C GLY O 159 53.65 41.37 -45.52
N MET O 160 53.42 40.97 -46.76
CA MET O 160 52.46 41.67 -47.61
C MET O 160 51.07 41.06 -47.56
N PHE O 161 50.85 40.03 -46.74
CA PHE O 161 49.56 39.38 -46.60
C PHE O 161 48.63 40.10 -45.63
N LYS O 162 48.89 41.36 -45.30
CA LYS O 162 48.05 42.08 -44.35
C LYS O 162 46.73 42.46 -45.01
N GLY O 163 45.62 42.16 -44.32
CA GLY O 163 44.31 42.50 -44.84
C GLY O 163 43.95 43.95 -44.63
N THR O 164 43.84 44.71 -45.73
CA THR O 164 43.47 46.12 -45.63
C THR O 164 42.04 46.28 -45.15
N ASP O 165 41.13 45.45 -45.63
CA ASP O 165 39.73 45.51 -45.25
C ASP O 165 39.24 44.08 -45.04
N ASN O 166 38.19 43.94 -44.24
CA ASN O 166 37.62 42.63 -43.93
C ASN O 166 37.05 42.00 -45.20
N GLY O 167 37.76 41.02 -45.74
CA GLY O 167 37.38 40.37 -46.98
C GLY O 167 38.14 40.84 -48.19
N TYR O 168 38.95 41.89 -48.08
CA TYR O 168 39.72 42.43 -49.20
C TYR O 168 41.18 42.63 -48.78
N PRO O 169 41.97 41.54 -48.71
CA PRO O 169 43.38 41.67 -48.35
C PRO O 169 44.21 42.41 -49.40
N GLY O 170 44.16 41.96 -50.64
CA GLY O 170 44.99 42.51 -51.69
C GLY O 170 46.39 41.89 -51.73
N GLY O 171 47.18 42.38 -52.68
CA GLY O 171 48.54 41.90 -52.85
C GLY O 171 48.67 40.87 -53.96
N ILE O 172 48.89 39.61 -53.59
CA ILE O 172 48.86 38.53 -54.57
C ILE O 172 47.44 38.35 -55.11
N PHE O 173 46.44 38.65 -54.27
CA PHE O 173 45.05 38.59 -54.68
C PHE O 173 44.69 39.63 -55.74
N ASP O 174 45.52 40.66 -55.92
CA ASP O 174 45.33 41.63 -57.00
C ASP O 174 46.70 42.09 -57.50
N PRO O 175 47.37 41.26 -58.31
CA PRO O 175 48.71 41.63 -58.78
C PRO O 175 48.71 42.61 -59.94
N LEU O 176 47.63 42.65 -60.73
CA LEU O 176 47.58 43.57 -61.87
C LEU O 176 47.35 45.01 -61.44
N GLY O 177 46.88 45.24 -60.21
CA GLY O 177 46.81 46.57 -59.66
C GLY O 177 45.57 47.38 -59.97
N TYR O 178 44.41 46.85 -59.64
CA TYR O 178 43.17 47.63 -59.68
C TYR O 178 42.72 48.07 -58.29
N SER O 179 43.54 47.81 -57.26
CA SER O 179 43.16 48.18 -55.90
C SER O 179 43.62 49.58 -55.51
N LYS O 180 44.72 50.06 -56.08
CA LYS O 180 45.23 51.40 -55.77
C LYS O 180 44.64 52.46 -56.70
N THR O 181 43.31 52.45 -56.81
CA THR O 181 42.58 53.42 -57.60
C THR O 181 41.95 54.46 -56.69
N SER O 182 41.10 55.31 -57.25
CA SER O 182 40.35 56.26 -56.45
C SER O 182 39.38 55.53 -55.53
N PRO O 183 39.09 56.09 -54.35
CA PRO O 183 38.13 55.45 -53.45
C PRO O 183 36.74 55.29 -54.05
N GLU O 184 36.29 56.24 -54.88
CA GLU O 184 35.03 56.07 -55.58
C GLU O 184 35.08 54.89 -56.53
N LYS O 185 36.19 54.73 -57.26
CA LYS O 185 36.36 53.57 -58.12
C LYS O 185 36.42 52.29 -57.31
N LEU O 186 37.03 52.35 -56.12
CA LEU O 186 37.12 51.17 -55.27
C LEU O 186 35.75 50.72 -54.78
N ASP O 187 34.92 51.65 -54.32
CA ASP O 187 33.59 51.25 -53.86
C ASP O 187 32.68 50.88 -55.02
N GLU O 188 32.88 51.48 -56.20
CA GLU O 188 32.13 51.05 -57.37
C GLU O 188 32.49 49.63 -57.78
N LEU O 189 33.77 49.28 -57.72
CA LEU O 189 34.20 47.92 -58.02
C LEU O 189 33.67 46.94 -56.98
N LYS O 190 33.68 47.34 -55.71
CA LYS O 190 33.13 46.47 -54.66
C LYS O 190 31.63 46.25 -54.85
N LEU O 191 30.90 47.31 -55.21
CA LEU O 191 29.47 47.18 -55.47
C LEU O 191 29.20 46.30 -56.67
N LYS O 192 30.03 46.42 -57.71
CA LYS O 192 29.89 45.56 -58.89
C LYS O 192 30.14 44.10 -58.52
N GLU O 193 31.17 43.85 -57.71
CA GLU O 193 31.46 42.49 -57.26
C GLU O 193 30.32 41.91 -56.47
N ILE O 194 29.76 42.70 -55.54
CA ILE O 194 28.67 42.23 -54.70
C ILE O 194 27.41 41.97 -55.53
N LYS O 195 27.11 42.85 -56.49
CA LYS O 195 25.92 42.70 -57.31
C LYS O 195 26.01 41.48 -58.21
N ASN O 196 27.14 41.33 -58.93
CA ASN O 196 27.30 40.15 -59.78
C ASN O 196 27.39 38.87 -58.95
N GLY O 197 27.93 38.95 -57.73
CA GLY O 197 27.94 37.77 -56.87
C GLY O 197 26.56 37.35 -56.41
N ARG O 198 25.73 38.32 -56.02
CA ARG O 198 24.36 37.99 -55.63
C ARG O 198 23.56 37.45 -56.81
N LEU O 199 23.78 38.02 -58.00
CA LEU O 199 23.16 37.48 -59.20
C LEU O 199 23.63 36.06 -59.47
N ALA O 200 24.90 35.77 -59.21
CA ALA O 200 25.40 34.41 -59.39
C ALA O 200 24.80 33.45 -58.37
N MET O 201 24.59 33.91 -57.13
CA MET O 201 24.01 33.06 -56.10
C MET O 201 22.57 32.70 -56.45
N VAL O 202 21.78 33.70 -56.87
CA VAL O 202 20.40 33.39 -57.26
C VAL O 202 20.39 32.60 -58.57
N ALA O 203 21.43 32.75 -59.41
CA ALA O 203 21.53 31.95 -60.62
C ALA O 203 21.78 30.49 -60.31
N PHE O 204 22.65 30.20 -59.33
CA PHE O 204 22.89 28.81 -58.96
C PHE O 204 21.69 28.23 -58.23
N LEU O 205 20.98 29.04 -57.45
CA LEU O 205 19.71 28.57 -56.88
C LEU O 205 18.72 28.21 -57.98
N GLY O 206 18.66 29.02 -59.03
CA GLY O 206 17.82 28.69 -60.17
C GLY O 206 18.28 27.45 -60.91
N PHE O 207 19.60 27.25 -60.99
CA PHE O 207 20.14 26.04 -61.62
C PHE O 207 19.71 24.80 -60.85
N ALA O 208 19.81 24.86 -59.53
CA ALA O 208 19.39 23.73 -58.69
C ALA O 208 17.89 23.48 -58.82
N GLY O 209 17.09 24.55 -58.81
CA GLY O 209 15.65 24.39 -58.96
C GLY O 209 15.25 23.84 -60.31
N GLN O 210 15.92 24.29 -61.38
CA GLN O 210 15.61 23.83 -62.72
C GLN O 210 16.07 22.40 -62.94
N TYR O 211 17.17 21.98 -62.29
CA TYR O 211 17.55 20.57 -62.35
C TYR O 211 16.58 19.72 -61.55
N SER O 212 16.10 20.22 -60.41
CA SER O 212 15.15 19.45 -59.60
C SER O 212 13.76 19.40 -60.22
N ALA O 213 13.42 20.34 -61.12
CA ALA O 213 12.10 20.39 -61.72
C ALA O 213 12.10 19.99 -63.18
N THR O 214 12.90 20.66 -64.02
CA THR O 214 12.91 20.34 -65.44
C THR O 214 13.82 19.16 -65.73
N GLY O 215 14.93 19.03 -65.02
CA GLY O 215 15.85 17.93 -65.24
C GLY O 215 16.78 18.10 -66.42
N LYS O 216 16.83 19.28 -67.03
CA LYS O 216 17.67 19.55 -68.18
C LYS O 216 18.67 20.67 -67.84
N GLY O 217 19.57 20.94 -68.77
CA GLY O 217 20.57 21.97 -68.60
C GLY O 217 19.96 23.36 -68.62
N PRO O 218 20.61 24.31 -67.94
CA PRO O 218 20.12 25.69 -67.95
C PRO O 218 20.15 26.34 -69.32
N ILE O 219 21.13 25.97 -70.17
CA ILE O 219 21.18 26.51 -71.52
C ILE O 219 20.01 26.00 -72.34
N ASP O 220 19.62 24.73 -72.13
CA ASP O 220 18.43 24.20 -72.79
C ASP O 220 17.17 24.92 -72.32
N ASN O 221 17.09 25.24 -71.02
CA ASN O 221 15.95 25.99 -70.51
C ASN O 221 15.90 27.39 -71.11
N LEU O 222 17.05 28.05 -71.25
CA LEU O 222 17.10 29.36 -71.87
C LEU O 222 16.70 29.30 -73.34
N ALA O 223 17.16 28.27 -74.06
CA ALA O 223 16.79 28.11 -75.46
C ALA O 223 15.30 27.85 -75.62
N ASP O 224 14.71 27.05 -74.73
CA ASP O 224 13.28 26.79 -74.79
C ASP O 224 12.46 28.02 -74.39
N HIS O 225 12.96 28.84 -73.47
CA HIS O 225 12.30 30.09 -73.13
C HIS O 225 12.39 31.08 -74.29
N LEU O 226 13.49 31.08 -75.04
CA LEU O 226 13.59 31.93 -76.21
C LEU O 226 12.67 31.45 -77.33
N ALA O 227 12.60 30.13 -77.54
CA ALA O 227 11.75 29.60 -78.60
C ALA O 227 10.27 29.69 -78.24
N ASP O 228 9.91 29.31 -77.01
CA ASP O 228 8.53 29.35 -76.54
C ASP O 228 8.51 29.86 -75.11
N PRO O 229 8.35 31.18 -74.93
CA PRO O 229 8.30 31.73 -73.56
C PRO O 229 7.13 31.24 -72.74
N TRP O 230 5.97 31.03 -73.36
CA TRP O 230 4.78 30.62 -72.60
C TRP O 230 4.85 29.16 -72.19
N HIS O 231 5.37 28.28 -73.06
CA HIS O 231 5.48 26.88 -72.72
C HIS O 231 6.57 26.62 -71.69
N ASN O 232 7.66 27.39 -71.74
CA ASN O 232 8.77 27.23 -70.80
C ASN O 232 8.48 28.09 -69.57
N THR O 233 7.62 27.57 -68.70
CA THR O 233 7.26 28.23 -67.47
C THR O 233 7.17 27.19 -66.36
N PHE O 234 7.64 27.56 -65.16
CA PHE O 234 7.58 26.66 -64.01
C PHE O 234 6.16 26.37 -63.55
N ALA O 235 5.18 27.15 -63.99
CA ALA O 235 3.78 26.85 -63.68
C ALA O 235 3.35 25.54 -64.34
N GLU O 236 3.86 25.26 -65.54
CA GLU O 236 3.54 24.01 -66.22
C GLU O 236 4.09 22.80 -65.45
N ASN O 237 5.28 22.93 -64.89
CA ASN O 237 5.86 21.83 -64.12
C ASN O 237 5.15 21.68 -62.79
N GLY O 238 4.73 20.45 -62.47
CA GLY O 238 4.03 20.20 -61.24
C GLY O 238 4.92 20.15 -60.01
N VAL O 239 6.23 19.99 -60.20
CA VAL O 239 7.16 20.00 -59.08
C VAL O 239 7.24 21.38 -58.45
N SER O 240 7.15 22.43 -59.27
CA SER O 240 7.31 23.79 -58.79
C SER O 240 6.11 24.24 -57.96
N VAL O 241 4.94 24.29 -58.60
CA VAL O 241 3.71 24.73 -57.95
C VAL O 241 2.73 23.55 -57.98
N PRO O 242 2.67 22.76 -56.91
CA PRO O 242 1.67 21.68 -56.86
C PRO O 242 0.26 22.25 -56.71
N GLY O 243 -0.66 21.68 -57.49
CA GLY O 243 -2.03 22.15 -57.53
C GLY O 243 -2.32 23.15 -58.63
N LEU O 244 -1.29 23.80 -59.18
CA LEU O 244 -1.51 24.70 -60.31
C LEU O 244 -1.81 23.92 -61.58
N SER O 245 -1.16 22.77 -61.76
CA SER O 245 -1.47 21.91 -62.90
C SER O 245 -2.87 21.33 -62.79
N ALA O 246 -3.38 21.17 -61.57
CA ALA O 246 -4.76 20.73 -61.38
C ALA O 246 -5.74 21.74 -61.96
N VAL O 247 -5.52 23.02 -61.68
CA VAL O 247 -6.33 24.08 -62.29
C VAL O 247 -6.08 24.13 -63.79
N GLU O 248 -4.85 23.86 -64.22
CA GLU O 248 -4.51 23.92 -65.63
C GLU O 248 -5.27 22.89 -66.45
N GLN O 249 -5.39 21.66 -65.95
CA GLN O 249 -6.16 20.67 -66.68
C GLN O 249 -7.63 20.69 -66.32
N ALA O 250 -8.01 21.45 -65.29
CA ALA O 250 -9.43 21.58 -64.96
C ALA O 250 -10.16 22.45 -65.98
N ALA O 251 -9.47 23.41 -66.58
CA ALA O 251 -10.08 24.27 -67.59
C ALA O 251 -9.97 23.64 -68.97
N ASP P 42 -24.86 71.78 -45.68
CA ASP P 42 -23.99 72.47 -46.62
C ASP P 42 -23.81 71.65 -47.90
N ARG P 43 -23.82 70.33 -47.75
CA ARG P 43 -23.67 69.41 -48.87
C ARG P 43 -24.75 68.34 -48.81
N PRO P 44 -25.17 67.81 -49.96
CA PRO P 44 -26.12 66.69 -49.94
C PRO P 44 -25.51 65.46 -49.30
N LEU P 45 -26.31 64.78 -48.48
CA LEU P 45 -25.85 63.63 -47.72
C LEU P 45 -26.61 62.37 -48.16
N TRP P 46 -26.28 61.25 -47.53
CA TRP P 46 -26.93 59.99 -47.86
C TRP P 46 -28.37 59.93 -47.38
N SER P 47 -28.71 60.71 -46.36
CA SER P 47 -30.09 60.83 -45.91
C SER P 47 -30.41 62.30 -45.66
N PRO P 48 -31.62 62.74 -45.95
CA PRO P 48 -32.00 64.14 -45.66
C PRO P 48 -32.17 64.37 -44.17
N GLY P 49 -31.29 65.18 -43.59
CA GLY P 49 -31.31 65.44 -42.17
C GLY P 49 -30.33 64.64 -41.35
N SER P 50 -29.57 63.74 -41.98
CA SER P 50 -28.59 62.94 -41.25
C SER P 50 -27.39 63.80 -40.85
N GLN P 51 -26.71 63.36 -39.80
CA GLN P 51 -25.51 64.06 -39.33
C GLN P 51 -24.28 63.43 -39.94
N PRO P 52 -23.44 64.18 -40.65
CA PRO P 52 -22.23 63.61 -41.22
C PRO P 52 -21.26 63.22 -40.12
N PRO P 53 -20.43 62.20 -40.35
CA PRO P 53 -19.45 61.80 -39.34
C PRO P 53 -18.38 62.86 -39.11
N ALA P 54 -17.80 62.84 -37.92
CA ALA P 54 -16.77 63.81 -37.58
C ALA P 54 -15.50 63.63 -38.41
N TRP P 55 -15.21 62.39 -38.83
CA TRP P 55 -14.05 62.13 -39.66
C TRP P 55 -14.32 62.35 -41.14
N LEU P 56 -15.56 62.68 -41.51
CA LEU P 56 -15.92 62.98 -42.89
C LEU P 56 -16.35 64.45 -42.94
N ASP P 57 -15.40 65.32 -43.29
CA ASP P 57 -15.62 66.76 -43.33
C ASP P 57 -16.06 67.26 -44.70
N GLY P 58 -16.24 66.36 -45.67
CA GLY P 58 -16.61 66.75 -47.01
C GLY P 58 -15.45 67.15 -47.91
N SER P 59 -14.22 66.93 -47.47
CA SER P 59 -13.05 67.27 -48.27
C SER P 59 -12.67 66.19 -49.26
N LEU P 60 -13.36 65.06 -49.26
CA LEU P 60 -13.08 63.96 -50.17
C LEU P 60 -14.13 63.91 -51.28
N ALA P 61 -13.79 63.16 -52.34
CA ALA P 61 -14.71 63.04 -53.46
C ALA P 61 -15.87 62.12 -53.11
N GLY P 62 -17.09 62.58 -53.40
CA GLY P 62 -18.28 61.82 -53.08
C GLY P 62 -18.51 61.63 -51.60
N ASP P 63 -18.28 62.68 -50.80
CA ASP P 63 -18.41 62.59 -49.35
C ASP P 63 -19.85 62.89 -48.96
N TYR P 64 -20.72 61.91 -49.19
CA TYR P 64 -22.12 61.99 -48.79
C TYR P 64 -22.33 61.54 -47.35
N GLY P 65 -21.29 61.12 -46.64
CA GLY P 65 -21.43 60.73 -45.26
C GLY P 65 -22.05 59.37 -45.04
N PHE P 66 -22.09 58.52 -46.06
CA PHE P 66 -22.65 57.16 -45.92
C PHE P 66 -21.59 56.26 -45.28
N ASP P 67 -21.44 56.43 -43.97
CA ASP P 67 -20.53 55.61 -43.18
C ASP P 67 -21.25 55.19 -41.90
N PRO P 68 -22.15 54.20 -42.00
CA PRO P 68 -22.89 53.76 -40.81
C PRO P 68 -22.16 52.73 -39.96
N LEU P 69 -21.13 52.08 -40.50
CA LEU P 69 -20.31 51.16 -39.72
C LEU P 69 -19.14 51.85 -39.05
N HIS P 70 -19.04 53.17 -39.18
CA HIS P 70 -18.04 54.01 -38.53
C HIS P 70 -16.62 53.58 -38.90
N LEU P 71 -16.44 53.13 -40.14
CA LEU P 71 -15.12 52.81 -40.63
C LEU P 71 -14.38 54.08 -41.02
N SER P 72 -13.08 53.93 -41.29
CA SER P 72 -12.19 55.02 -41.68
C SER P 72 -12.13 56.14 -40.64
N GLU P 73 -12.37 55.80 -39.37
CA GLU P 73 -12.26 56.79 -38.30
C GLU P 73 -10.80 57.13 -38.03
N GLU P 74 -9.94 56.12 -37.98
CA GLU P 74 -8.50 56.37 -37.90
C GLU P 74 -8.02 56.99 -39.20
N PRO P 75 -7.16 58.02 -39.13
CA PRO P 75 -6.67 58.66 -40.36
C PRO P 75 -5.95 57.71 -41.31
N GLU P 76 -5.12 56.81 -40.78
CA GLU P 76 -4.47 55.81 -41.63
C GLU P 76 -5.51 54.88 -42.24
N MET P 77 -6.52 54.48 -41.44
CA MET P 77 -7.63 53.72 -41.98
C MET P 77 -8.41 54.53 -43.00
N ARG P 78 -8.48 55.85 -42.83
CA ARG P 78 -9.15 56.68 -43.82
C ARG P 78 -8.42 56.66 -45.17
N LYS P 79 -7.09 56.78 -45.14
CA LYS P 79 -6.31 56.67 -46.38
C LYS P 79 -6.47 55.28 -47.00
N TRP P 80 -6.48 54.24 -46.16
CA TRP P 80 -6.64 52.87 -46.67
C TRP P 80 -7.99 52.67 -47.33
N MET P 81 -9.07 53.14 -46.69
CA MET P 81 -10.41 52.99 -47.27
C MET P 81 -10.56 53.81 -48.54
N VAL P 82 -9.99 55.02 -48.58
CA VAL P 82 -10.08 55.86 -49.77
C VAL P 82 -9.36 55.20 -50.94
N GLN P 83 -8.14 54.69 -50.70
CA GLN P 83 -7.39 54.02 -51.74
C GLN P 83 -8.09 52.73 -52.19
N ALA P 84 -8.65 51.98 -51.25
CA ALA P 84 -9.33 50.74 -51.59
C ALA P 84 -10.58 51.01 -52.44
N GLU P 85 -11.36 52.03 -52.05
CA GLU P 85 -12.54 52.37 -52.83
C GLU P 85 -12.17 52.86 -54.23
N LEU P 86 -11.12 53.67 -54.32
CA LEU P 86 -10.69 54.16 -55.63
C LEU P 86 -10.22 53.03 -56.53
N VAL P 87 -9.42 52.10 -55.98
CA VAL P 87 -8.89 51.01 -56.79
C VAL P 87 -9.99 50.04 -57.20
N HIS P 88 -10.87 49.68 -56.26
CA HIS P 88 -11.99 48.80 -56.57
C HIS P 88 -12.91 49.42 -57.61
N ALA P 89 -13.22 50.71 -57.46
CA ALA P 89 -14.08 51.38 -58.43
C ALA P 89 -13.43 51.44 -59.80
N ARG P 90 -12.13 51.76 -59.87
CA ARG P 90 -11.44 51.87 -61.14
C ARG P 90 -11.39 50.54 -61.88
N TRP P 91 -11.05 49.46 -61.17
CA TRP P 91 -11.06 48.15 -61.82
C TRP P 91 -12.48 47.73 -62.20
N ALA P 92 -13.48 48.14 -61.41
CA ALA P 92 -14.86 47.83 -61.74
C ALA P 92 -15.28 48.48 -63.05
N MET P 93 -14.95 49.76 -63.24
CA MET P 93 -15.35 50.41 -64.48
C MET P 93 -14.48 50.01 -65.67
N LEU P 94 -13.23 49.62 -65.45
CA LEU P 94 -12.46 49.01 -66.55
C LEU P 94 -13.11 47.70 -67.00
N GLY P 95 -13.45 46.83 -66.05
CA GLY P 95 -14.10 45.58 -66.40
C GLY P 95 -15.48 45.78 -67.01
N VAL P 96 -16.22 46.77 -66.52
CA VAL P 96 -17.54 47.06 -67.05
C VAL P 96 -17.46 47.59 -68.47
N ALA P 97 -16.49 48.46 -68.75
CA ALA P 97 -16.28 48.94 -70.11
C ALA P 97 -15.92 47.80 -71.05
N GLY P 98 -15.02 46.91 -70.61
CA GLY P 98 -14.67 45.76 -71.43
C GLY P 98 -15.85 44.83 -71.70
N ILE P 99 -16.63 44.53 -70.65
CA ILE P 99 -17.78 43.64 -70.78
C ILE P 99 -18.83 44.24 -71.70
N LEU P 100 -19.13 45.54 -71.52
CA LEU P 100 -20.13 46.20 -72.36
C LEU P 100 -19.68 46.28 -73.81
N PHE P 101 -18.39 46.57 -74.05
CA PHE P 101 -17.90 46.61 -75.42
C PHE P 101 -17.98 45.24 -76.09
N THR P 102 -17.58 44.19 -75.36
CA THR P 102 -17.66 42.84 -75.93
C THR P 102 -19.10 42.43 -76.19
N SER P 103 -20.02 42.79 -75.28
CA SER P 103 -21.42 42.43 -75.45
C SER P 103 -22.05 43.17 -76.63
N ILE P 104 -21.77 44.47 -76.77
CA ILE P 104 -22.36 45.22 -77.88
C ILE P 104 -21.73 44.80 -79.21
N ALA P 105 -20.45 44.38 -79.20
CA ALA P 105 -19.86 43.86 -80.42
C ALA P 105 -20.44 42.49 -80.79
N ALA P 106 -20.73 41.65 -79.79
CA ALA P 106 -21.37 40.37 -80.06
C ALA P 106 -22.78 40.56 -80.60
N LYS P 107 -23.52 41.55 -80.07
CA LYS P 107 -24.84 41.84 -80.61
C LYS P 107 -24.75 42.42 -82.02
N ASN P 108 -23.72 43.24 -82.29
CA ASN P 108 -23.57 43.80 -83.63
C ASN P 108 -23.20 42.74 -84.65
N GLY P 109 -22.49 41.69 -84.24
CA GLY P 109 -22.17 40.61 -85.15
C GLY P 109 -20.74 40.12 -85.07
N ALA P 110 -19.93 40.75 -84.22
CA ALA P 110 -18.55 40.31 -84.06
C ALA P 110 -18.51 38.96 -83.35
N PRO P 111 -17.57 38.08 -83.71
CA PRO P 111 -17.50 36.75 -83.10
C PRO P 111 -16.89 36.78 -81.69
N PHE P 112 -17.62 37.41 -80.76
CA PHE P 112 -17.20 37.48 -79.37
C PHE P 112 -18.20 36.74 -78.48
N PRO P 113 -17.73 36.00 -77.49
CA PRO P 113 -18.64 35.26 -76.61
C PRO P 113 -19.24 36.17 -75.55
N ASP P 114 -20.05 35.56 -74.68
CA ASP P 114 -20.58 36.27 -73.53
C ASP P 114 -19.48 36.55 -72.51
N TRP P 115 -19.74 37.50 -71.62
CA TRP P 115 -18.73 37.85 -70.62
C TRP P 115 -18.53 36.73 -69.60
N TYR P 116 -19.57 35.94 -69.33
CA TYR P 116 -19.39 34.73 -68.56
C TYR P 116 -18.65 33.69 -69.39
N ASP P 117 -17.81 32.89 -68.72
CA ASP P 117 -17.01 31.79 -69.29
C ASP P 117 -16.24 32.19 -70.56
N ALA P 118 -15.92 33.48 -70.69
CA ALA P 118 -15.07 33.91 -71.80
C ALA P 118 -13.62 33.49 -71.58
N GLY P 119 -13.22 33.30 -70.32
CA GLY P 119 -11.87 32.85 -70.04
C GLY P 119 -11.59 31.45 -70.56
N LYS P 120 -12.62 30.58 -70.58
CA LYS P 120 -12.43 29.22 -71.08
C LYS P 120 -12.09 29.22 -72.56
N GLU P 121 -12.88 29.93 -73.37
CA GLU P 121 -12.57 30.00 -74.80
C GLU P 121 -11.32 30.84 -75.06
N ALA P 122 -11.02 31.79 -74.18
CA ALA P 122 -9.79 32.57 -74.32
C ALA P 122 -8.56 31.70 -74.12
N ILE P 123 -8.54 30.88 -73.06
CA ILE P 123 -7.43 29.97 -72.84
C ILE P 123 -7.44 28.84 -73.86
N LYS P 124 -8.58 28.54 -74.47
CA LYS P 124 -8.59 27.59 -75.57
C LYS P 124 -7.99 28.19 -76.84
N THR P 125 -8.07 29.51 -77.00
CA THR P 125 -7.55 30.17 -78.18
C THR P 125 -6.18 30.81 -77.98
N SER P 126 -5.83 31.21 -76.76
CA SER P 126 -4.56 31.88 -76.54
C SER P 126 -3.41 30.88 -76.62
N PRO P 127 -2.29 31.27 -77.24
CA PRO P 127 -1.11 30.39 -77.22
C PRO P 127 -0.55 30.16 -75.84
N ALA P 128 -0.67 31.13 -74.95
CA ALA P 128 -0.17 30.97 -73.58
C ALA P 128 -1.07 30.03 -72.81
N PRO P 129 -0.52 28.99 -72.18
CA PRO P 129 -1.36 28.07 -71.40
C PRO P 129 -1.82 28.69 -70.10
N LEU P 130 -2.71 27.98 -69.41
CA LEU P 130 -3.18 28.42 -68.12
C LEU P 130 -2.08 28.31 -67.08
N GLY P 131 -2.22 29.09 -66.02
CA GLY P 131 -1.22 29.10 -64.94
C GLY P 131 0.01 29.92 -65.21
N SER P 132 0.59 29.81 -66.41
CA SER P 132 1.75 30.60 -66.77
C SER P 132 1.41 32.07 -66.88
N LEU P 133 0.35 32.40 -67.64
CA LEU P 133 0.02 33.80 -67.87
C LEU P 133 -0.59 34.45 -66.62
N ILE P 134 -1.26 33.67 -65.78
CA ILE P 134 -1.70 34.16 -64.48
C ILE P 134 -0.50 34.56 -63.64
N PHE P 135 0.55 33.76 -63.67
CA PHE P 135 1.76 34.10 -62.91
C PHE P 135 2.49 35.30 -63.52
N THR P 136 2.46 35.45 -64.85
CA THR P 136 3.09 36.63 -65.46
C THR P 136 2.33 37.91 -65.11
N GLU P 137 1.00 37.87 -65.16
CA GLU P 137 0.24 39.04 -64.79
C GLU P 137 0.33 39.32 -63.29
N LEU P 138 0.51 38.28 -62.47
CA LEU P 138 0.78 38.51 -61.05
C LEU P 138 2.15 39.16 -60.85
N LEU P 139 3.15 38.75 -61.63
CA LEU P 139 4.47 39.38 -61.55
C LEU P 139 4.39 40.84 -61.97
N LEU P 140 3.59 41.14 -62.99
CA LEU P 140 3.42 42.53 -63.42
C LEU P 140 2.59 43.34 -62.43
N PHE P 141 1.70 42.68 -61.68
CA PHE P 141 0.76 43.38 -60.82
C PHE P 141 1.29 43.64 -59.41
N GLY P 142 1.95 42.65 -58.80
CA GLY P 142 2.86 42.89 -57.68
C GLY P 142 3.71 44.14 -57.71
N TRP P 143 4.38 44.42 -58.83
CA TRP P 143 5.28 45.57 -58.90
C TRP P 143 4.52 46.89 -58.71
N VAL P 144 3.53 47.14 -59.56
CA VAL P 144 2.81 48.41 -59.52
C VAL P 144 1.99 48.52 -58.24
N GLU P 145 1.44 47.41 -57.75
CA GLU P 145 0.64 47.49 -56.54
C GLU P 145 1.49 47.67 -55.28
N THR P 146 2.70 47.11 -55.24
CA THR P 146 3.60 47.40 -54.13
C THR P 146 4.07 48.84 -54.16
N LYS P 147 4.32 49.38 -55.37
CA LYS P 147 4.63 50.80 -55.49
C LYS P 147 3.47 51.66 -55.00
N ARG P 148 2.24 51.28 -55.36
CA ARG P 148 1.06 52.01 -54.89
C ARG P 148 0.90 51.93 -53.38
N LEU P 149 1.13 50.75 -52.81
CA LEU P 149 1.00 50.58 -51.36
C LEU P 149 2.05 51.38 -50.61
N TYR P 150 3.29 51.38 -51.08
CA TYR P 150 4.33 52.11 -50.38
C TYR P 150 4.29 53.61 -50.66
N ASP P 151 3.62 54.03 -51.73
CA ASP P 151 3.30 55.45 -51.89
C ASP P 151 2.14 55.87 -50.99
N LEU P 152 1.19 54.95 -50.76
CA LEU P 152 0.10 55.22 -49.83
C LEU P 152 0.61 55.34 -48.41
N ARG P 153 1.54 54.47 -48.02
CA ARG P 153 2.11 54.53 -46.67
C ARG P 153 2.96 55.80 -46.50
N ASN P 154 3.81 56.09 -47.48
CA ASN P 154 4.64 57.30 -47.46
C ASN P 154 4.48 58.02 -48.79
N PRO P 155 3.76 59.15 -48.83
CA PRO P 155 3.64 59.91 -50.08
C PRO P 155 4.99 60.46 -50.53
N GLY P 156 5.20 60.45 -51.84
CA GLY P 156 6.44 60.93 -52.41
C GLY P 156 7.60 59.97 -52.31
N SER P 157 7.38 58.74 -51.83
CA SER P 157 8.47 57.78 -51.71
C SER P 157 8.94 57.25 -53.06
N GLN P 158 8.10 57.31 -54.08
CA GLN P 158 8.46 56.84 -55.41
C GLN P 158 9.02 57.94 -56.30
N GLY P 159 9.13 59.16 -55.79
CA GLY P 159 9.63 60.26 -56.58
C GLY P 159 11.11 60.53 -56.38
N ASP P 160 11.82 59.57 -55.82
CA ASP P 160 13.25 59.69 -55.54
C ASP P 160 14.12 59.20 -56.69
N GLY P 161 13.52 58.84 -57.82
CA GLY P 161 14.29 58.32 -58.94
C GLY P 161 14.69 56.87 -58.80
N SER P 162 14.01 56.11 -57.94
CA SER P 162 14.33 54.69 -57.79
C SER P 162 13.95 53.89 -59.03
N PHE P 163 12.82 54.23 -59.65
CA PHE P 163 12.34 53.53 -60.84
C PHE P 163 12.81 54.30 -62.07
N LEU P 164 13.93 53.84 -62.66
CA LEU P 164 14.48 54.36 -63.91
C LEU P 164 14.80 55.85 -63.84
N GLY P 165 15.11 56.36 -62.65
CA GLY P 165 15.45 57.76 -62.50
C GLY P 165 14.31 58.74 -62.64
N ILE P 166 13.07 58.27 -62.62
CA ILE P 166 11.91 59.14 -62.77
C ILE P 166 11.61 59.77 -61.42
N THR P 167 11.60 61.11 -61.38
CA THR P 167 11.35 61.84 -60.14
C THR P 167 10.05 62.65 -60.18
N ASP P 168 9.80 63.39 -61.27
CA ASP P 168 8.56 64.14 -61.37
C ASP P 168 7.38 63.22 -61.58
N GLY P 169 7.54 62.19 -62.41
CA GLY P 169 6.50 61.21 -62.59
C GLY P 169 6.43 60.22 -61.44
N LEU P 170 5.33 59.45 -61.43
CA LEU P 170 5.05 58.46 -60.39
C LEU P 170 5.03 59.09 -59.00
N LYS P 171 4.51 60.31 -58.92
CA LYS P 171 4.41 61.04 -57.67
C LYS P 171 2.95 61.33 -57.39
N GLY P 172 2.50 60.98 -56.18
CA GLY P 172 1.11 61.18 -55.81
C GLY P 172 0.78 62.63 -55.49
N LYS P 173 -0.01 63.26 -56.36
CA LYS P 173 -0.50 64.60 -56.06
C LYS P 173 -1.42 64.59 -54.84
N GLU P 174 -2.30 63.61 -54.76
CA GLU P 174 -3.14 63.36 -53.60
C GLU P 174 -2.84 61.96 -53.05
N ASN P 175 -3.66 61.52 -52.10
CA ASN P 175 -3.43 60.22 -51.48
C ASN P 175 -3.73 59.09 -52.44
N GLY P 176 -4.99 58.97 -52.88
CA GLY P 176 -5.38 57.98 -53.85
C GLY P 176 -5.27 58.43 -55.28
N TYR P 177 -4.81 59.65 -55.50
CA TYR P 177 -4.72 60.24 -56.84
C TYR P 177 -3.26 60.51 -57.19
N PRO P 178 -2.65 59.72 -58.08
CA PRO P 178 -1.24 59.95 -58.43
C PRO P 178 -1.08 61.10 -59.42
N GLY P 179 0.13 61.29 -59.94
CA GLY P 179 0.35 62.33 -60.93
C GLY P 179 1.66 62.12 -61.64
N GLY P 180 1.91 62.98 -62.63
CA GLY P 180 3.14 62.94 -63.39
C GLY P 180 3.09 62.05 -64.61
N LEU P 181 3.69 60.87 -64.51
CA LEU P 181 3.72 59.94 -65.64
C LEU P 181 2.34 59.38 -65.92
N PHE P 182 1.50 59.22 -64.91
CA PHE P 182 0.19 58.62 -65.09
C PHE P 182 -0.76 59.55 -65.85
N ASP P 183 -0.57 60.85 -65.74
CA ASP P 183 -1.39 61.81 -66.47
C ASP P 183 -0.57 62.41 -67.60
N PRO P 184 -0.79 62.01 -68.86
CA PRO P 184 0.01 62.56 -69.97
C PRO P 184 -0.27 64.05 -70.21
N MET P 185 -1.53 64.42 -70.32
CA MET P 185 -1.91 65.83 -70.42
C MET P 185 -2.73 66.23 -69.20
N GLY P 186 -2.42 67.42 -68.69
CA GLY P 186 -2.88 67.91 -67.40
C GLY P 186 -4.16 68.72 -67.32
N MET P 187 -5.34 68.09 -67.37
CA MET P 187 -6.52 68.85 -66.95
C MET P 187 -6.66 68.91 -65.43
N SER P 188 -5.77 68.25 -64.67
CA SER P 188 -5.78 68.29 -63.22
C SER P 188 -4.95 69.44 -62.64
N LYS P 189 -4.37 70.28 -63.50
CA LYS P 189 -3.55 71.38 -63.01
C LYS P 189 -4.40 72.43 -62.30
N ASN P 190 -5.55 72.77 -62.87
CA ASN P 190 -6.49 73.66 -62.18
C ASN P 190 -7.26 72.86 -61.14
N GLU P 191 -7.62 73.51 -60.03
CA GLU P 191 -8.10 72.77 -58.87
C GLU P 191 -9.60 72.51 -58.92
N ALA P 192 -10.37 73.45 -59.47
CA ALA P 192 -11.83 73.30 -59.48
C ALA P 192 -12.27 72.15 -60.38
N SER P 193 -11.74 72.11 -61.61
CA SER P 193 -12.05 70.99 -62.50
C SER P 193 -11.43 69.69 -62.01
N PHE P 194 -10.32 69.75 -61.27
CA PHE P 194 -9.77 68.54 -60.66
C PHE P 194 -10.71 67.97 -59.61
N LYS P 195 -11.29 68.83 -58.76
CA LYS P 195 -12.26 68.36 -57.77
C LYS P 195 -13.52 67.84 -58.45
N GLU P 196 -13.99 68.53 -59.49
CA GLU P 196 -15.16 68.07 -60.22
C GLU P 196 -14.91 66.73 -60.89
N ALA P 197 -13.71 66.54 -61.46
CA ALA P 197 -13.37 65.27 -62.07
C ALA P 197 -13.22 64.16 -61.05
N LYS P 198 -12.72 64.49 -59.85
CA LYS P 198 -12.68 63.50 -58.78
C LYS P 198 -14.08 63.04 -58.39
N VAL P 199 -15.01 63.98 -58.25
CA VAL P 199 -16.39 63.65 -57.91
C VAL P 199 -17.03 62.80 -59.00
N LYS P 200 -16.81 63.20 -60.27
CA LYS P 200 -17.37 62.45 -61.39
C LYS P 200 -16.75 61.05 -61.48
N GLU P 201 -15.45 60.93 -61.21
CA GLU P 201 -14.78 59.64 -61.24
C GLU P 201 -15.34 58.70 -60.19
N ILE P 202 -15.47 59.20 -58.95
CA ILE P 202 -15.95 58.32 -57.88
C ILE P 202 -17.42 57.94 -58.11
N LYS P 203 -18.23 58.85 -58.65
CA LYS P 203 -19.64 58.52 -58.88
C LYS P 203 -19.83 57.55 -60.05
N ASN P 204 -19.10 57.76 -61.15
CA ASN P 204 -19.16 56.82 -62.27
C ASN P 204 -18.60 55.46 -61.87
N GLY P 205 -17.56 55.44 -61.02
CA GLY P 205 -17.05 54.17 -60.53
C GLY P 205 -18.02 53.43 -59.63
N ARG P 206 -18.71 54.17 -58.75
CA ARG P 206 -19.74 53.56 -57.91
C ARG P 206 -20.87 52.98 -58.77
N LEU P 207 -21.32 53.75 -59.76
CA LEU P 207 -22.33 53.25 -60.68
C LEU P 207 -21.86 52.02 -61.44
N ALA P 208 -20.56 51.97 -61.79
CA ALA P 208 -20.05 50.84 -62.55
C ALA P 208 -19.92 49.58 -61.70
N MET P 209 -19.56 49.72 -60.42
CA MET P 209 -19.51 48.52 -59.59
C MET P 209 -20.91 48.04 -59.19
N LEU P 210 -21.88 48.97 -59.08
CA LEU P 210 -23.28 48.54 -59.04
C LEU P 210 -23.66 47.83 -60.34
N ALA P 211 -23.13 48.29 -61.47
CA ALA P 211 -23.39 47.61 -62.73
C ALA P 211 -22.72 46.24 -62.78
N PHE P 212 -21.59 46.07 -62.09
CA PHE P 212 -20.93 44.76 -62.08
C PHE P 212 -21.70 43.75 -61.23
N VAL P 213 -22.20 44.18 -60.07
CA VAL P 213 -23.04 43.25 -59.31
C VAL P 213 -24.35 43.00 -60.06
N GLY P 214 -24.84 43.99 -60.81
CA GLY P 214 -25.94 43.74 -61.71
C GLY P 214 -25.60 42.74 -62.80
N PHE P 215 -24.37 42.81 -63.33
CA PHE P 215 -23.90 41.87 -64.35
C PHE P 215 -23.94 40.45 -63.83
N ILE P 216 -23.36 40.23 -62.64
CA ILE P 216 -23.30 38.88 -62.10
C ILE P 216 -24.70 38.39 -61.74
N ALA P 217 -25.57 39.29 -61.26
CA ALA P 217 -26.94 38.89 -60.95
C ALA P 217 -27.72 38.51 -62.22
N GLN P 218 -27.56 39.29 -63.29
CA GLN P 218 -28.26 38.99 -64.55
C GLN P 218 -27.76 37.68 -65.15
N HIS P 219 -26.45 37.44 -65.14
CA HIS P 219 -25.95 36.23 -65.75
C HIS P 219 -26.11 35.01 -64.86
N HIS P 220 -26.37 35.19 -63.57
CA HIS P 220 -26.76 34.07 -62.72
C HIS P 220 -28.27 33.85 -62.69
N ALA P 221 -29.05 34.82 -63.16
CA ALA P 221 -30.51 34.71 -63.18
C ALA P 221 -31.05 34.36 -64.57
N THR P 222 -30.60 35.05 -65.60
CA THR P 222 -31.10 34.84 -66.95
C THR P 222 -30.14 34.11 -67.87
N HIS P 223 -28.83 34.16 -67.58
CA HIS P 223 -27.78 33.52 -68.38
C HIS P 223 -27.79 34.02 -69.83
N LYS P 224 -28.01 35.32 -70.01
CA LYS P 224 -27.94 35.97 -71.30
C LYS P 224 -26.92 37.10 -71.26
N SER P 225 -26.61 37.63 -72.43
CA SER P 225 -25.70 38.75 -72.53
C SER P 225 -26.36 40.02 -71.97
N PRO P 226 -25.59 40.92 -71.35
CA PRO P 226 -26.17 42.15 -70.80
C PRO P 226 -26.83 43.04 -71.84
N ILE P 227 -26.26 43.12 -73.05
CA ILE P 227 -26.89 43.89 -74.12
C ILE P 227 -28.20 43.21 -74.54
N ASP P 228 -28.21 41.88 -74.58
CA ASP P 228 -29.44 41.15 -74.85
C ASP P 228 -30.47 41.37 -73.75
N ASN P 229 -30.01 41.45 -72.51
CA ASN P 229 -30.92 41.73 -71.39
C ASN P 229 -31.53 43.13 -71.51
N LEU P 230 -30.72 44.12 -71.88
CA LEU P 230 -31.24 45.47 -72.08
C LEU P 230 -32.22 45.53 -73.24
N VAL P 231 -31.91 44.80 -74.32
CA VAL P 231 -32.80 44.73 -75.48
C VAL P 231 -34.13 44.08 -75.08
N ASP P 232 -34.06 43.03 -74.26
CA ASP P 232 -35.28 42.37 -73.79
C ASP P 232 -36.09 43.29 -72.89
N HIS P 233 -35.43 44.09 -72.04
CA HIS P 233 -36.17 45.03 -71.20
C HIS P 233 -36.84 46.12 -72.03
N VAL P 234 -36.13 46.67 -73.01
CA VAL P 234 -36.72 47.75 -73.80
C VAL P 234 -37.73 47.25 -74.82
N ALA P 235 -37.69 45.95 -75.17
CA ALA P 235 -38.65 45.41 -76.12
C ALA P 235 -40.03 45.28 -75.49
N ASP P 236 -40.10 44.72 -74.29
CA ASP P 236 -41.37 44.52 -73.57
C ASP P 236 -41.12 44.79 -72.10
N PRO P 237 -41.13 46.06 -71.69
CA PRO P 237 -40.85 46.38 -70.28
C PRO P 237 -41.89 45.85 -69.30
N PHE P 238 -43.15 45.78 -69.71
CA PHE P 238 -44.21 45.37 -68.80
C PHE P 238 -44.22 43.87 -68.52
N HIS P 239 -43.57 43.08 -69.36
CA HIS P 239 -43.55 41.62 -69.19
C HIS P 239 -42.16 41.06 -68.95
N VAL P 240 -41.14 41.57 -69.65
CA VAL P 240 -39.77 41.10 -69.44
C VAL P 240 -39.17 41.83 -68.25
N THR P 241 -39.36 41.28 -67.06
CA THR P 241 -38.90 41.88 -65.82
C THR P 241 -37.88 40.96 -65.15
N PHE P 242 -37.51 41.30 -63.92
CA PHE P 242 -36.51 40.56 -63.18
C PHE P 242 -37.04 39.26 -62.58
N ALA P 243 -38.36 39.03 -62.64
CA ALA P 243 -38.96 37.84 -62.03
C ALA P 243 -39.58 36.88 -63.02
N THR P 244 -40.13 37.39 -64.13
CA THR P 244 -40.79 36.52 -65.10
C THR P 244 -39.78 35.60 -65.80
N ASN P 245 -38.62 36.13 -66.16
CA ASN P 245 -37.60 35.36 -66.85
C ASN P 245 -36.45 34.92 -65.96
N GLY P 246 -36.15 35.69 -64.92
CA GLY P 246 -35.05 35.36 -64.05
C GLY P 246 -35.38 34.25 -63.07
N VAL P 247 -34.34 33.76 -62.40
CA VAL P 247 -34.48 32.73 -61.38
C VAL P 247 -34.68 33.35 -59.99
N SER P 248 -34.84 34.68 -59.92
CA SER P 248 -34.95 35.40 -58.65
C SER P 248 -36.16 34.97 -57.82
N VAL P 249 -37.19 34.42 -58.46
CA VAL P 249 -38.37 33.90 -57.79
C VAL P 249 -38.52 32.44 -58.19
N PRO P 250 -38.62 31.50 -57.23
CA PRO P 250 -38.79 30.08 -57.56
C PRO P 250 -40.18 29.78 -58.11
N MET Q 56 -40.48 2.15 40.12
CA MET Q 56 -40.91 3.54 40.13
C MET Q 56 -41.67 3.87 38.84
N LEU Q 57 -41.15 3.38 37.73
CA LEU Q 57 -41.76 3.62 36.42
C LEU Q 57 -43.05 2.81 36.32
N GLU Q 58 -44.18 3.46 36.54
CA GLU Q 58 -45.47 2.79 36.42
C GLU Q 58 -45.80 2.52 34.96
N THR Q 59 -46.43 1.36 34.72
CA THR Q 59 -46.83 0.94 33.39
C THR Q 59 -48.32 0.59 33.40
N PRO Q 60 -49.00 0.70 32.25
CA PRO Q 60 -50.41 0.29 32.20
C PRO Q 60 -50.63 -1.18 32.50
N VAL Q 61 -49.68 -2.06 32.15
CA VAL Q 61 -49.90 -3.48 32.36
C VAL Q 61 -49.60 -3.89 33.81
N THR Q 62 -48.63 -3.21 34.44
CA THR Q 62 -48.33 -3.53 35.84
C THR Q 62 -49.38 -2.95 36.78
N SER Q 63 -49.91 -1.76 36.46
CA SER Q 63 -50.88 -1.08 37.30
C SER Q 63 -52.31 -1.27 36.83
N ALA Q 64 -52.54 -2.28 35.98
CA ALA Q 64 -53.90 -2.57 35.52
C ALA Q 64 -54.72 -3.10 36.67
N PRO Q 65 -55.95 -2.62 36.86
CA PRO Q 65 -56.81 -3.19 37.92
C PRO Q 65 -57.12 -4.67 37.71
N ILE Q 66 -57.26 -5.10 36.46
CA ILE Q 66 -57.49 -6.53 36.19
C ILE Q 66 -56.27 -7.35 36.60
N VAL Q 67 -55.07 -6.86 36.28
CA VAL Q 67 -53.84 -7.53 36.70
C VAL Q 67 -53.71 -7.49 38.21
N ALA Q 68 -54.09 -6.38 38.82
CA ALA Q 68 -53.98 -6.24 40.28
C ALA Q 68 -54.87 -7.23 41.00
N ASN Q 69 -56.13 -7.36 40.57
CA ASN Q 69 -57.02 -8.33 41.21
C ASN Q 69 -56.72 -9.76 40.80
N TYR Q 70 -56.08 -9.98 39.65
CA TYR Q 70 -55.65 -11.33 39.29
C TYR Q 70 -54.49 -11.77 40.16
N LEU Q 71 -53.58 -10.86 40.48
CA LEU Q 71 -52.48 -11.18 41.37
C LEU Q 71 -52.89 -11.13 42.84
N SER Q 72 -54.01 -10.49 43.16
CA SER Q 72 -54.41 -10.35 44.55
C SER Q 72 -54.95 -11.67 45.12
N ASN Q 73 -55.77 -12.38 44.33
CA ASN Q 73 -56.40 -13.62 44.80
C ASN Q 73 -55.54 -14.85 44.54
N LEU Q 74 -54.31 -14.67 44.05
CA LEU Q 74 -53.40 -15.79 43.91
C LEU Q 74 -53.00 -16.32 45.28
N PRO Q 75 -52.74 -17.63 45.39
CA PRO Q 75 -52.37 -18.19 46.71
C PRO Q 75 -51.10 -17.61 47.32
N ALA Q 76 -50.17 -17.12 46.50
CA ALA Q 76 -48.95 -16.55 47.03
C ALA Q 76 -49.18 -15.17 47.63
N TYR Q 77 -50.10 -14.38 47.06
CA TYR Q 77 -50.32 -13.02 47.48
C TYR Q 77 -51.68 -12.81 48.15
N ARG Q 78 -52.38 -13.89 48.51
CA ARG Q 78 -53.69 -13.75 49.12
C ARG Q 78 -53.59 -13.15 50.52
N THR Q 79 -52.70 -13.71 51.35
CA THR Q 79 -52.51 -13.34 52.76
C THR Q 79 -53.86 -13.38 53.50
N GLY Q 80 -54.53 -14.51 53.39
CA GLY Q 80 -55.80 -14.72 54.06
C GLY Q 80 -55.98 -16.14 54.54
N VAL Q 81 -54.91 -16.91 54.55
CA VAL Q 81 -54.99 -18.33 54.88
C VAL Q 81 -53.64 -18.80 55.41
N ALA Q 82 -53.65 -19.98 56.02
CA ALA Q 82 -52.44 -20.59 56.51
C ALA Q 82 -51.53 -20.98 55.34
N PRO Q 83 -50.21 -21.02 55.56
CA PRO Q 83 -49.31 -21.44 54.48
C PRO Q 83 -49.52 -22.87 54.00
N ASN Q 84 -50.14 -23.72 54.80
CA ASN Q 84 -50.40 -25.09 54.38
C ASN Q 84 -51.37 -25.15 53.21
N LEU Q 85 -52.44 -24.35 53.25
CA LEU Q 85 -53.41 -24.34 52.18
C LEU Q 85 -52.83 -23.76 50.89
N ARG Q 86 -52.04 -22.69 51.02
CA ARG Q 86 -51.37 -22.11 49.85
C ARG Q 86 -50.39 -23.11 49.24
N GLY Q 87 -49.64 -23.81 50.10
CA GLY Q 87 -48.75 -24.83 49.59
C GLY Q 87 -49.47 -25.98 48.90
N VAL Q 88 -50.64 -26.36 49.45
CA VAL Q 88 -51.42 -27.43 48.85
C VAL Q 88 -51.91 -27.01 47.46
N GLU Q 89 -52.41 -25.79 47.34
CA GLU Q 89 -52.88 -25.29 46.04
C GLU Q 89 -51.72 -25.18 45.04
N ILE Q 90 -50.58 -24.68 45.49
CA ILE Q 90 -49.41 -24.51 44.63
C ILE Q 90 -48.93 -25.88 44.14
N GLY Q 91 -48.83 -26.84 45.05
CA GLY Q 91 -48.39 -28.17 44.68
C GLY Q 91 -49.36 -28.86 43.74
N LEU Q 92 -50.66 -28.71 43.98
CA LEU Q 92 -51.67 -29.29 43.10
C LEU Q 92 -51.55 -28.74 41.68
N ALA Q 93 -51.54 -27.41 41.55
CA ALA Q 93 -51.49 -26.80 40.23
C ALA Q 93 -50.19 -27.13 39.50
N HIS Q 94 -49.06 -26.99 40.20
CA HIS Q 94 -47.78 -27.19 39.52
C HIS Q 94 -47.50 -28.66 39.23
N GLY Q 95 -47.96 -29.58 40.08
CA GLY Q 95 -47.85 -30.99 39.76
C GLY Q 95 -48.75 -31.38 38.59
N PHE Q 96 -49.95 -30.82 38.53
CA PHE Q 96 -50.86 -31.11 37.42
C PHE Q 96 -50.28 -30.62 36.10
N LEU Q 97 -49.65 -29.45 36.09
CA LEU Q 97 -49.04 -29.00 34.84
C LEU Q 97 -47.73 -29.72 34.54
N LEU Q 98 -46.96 -30.10 35.57
CA LEU Q 98 -45.68 -30.76 35.35
C LEU Q 98 -45.85 -32.21 34.92
N ALA Q 99 -46.98 -32.83 35.23
CA ALA Q 99 -47.22 -34.19 34.74
C ALA Q 99 -47.44 -34.21 33.23
N GLY Q 100 -47.78 -33.06 32.63
CA GLY Q 100 -48.08 -32.95 31.22
C GLY Q 100 -46.96 -33.36 30.29
N PRO Q 101 -45.83 -32.66 30.33
CA PRO Q 101 -44.70 -33.05 29.46
C PRO Q 101 -44.13 -34.42 29.74
N PHE Q 102 -44.40 -34.99 30.91
CA PHE Q 102 -43.88 -36.30 31.26
C PHE Q 102 -44.71 -37.44 30.68
N ILE Q 103 -46.02 -37.24 30.48
CA ILE Q 103 -46.84 -38.26 29.85
C ILE Q 103 -46.84 -38.14 28.33
N LYS Q 104 -46.00 -37.28 27.77
CA LYS Q 104 -45.98 -37.02 26.35
C LYS Q 104 -44.72 -37.49 25.66
N LEU Q 105 -43.55 -37.11 26.17
CA LEU Q 105 -42.30 -37.22 25.42
C LEU Q 105 -41.23 -38.01 26.17
N GLY Q 106 -41.64 -38.86 27.13
CA GLY Q 106 -40.69 -39.66 27.87
C GLY Q 106 -40.11 -40.78 27.02
N PRO Q 107 -39.10 -41.47 27.55
CA PRO Q 107 -38.48 -42.57 26.79
C PRO Q 107 -39.41 -43.73 26.51
N LEU Q 108 -40.47 -43.89 27.30
CA LEU Q 108 -41.43 -44.97 27.11
C LEU Q 108 -42.73 -44.50 26.46
N ARG Q 109 -42.70 -43.35 25.78
CA ARG Q 109 -43.90 -42.79 25.19
C ARG Q 109 -44.47 -43.64 24.07
N ASN Q 110 -43.65 -44.49 23.44
CA ASN Q 110 -44.17 -45.38 22.40
C ASN Q 110 -44.93 -46.56 22.99
N VAL Q 111 -44.60 -46.96 24.21
CA VAL Q 111 -45.28 -48.06 24.87
C VAL Q 111 -46.57 -47.53 25.50
N PRO Q 112 -47.74 -48.02 25.09
CA PRO Q 112 -48.99 -47.56 25.71
C PRO Q 112 -49.14 -48.07 27.13
N GLY Q 113 -49.86 -47.29 27.93
CA GLY Q 113 -50.12 -47.68 29.31
C GLY Q 113 -48.99 -47.34 30.26
N ALA Q 114 -47.81 -47.91 30.03
CA ALA Q 114 -46.67 -47.67 30.90
C ALA Q 114 -46.11 -46.26 30.78
N ALA Q 115 -46.40 -45.57 29.67
CA ALA Q 115 -45.90 -44.21 29.48
C ALA Q 115 -46.48 -43.27 30.53
N GLU Q 116 -47.79 -43.37 30.77
CA GLU Q 116 -48.43 -42.50 31.76
C GLU Q 116 -47.92 -42.80 33.16
N VAL Q 117 -47.73 -44.08 33.50
CA VAL Q 117 -47.23 -44.45 34.82
C VAL Q 117 -45.82 -43.93 35.03
N VAL Q 118 -44.95 -44.12 34.03
CA VAL Q 118 -43.57 -43.67 34.13
C VAL Q 118 -43.50 -42.16 34.23
N GLY Q 119 -44.32 -41.45 33.44
CA GLY Q 119 -44.38 -40.01 33.54
C GLY Q 119 -44.89 -39.54 34.90
N CYS Q 120 -45.84 -40.28 35.48
CA CYS Q 120 -46.36 -39.91 36.79
C CYS Q 120 -45.33 -40.09 37.89
N MET Q 121 -44.57 -41.18 37.87
CA MET Q 121 -43.50 -41.33 38.85
C MET Q 121 -42.38 -40.31 38.63
N SER Q 122 -42.10 -39.95 37.38
CA SER Q 122 -41.09 -38.92 37.12
C SER Q 122 -41.57 -37.56 37.64
N ALA Q 123 -42.86 -37.25 37.46
CA ALA Q 123 -43.41 -36.01 37.99
C ALA Q 123 -43.40 -36.01 39.52
N ALA Q 124 -43.67 -37.17 40.13
CA ALA Q 124 -43.60 -37.27 41.58
C ALA Q 124 -42.17 -37.06 42.09
N GLY Q 125 -41.19 -37.62 41.38
CA GLY Q 125 -39.80 -37.40 41.74
C GLY Q 125 -39.38 -35.95 41.59
N LEU Q 126 -39.83 -35.30 40.53
CA LEU Q 126 -39.54 -33.88 40.34
C LEU Q 126 -40.20 -33.04 41.43
N VAL Q 127 -41.42 -33.42 41.83
CA VAL Q 127 -42.11 -32.74 42.92
C VAL Q 127 -41.35 -32.91 44.23
N LEU Q 128 -40.84 -34.12 44.49
CA LEU Q 128 -40.07 -34.36 45.70
C LEU Q 128 -38.75 -33.57 45.68
N ILE Q 129 -38.10 -33.47 44.53
CA ILE Q 129 -36.87 -32.68 44.42
C ILE Q 129 -37.17 -31.21 44.66
N LEU Q 130 -38.27 -30.70 44.11
CA LEU Q 130 -38.66 -29.31 44.34
C LEU Q 130 -39.01 -29.07 45.80
N ALA Q 131 -39.64 -30.05 46.45
CA ALA Q 131 -39.95 -29.93 47.87
C ALA Q 131 -38.67 -29.91 48.71
N LEU Q 132 -37.69 -30.74 48.35
CA LEU Q 132 -36.41 -30.73 49.05
C LEU Q 132 -35.69 -29.39 48.89
N CYS Q 133 -35.71 -28.83 47.68
CA CYS Q 133 -35.10 -27.53 47.47
C CYS Q 133 -35.86 -26.42 48.19
N LEU Q 134 -37.19 -26.53 48.27
CA LEU Q 134 -37.99 -25.57 49.03
C LEU Q 134 -37.65 -25.62 50.51
N SER Q 135 -37.53 -26.83 51.06
CA SER Q 135 -37.15 -26.97 52.47
C SER Q 135 -35.74 -26.45 52.72
N LEU Q 136 -34.82 -26.70 51.79
CA LEU Q 136 -33.47 -26.18 51.91
C LEU Q 136 -33.46 -24.66 51.90
N TYR Q 137 -34.23 -24.04 51.01
CA TYR Q 137 -34.32 -22.59 50.95
C TYR Q 137 -34.93 -22.02 52.22
N GLY Q 138 -35.96 -22.68 52.75
CA GLY Q 138 -36.56 -22.21 53.98
C GLY Q 138 -35.63 -22.32 55.18
N ASN Q 139 -34.85 -23.41 55.24
CA ASN Q 139 -33.92 -23.58 56.34
C ASN Q 139 -32.73 -22.63 56.24
N ALA Q 140 -32.27 -22.34 55.02
CA ALA Q 140 -31.06 -21.56 54.82
C ALA Q 140 -31.35 -20.09 54.49
N ALA Q 141 -32.61 -19.67 54.49
CA ALA Q 141 -32.96 -18.29 54.18
C ALA Q 141 -33.50 -17.51 55.37
N PHE Q 142 -34.44 -18.10 56.12
CA PHE Q 142 -35.08 -17.43 57.24
C PHE Q 142 -34.54 -17.92 58.58
N GLN Q 143 -33.26 -18.25 58.65
CA GLN Q 143 -32.66 -18.74 59.88
C GLN Q 143 -32.36 -17.62 60.88
N SER Q 144 -32.53 -16.36 60.49
CA SER Q 144 -32.26 -15.22 61.35
C SER Q 144 -33.50 -14.33 61.41
N THR Q 145 -33.49 -13.39 62.38
CA THR Q 145 -34.64 -12.46 62.51
C THR Q 145 -34.87 -11.73 61.19
N GLN Q 160 -45.14 -9.20 58.87
CA GLN Q 160 -46.33 -9.76 59.52
C GLN Q 160 -46.81 -11.00 58.75
N ASP Q 161 -46.27 -11.22 57.58
CA ASP Q 161 -46.64 -12.38 56.77
C ASP Q 161 -46.01 -13.64 57.36
N PRO Q 162 -46.79 -14.66 57.71
CA PRO Q 162 -46.20 -15.90 58.23
C PRO Q 162 -45.45 -16.71 57.19
N LEU Q 163 -45.65 -16.43 55.90
CA LEU Q 163 -44.93 -17.17 54.86
C LEU Q 163 -43.43 -16.87 54.89
N MET Q 164 -43.07 -15.63 55.18
CA MET Q 164 -41.65 -15.25 55.23
C MET Q 164 -40.93 -15.79 56.44
N SER Q 165 -41.64 -16.37 57.41
CA SER Q 165 -41.00 -16.96 58.58
C SER Q 165 -40.40 -18.32 58.22
N SER Q 166 -39.61 -18.86 59.15
CA SER Q 166 -38.92 -20.11 58.90
C SER Q 166 -39.86 -21.31 58.97
N GLU Q 167 -40.55 -21.47 60.11
CA GLU Q 167 -41.49 -22.58 60.24
C GLU Q 167 -42.71 -22.38 59.35
N GLY Q 168 -43.06 -21.14 59.04
CA GLY Q 168 -44.10 -20.90 58.05
C GLY Q 168 -43.70 -21.40 56.68
N TRP Q 169 -42.45 -21.18 56.28
CA TRP Q 169 -41.99 -21.72 55.00
C TRP Q 169 -41.85 -23.23 55.05
N ALA Q 170 -41.53 -23.80 56.22
CA ALA Q 170 -41.50 -25.26 56.35
C ALA Q 170 -42.89 -25.86 56.18
N LYS Q 171 -43.90 -25.23 56.78
CA LYS Q 171 -45.28 -25.68 56.57
C LYS Q 171 -45.71 -25.48 55.13
N PHE Q 172 -45.24 -24.40 54.49
CA PHE Q 172 -45.50 -24.18 53.08
C PHE Q 172 -44.89 -25.29 52.22
N ALA Q 173 -43.68 -25.73 52.56
CA ALA Q 173 -43.04 -26.82 51.82
C ALA Q 173 -43.77 -28.13 52.03
N GLY Q 174 -44.24 -28.39 53.25
CA GLY Q 174 -45.02 -29.60 53.50
C GLY Q 174 -46.33 -29.60 52.73
N GLY Q 175 -47.03 -28.47 52.72
CA GLY Q 175 -48.20 -28.33 51.88
C GLY Q 175 -47.88 -28.47 50.41
N PHE Q 176 -46.71 -27.98 50.00
CA PHE Q 176 -46.31 -28.07 48.59
C PHE Q 176 -46.10 -29.51 48.17
N THR Q 177 -45.43 -30.32 48.99
CA THR Q 177 -45.23 -31.71 48.60
C THR Q 177 -46.52 -32.52 48.70
N VAL Q 178 -47.37 -32.23 49.69
CA VAL Q 178 -48.66 -32.91 49.78
C VAL Q 178 -49.51 -32.60 48.55
N GLY Q 179 -49.56 -31.33 48.16
CA GLY Q 179 -50.27 -30.94 46.96
C GLY Q 179 -49.66 -31.52 45.69
N GLY Q 180 -48.33 -31.65 45.67
CA GLY Q 180 -47.67 -32.22 44.50
C GLY Q 180 -48.01 -33.68 44.27
N LEU Q 181 -47.95 -34.50 45.34
CA LEU Q 181 -48.36 -35.89 45.19
C LEU Q 181 -49.85 -36.01 44.90
N SER Q 182 -50.68 -35.16 45.51
CA SER Q 182 -52.12 -35.22 45.21
C SER Q 182 -52.40 -34.84 43.76
N GLY Q 183 -51.71 -33.82 43.24
CA GLY Q 183 -51.88 -33.45 41.84
C GLY Q 183 -51.35 -34.50 40.89
N VAL Q 184 -50.26 -35.19 41.25
CA VAL Q 184 -49.75 -36.27 40.43
C VAL Q 184 -50.76 -37.41 40.38
N ALA Q 185 -51.36 -37.76 41.52
CA ALA Q 185 -52.39 -38.79 41.54
C ALA Q 185 -53.61 -38.37 40.74
N TRP Q 186 -54.00 -37.09 40.84
CA TRP Q 186 -55.14 -36.60 40.08
C TRP Q 186 -54.87 -36.64 38.58
N ALA Q 187 -53.65 -36.29 38.17
CA ALA Q 187 -53.28 -36.38 36.75
C ALA Q 187 -53.26 -37.83 36.28
N TYR Q 188 -52.83 -38.76 37.14
CA TYR Q 188 -52.88 -40.17 36.80
C TYR Q 188 -54.32 -40.64 36.60
N VAL Q 189 -55.22 -40.20 37.48
CA VAL Q 189 -56.63 -40.57 37.35
C VAL Q 189 -57.22 -39.99 36.07
N LEU Q 190 -56.90 -38.73 35.75
CA LEU Q 190 -57.43 -38.11 34.55
C LEU Q 190 -56.88 -38.76 33.28
N THR Q 191 -55.60 -39.15 33.28
CA THR Q 191 -55.03 -39.81 32.11
C THR Q 191 -55.58 -41.22 31.95
N GLN Q 192 -55.85 -41.91 33.07
CA GLN Q 192 -56.45 -43.23 32.99
C GLN Q 192 -57.88 -43.18 32.47
N VAL Q 193 -58.62 -42.14 32.85
CA VAL Q 193 -60.00 -41.97 32.38
C VAL Q 193 -60.02 -41.16 31.10
N PHE R 74 -16.58 -60.63 48.56
CA PHE R 74 -15.88 -61.06 47.36
C PHE R 74 -16.49 -60.40 46.12
N VAL R 75 -17.09 -61.22 45.26
CA VAL R 75 -17.72 -60.70 44.04
C VAL R 75 -19.03 -60.01 44.40
N PRO R 76 -19.22 -58.76 44.00
CA PRO R 76 -20.49 -58.06 44.30
C PRO R 76 -21.64 -58.68 43.53
N PRO R 77 -22.87 -58.54 44.03
CA PRO R 77 -24.03 -59.09 43.31
C PRO R 77 -24.30 -58.34 42.02
N ALA R 78 -25.14 -58.95 41.17
CA ALA R 78 -25.43 -58.40 39.86
C ALA R 78 -26.24 -57.12 39.92
N TRP R 79 -26.97 -56.88 41.01
CA TRP R 79 -27.77 -55.66 41.14
C TRP R 79 -26.97 -54.48 41.67
N ALA R 80 -25.68 -54.67 41.95
CA ALA R 80 -24.84 -53.56 42.41
C ALA R 80 -24.72 -52.41 41.42
N PRO R 81 -24.54 -52.61 40.10
CA PRO R 81 -24.61 -51.45 39.20
C PRO R 81 -25.97 -50.77 39.16
N SER R 82 -27.03 -51.50 39.48
CA SER R 82 -28.37 -50.92 39.49
C SER R 82 -28.67 -50.14 40.76
N LEU R 83 -27.80 -50.22 41.77
CA LEU R 83 -28.03 -49.54 43.05
C LEU R 83 -26.96 -48.50 43.34
N PHE R 84 -25.69 -48.83 43.17
CA PHE R 84 -24.62 -47.91 43.53
C PHE R 84 -24.53 -46.76 42.54
N VAL R 85 -24.73 -47.02 41.26
CA VAL R 85 -24.68 -45.95 40.25
C VAL R 85 -25.79 -44.93 40.45
N PRO R 86 -27.07 -45.29 40.67
CA PRO R 86 -28.05 -44.25 41.03
C PRO R 86 -27.78 -43.61 42.38
N LEU R 87 -27.14 -44.32 43.31
CA LEU R 87 -26.85 -43.75 44.62
C LEU R 87 -25.80 -42.65 44.53
N THR R 88 -24.71 -42.90 43.81
CA THR R 88 -23.64 -41.94 43.65
C THR R 88 -23.88 -40.98 42.48
N GLY R 89 -24.94 -41.19 41.71
CA GLY R 89 -25.25 -40.29 40.62
C GLY R 89 -26.42 -39.37 40.95
N LEU R 90 -27.33 -39.83 41.81
CA LEU R 90 -28.45 -39.01 42.25
C LEU R 90 -28.42 -38.71 43.74
N VAL R 91 -28.40 -39.72 44.60
CA VAL R 91 -28.68 -39.52 46.02
C VAL R 91 -27.49 -38.85 46.73
N LEU R 92 -26.30 -39.41 46.53
CA LEU R 92 -25.11 -38.84 47.16
C LEU R 92 -24.80 -37.41 46.69
N PRO R 93 -24.82 -37.08 45.39
CA PRO R 93 -24.68 -35.65 45.03
C PRO R 93 -25.79 -34.78 45.56
N ALA R 94 -27.02 -35.28 45.67
CA ALA R 94 -28.11 -34.47 46.19
C ALA R 94 -27.89 -34.14 47.66
N ILE R 95 -27.51 -35.13 48.46
CA ILE R 95 -27.26 -34.84 49.88
C ILE R 95 -25.99 -34.01 50.05
N GLY R 96 -25.01 -34.17 49.14
CA GLY R 96 -23.83 -33.31 49.19
C GLY R 96 -24.15 -31.86 48.88
N MET R 97 -24.97 -31.62 47.86
CA MET R 97 -25.39 -30.26 47.56
C MET R 97 -26.28 -29.68 48.66
N ALA R 98 -27.10 -30.51 49.30
CA ALA R 98 -27.92 -30.02 50.41
C ALA R 98 -27.05 -29.59 51.58
N TRP R 99 -26.05 -30.42 51.93
CA TRP R 99 -25.13 -30.06 53.00
C TRP R 99 -24.33 -28.82 52.66
N ALA R 100 -23.86 -28.72 51.41
CA ALA R 100 -23.09 -27.56 50.98
C ALA R 100 -23.94 -26.30 50.96
N PHE R 101 -25.21 -26.41 50.55
CA PHE R 101 -26.10 -25.25 50.54
C PHE R 101 -26.40 -24.78 51.95
N THR R 102 -26.58 -25.71 52.89
CA THR R 102 -26.76 -25.30 54.28
C THR R 102 -25.48 -24.73 54.88
N TYR R 103 -24.32 -25.18 54.40
CA TYR R 103 -23.06 -24.67 54.92
C TYR R 103 -22.73 -23.29 54.38
N ILE R 104 -23.08 -23.02 53.11
CA ILE R 104 -22.82 -21.72 52.51
C ILE R 104 -23.64 -20.65 53.21
N GLN R 105 -24.93 -20.91 53.42
CA GLN R 105 -25.85 -19.94 53.98
C GLN R 105 -25.94 -20.03 55.49
N LYS R 106 -25.06 -20.78 56.13
CA LYS R 106 -25.05 -20.85 57.59
C LYS R 106 -24.61 -19.51 58.16
N GLU R 107 -25.44 -18.95 59.06
CA GLU R 107 -25.26 -17.60 59.54
C GLU R 107 -25.18 -17.62 61.06
N LYS R 108 -24.04 -17.25 61.61
CA LYS R 108 -23.85 -17.26 63.06
C LYS R 108 -24.47 -18.49 63.68
#